data_3FCU
#
_entry.id   3FCU
#
_cell.length_a   332.093
_cell.length_b   332.093
_cell.length_c   88.288
_cell.angle_alpha   90.00
_cell.angle_beta   90.00
_cell.angle_gamma   120.00
#
_symmetry.space_group_name_H-M   'P 62'
#
loop_
_entity.id
_entity.type
_entity.pdbx_description
1 polymer 'Integrin, alpha 2b'
2 polymer 'Integrin beta-3'
3 branched alpha-D-mannopyranose-(1-3)-[alpha-D-mannopyranose-(1-6)]alpha-D-mannopyranose-(1-4)-2-acetamido-2-deoxy-beta-D-glucopyranose-(1-4)-2-acetamido-2-deoxy-beta-D-glucopyranose
4 branched alpha-D-mannopyranose-(1-3)-alpha-D-mannopyranose-(1-4)-2-acetamido-2-deoxy-beta-D-glucopyranose-(1-4)-2-acetamido-2-deoxy-beta-D-glucopyranose
5 non-polymer 'CALCIUM ION'
6 non-polymer 2-acetamido-2-deoxy-beta-D-glucopyranose
7 non-polymer 'MAGNESIUM ION'
8 non-polymer 'CACODYLATE ION'
9 water water
#
loop_
_entity_poly.entity_id
_entity_poly.type
_entity_poly.pdbx_seq_one_letter_code
_entity_poly.pdbx_strand_id
1 'polypeptide(L)'
;LNLDPVQLTFYAGPNGSQFGFSLDFHKDSHGRVAIVVGAPRTLGPSQEETGGVFLCPWRAEGGQCPSLLFDLRDETRNVG
SQTLQTFKARQGLGASVVSWSDVIVACAPWQHWNVLEKTEEAEKTPVGSCFLAQPESGRRAEYSPCRGNTLSRIYVENDF
SWDKRYCEAGFSSVVTQAGELVLGAPGGYYFLGLLAQAPVADIFSSYRPGILLWHVSSQSLSFDSSNPEYFDGYWGYSVA
VGEFDGDLNTTEYVVGAPTWSWTLGAVEILDSYYQRLHRLRGEQMASYFGHSVAVTDVNGDGRHDLLVGAPLYMESRADR
KLAEVGRVYLFLQPRGPHALGAPSLLLTGTQLYGRFGSAIAPLGDLDRDGYNDIAVAAPYGGPSGRGQVLVFLGQSEGLR
SRPSQVLDSPFPTGSAFGFSLRGAVDIDDNGYPDLIVGAYGANQVAVYRAQPVVKAS
;
A,C,E
2 'polypeptide(L)'
;GPNICTTRGVSSCQQCLAVSPMCAWCSDEALPLGSPRCDLKENLLKDNCAPESIEFPVSEARVLEDRPLSDKGSGDSSQV
TQVSPQRIALRLRPDDSKNFSIQVRQVEDYPVDIYYLMDLSYSMKDDLWSIQNLGTKLATQMRKLTSNLRIGFGAFVDKP
VSPYMYISPPEALENPCYDMKTTCLPMFGYKHVLTLTDQVTRFNEEVKKQSVSRNRDAPEGGFDAIMQATVCDEKIGWRN
DASHLLVFTTDAKTHIALDGRLAGIVQPNDGQCHVGSDNHYSASTTMDYPSLGLMTEKLSQKNINLIFAVTENVVNLYQN
YSELIPGTTVGVLSMDSSNVLQLIVDAYGKIRSKVELEVRDLPEELSLSFNATCLNNEVIPGLKSCMGLKIGDTVSFSIE
AKVRGCPQEKEKSFTIKPVGFKDSLIVQVTFDCDCACQAQAEPNSHRCNNGNGTFECGVCR
;
B,D,F
#
# COMPACT_ATOMS: atom_id res chain seq x y z
N LEU A 1 15.00 -4.46 -46.18
CA LEU A 1 14.88 -3.38 -45.13
C LEU A 1 13.48 -3.40 -44.49
N ASN A 2 12.93 -4.63 -44.32
CA ASN A 2 11.59 -4.78 -43.77
C ASN A 2 11.50 -4.51 -42.26
N LEU A 3 12.65 -4.26 -41.63
CA LEU A 3 12.69 -3.69 -40.27
C LEU A 3 12.92 -2.20 -40.38
N ASP A 4 11.89 -1.40 -40.06
CA ASP A 4 11.87 0.03 -40.39
C ASP A 4 12.96 0.81 -39.64
N PRO A 5 13.98 1.30 -40.38
CA PRO A 5 15.13 1.97 -39.76
C PRO A 5 14.93 3.48 -39.54
N VAL A 6 13.81 4.02 -40.01
CA VAL A 6 13.52 5.45 -39.91
C VAL A 6 12.55 5.77 -38.76
N GLN A 7 11.48 4.96 -38.65
CA GLN A 7 10.43 5.15 -37.63
C GLN A 7 10.81 4.48 -36.30
N LEU A 8 11.96 4.86 -35.74
CA LEU A 8 12.48 4.16 -34.57
C LEU A 8 11.84 4.66 -33.28
N THR A 9 11.56 3.73 -32.37
CA THR A 9 11.13 4.05 -31.02
C THR A 9 12.31 3.93 -30.07
N PHE A 10 12.52 4.96 -29.24
CA PHE A 10 13.62 4.96 -28.27
C PHE A 10 13.09 5.03 -26.84
N TYR A 11 13.52 4.08 -26.01
CA TYR A 11 13.34 4.17 -24.57
C TYR A 11 14.67 4.56 -23.92
N ALA A 12 14.60 5.31 -22.82
CA ALA A 12 15.79 5.83 -22.16
C ALA A 12 15.74 5.65 -20.65
N GLY A 13 16.90 5.37 -20.06
CA GLY A 13 17.04 5.33 -18.60
C GLY A 13 18.02 6.39 -18.13
N PRO A 14 18.28 6.43 -16.81
CA PRO A 14 19.16 7.42 -16.21
C PRO A 14 20.57 7.38 -16.76
N ASN A 15 21.26 8.52 -16.75
CA ASN A 15 22.64 8.58 -17.20
C ASN A 15 23.53 7.73 -16.31
N GLY A 16 24.37 6.91 -16.94
CA GLY A 16 25.33 6.06 -16.22
C GLY A 16 24.75 4.76 -15.66
N SER A 17 23.48 4.50 -15.96
CA SER A 17 22.77 3.34 -15.40
C SER A 17 22.99 2.08 -16.23
N GLN A 18 23.55 2.23 -17.43
CA GLN A 18 23.68 1.12 -18.39
C GLN A 18 22.31 0.48 -18.71
N PHE A 19 21.28 1.33 -18.75
CA PHE A 19 19.96 0.96 -19.27
C PHE A 19 20.12 0.33 -20.65
N GLY A 20 19.69 -0.92 -20.79
CA GLY A 20 19.79 -1.66 -22.06
C GLY A 20 20.91 -2.68 -22.10
N PHE A 21 21.57 -2.90 -20.96
CA PHE A 21 22.61 -3.93 -20.85
C PHE A 21 22.02 -5.32 -21.09
N SER A 22 20.78 -5.52 -20.63
CA SER A 22 20.01 -6.72 -20.95
C SER A 22 18.55 -6.34 -21.18
N LEU A 23 17.80 -7.23 -21.82
CA LEU A 23 16.39 -6.97 -22.12
C LEU A 23 15.65 -8.22 -22.56
N ASP A 24 14.33 -8.17 -22.44
CA ASP A 24 13.46 -9.26 -22.92
C ASP A 24 12.03 -8.76 -23.07
N PHE A 25 11.25 -9.46 -23.88
CA PHE A 25 9.82 -9.17 -24.01
C PHE A 25 9.07 -9.77 -22.84
N HIS A 26 7.98 -9.12 -22.45
CA HIS A 26 7.16 -9.58 -21.32
C HIS A 26 5.68 -9.48 -21.66
N LYS A 27 4.98 -10.60 -21.57
CA LYS A 27 3.53 -10.65 -21.79
C LYS A 27 2.80 -10.81 -20.46
N ASP A 28 2.21 -9.72 -19.97
CA ASP A 28 1.70 -9.66 -18.57
C ASP A 28 0.86 -10.89 -18.16
N SER A 29 -0.43 -10.89 -18.49
CA SER A 29 -1.31 -12.01 -18.15
C SER A 29 -2.67 -11.88 -18.85
N HIS A 30 -2.74 -12.16 -20.16
CA HIS A 30 -1.58 -12.57 -20.96
C HIS A 30 -1.81 -12.22 -22.44
N GLY A 31 -1.69 -10.93 -22.75
CA GLY A 31 -1.98 -10.44 -24.11
C GLY A 31 -1.10 -9.28 -24.54
N ARG A 32 -1.09 -8.21 -23.75
CA ARG A 32 -0.32 -7.00 -24.07
C ARG A 32 1.17 -7.24 -23.84
N VAL A 33 2.00 -6.62 -24.66
CA VAL A 33 3.44 -6.85 -24.62
C VAL A 33 4.18 -5.64 -24.05
N ALA A 34 5.21 -5.91 -23.26
CA ALA A 34 6.06 -4.87 -22.69
C ALA A 34 7.52 -5.31 -22.77
N ILE A 35 8.43 -4.34 -22.59
CA ILE A 35 9.87 -4.61 -22.60
C ILE A 35 10.44 -4.47 -21.18
N VAL A 36 10.97 -5.56 -20.65
CA VAL A 36 11.76 -5.51 -19.42
C VAL A 36 13.20 -5.14 -19.79
N VAL A 37 13.76 -4.17 -19.07
CA VAL A 37 15.10 -3.65 -19.37
C VAL A 37 15.96 -3.59 -18.10
N GLY A 38 17.16 -4.17 -18.18
CA GLY A 38 18.10 -4.16 -17.07
C GLY A 38 19.02 -2.95 -17.13
N ALA A 39 19.20 -2.31 -15.97
CA ALA A 39 20.12 -1.19 -15.83
C ALA A 39 21.02 -1.42 -14.61
N PRO A 40 22.12 -2.18 -14.80
CA PRO A 40 22.90 -2.71 -13.68
C PRO A 40 23.78 -1.72 -12.93
N ARG A 41 23.72 -0.43 -13.26
CA ARG A 41 24.44 0.58 -12.46
C ARG A 41 23.55 1.75 -12.03
N THR A 42 22.23 1.51 -12.06
CA THR A 42 21.27 2.44 -11.48
C THR A 42 21.59 2.66 -10.01
N LEU A 43 21.45 3.89 -9.55
CA LEU A 43 21.69 4.21 -8.14
C LEU A 43 20.46 3.87 -7.31
N GLY A 44 20.70 3.54 -6.03
CA GLY A 44 19.63 3.44 -5.04
C GLY A 44 19.55 4.72 -4.23
N PRO A 45 18.45 4.90 -3.46
CA PRO A 45 18.36 6.04 -2.52
C PRO A 45 19.47 6.04 -1.47
N SER A 46 20.63 6.56 -1.85
CA SER A 46 21.91 6.38 -1.10
C SER A 46 23.11 6.69 -1.99
N GLN A 47 22.89 6.69 -3.32
CA GLN A 47 23.90 7.09 -4.30
C GLN A 47 25.05 6.06 -4.42
N GLU A 48 24.72 4.80 -4.18
CA GLU A 48 25.62 3.69 -4.48
C GLU A 48 25.00 2.80 -5.57
N GLU A 49 25.84 2.26 -6.44
CA GLU A 49 25.36 1.48 -7.59
C GLU A 49 24.85 0.12 -7.13
N THR A 50 23.53 -0.05 -7.13
CA THR A 50 22.92 -1.35 -6.84
C THR A 50 22.35 -2.00 -8.10
N GLY A 51 22.01 -1.18 -9.10
CA GLY A 51 21.34 -1.66 -10.30
C GLY A 51 19.83 -1.54 -10.18
N GLY A 52 19.14 -1.80 -11.28
CA GLY A 52 17.67 -1.74 -11.30
C GLY A 52 17.08 -2.36 -12.56
N VAL A 53 15.77 -2.55 -12.55
CA VAL A 53 15.05 -3.07 -13.70
C VAL A 53 13.91 -2.13 -14.06
N PHE A 54 13.69 -1.93 -15.36
CA PHE A 54 12.60 -1.09 -15.84
C PHE A 54 11.63 -1.91 -16.68
N LEU A 55 10.34 -1.65 -16.52
CA LEU A 55 9.31 -2.34 -17.29
C LEU A 55 8.58 -1.37 -18.20
N CYS A 56 9.00 -1.34 -19.47
CA CYS A 56 8.48 -0.39 -20.44
C CYS A 56 7.26 -0.98 -21.16
N PRO A 57 6.13 -0.26 -21.11
CA PRO A 57 5.00 -0.64 -21.96
C PRO A 57 5.23 -0.17 -23.39
N TRP A 58 4.52 -0.76 -24.34
CA TRP A 58 4.69 -0.39 -25.74
C TRP A 58 4.04 0.96 -26.06
N ARG A 59 4.88 1.92 -26.49
CA ARG A 59 4.41 3.21 -26.97
C ARG A 59 5.28 3.61 -28.16
N ALA A 60 4.65 3.92 -29.28
CA ALA A 60 5.36 4.33 -30.50
C ALA A 60 6.37 5.44 -30.22
N GLU A 61 5.99 6.37 -29.34
CA GLU A 61 6.86 7.50 -28.99
C GLU A 61 8.04 7.08 -28.09
N GLY A 62 7.79 6.11 -27.19
CA GLY A 62 8.80 5.69 -26.23
C GLY A 62 9.02 6.73 -25.14
N GLY A 63 10.19 6.69 -24.50
CA GLY A 63 10.54 7.66 -23.46
C GLY A 63 11.02 7.00 -22.18
N GLN A 64 10.66 7.60 -21.05
CA GLN A 64 11.04 7.07 -19.73
C GLN A 64 10.11 5.91 -19.36
N CYS A 65 10.58 5.01 -18.51
CA CYS A 65 9.77 3.87 -18.05
C CYS A 65 9.70 3.81 -16.53
N PRO A 66 8.65 3.15 -16.00
CA PRO A 66 8.56 2.93 -14.55
C PRO A 66 9.61 1.92 -14.07
N SER A 67 10.08 2.11 -12.84
CA SER A 67 11.05 1.21 -12.25
C SER A 67 10.33 0.03 -11.62
N LEU A 68 10.85 -1.17 -11.86
CA LEU A 68 10.37 -2.37 -11.20
C LEU A 68 11.09 -2.50 -9.85
N LEU A 69 10.36 -2.22 -8.78
CA LEU A 69 10.97 -2.09 -7.45
C LEU A 69 11.51 -3.43 -6.95
N PHE A 70 12.71 -3.40 -6.39
CA PHE A 70 13.28 -4.56 -5.71
C PHE A 70 13.93 -4.12 -4.41
N ASP A 71 14.17 -5.08 -3.51
CA ASP A 71 14.86 -4.81 -2.26
C ASP A 71 16.33 -4.47 -2.52
N LEU A 72 16.74 -3.28 -2.12
CA LEU A 72 18.09 -2.78 -2.41
C LEU A 72 18.96 -2.65 -1.16
N ARG A 73 18.40 -2.90 0.01
CA ARG A 73 19.16 -2.78 1.27
C ARG A 73 19.92 -4.07 1.58
N ASP A 74 21.07 -3.93 2.23
CA ASP A 74 21.85 -5.09 2.67
C ASP A 74 21.11 -5.81 3.79
N GLU A 75 21.33 -7.11 3.90
CA GLU A 75 20.67 -7.92 4.89
C GLU A 75 21.69 -8.50 5.86
N THR A 76 21.34 -8.53 7.13
CA THR A 76 22.14 -9.20 8.15
C THR A 76 21.20 -10.00 9.03
N ARG A 77 21.59 -11.22 9.34
CA ARG A 77 20.69 -12.16 9.99
C ARG A 77 21.49 -13.21 10.76
N ASN A 78 21.18 -13.37 12.04
CA ASN A 78 21.88 -14.33 12.89
C ASN A 78 21.12 -15.64 12.99
N VAL A 79 21.73 -16.73 12.51
CA VAL A 79 21.17 -18.06 12.64
C VAL A 79 22.13 -18.94 13.43
N GLY A 80 21.73 -19.33 14.63
CA GLY A 80 22.62 -20.05 15.53
C GLY A 80 23.83 -19.19 15.88
N SER A 81 25.01 -19.79 15.81
CA SER A 81 26.24 -19.08 16.14
C SER A 81 26.84 -18.33 14.94
N GLN A 82 26.09 -18.27 13.83
CA GLN A 82 26.57 -17.65 12.60
C GLN A 82 25.86 -16.34 12.31
N THR A 83 26.57 -15.43 11.64
CA THR A 83 25.97 -14.20 11.11
C THR A 83 26.02 -14.22 9.58
N LEU A 84 24.85 -14.24 8.96
CA LEU A 84 24.74 -14.27 7.50
C LEU A 84 24.58 -12.85 6.98
N GLN A 85 25.33 -12.52 5.93
CA GLN A 85 25.38 -11.14 5.42
C GLN A 85 25.27 -11.12 3.89
N THR A 86 24.48 -10.19 3.37
CA THR A 86 24.44 -9.91 1.93
C THR A 86 24.90 -8.47 1.67
N PHE A 87 25.65 -8.27 0.59
CA PHE A 87 26.18 -6.95 0.24
C PHE A 87 25.80 -6.59 -1.19
N LYS A 88 24.96 -5.56 -1.34
CA LYS A 88 24.38 -5.24 -2.63
C LYS A 88 25.10 -4.10 -3.35
N ALA A 89 26.16 -3.57 -2.75
CA ALA A 89 26.98 -2.57 -3.41
C ALA A 89 27.60 -3.12 -4.69
N ARG A 90 27.36 -2.44 -5.81
CA ARG A 90 27.92 -2.81 -7.12
C ARG A 90 27.45 -4.19 -7.59
N GLN A 91 26.29 -4.63 -7.11
CA GLN A 91 25.83 -6.01 -7.35
C GLN A 91 25.38 -6.24 -8.80
N GLY A 92 25.06 -5.17 -9.51
CA GLY A 92 24.68 -5.27 -10.92
C GLY A 92 23.31 -5.88 -11.17
N LEU A 93 22.31 -5.47 -10.37
CA LEU A 93 20.95 -5.92 -10.60
C LEU A 93 20.49 -5.46 -11.95
N GLY A 94 20.11 -6.40 -12.81
CA GLY A 94 19.74 -6.10 -14.18
C GLY A 94 20.85 -6.41 -15.16
N ALA A 95 21.90 -7.06 -14.69
CA ALA A 95 22.96 -7.55 -15.56
C ALA A 95 22.40 -8.61 -16.50
N SER A 96 21.34 -9.28 -16.06
CA SER A 96 20.58 -10.17 -16.94
C SER A 96 19.11 -10.16 -16.53
N VAL A 97 18.22 -10.12 -17.52
CA VAL A 97 16.78 -10.17 -17.29
C VAL A 97 16.13 -11.16 -18.23
N VAL A 98 15.12 -11.86 -17.74
CA VAL A 98 14.37 -12.80 -18.56
C VAL A 98 12.93 -12.90 -18.05
N SER A 99 11.99 -12.93 -18.98
CA SER A 99 10.57 -13.04 -18.65
C SER A 99 10.04 -14.40 -19.05
N TRP A 100 9.25 -14.99 -18.17
CA TRP A 100 8.53 -16.23 -18.47
C TRP A 100 7.14 -16.13 -17.89
N SER A 101 6.13 -16.41 -18.71
CA SER A 101 4.73 -16.31 -18.28
C SER A 101 4.50 -14.91 -17.68
N ASP A 102 3.96 -14.86 -16.46
CA ASP A 102 3.69 -13.59 -15.79
C ASP A 102 4.78 -13.24 -14.76
N VAL A 103 5.96 -13.83 -14.92
CA VAL A 103 7.06 -13.60 -13.98
C VAL A 103 8.27 -13.01 -14.68
N ILE A 104 8.90 -12.02 -14.04
CA ILE A 104 10.15 -11.45 -14.51
C ILE A 104 11.28 -11.85 -13.57
N VAL A 105 12.38 -12.34 -14.13
CA VAL A 105 13.55 -12.71 -13.34
C VAL A 105 14.70 -11.78 -13.69
N ALA A 106 15.28 -11.15 -12.67
CA ALA A 106 16.38 -10.21 -12.84
C ALA A 106 17.47 -10.53 -11.84
N CYS A 107 18.73 -10.57 -12.31
CA CYS A 107 19.83 -11.09 -11.50
C CYS A 107 20.93 -10.06 -11.22
N ALA A 108 21.55 -10.19 -10.06
CA ALA A 108 22.71 -9.38 -9.68
C ALA A 108 23.92 -10.32 -9.54
N PRO A 109 24.69 -10.49 -10.62
CA PRO A 109 25.80 -11.45 -10.64
C PRO A 109 26.90 -11.17 -9.62
N TRP A 110 27.06 -9.91 -9.21
CA TRP A 110 28.17 -9.52 -8.37
C TRP A 110 27.76 -9.13 -6.96
N GLN A 111 26.56 -9.55 -6.56
CA GLN A 111 26.14 -9.42 -5.17
C GLN A 111 27.04 -10.26 -4.30
N HIS A 112 27.61 -9.66 -3.26
CA HIS A 112 28.54 -10.36 -2.38
C HIS A 112 27.83 -10.94 -1.18
N TRP A 113 28.53 -11.85 -0.50
CA TRP A 113 27.94 -12.66 0.55
C TRP A 113 29.03 -13.10 1.49
N ASN A 114 28.72 -13.15 2.78
CA ASN A 114 29.67 -13.60 3.77
C ASN A 114 28.95 -14.21 4.97
N VAL A 115 29.66 -15.07 5.69
CA VAL A 115 29.16 -15.66 6.91
C VAL A 115 30.24 -15.54 7.97
N LEU A 116 29.88 -15.06 9.15
CA LEU A 116 30.84 -14.91 10.25
C LEU A 116 30.52 -15.91 11.35
N GLU A 117 31.56 -16.56 11.87
CA GLU A 117 31.41 -17.42 13.04
C GLU A 117 32.63 -17.25 13.95
N LYS A 118 32.41 -16.63 15.10
CA LYS A 118 33.50 -16.26 16.00
C LYS A 118 34.55 -15.42 15.26
N THR A 119 35.80 -15.87 15.26
CA THR A 119 36.88 -15.12 14.59
C THR A 119 37.06 -15.53 13.12
N GLU A 120 36.33 -16.56 12.68
CA GLU A 120 36.45 -17.08 11.33
C GLU A 120 35.36 -16.53 10.40
N GLU A 121 35.49 -16.81 9.11
CA GLU A 121 34.50 -16.39 8.13
C GLU A 121 34.50 -17.32 6.91
N ALA A 122 33.50 -17.16 6.04
CA ALA A 122 33.48 -17.87 4.76
C ALA A 122 34.28 -17.13 3.70
N GLU A 123 34.64 -15.88 4.00
CA GLU A 123 35.20 -14.92 3.02
C GLU A 123 34.07 -14.21 2.26
N LYS A 124 34.22 -12.90 2.12
CA LYS A 124 33.26 -12.10 1.38
C LYS A 124 33.49 -12.25 -0.12
N THR A 125 32.50 -12.82 -0.82
CA THR A 125 32.66 -13.23 -2.22
C THR A 125 31.37 -13.07 -3.02
N PRO A 126 31.47 -12.93 -4.36
CA PRO A 126 30.33 -12.68 -5.21
C PRO A 126 29.57 -13.95 -5.60
N VAL A 127 28.71 -14.43 -4.71
CA VAL A 127 27.89 -15.62 -4.99
C VAL A 127 26.78 -15.30 -5.97
N GLY A 128 26.41 -14.02 -6.04
CA GLY A 128 25.36 -13.57 -6.95
C GLY A 128 23.98 -13.94 -6.45
N SER A 129 22.96 -13.37 -7.09
CA SER A 129 21.58 -13.62 -6.70
C SER A 129 20.61 -13.25 -7.83
N CYS A 130 19.48 -13.93 -7.90
CA CYS A 130 18.39 -13.51 -8.80
C CYS A 130 17.15 -13.13 -8.02
N PHE A 131 16.46 -12.10 -8.50
CA PHE A 131 15.21 -11.63 -7.92
C PHE A 131 14.07 -11.90 -8.88
N LEU A 132 13.03 -12.55 -8.38
CA LEU A 132 11.87 -12.87 -9.20
C LEU A 132 10.70 -11.97 -8.80
N ALA A 133 10.00 -11.45 -9.80
CA ALA A 133 8.88 -10.53 -9.57
C ALA A 133 7.67 -10.95 -10.39
N GLN A 134 6.49 -10.86 -9.77
CA GLN A 134 5.23 -11.05 -10.46
C GLN A 134 4.51 -9.70 -10.46
N PRO A 135 4.77 -8.86 -11.49
CA PRO A 135 4.48 -7.43 -11.47
C PRO A 135 3.03 -7.04 -11.17
N GLU A 136 2.07 -7.87 -11.58
CA GLU A 136 0.66 -7.53 -11.39
C GLU A 136 0.20 -7.79 -9.95
N SER A 137 0.63 -8.91 -9.38
CA SER A 137 0.29 -9.23 -7.98
C SER A 137 1.21 -8.52 -6.98
N GLY A 138 2.39 -8.09 -7.46
CA GLY A 138 3.38 -7.45 -6.60
C GLY A 138 4.24 -8.43 -5.84
N ARG A 139 4.00 -9.73 -6.02
CA ARG A 139 4.74 -10.77 -5.31
C ARG A 139 6.21 -10.71 -5.65
N ARG A 140 7.04 -11.04 -4.67
CA ARG A 140 8.49 -11.09 -4.87
C ARG A 140 9.07 -12.38 -4.32
N ALA A 141 10.17 -12.82 -4.90
CA ALA A 141 10.92 -13.96 -4.39
C ALA A 141 12.38 -13.81 -4.77
N GLU A 142 13.23 -14.64 -4.19
CA GLU A 142 14.66 -14.64 -4.50
C GLU A 142 15.16 -16.06 -4.71
N TYR A 143 16.31 -16.17 -5.35
CA TYR A 143 16.96 -17.46 -5.55
C TYR A 143 18.47 -17.24 -5.62
N SER A 144 19.19 -17.81 -4.65
CA SER A 144 20.63 -17.61 -4.57
C SER A 144 21.29 -18.94 -4.20
N PRO A 145 21.34 -19.87 -5.17
CA PRO A 145 21.71 -21.27 -4.91
C PRO A 145 23.18 -21.51 -4.51
N CYS A 146 24.02 -20.48 -4.58
CA CYS A 146 25.45 -20.63 -4.29
C CYS A 146 25.85 -20.18 -2.88
N ARG A 147 24.91 -19.58 -2.15
CA ARG A 147 25.17 -19.19 -0.77
C ARG A 147 25.47 -20.43 0.07
N GLY A 148 26.53 -20.36 0.86
CA GLY A 148 26.89 -21.44 1.78
C GLY A 148 27.22 -20.91 3.16
N ASN A 149 27.46 -21.82 4.10
CA ASN A 149 27.89 -21.44 5.45
C ASN A 149 29.09 -22.26 5.92
N THR A 150 29.94 -22.67 4.96
CA THR A 150 31.18 -23.35 5.27
C THR A 150 32.28 -22.31 5.49
N LEU A 151 33.07 -22.48 6.54
CA LEU A 151 34.11 -21.52 6.88
C LEU A 151 35.34 -21.69 6.00
N SER A 152 36.00 -20.56 5.71
CA SER A 152 37.23 -20.52 4.91
C SER A 152 38.15 -21.72 5.12
N ARG A 153 38.46 -22.02 6.38
CA ARG A 153 39.41 -23.09 6.73
C ARG A 153 39.08 -24.44 6.08
N ILE A 154 37.79 -24.76 5.95
CA ILE A 154 37.38 -26.09 5.49
C ILE A 154 37.71 -26.28 4.01
N TYR A 155 37.55 -25.22 3.23
CA TYR A 155 37.87 -25.28 1.80
C TYR A 155 39.36 -25.52 1.59
N VAL A 156 40.18 -24.94 2.45
CA VAL A 156 41.64 -25.07 2.33
C VAL A 156 42.05 -26.52 2.59
N GLU A 157 41.41 -27.16 3.56
CA GLU A 157 41.63 -28.59 3.85
C GLU A 157 41.02 -29.50 2.77
N ASN A 158 39.97 -29.02 2.10
CA ASN A 158 39.35 -29.77 0.99
C ASN A 158 40.12 -29.66 -0.32
N ASP A 159 41.09 -28.76 -0.37
CA ASP A 159 41.68 -28.30 -1.63
C ASP A 159 40.60 -27.67 -2.53
N PHE A 160 39.72 -26.88 -1.90
CA PHE A 160 38.77 -26.04 -2.61
C PHE A 160 37.75 -26.81 -3.46
N SER A 161 37.23 -27.91 -2.90
CA SER A 161 36.22 -28.69 -3.60
C SER A 161 34.81 -28.10 -3.33
N TRP A 162 33.95 -28.16 -4.35
CA TRP A 162 32.55 -27.71 -4.25
C TRP A 162 32.46 -26.27 -3.75
N ASP A 163 33.34 -25.43 -4.30
CA ASP A 163 33.49 -24.06 -3.85
C ASP A 163 32.63 -23.14 -4.71
N LYS A 164 31.44 -22.81 -4.22
CA LYS A 164 30.48 -22.02 -4.98
C LYS A 164 30.56 -20.54 -4.60
N ARG A 165 31.61 -20.15 -3.89
CA ARG A 165 31.68 -18.82 -3.29
C ARG A 165 31.76 -17.68 -4.32
N TYR A 166 32.23 -18.00 -5.54
CA TYR A 166 32.46 -16.99 -6.57
C TYR A 166 31.55 -17.22 -7.80
N CYS A 167 30.49 -18.00 -7.61
CA CYS A 167 29.52 -18.34 -8.68
C CYS A 167 29.26 -17.22 -9.67
N GLU A 168 28.87 -16.06 -9.14
CA GLU A 168 28.21 -15.03 -9.91
C GLU A 168 26.95 -15.58 -10.58
N ALA A 169 26.12 -16.24 -9.77
CA ALA A 169 24.87 -16.82 -10.26
C ALA A 169 24.03 -15.74 -10.93
N GLY A 170 23.50 -16.05 -12.11
CA GLY A 170 22.67 -15.12 -12.86
C GLY A 170 23.45 -14.27 -13.86
N PHE A 171 24.76 -14.50 -13.94
CA PHE A 171 25.59 -13.94 -15.00
C PHE A 171 24.84 -14.06 -16.33
N SER A 172 24.34 -15.26 -16.61
CA SER A 172 23.43 -15.50 -17.72
C SER A 172 22.22 -16.27 -17.19
N SER A 173 21.12 -16.23 -17.94
CA SER A 173 19.89 -16.85 -17.49
C SER A 173 18.97 -17.22 -18.66
N VAL A 174 18.15 -18.24 -18.43
CA VAL A 174 17.18 -18.67 -19.41
C VAL A 174 16.09 -19.48 -18.70
N VAL A 175 14.86 -19.37 -19.15
CA VAL A 175 13.76 -20.18 -18.61
C VAL A 175 13.23 -21.10 -19.70
N THR A 176 13.09 -22.38 -19.36
CA THR A 176 12.50 -23.34 -20.29
C THR A 176 11.01 -23.07 -20.41
N GLN A 177 10.40 -23.62 -21.46
CA GLN A 177 8.97 -23.44 -21.70
C GLN A 177 8.14 -23.96 -20.52
N ALA A 178 8.60 -25.03 -19.89
CA ALA A 178 7.90 -25.64 -18.75
C ALA A 178 8.00 -24.80 -17.48
N GLY A 179 8.90 -23.83 -17.46
CA GLY A 179 9.03 -22.91 -16.33
C GLY A 179 10.16 -23.27 -15.37
N GLU A 180 11.18 -23.95 -15.88
CA GLU A 180 12.41 -24.17 -15.13
C GLU A 180 13.37 -23.02 -15.40
N LEU A 181 13.81 -22.35 -14.33
CA LEU A 181 14.81 -21.29 -14.42
C LEU A 181 16.19 -21.92 -14.43
N VAL A 182 17.01 -21.55 -15.40
CA VAL A 182 18.39 -22.03 -15.49
C VAL A 182 19.36 -20.86 -15.42
N LEU A 183 20.26 -20.90 -14.44
CA LEU A 183 21.22 -19.81 -14.22
C LEU A 183 22.63 -20.23 -14.55
N GLY A 184 23.34 -19.38 -15.28
CA GLY A 184 24.76 -19.57 -15.52
C GLY A 184 25.57 -18.92 -14.42
N ALA A 185 26.56 -19.66 -13.91
CA ALA A 185 27.44 -19.18 -12.85
C ALA A 185 28.90 -19.43 -13.25
N PRO A 186 29.50 -18.53 -14.05
CA PRO A 186 30.81 -18.77 -14.64
C PRO A 186 31.95 -18.93 -13.62
N GLY A 187 31.79 -18.34 -12.45
CA GLY A 187 32.82 -18.41 -11.41
C GLY A 187 32.67 -19.62 -10.50
N GLY A 188 31.73 -20.50 -10.81
CA GLY A 188 31.42 -21.63 -9.95
C GLY A 188 32.55 -22.66 -9.86
N TYR A 189 32.68 -23.26 -8.68
CA TYR A 189 33.66 -24.31 -8.44
C TYR A 189 35.08 -23.82 -8.73
N TYR A 190 35.42 -22.68 -8.15
CA TYR A 190 36.70 -22.02 -8.38
C TYR A 190 36.92 -21.76 -9.86
N PHE A 191 35.93 -21.11 -10.48
CA PHE A 191 36.04 -20.53 -11.83
C PHE A 191 35.97 -21.55 -12.97
N LEU A 192 35.62 -22.80 -12.67
CA LEU A 192 35.25 -23.76 -13.71
C LEU A 192 33.96 -23.30 -14.38
N GLY A 193 32.98 -22.97 -13.54
CA GLY A 193 31.66 -22.61 -14.00
C GLY A 193 30.65 -23.70 -13.66
N LEU A 194 29.44 -23.29 -13.30
CA LEU A 194 28.35 -24.23 -13.05
C LEU A 194 27.01 -23.66 -13.50
N LEU A 195 26.03 -24.56 -13.62
CA LEU A 195 24.65 -24.18 -13.88
C LEU A 195 23.79 -24.58 -12.69
N ALA A 196 22.83 -23.73 -12.35
CA ALA A 196 21.85 -24.05 -11.31
C ALA A 196 20.45 -23.93 -11.89
N GLN A 197 19.61 -24.93 -11.63
CA GLN A 197 18.26 -24.99 -12.21
C GLN A 197 17.23 -25.20 -11.11
N ALA A 198 16.09 -24.53 -11.24
CA ALA A 198 14.95 -24.76 -10.34
C ALA A 198 13.65 -24.29 -11.00
N PRO A 199 12.53 -24.98 -10.71
CA PRO A 199 11.22 -24.56 -11.20
C PRO A 199 10.80 -23.24 -10.57
N VAL A 200 10.36 -22.29 -11.39
CA VAL A 200 9.97 -20.95 -10.90
C VAL A 200 8.86 -21.05 -9.85
N ALA A 201 7.94 -21.99 -10.04
CA ALA A 201 6.89 -22.25 -9.05
C ALA A 201 7.49 -22.58 -7.69
N ASP A 202 8.51 -23.43 -7.67
CA ASP A 202 9.11 -23.91 -6.42
C ASP A 202 9.99 -22.85 -5.74
N ILE A 203 10.60 -21.97 -6.54
CA ILE A 203 11.36 -20.84 -6.00
C ILE A 203 10.42 -19.94 -5.20
N PHE A 204 9.28 -19.59 -5.79
CA PHE A 204 8.27 -18.75 -5.12
C PHE A 204 7.70 -19.42 -3.87
N SER A 205 7.44 -20.72 -3.96
CA SER A 205 6.74 -21.42 -2.86
C SER A 205 7.67 -21.69 -1.66
N SER A 206 8.96 -21.91 -1.93
CA SER A 206 9.90 -22.25 -0.86
C SER A 206 10.63 -21.02 -0.28
N TYR A 207 10.47 -19.87 -0.93
CA TYR A 207 11.07 -18.63 -0.42
C TYR A 207 10.37 -18.16 0.85
N ARG A 208 11.15 -17.67 1.79
CA ARG A 208 10.63 -17.17 3.08
C ARG A 208 11.38 -15.89 3.42
N PRO A 209 10.65 -14.76 3.56
CA PRO A 209 11.33 -13.50 3.86
C PRO A 209 12.15 -13.57 5.14
N GLY A 210 13.42 -13.18 5.06
CA GLY A 210 14.29 -13.10 6.23
C GLY A 210 15.11 -14.34 6.53
N ILE A 211 15.20 -15.27 5.58
CA ILE A 211 15.95 -16.52 5.80
C ILE A 211 17.42 -16.42 5.33
N LEU A 212 17.60 -16.00 4.07
CA LEU A 212 18.95 -15.79 3.47
C LEU A 212 19.64 -17.08 3.00
N LEU A 213 19.60 -18.14 3.82
CA LEU A 213 20.18 -19.42 3.42
C LEU A 213 19.13 -20.53 3.46
N TRP A 214 18.76 -21.05 2.29
CA TRP A 214 17.76 -22.11 2.20
C TRP A 214 17.97 -22.96 0.95
N HIS A 215 17.40 -24.16 0.96
CA HIS A 215 17.54 -25.10 -0.15
C HIS A 215 16.19 -25.30 -0.83
N VAL A 216 16.10 -24.88 -2.10
CA VAL A 216 14.94 -25.21 -2.94
C VAL A 216 15.01 -26.69 -3.30
N SER A 217 14.01 -27.46 -2.84
CA SER A 217 14.08 -28.93 -2.82
C SER A 217 14.26 -29.55 -4.21
N SER A 218 13.69 -28.90 -5.23
CA SER A 218 13.72 -29.43 -6.58
C SER A 218 14.84 -28.83 -7.43
N GLN A 219 15.82 -28.20 -6.79
CA GLN A 219 16.91 -27.55 -7.51
C GLN A 219 17.95 -28.56 -7.95
N SER A 220 18.71 -28.19 -8.97
CA SER A 220 19.67 -29.10 -9.57
C SER A 220 20.89 -28.32 -10.03
N LEU A 221 22.04 -28.63 -9.44
CA LEU A 221 23.29 -27.96 -9.79
C LEU A 221 24.20 -28.91 -10.59
N SER A 222 25.01 -28.34 -11.48
CA SER A 222 26.02 -29.09 -12.22
C SER A 222 27.18 -29.46 -11.29
N PHE A 223 28.25 -30.01 -11.85
CA PHE A 223 29.26 -30.72 -11.04
C PHE A 223 30.65 -30.10 -11.09
N ASP A 224 31.43 -30.36 -10.04
CA ASP A 224 32.84 -29.99 -10.01
C ASP A 224 33.62 -31.01 -10.81
N SER A 225 34.76 -30.60 -11.34
CA SER A 225 35.64 -31.50 -12.09
C SER A 225 37.07 -31.31 -11.66
N SER A 226 37.86 -32.38 -11.76
CA SER A 226 39.31 -32.29 -11.56
C SER A 226 40.04 -32.37 -12.89
N ASN A 227 39.29 -32.32 -13.99
CA ASN A 227 39.84 -32.30 -15.34
C ASN A 227 40.35 -30.90 -15.69
N PRO A 228 41.68 -30.75 -15.89
CA PRO A 228 42.30 -29.44 -16.16
C PRO A 228 41.72 -28.69 -17.34
N GLU A 229 41.12 -29.41 -18.28
CA GLU A 229 40.47 -28.79 -19.44
C GLU A 229 39.40 -27.77 -19.02
N TYR A 230 38.75 -27.99 -17.88
CA TYR A 230 37.66 -27.12 -17.43
C TYR A 230 38.14 -25.93 -16.60
N PHE A 231 39.38 -25.96 -16.16
CA PHE A 231 39.89 -24.95 -15.23
C PHE A 231 39.83 -23.56 -15.84
N ASP A 232 39.19 -22.63 -15.14
CA ASP A 232 39.06 -21.25 -15.60
C ASP A 232 38.38 -21.20 -16.97
N GLY A 233 37.37 -22.05 -17.15
CA GLY A 233 36.69 -22.18 -18.44
C GLY A 233 35.44 -21.30 -18.56
N TYR A 234 34.99 -20.77 -17.43
CA TYR A 234 33.78 -19.92 -17.36
C TYR A 234 32.58 -20.61 -18.00
N TRP A 235 32.42 -21.88 -17.67
CA TRP A 235 31.28 -22.66 -18.10
C TRP A 235 29.99 -22.04 -17.57
N GLY A 236 29.15 -21.55 -18.47
CA GLY A 236 27.93 -20.85 -18.08
C GLY A 236 28.01 -19.34 -18.28
N TYR A 237 29.05 -18.89 -18.98
CA TYR A 237 29.16 -17.49 -19.40
C TYR A 237 27.94 -17.11 -20.23
N SER A 238 27.43 -18.08 -21.00
CA SER A 238 26.19 -17.90 -21.74
C SER A 238 25.40 -19.21 -21.72
N VAL A 239 24.09 -19.11 -21.87
CA VAL A 239 23.22 -20.27 -21.73
C VAL A 239 21.99 -20.17 -22.63
N ALA A 240 21.50 -21.33 -23.06
CA ALA A 240 20.34 -21.41 -23.93
C ALA A 240 19.68 -22.79 -23.78
N VAL A 241 18.48 -22.94 -24.34
CA VAL A 241 17.75 -24.20 -24.26
C VAL A 241 17.24 -24.61 -25.63
N GLY A 242 16.95 -25.89 -25.78
CA GLY A 242 16.43 -26.40 -27.04
C GLY A 242 16.20 -27.90 -27.04
N GLU A 243 15.76 -28.41 -28.18
CA GLU A 243 15.55 -29.82 -28.39
C GLU A 243 16.65 -30.36 -29.30
N PHE A 244 17.46 -31.28 -28.78
CA PHE A 244 18.64 -31.77 -29.52
C PHE A 244 18.83 -33.30 -29.52
N ASP A 245 17.95 -34.03 -28.83
CA ASP A 245 18.05 -35.50 -28.81
C ASP A 245 16.80 -36.21 -29.39
N GLY A 246 15.92 -35.44 -30.03
CA GLY A 246 14.75 -36.00 -30.71
C GLY A 246 13.66 -36.54 -29.79
N ASP A 247 13.74 -36.20 -28.50
CA ASP A 247 12.70 -36.58 -27.53
C ASP A 247 12.07 -35.31 -26.96
N LEU A 248 10.86 -34.99 -27.41
CA LEU A 248 10.21 -33.72 -27.08
C LEU A 248 9.79 -33.64 -25.60
N ASN A 249 9.76 -34.78 -24.93
CA ASN A 249 9.45 -34.82 -23.49
C ASN A 249 10.57 -34.20 -22.65
N THR A 250 11.83 -34.52 -23.00
CA THR A 250 12.99 -33.96 -22.31
C THR A 250 13.46 -32.66 -22.97
N THR A 251 14.14 -31.81 -22.19
CA THR A 251 14.69 -30.56 -22.69
C THR A 251 16.21 -30.50 -22.46
N GLU A 252 16.94 -30.00 -23.46
CA GLU A 252 18.40 -29.98 -23.41
C GLU A 252 18.91 -28.56 -23.17
N TYR A 253 20.09 -28.46 -22.56
CA TYR A 253 20.71 -27.16 -22.29
C TYR A 253 21.90 -26.94 -23.22
N VAL A 254 22.11 -25.68 -23.61
CA VAL A 254 23.28 -25.28 -24.37
C VAL A 254 24.08 -24.31 -23.52
N VAL A 255 25.33 -24.65 -23.23
CA VAL A 255 26.17 -23.87 -22.32
C VAL A 255 27.43 -23.40 -23.04
N GLY A 256 27.79 -22.14 -22.83
CA GLY A 256 29.01 -21.58 -23.39
C GLY A 256 30.12 -21.52 -22.35
N ALA A 257 31.28 -22.05 -22.71
CA ALA A 257 32.47 -21.98 -21.85
C ALA A 257 33.62 -21.38 -22.65
N PRO A 258 33.62 -20.04 -22.77
CA PRO A 258 34.44 -19.35 -23.76
C PRO A 258 35.95 -19.33 -23.49
N THR A 259 36.38 -19.84 -22.34
CA THR A 259 37.81 -19.94 -22.05
C THR A 259 38.22 -21.39 -21.73
N TRP A 260 37.37 -22.34 -22.12
CA TRP A 260 37.60 -23.77 -21.89
C TRP A 260 38.93 -24.22 -22.51
N SER A 261 39.52 -25.26 -21.94
CA SER A 261 40.80 -25.82 -22.40
C SER A 261 41.79 -24.73 -22.82
N TRP A 262 42.30 -23.99 -21.85
CA TRP A 262 43.31 -22.96 -22.09
C TRP A 262 42.88 -21.99 -23.19
N THR A 263 41.69 -21.43 -23.01
CA THR A 263 41.17 -20.34 -23.85
C THR A 263 40.83 -20.74 -25.28
N LEU A 264 40.77 -22.04 -25.55
CA LEU A 264 40.29 -22.52 -26.84
C LEU A 264 38.80 -22.25 -26.97
N GLY A 265 38.08 -22.40 -25.85
CA GLY A 265 36.64 -22.18 -25.82
C GLY A 265 35.88 -23.43 -26.25
N ALA A 266 34.61 -23.50 -25.85
CA ALA A 266 33.76 -24.63 -26.19
C ALA A 266 32.30 -24.34 -25.86
N VAL A 267 31.40 -24.95 -26.62
CA VAL A 267 30.00 -25.00 -26.27
C VAL A 267 29.63 -26.45 -26.04
N GLU A 268 28.82 -26.70 -25.02
CA GLU A 268 28.38 -28.07 -24.71
C GLU A 268 26.87 -28.17 -24.76
N ILE A 269 26.37 -29.31 -25.22
CA ILE A 269 24.95 -29.61 -25.17
C ILE A 269 24.72 -30.74 -24.18
N LEU A 270 23.91 -30.47 -23.15
CA LEU A 270 23.68 -31.42 -22.07
C LEU A 270 22.20 -31.71 -21.89
N ASP A 271 21.89 -32.83 -21.26
CA ASP A 271 20.53 -33.09 -20.79
C ASP A 271 20.28 -32.34 -19.48
N SER A 272 19.06 -32.44 -18.94
CA SER A 272 18.68 -31.68 -17.74
C SER A 272 19.37 -32.18 -16.48
N TYR A 273 20.03 -33.33 -16.57
CA TYR A 273 20.85 -33.85 -15.47
C TYR A 273 22.34 -33.62 -15.73
N TYR A 274 22.63 -32.70 -16.65
CA TYR A 274 23.99 -32.19 -16.89
C TYR A 274 24.95 -33.24 -17.41
N GLN A 275 24.42 -34.31 -17.99
CA GLN A 275 25.24 -35.31 -18.67
C GLN A 275 25.36 -34.93 -20.12
N ARG A 276 26.59 -34.68 -20.56
CA ARG A 276 26.82 -33.98 -21.82
C ARG A 276 26.65 -34.90 -23.04
N LEU A 277 26.03 -34.34 -24.09
CA LEU A 277 25.68 -35.09 -25.29
C LEU A 277 26.66 -34.81 -26.43
N HIS A 278 27.01 -33.55 -26.63
N HIS A 278 26.97 -33.53 -26.64
CA HIS A 278 28.03 -33.17 -27.60
CA HIS A 278 27.95 -33.10 -27.65
C HIS A 278 28.80 -31.95 -27.13
C HIS A 278 28.82 -31.97 -27.08
N ARG A 279 30.01 -31.81 -27.65
CA ARG A 279 30.87 -30.65 -27.34
C ARG A 279 31.40 -30.06 -28.63
N LEU A 280 31.20 -28.77 -28.81
CA LEU A 280 31.74 -28.05 -29.94
C LEU A 280 32.96 -27.26 -29.49
N ARG A 281 34.12 -27.59 -30.06
CA ARG A 281 35.37 -26.95 -29.69
C ARG A 281 35.58 -25.67 -30.46
N GLY A 282 36.33 -24.74 -29.87
CA GLY A 282 36.66 -23.50 -30.55
C GLY A 282 37.70 -23.71 -31.63
N GLU A 283 37.76 -22.76 -32.55
CA GLU A 283 38.65 -22.83 -33.71
C GLU A 283 39.99 -22.19 -33.38
N GLN A 284 39.94 -21.04 -32.73
CA GLN A 284 41.13 -20.22 -32.48
C GLN A 284 41.13 -19.74 -31.03
N MET A 285 42.30 -19.78 -30.40
CA MET A 285 42.43 -19.41 -28.99
C MET A 285 42.14 -17.93 -28.78
N ALA A 286 41.59 -17.61 -27.60
CA ALA A 286 41.28 -16.25 -27.22
C ALA A 286 40.14 -15.61 -28.04
N SER A 287 39.45 -16.41 -28.85
CA SER A 287 38.38 -15.90 -29.70
C SER A 287 37.08 -15.75 -28.93
N TYR A 288 37.04 -16.30 -27.72
CA TYR A 288 35.82 -16.33 -26.90
C TYR A 288 34.68 -17.05 -27.60
N PHE A 289 35.00 -18.19 -28.20
CA PHE A 289 34.00 -19.10 -28.76
C PHE A 289 33.07 -19.58 -27.65
N GLY A 290 31.80 -19.18 -27.72
CA GLY A 290 30.83 -19.51 -26.69
C GLY A 290 30.39 -18.31 -25.88
N HIS A 291 30.90 -17.13 -26.24
CA HIS A 291 30.48 -15.89 -25.61
C HIS A 291 28.97 -15.73 -25.68
N SER A 292 28.37 -16.14 -26.80
CA SER A 292 26.91 -16.14 -26.95
C SER A 292 26.45 -17.39 -27.68
N VAL A 293 25.23 -17.83 -27.36
CA VAL A 293 24.65 -19.02 -27.96
C VAL A 293 23.17 -18.82 -28.24
N ALA A 294 22.74 -19.16 -29.45
CA ALA A 294 21.33 -19.07 -29.84
C ALA A 294 20.83 -20.40 -30.35
N VAL A 295 19.55 -20.66 -30.15
CA VAL A 295 18.91 -21.88 -30.66
C VAL A 295 17.66 -21.52 -31.47
N THR A 296 17.63 -21.97 -32.72
CA THR A 296 16.44 -21.82 -33.57
C THR A 296 16.54 -22.74 -34.79
N ASP A 297 15.38 -23.11 -35.35
CA ASP A 297 15.32 -23.92 -36.56
C ASP A 297 15.36 -23.01 -37.79
N VAL A 298 16.54 -22.85 -38.38
CA VAL A 298 16.74 -21.88 -39.46
C VAL A 298 16.45 -22.44 -40.86
N ASN A 299 16.38 -23.77 -41.00
CA ASN A 299 16.23 -24.41 -42.30
C ASN A 299 14.92 -25.17 -42.50
N GLY A 300 13.97 -24.98 -41.57
CA GLY A 300 12.57 -25.36 -41.81
C GLY A 300 12.26 -26.85 -41.74
N ASP A 301 13.20 -27.64 -41.24
CA ASP A 301 13.00 -29.09 -41.12
C ASP A 301 12.44 -29.52 -39.75
N GLY A 302 12.16 -28.55 -38.89
CA GLY A 302 11.52 -28.82 -37.60
C GLY A 302 12.47 -29.23 -36.49
N ARG A 303 13.78 -29.09 -36.72
CA ARG A 303 14.80 -29.43 -35.73
C ARG A 303 15.65 -28.21 -35.39
N HIS A 304 15.87 -27.98 -34.10
CA HIS A 304 16.60 -26.80 -33.66
C HIS A 304 18.06 -26.85 -34.11
N ASP A 305 18.58 -25.69 -34.55
CA ASP A 305 19.96 -25.56 -34.95
C ASP A 305 20.70 -24.65 -33.98
N LEU A 306 22.03 -24.77 -33.94
CA LEU A 306 22.84 -24.07 -32.95
C LEU A 306 23.67 -22.96 -33.58
N LEU A 307 23.66 -21.79 -32.94
CA LEU A 307 24.49 -20.66 -33.34
C LEU A 307 25.41 -20.27 -32.20
N VAL A 308 26.70 -20.23 -32.47
CA VAL A 308 27.70 -19.89 -31.47
C VAL A 308 28.47 -18.64 -31.91
N GLY A 309 28.71 -17.73 -30.98
CA GLY A 309 29.42 -16.48 -31.27
C GLY A 309 30.84 -16.49 -30.74
N ALA A 310 31.79 -16.07 -31.59
CA ALA A 310 33.20 -15.94 -31.19
C ALA A 310 33.69 -14.51 -31.50
N PRO A 311 33.32 -13.54 -30.65
CA PRO A 311 33.47 -12.11 -30.95
C PRO A 311 34.89 -11.65 -31.27
N LEU A 312 35.88 -12.34 -30.73
CA LEU A 312 37.28 -11.89 -30.83
C LEU A 312 38.07 -12.69 -31.85
N TYR A 313 37.38 -13.46 -32.69
CA TYR A 313 38.04 -14.24 -33.73
C TYR A 313 38.83 -13.34 -34.68
N MET A 314 40.09 -13.70 -34.90
CA MET A 314 40.96 -12.98 -35.82
C MET A 314 41.02 -13.68 -37.17
N GLU A 315 40.72 -12.93 -38.23
CA GLU A 315 40.60 -13.47 -39.58
C GLU A 315 41.92 -13.33 -40.35
N SER A 316 42.20 -14.30 -41.21
CA SER A 316 43.42 -14.29 -42.03
C SER A 316 43.31 -13.30 -43.18
N ARG A 317 44.40 -12.58 -43.45
CA ARG A 317 44.44 -11.59 -44.52
C ARG A 317 45.81 -11.60 -45.21
N ALA A 318 46.04 -10.65 -46.12
CA ALA A 318 47.28 -10.57 -46.87
C ALA A 318 48.50 -10.36 -45.96
N ASP A 319 49.64 -10.91 -46.38
CA ASP A 319 50.92 -10.77 -45.68
C ASP A 319 50.94 -11.42 -44.30
N ARG A 320 50.24 -12.56 -44.18
CA ARG A 320 50.22 -13.36 -42.94
C ARG A 320 49.75 -12.56 -41.72
N LYS A 321 48.84 -11.62 -41.94
CA LYS A 321 48.36 -10.73 -40.89
C LYS A 321 46.96 -11.11 -40.45
N LEU A 322 46.78 -11.23 -39.14
CA LEU A 322 45.47 -11.53 -38.56
C LEU A 322 44.73 -10.22 -38.26
N ALA A 323 43.40 -10.28 -38.28
CA ALA A 323 42.58 -9.10 -38.01
C ALA A 323 41.35 -9.49 -37.18
N GLU A 324 41.29 -8.97 -35.96
CA GLU A 324 40.16 -9.25 -35.07
C GLU A 324 38.87 -8.67 -35.62
N VAL A 325 37.94 -9.54 -35.98
CA VAL A 325 36.64 -9.11 -36.52
C VAL A 325 35.46 -9.83 -35.87
N GLY A 326 35.69 -11.03 -35.35
CA GLY A 326 34.63 -11.84 -34.77
C GLY A 326 34.01 -12.77 -35.79
N ARG A 327 33.40 -13.85 -35.31
CA ARG A 327 32.81 -14.85 -36.18
C ARG A 327 31.62 -15.54 -35.52
N VAL A 328 30.70 -16.03 -36.33
CA VAL A 328 29.59 -16.84 -35.84
C VAL A 328 29.55 -18.17 -36.57
N TYR A 329 29.23 -19.23 -35.84
CA TYR A 329 29.22 -20.59 -36.38
C TYR A 329 27.80 -21.13 -36.40
N LEU A 330 27.40 -21.73 -37.52
CA LEU A 330 26.10 -22.40 -37.61
C LEU A 330 26.28 -23.91 -37.62
N PHE A 331 25.57 -24.59 -36.74
CA PHE A 331 25.58 -26.06 -36.69
C PHE A 331 24.17 -26.57 -36.92
N LEU A 332 23.93 -27.21 -38.07
CA LEU A 332 22.62 -27.77 -38.37
C LEU A 332 22.45 -29.13 -37.73
N GLN A 333 21.29 -29.37 -37.12
CA GLN A 333 21.02 -30.65 -36.47
C GLN A 333 20.48 -31.67 -37.48
N PRO A 334 21.20 -32.80 -37.64
CA PRO A 334 20.77 -33.83 -38.59
C PRO A 334 19.65 -34.71 -38.03
N ARG A 335 19.04 -35.50 -38.90
CA ARG A 335 17.94 -36.38 -38.51
C ARG A 335 18.46 -37.64 -37.82
N GLY A 336 17.58 -38.28 -37.04
CA GLY A 336 17.94 -39.49 -36.32
C GLY A 336 18.64 -39.18 -35.00
N PRO A 337 19.38 -40.16 -34.46
CA PRO A 337 20.15 -39.99 -33.22
C PRO A 337 21.59 -39.51 -33.46
N HIS A 338 21.86 -39.02 -34.67
CA HIS A 338 23.22 -38.65 -35.06
C HIS A 338 23.69 -37.39 -34.35
N ALA A 339 25.00 -37.30 -34.13
CA ALA A 339 25.60 -36.16 -33.45
C ALA A 339 25.82 -35.02 -34.43
N LEU A 340 26.00 -33.81 -33.89
CA LEU A 340 26.37 -32.64 -34.70
C LEU A 340 27.79 -32.81 -35.22
N GLY A 341 28.09 -32.15 -36.35
CA GLY A 341 29.39 -32.27 -36.99
C GLY A 341 30.12 -30.95 -37.05
N ALA A 342 30.84 -30.72 -38.15
CA ALA A 342 31.53 -29.46 -38.36
C ALA A 342 30.52 -28.36 -38.69
N PRO A 343 30.95 -27.09 -38.63
CA PRO A 343 30.04 -25.99 -38.92
C PRO A 343 29.51 -26.05 -40.35
N SER A 344 28.20 -25.88 -40.50
CA SER A 344 27.59 -25.84 -41.83
C SER A 344 27.84 -24.51 -42.52
N LEU A 345 28.13 -23.47 -41.73
CA LEU A 345 28.36 -22.13 -42.27
C LEU A 345 29.13 -21.25 -41.29
N LEU A 346 30.06 -20.46 -41.82
CA LEU A 346 30.85 -19.53 -41.02
C LEU A 346 30.59 -18.09 -41.47
N LEU A 347 29.89 -17.33 -40.64
CA LEU A 347 29.72 -15.90 -40.87
C LEU A 347 30.80 -15.13 -40.12
N THR A 348 31.51 -14.26 -40.85
CA THR A 348 32.66 -13.53 -40.30
C THR A 348 32.46 -12.02 -40.42
N GLY A 349 32.87 -11.29 -39.39
CA GLY A 349 32.75 -9.83 -39.37
C GLY A 349 33.66 -9.18 -40.40
N THR A 350 33.42 -7.90 -40.67
CA THR A 350 34.21 -7.13 -41.64
C THR A 350 35.02 -6.03 -40.98
N GLN A 351 34.40 -5.30 -40.05
CA GLN A 351 35.05 -4.18 -39.38
C GLN A 351 36.01 -4.67 -38.29
N LEU A 352 37.16 -4.03 -38.20
CA LEU A 352 38.17 -4.37 -37.19
C LEU A 352 37.67 -3.97 -35.80
N TYR A 353 37.90 -4.85 -34.83
CA TYR A 353 37.48 -4.65 -33.43
C TYR A 353 35.96 -4.52 -33.29
N GLY A 354 35.21 -5.04 -34.25
CA GLY A 354 33.77 -4.87 -34.28
C GLY A 354 33.02 -5.80 -33.35
N ARG A 355 33.62 -6.94 -33.05
CA ARG A 355 33.04 -7.96 -32.17
C ARG A 355 31.75 -8.54 -32.74
N PHE A 356 31.80 -8.88 -34.03
CA PHE A 356 30.71 -9.61 -34.67
C PHE A 356 30.50 -10.94 -33.96
N GLY A 357 29.25 -11.24 -33.62
CA GLY A 357 28.92 -12.46 -32.89
C GLY A 357 28.79 -12.26 -31.38
N SER A 358 28.96 -11.03 -30.93
CA SER A 358 28.82 -10.69 -29.52
C SER A 358 27.41 -11.01 -28.97
N ALA A 359 26.40 -10.87 -29.83
CA ALA A 359 25.02 -11.26 -29.47
C ALA A 359 24.32 -11.87 -30.67
N ILE A 360 23.49 -12.88 -30.44
CA ILE A 360 22.77 -13.57 -31.51
C ILE A 360 21.31 -13.77 -31.10
N ALA A 361 20.39 -13.24 -31.90
CA ALA A 361 18.97 -13.24 -31.56
C ALA A 361 18.15 -13.91 -32.64
N PRO A 362 17.38 -14.93 -32.26
CA PRO A 362 16.35 -15.45 -33.15
C PRO A 362 15.27 -14.39 -33.42
N LEU A 363 14.94 -14.18 -34.69
CA LEU A 363 13.92 -13.20 -35.07
C LEU A 363 12.59 -13.86 -35.36
N GLY A 364 12.55 -15.19 -35.37
CA GLY A 364 11.42 -15.93 -35.90
C GLY A 364 11.43 -15.86 -37.42
N ASP A 365 10.25 -16.05 -38.03
CA ASP A 365 10.14 -15.93 -39.49
C ASP A 365 9.80 -14.49 -39.87
N LEU A 366 10.84 -13.72 -40.20
CA LEU A 366 10.71 -12.28 -40.38
C LEU A 366 9.89 -11.91 -41.61
N ASP A 367 10.17 -12.58 -42.73
CA ASP A 367 9.46 -12.32 -44.00
C ASP A 367 8.40 -13.40 -44.30
N ARG A 368 8.15 -14.29 -43.34
CA ARG A 368 7.07 -15.29 -43.43
C ARG A 368 7.19 -16.22 -44.64
N ASP A 369 8.42 -16.49 -45.08
CA ASP A 369 8.64 -17.36 -46.23
C ASP A 369 8.86 -18.83 -45.82
N GLY A 370 8.65 -19.13 -44.53
CA GLY A 370 8.70 -20.51 -44.04
C GLY A 370 10.02 -20.90 -43.39
N TYR A 371 10.98 -19.96 -43.36
CA TYR A 371 12.27 -20.20 -42.74
C TYR A 371 12.56 -19.13 -41.69
N ASN A 372 12.91 -19.56 -40.47
CA ASN A 372 13.23 -18.62 -39.39
C ASN A 372 14.55 -17.91 -39.66
N ASP A 373 14.67 -16.70 -39.13
CA ASP A 373 15.83 -15.84 -39.39
C ASP A 373 16.51 -15.42 -38.09
N ILE A 374 17.68 -14.80 -38.20
CA ILE A 374 18.45 -14.38 -37.04
C ILE A 374 19.01 -12.98 -37.19
N ALA A 375 19.37 -12.37 -36.06
CA ALA A 375 20.07 -11.08 -36.04
C ALA A 375 21.38 -11.23 -35.27
N VAL A 376 22.47 -10.70 -35.83
CA VAL A 376 23.79 -10.80 -35.21
C VAL A 376 24.35 -9.41 -34.91
N ALA A 377 24.84 -9.22 -33.69
CA ALA A 377 25.29 -7.91 -33.23
C ALA A 377 26.79 -7.75 -33.39
N ALA A 378 27.21 -6.59 -33.88
CA ALA A 378 28.62 -6.19 -33.91
C ALA A 378 28.75 -4.84 -33.22
N PRO A 379 28.76 -4.84 -31.88
CA PRO A 379 28.61 -3.64 -31.06
C PRO A 379 29.56 -2.49 -31.42
N TYR A 380 30.72 -2.80 -31.99
CA TYR A 380 31.68 -1.76 -32.39
C TYR A 380 32.02 -1.86 -33.89
N GLY A 381 31.07 -2.39 -34.67
CA GLY A 381 31.25 -2.60 -36.11
C GLY A 381 30.64 -1.48 -36.93
N GLY A 382 30.71 -1.65 -38.26
CA GLY A 382 30.34 -0.59 -39.19
C GLY A 382 31.53 0.33 -39.44
N PRO A 383 31.53 1.05 -40.58
CA PRO A 383 32.66 1.90 -40.96
C PRO A 383 33.07 2.90 -39.87
N SER A 384 32.09 3.44 -39.15
CA SER A 384 32.35 4.42 -38.11
C SER A 384 32.76 3.78 -36.78
N GLY A 385 32.44 2.49 -36.62
CA GLY A 385 32.69 1.78 -35.37
C GLY A 385 31.67 2.11 -34.30
N ARG A 386 30.51 2.64 -34.70
CA ARG A 386 29.47 3.05 -33.76
C ARG A 386 28.55 1.88 -33.39
N GLY A 387 28.61 0.80 -34.16
CA GLY A 387 27.80 -0.38 -33.90
C GLY A 387 26.93 -0.77 -35.08
N GLN A 388 26.56 -2.04 -35.15
CA GLN A 388 25.86 -2.57 -36.30
C GLN A 388 25.16 -3.87 -35.94
N VAL A 389 23.95 -4.07 -36.47
CA VAL A 389 23.24 -5.34 -36.36
C VAL A 389 22.90 -5.85 -37.75
N LEU A 390 23.23 -7.11 -38.01
CA LEU A 390 23.03 -7.70 -39.33
C LEU A 390 21.96 -8.78 -39.27
N VAL A 391 21.01 -8.71 -40.21
CA VAL A 391 19.94 -9.68 -40.31
C VAL A 391 20.28 -10.72 -41.38
N PHE A 392 20.31 -11.99 -40.97
CA PHE A 392 20.56 -13.09 -41.90
C PHE A 392 19.31 -13.96 -42.03
N LEU A 393 18.88 -14.20 -43.26
CA LEU A 393 17.65 -14.95 -43.52
C LEU A 393 17.94 -16.43 -43.68
N GLY A 394 17.05 -17.25 -43.14
CA GLY A 394 17.19 -18.71 -43.23
C GLY A 394 16.71 -19.28 -44.55
N GLN A 395 17.18 -20.48 -44.86
CA GLN A 395 16.85 -21.17 -46.10
C GLN A 395 17.03 -22.67 -45.92
N SER A 396 16.65 -23.45 -46.93
CA SER A 396 16.70 -24.92 -46.83
C SER A 396 18.12 -25.44 -46.57
N GLU A 397 19.12 -24.74 -47.09
CA GLU A 397 20.52 -25.14 -46.92
C GLU A 397 21.09 -24.70 -45.56
N GLY A 398 20.41 -23.76 -44.91
CA GLY A 398 20.82 -23.25 -43.61
C GLY A 398 20.50 -21.77 -43.45
N LEU A 399 21.53 -20.94 -43.64
CA LEU A 399 21.38 -19.49 -43.61
C LEU A 399 22.04 -18.90 -44.84
N ARG A 400 21.66 -17.69 -45.19
CA ARG A 400 22.28 -16.98 -46.30
C ARG A 400 23.65 -16.46 -45.90
N SER A 401 24.59 -16.53 -46.83
CA SER A 401 25.98 -16.15 -46.58
C SER A 401 26.12 -14.63 -46.35
N ARG A 402 25.20 -13.85 -46.93
CA ARG A 402 25.24 -12.40 -46.81
C ARG A 402 23.95 -11.85 -46.20
N PRO A 403 24.06 -10.74 -45.45
CA PRO A 403 22.92 -10.19 -44.73
C PRO A 403 21.91 -9.50 -45.64
N SER A 404 20.63 -9.73 -45.37
CA SER A 404 19.56 -9.09 -46.12
C SER A 404 19.35 -7.63 -45.68
N GLN A 405 19.77 -7.30 -44.46
CA GLN A 405 19.63 -5.95 -43.93
C GLN A 405 20.70 -5.64 -42.89
N VAL A 406 21.12 -4.37 -42.84
CA VAL A 406 22.15 -3.92 -41.92
C VAL A 406 21.71 -2.65 -41.19
N LEU A 407 21.43 -2.79 -39.90
CA LEU A 407 20.99 -1.67 -39.06
C LEU A 407 22.19 -0.98 -38.41
N ASP A 408 22.49 0.24 -38.86
CA ASP A 408 23.58 1.03 -38.27
C ASP A 408 23.12 1.76 -37.01
N SER A 409 24.04 1.95 -36.07
CA SER A 409 23.72 2.55 -34.78
C SER A 409 23.34 4.03 -34.94
N PRO A 410 22.18 4.43 -34.38
CA PRO A 410 21.77 5.83 -34.34
C PRO A 410 22.32 6.58 -33.12
N PHE A 411 23.10 5.89 -32.30
CA PHE A 411 23.68 6.49 -31.10
C PHE A 411 25.14 6.89 -31.35
N PRO A 412 25.71 7.75 -30.48
CA PRO A 412 27.11 8.16 -30.64
C PRO A 412 28.09 7.02 -30.33
N THR A 413 29.38 7.35 -30.34
CA THR A 413 30.42 6.36 -30.09
C THR A 413 30.32 5.81 -28.66
N GLY A 414 30.71 4.56 -28.50
CA GLY A 414 30.74 3.92 -27.18
C GLY A 414 29.37 3.51 -26.66
N SER A 415 28.38 3.46 -27.55
CA SER A 415 27.02 3.13 -27.14
C SER A 415 26.85 1.64 -26.86
N ALA A 416 27.67 0.82 -27.52
CA ALA A 416 27.56 -0.63 -27.43
C ALA A 416 26.27 -1.12 -28.09
N PHE A 417 25.82 -0.39 -29.11
CA PHE A 417 24.63 -0.76 -29.87
C PHE A 417 24.74 -2.19 -30.35
N GLY A 418 23.91 -3.08 -29.81
CA GLY A 418 23.86 -4.48 -30.24
C GLY A 418 24.30 -5.47 -29.18
N PHE A 419 24.99 -4.96 -28.15
CA PHE A 419 25.46 -5.79 -27.03
C PHE A 419 24.35 -6.69 -26.48
N SER A 420 23.11 -6.19 -26.49
CA SER A 420 21.94 -7.00 -26.16
C SER A 420 20.91 -6.92 -27.28
N LEU A 421 20.31 -8.06 -27.58
CA LEU A 421 19.40 -8.22 -28.74
C LEU A 421 18.29 -9.17 -28.39
N ARG A 422 17.05 -8.84 -28.76
CA ARG A 422 15.95 -9.77 -28.59
C ARG A 422 14.90 -9.57 -29.68
N GLY A 423 14.32 -10.67 -30.14
CA GLY A 423 13.31 -10.65 -31.21
C GLY A 423 12.33 -11.81 -31.11
N ALA A 424 11.66 -12.10 -32.22
CA ALA A 424 10.71 -13.22 -32.30
C ALA A 424 9.40 -12.98 -31.55
N VAL A 425 9.07 -11.71 -31.31
CA VAL A 425 7.82 -11.34 -30.61
C VAL A 425 7.17 -10.14 -31.29
N ASP A 426 5.86 -10.26 -31.53
CA ASP A 426 5.09 -9.22 -32.22
C ASP A 426 4.63 -8.17 -31.21
N ILE A 427 5.37 -7.07 -31.12
CA ILE A 427 5.15 -6.09 -30.06
C ILE A 427 3.96 -5.17 -30.35
N ASP A 428 3.79 -4.77 -31.61
CA ASP A 428 2.70 -3.87 -32.00
C ASP A 428 1.52 -4.61 -32.64
N ASP A 429 1.52 -5.94 -32.52
CA ASP A 429 0.39 -6.77 -32.90
C ASP A 429 -0.04 -6.56 -34.36
N ASN A 430 0.92 -6.55 -35.28
CA ASN A 430 0.63 -6.46 -36.71
C ASN A 430 0.90 -7.78 -37.44
N GLY A 431 1.14 -8.85 -36.68
CA GLY A 431 1.35 -10.18 -37.25
C GLY A 431 2.78 -10.48 -37.66
N TYR A 432 3.69 -9.53 -37.44
CA TYR A 432 5.08 -9.67 -37.83
C TYR A 432 6.01 -9.50 -36.62
N PRO A 433 6.99 -10.42 -36.46
CA PRO A 433 7.93 -10.32 -35.34
C PRO A 433 8.84 -9.09 -35.41
N ASP A 434 9.12 -8.51 -34.24
CA ASP A 434 9.94 -7.30 -34.16
C ASP A 434 11.28 -7.57 -33.47
N LEU A 435 12.13 -6.54 -33.45
CA LEU A 435 13.46 -6.64 -32.84
C LEU A 435 13.69 -5.46 -31.90
N ILE A 436 14.20 -5.75 -30.71
CA ILE A 436 14.65 -4.70 -29.78
C ILE A 436 16.16 -4.81 -29.58
N VAL A 437 16.82 -3.65 -29.50
CA VAL A 437 18.27 -3.59 -29.44
C VAL A 437 18.70 -2.68 -28.32
N GLY A 438 19.58 -3.19 -27.45
CA GLY A 438 20.09 -2.42 -26.34
C GLY A 438 21.37 -1.68 -26.70
N ALA A 439 21.48 -0.45 -26.20
CA ALA A 439 22.71 0.33 -26.31
C ALA A 439 23.08 0.85 -24.92
N TYR A 440 23.61 -0.05 -24.08
CA TYR A 440 23.83 0.26 -22.66
C TYR A 440 24.74 1.46 -22.46
N GLY A 441 25.69 1.65 -23.38
CA GLY A 441 26.59 2.80 -23.33
C GLY A 441 25.87 4.14 -23.40
N ALA A 442 24.79 4.21 -24.17
CA ALA A 442 24.00 5.44 -24.31
C ALA A 442 22.80 5.46 -23.35
N ASN A 443 22.62 4.38 -22.58
CA ASN A 443 21.49 4.23 -21.66
C ASN A 443 20.15 4.25 -22.38
N GLN A 444 20.09 3.58 -23.53
CA GLN A 444 18.88 3.57 -24.36
C GLN A 444 18.60 2.20 -24.99
N VAL A 445 17.35 2.02 -25.42
CA VAL A 445 16.95 0.82 -26.16
C VAL A 445 16.18 1.22 -27.41
N ALA A 446 16.54 0.63 -28.55
CA ALA A 446 15.87 0.90 -29.83
C ALA A 446 14.89 -0.22 -30.16
N VAL A 447 13.69 0.15 -30.61
CA VAL A 447 12.71 -0.84 -31.06
C VAL A 447 12.53 -0.73 -32.57
N TYR A 448 12.76 -1.84 -33.26
CA TYR A 448 12.63 -1.92 -34.72
C TYR A 448 11.43 -2.78 -35.08
N ARG A 449 10.45 -2.18 -35.75
CA ARG A 449 9.23 -2.90 -36.14
C ARG A 449 9.34 -3.49 -37.54
N ALA A 450 8.78 -4.68 -37.70
CA ALA A 450 8.71 -5.31 -39.02
C ALA A 450 7.50 -4.78 -39.79
N GLN A 451 7.73 -4.40 -41.05
CA GLN A 451 6.67 -3.88 -41.90
C GLN A 451 5.98 -5.04 -42.64
N PRO A 452 4.71 -4.84 -43.06
CA PRO A 452 3.84 -5.97 -43.41
C PRO A 452 4.08 -6.61 -44.79
N VAL A 453 5.26 -6.39 -45.37
CA VAL A 453 5.71 -7.14 -46.54
C VAL A 453 7.23 -7.40 -46.40
N VAL A 454 7.92 -7.58 -47.52
CA VAL A 454 9.39 -7.51 -47.55
C VAL A 454 9.80 -6.11 -48.04
N LYS A 455 9.38 -5.10 -47.29
CA LYS A 455 9.41 -3.69 -47.75
C LYS A 455 10.82 -3.08 -47.78
N ALA A 456 10.90 -1.81 -48.16
CA ALA A 456 12.13 -1.02 -48.04
C ALA A 456 11.79 0.42 -47.65
N SER A 457 12.82 1.23 -47.46
CA SER A 457 12.64 2.66 -47.15
C SER A 457 13.93 3.44 -47.39
N GLY B 1 88.20 24.17 -85.23
CA GLY B 1 88.92 25.47 -85.07
C GLY B 1 88.24 26.39 -84.07
N PRO B 2 87.29 27.23 -84.56
CA PRO B 2 86.57 28.14 -83.66
C PRO B 2 85.69 27.40 -82.66
N ASN B 3 85.57 27.98 -81.46
CA ASN B 3 84.76 27.39 -80.38
C ASN B 3 84.27 28.48 -79.45
N ILE B 4 83.47 28.12 -78.46
CA ILE B 4 82.82 29.13 -77.61
C ILE B 4 83.84 30.01 -76.88
N CYS B 5 85.07 29.52 -76.69
CA CYS B 5 86.15 30.30 -76.07
C CYS B 5 86.57 31.48 -76.96
N THR B 6 86.69 31.25 -78.26
CA THR B 6 87.20 32.26 -79.18
C THR B 6 86.10 33.24 -79.62
N THR B 7 84.88 32.76 -79.74
CA THR B 7 83.79 33.55 -80.32
C THR B 7 83.24 34.61 -79.36
N ARG B 8 83.45 34.41 -78.06
CA ARG B 8 82.96 35.36 -77.06
C ARG B 8 83.64 36.72 -77.15
N GLY B 9 84.92 36.72 -77.55
CA GLY B 9 85.68 37.96 -77.64
C GLY B 9 85.94 38.55 -76.26
N VAL B 10 86.59 37.78 -75.41
CA VAL B 10 86.86 38.20 -74.04
C VAL B 10 87.99 39.22 -73.99
N SER B 11 87.95 40.10 -72.99
CA SER B 11 88.93 41.18 -72.83
C SER B 11 90.07 40.78 -71.90
N SER B 12 89.78 39.92 -70.93
CA SER B 12 90.73 39.57 -69.88
C SER B 12 90.85 38.06 -69.66
N CYS B 13 91.89 37.66 -68.91
CA CYS B 13 92.07 36.28 -68.49
C CYS B 13 90.89 35.79 -67.65
N GLN B 14 90.38 36.67 -66.79
CA GLN B 14 89.26 36.34 -65.91
C GLN B 14 88.00 36.00 -66.72
N GLN B 15 87.66 36.86 -67.67
CA GLN B 15 86.49 36.64 -68.52
C GLN B 15 86.63 35.38 -69.36
N CYS B 16 87.87 35.04 -69.72
CA CYS B 16 88.14 33.84 -70.51
C CYS B 16 87.77 32.58 -69.74
N LEU B 17 88.08 32.57 -68.44
CA LEU B 17 87.77 31.43 -67.58
C LEU B 17 86.27 31.34 -67.28
N ALA B 18 85.60 32.49 -67.30
CA ALA B 18 84.17 32.55 -67.02
C ALA B 18 83.32 31.97 -68.15
N VAL B 19 83.89 31.89 -69.35
CA VAL B 19 83.18 31.41 -70.53
C VAL B 19 82.88 29.91 -70.43
N SER B 20 83.89 29.12 -70.11
CA SER B 20 83.72 27.67 -69.98
C SER B 20 84.94 27.05 -69.29
N PRO B 21 84.74 25.93 -68.56
CA PRO B 21 85.84 25.19 -67.94
C PRO B 21 86.94 24.76 -68.92
N MET B 22 86.59 24.58 -70.19
CA MET B 22 87.53 24.05 -71.18
C MET B 22 88.46 25.14 -71.74
N CYS B 23 88.16 26.41 -71.47
CA CYS B 23 88.95 27.52 -72.02
C CYS B 23 90.25 27.74 -71.24
N ALA B 24 91.30 28.13 -71.96
CA ALA B 24 92.58 28.52 -71.36
C ALA B 24 93.04 29.85 -71.97
N TRP B 25 93.99 30.50 -71.29
CA TRP B 25 94.46 31.84 -71.69
C TRP B 25 95.96 31.83 -71.97
N CYS B 26 96.39 32.71 -72.86
CA CYS B 26 97.82 32.82 -73.23
C CYS B 26 98.36 34.21 -72.88
N SER B 27 99.25 34.25 -71.87
CA SER B 27 99.81 35.51 -71.39
C SER B 27 101.08 35.92 -72.16
N ASP B 28 101.59 35.01 -72.98
CA ASP B 28 102.88 35.21 -73.66
C ASP B 28 102.87 36.49 -74.50
N GLU B 29 103.87 37.34 -74.28
CA GLU B 29 103.99 38.62 -74.99
C GLU B 29 104.48 38.43 -76.43
N ALA B 30 105.16 37.31 -76.68
CA ALA B 30 105.69 36.99 -78.01
C ALA B 30 104.60 36.50 -78.97
N LEU B 31 103.39 36.26 -78.44
CA LEU B 31 102.25 35.86 -79.27
C LEU B 31 101.86 37.02 -80.20
N PRO B 32 101.63 36.72 -81.50
CA PRO B 32 101.30 37.79 -82.46
C PRO B 32 99.93 38.42 -82.23
N LEU B 33 99.61 39.44 -83.01
CA LEU B 33 98.39 40.23 -82.81
C LEU B 33 97.15 39.47 -83.27
N GLY B 34 97.25 38.81 -84.43
CA GLY B 34 96.12 38.09 -85.02
C GLY B 34 95.63 36.91 -84.18
N SER B 35 96.55 36.19 -83.56
CA SER B 35 96.22 34.99 -82.78
C SER B 35 95.28 35.33 -81.61
N PRO B 36 94.33 34.42 -81.33
CA PRO B 36 93.45 34.59 -80.17
C PRO B 36 94.12 34.12 -78.88
N ARG B 37 93.89 34.86 -77.80
CA ARG B 37 94.49 34.54 -76.51
C ARG B 37 93.65 33.57 -75.70
N CYS B 38 92.32 33.67 -75.84
CA CYS B 38 91.40 32.77 -75.16
C CYS B 38 90.95 31.64 -76.09
N ASP B 39 91.36 30.41 -75.78
CA ASP B 39 91.14 29.25 -76.66
C ASP B 39 91.34 27.96 -75.84
N LEU B 40 91.18 26.81 -76.49
CA LEU B 40 91.56 25.53 -75.89
C LEU B 40 93.08 25.45 -75.72
N LYS B 41 93.54 24.59 -74.83
CA LYS B 41 94.98 24.47 -74.54
C LYS B 41 95.76 23.94 -75.76
N GLU B 42 95.18 22.98 -76.46
CA GLU B 42 95.82 22.40 -77.66
C GLU B 42 96.06 23.47 -78.71
N ASN B 43 95.06 24.31 -78.95
CA ASN B 43 95.12 25.35 -79.98
C ASN B 43 96.09 26.47 -79.62
N LEU B 44 96.24 26.74 -78.32
CA LEU B 44 97.22 27.74 -77.85
C LEU B 44 98.64 27.22 -78.05
N LEU B 45 98.89 25.97 -77.63
CA LEU B 45 100.18 25.31 -77.84
C LEU B 45 100.49 25.17 -79.33
N LYS B 46 99.45 24.99 -80.14
CA LYS B 46 99.60 24.88 -81.59
C LYS B 46 100.07 26.20 -82.21
N ASP B 47 99.72 27.32 -81.59
CA ASP B 47 100.14 28.66 -82.05
C ASP B 47 101.35 29.17 -81.26
N ASN B 48 102.25 28.26 -80.88
CA ASN B 48 103.51 28.63 -80.23
C ASN B 48 103.35 29.56 -79.03
N CYS B 49 102.35 29.29 -78.20
CA CYS B 49 102.22 29.95 -76.90
C CYS B 49 103.08 29.18 -75.90
N ALA B 50 103.91 29.91 -75.14
CA ALA B 50 104.85 29.29 -74.22
C ALA B 50 104.11 28.58 -73.08
N PRO B 51 104.46 27.30 -72.81
CA PRO B 51 103.86 26.54 -71.71
C PRO B 51 103.82 27.29 -70.38
N GLU B 52 104.86 28.09 -70.11
CA GLU B 52 104.94 28.88 -68.88
C GLU B 52 103.83 29.93 -68.79
N SER B 53 103.44 30.49 -69.95
CA SER B 53 102.48 31.60 -69.99
C SER B 53 101.02 31.16 -70.13
N ILE B 54 100.79 29.85 -70.23
CA ILE B 54 99.43 29.31 -70.35
C ILE B 54 98.74 29.27 -68.99
N GLU B 55 97.61 29.96 -68.87
CA GLU B 55 96.82 29.99 -67.65
C GLU B 55 95.60 29.08 -67.78
N PHE B 56 95.70 27.88 -67.21
CA PHE B 56 94.65 26.87 -67.33
C PHE B 56 94.45 26.17 -65.98
N PRO B 57 93.63 26.79 -65.09
CA PRO B 57 93.30 26.18 -63.82
C PRO B 57 92.57 24.85 -63.99
N VAL B 58 92.79 23.93 -63.05
CA VAL B 58 92.14 22.63 -63.09
C VAL B 58 91.48 22.36 -61.73
N SER B 59 90.23 21.94 -61.77
CA SER B 59 89.50 21.62 -60.55
C SER B 59 90.02 20.32 -59.93
N GLU B 60 90.10 20.29 -58.61
CA GLU B 60 90.59 19.10 -57.90
C GLU B 60 89.95 18.98 -56.52
N ALA B 61 90.02 17.76 -55.97
CA ALA B 61 89.49 17.48 -54.64
C ALA B 61 90.55 16.76 -53.81
N ARG B 62 91.30 17.53 -53.03
CA ARG B 62 92.38 16.96 -52.20
C ARG B 62 91.84 16.48 -50.86
N VAL B 63 92.12 15.22 -50.53
CA VAL B 63 91.80 14.67 -49.21
C VAL B 63 92.75 15.24 -48.18
N LEU B 64 92.20 15.75 -47.07
CA LEU B 64 93.00 16.32 -46.00
C LEU B 64 93.12 15.32 -44.84
N GLU B 65 91.97 14.81 -44.38
CA GLU B 65 91.94 13.79 -43.32
C GLU B 65 91.35 12.49 -43.86
N ASP B 66 92.19 11.45 -43.93
CA ASP B 66 91.78 10.16 -44.50
C ASP B 66 92.17 9.00 -43.59
N ARG B 67 91.65 9.02 -42.36
CA ARG B 67 91.82 7.90 -41.43
C ARG B 67 90.98 6.70 -41.89
N PRO B 68 91.54 5.48 -41.78
CA PRO B 68 90.83 4.29 -42.24
C PRO B 68 89.65 3.92 -41.33
N LEU B 69 88.75 3.08 -41.84
CA LEU B 69 87.56 2.68 -41.10
C LEU B 69 87.91 1.69 -40.00
N SER B 70 87.22 1.80 -38.86
CA SER B 70 87.59 1.05 -37.65
C SER B 70 87.21 -0.43 -37.76
N ASP B 71 87.93 -1.28 -37.02
CA ASP B 71 87.64 -2.72 -36.94
C ASP B 71 87.03 -3.03 -35.56
N LYS B 72 87.43 -4.18 -34.97
CA LYS B 72 87.03 -4.53 -33.61
C LYS B 72 88.16 -5.25 -32.89
N GLN B 79 88.67 7.18 -29.97
CA GLN B 79 88.16 7.66 -31.26
C GLN B 79 87.70 6.49 -32.13
N VAL B 80 86.62 6.71 -32.89
CA VAL B 80 86.09 5.70 -33.80
C VAL B 80 85.72 6.34 -35.15
N THR B 81 86.21 5.76 -36.23
CA THR B 81 86.00 6.30 -37.57
C THR B 81 85.00 5.46 -38.36
N GLN B 82 83.81 6.01 -38.61
CA GLN B 82 82.77 5.32 -39.38
C GLN B 82 82.63 5.89 -40.80
N VAL B 83 83.02 7.17 -40.97
CA VAL B 83 83.02 7.81 -42.28
C VAL B 83 84.46 8.07 -42.74
N SER B 84 84.72 7.90 -44.03
CA SER B 84 86.07 8.06 -44.59
C SER B 84 86.05 8.42 -46.07
N PRO B 85 86.63 9.57 -46.45
CA PRO B 85 87.43 10.49 -45.61
C PRO B 85 86.60 11.41 -44.73
N GLN B 86 87.28 12.20 -43.90
CA GLN B 86 86.61 13.09 -42.94
C GLN B 86 86.63 14.54 -43.41
N ARG B 87 87.75 14.97 -43.99
CA ARG B 87 87.88 16.34 -44.48
C ARG B 87 88.39 16.37 -45.92
N ILE B 88 87.84 17.30 -46.72
CA ILE B 88 88.21 17.44 -48.14
C ILE B 88 88.23 18.91 -48.55
N ALA B 89 89.23 19.28 -49.35
CA ALA B 89 89.33 20.63 -49.91
C ALA B 89 88.93 20.63 -51.38
N LEU B 90 87.94 21.45 -51.74
CA LEU B 90 87.44 21.53 -53.11
C LEU B 90 87.91 22.79 -53.82
N ARG B 91 88.61 22.58 -54.94
CA ARG B 91 89.03 23.67 -55.81
C ARG B 91 88.16 23.64 -57.07
N LEU B 92 87.32 24.66 -57.24
CA LEU B 92 86.43 24.74 -58.40
C LEU B 92 86.64 26.03 -59.19
N ARG B 93 86.63 25.91 -60.51
CA ARG B 93 86.64 27.07 -61.40
C ARG B 93 85.23 27.25 -61.98
N PRO B 94 84.96 28.43 -62.59
CA PRO B 94 83.60 28.76 -63.03
C PRO B 94 82.89 27.62 -63.78
N ASP B 95 81.70 27.26 -63.29
CA ASP B 95 80.81 26.28 -63.96
C ASP B 95 81.34 24.84 -64.03
N ASP B 96 82.49 24.58 -63.41
CA ASP B 96 83.09 23.24 -63.44
C ASP B 96 82.51 22.37 -62.34
N SER B 97 82.85 21.09 -62.35
CA SER B 97 82.38 20.17 -61.34
C SER B 97 83.37 19.01 -61.14
N LYS B 98 83.90 18.91 -59.92
CA LYS B 98 84.80 17.80 -59.58
C LYS B 98 84.06 16.81 -58.70
N ASN B 99 84.32 15.52 -58.93
CA ASN B 99 83.67 14.47 -58.17
C ASN B 99 84.63 13.79 -57.19
N PHE B 100 84.08 13.30 -56.08
CA PHE B 100 84.88 12.66 -55.03
C PHE B 100 84.10 11.49 -54.43
N SER B 101 84.78 10.72 -53.57
CA SER B 101 84.21 9.49 -53.02
C SER B 101 84.11 9.54 -51.49
N ILE B 102 83.19 8.75 -50.94
CA ILE B 102 83.00 8.65 -49.50
C ILE B 102 82.53 7.23 -49.12
N GLN B 103 83.13 6.66 -48.08
CA GLN B 103 82.75 5.34 -47.60
C GLN B 103 82.19 5.43 -46.18
N VAL B 104 81.17 4.62 -45.90
CA VAL B 104 80.57 4.55 -44.56
C VAL B 104 80.57 3.11 -44.05
N ARG B 105 80.82 2.94 -42.75
CA ARG B 105 80.76 1.62 -42.12
C ARG B 105 80.10 1.70 -40.75
N GLN B 106 79.13 0.81 -40.50
CA GLN B 106 78.50 0.68 -39.18
C GLN B 106 79.41 -0.12 -38.26
N VAL B 107 80.28 0.58 -37.54
CA VAL B 107 81.25 -0.06 -36.63
C VAL B 107 80.73 -0.08 -35.20
N GLU B 108 80.01 0.96 -34.80
CA GLU B 108 79.54 1.12 -33.43
C GLU B 108 78.39 0.17 -33.12
N ASP B 109 78.18 -0.11 -31.83
CA ASP B 109 77.15 -1.04 -31.39
C ASP B 109 75.77 -0.39 -31.43
N TYR B 110 74.74 -1.20 -31.71
CA TYR B 110 73.37 -0.71 -31.80
C TYR B 110 72.80 -0.38 -30.41
N PRO B 111 72.00 0.69 -30.31
CA PRO B 111 71.30 0.99 -29.07
C PRO B 111 70.12 0.04 -28.84
N VAL B 112 70.04 -0.54 -27.63
CA VAL B 112 69.02 -1.53 -27.30
C VAL B 112 68.34 -1.20 -25.97
N ASP B 113 67.01 -1.28 -25.93
CA ASP B 113 66.25 -1.08 -24.71
C ASP B 113 65.56 -2.37 -24.28
N ILE B 114 65.76 -2.76 -23.03
CA ILE B 114 65.08 -3.92 -22.45
C ILE B 114 64.21 -3.48 -21.28
N TYR B 115 62.91 -3.77 -21.36
CA TYR B 115 62.01 -3.58 -20.22
C TYR B 115 61.51 -4.93 -19.72
N TYR B 116 61.57 -5.12 -18.41
CA TYR B 116 61.31 -6.40 -17.79
C TYR B 116 59.99 -6.35 -17.02
N LEU B 117 59.07 -7.26 -17.33
CA LEU B 117 57.79 -7.35 -16.62
C LEU B 117 57.77 -8.56 -15.70
N MET B 118 57.67 -8.31 -14.39
CA MET B 118 57.73 -9.37 -13.40
C MET B 118 56.35 -9.71 -12.87
N ASP B 119 55.93 -10.95 -13.10
CA ASP B 119 54.78 -11.50 -12.38
C ASP B 119 55.17 -11.62 -10.92
N LEU B 120 54.49 -10.89 -10.05
CA LEU B 120 54.78 -10.94 -8.61
C LEU B 120 53.56 -11.41 -7.81
N SER B 121 52.77 -12.30 -8.39
CA SER B 121 51.69 -12.95 -7.64
C SER B 121 52.25 -14.10 -6.77
N TYR B 122 51.42 -14.66 -5.90
CA TYR B 122 51.88 -15.62 -4.89
C TYR B 122 52.40 -16.94 -5.47
N SER B 123 51.93 -17.30 -6.67
CA SER B 123 52.40 -18.52 -7.34
C SER B 123 53.85 -18.39 -7.79
N MET B 124 54.35 -17.16 -7.87
CA MET B 124 55.74 -16.90 -8.25
C MET B 124 56.69 -16.96 -7.05
N LYS B 125 56.17 -17.22 -5.85
CA LYS B 125 57.00 -17.33 -4.66
C LYS B 125 58.21 -18.24 -4.90
N ASP B 126 57.95 -19.49 -5.30
CA ASP B 126 59.02 -20.45 -5.60
C ASP B 126 59.80 -20.08 -6.88
N ASP B 127 59.26 -19.18 -7.69
CA ASP B 127 59.90 -18.73 -8.93
C ASP B 127 60.69 -17.42 -8.77
N LEU B 128 60.60 -16.81 -7.59
CA LEU B 128 61.08 -15.42 -7.43
C LEU B 128 62.58 -15.31 -7.67
N TRP B 129 63.35 -16.29 -7.19
CA TRP B 129 64.78 -16.30 -7.44
C TRP B 129 65.07 -16.33 -8.95
N SER B 130 64.36 -17.20 -9.67
CA SER B 130 64.60 -17.40 -11.09
C SER B 130 64.45 -16.09 -11.88
N ILE B 131 63.40 -15.33 -11.59
CA ILE B 131 63.12 -14.11 -12.33
C ILE B 131 64.05 -12.97 -11.91
N GLN B 132 64.51 -13.01 -10.66
CA GLN B 132 65.51 -12.05 -10.18
C GLN B 132 66.87 -12.32 -10.81
N ASN B 133 67.23 -13.60 -10.90
CA ASN B 133 68.43 -14.02 -11.61
C ASN B 133 68.36 -13.65 -13.09
N LEU B 134 67.25 -14.02 -13.74
CA LEU B 134 67.03 -13.69 -15.15
C LEU B 134 67.15 -12.19 -15.40
N GLY B 135 66.66 -11.40 -14.45
CA GLY B 135 66.73 -9.96 -14.56
C GLY B 135 68.15 -9.46 -14.70
N THR B 136 69.00 -9.85 -13.74
CA THR B 136 70.38 -9.38 -13.71
C THR B 136 71.24 -10.04 -14.80
N LYS B 137 70.86 -11.24 -15.23
CA LYS B 137 71.56 -11.93 -16.31
C LYS B 137 71.22 -11.32 -17.67
N LEU B 138 70.04 -10.73 -17.79
CA LEU B 138 69.69 -9.94 -18.97
C LEU B 138 70.65 -8.78 -19.11
N ALA B 139 70.87 -8.06 -18.02
CA ALA B 139 71.78 -6.91 -18.02
C ALA B 139 73.18 -7.32 -18.51
N THR B 140 73.67 -8.45 -18.01
CA THR B 140 75.01 -8.94 -18.37
C THR B 140 75.09 -9.36 -19.84
N GLN B 141 74.15 -10.18 -20.28
CA GLN B 141 74.15 -10.71 -21.65
C GLN B 141 74.11 -9.58 -22.68
N MET B 142 73.25 -8.59 -22.44
CA MET B 142 73.08 -7.50 -23.39
C MET B 142 74.25 -6.51 -23.33
N ARG B 143 74.88 -6.38 -22.17
CA ARG B 143 76.02 -5.49 -22.00
C ARG B 143 77.20 -5.92 -22.88
N LYS B 144 77.46 -7.22 -22.92
CA LYS B 144 78.57 -7.76 -23.71
C LYS B 144 78.25 -7.84 -25.21
N LEU B 145 76.99 -7.65 -25.56
CA LEU B 145 76.58 -7.53 -26.96
C LEU B 145 76.62 -6.07 -27.43
N THR B 146 76.28 -5.14 -26.54
CA THR B 146 76.24 -3.72 -26.88
C THR B 146 76.47 -2.84 -25.66
N SER B 147 77.41 -1.90 -25.77
CA SER B 147 77.71 -0.95 -24.70
C SER B 147 76.61 0.12 -24.55
N ASN B 148 75.85 0.32 -25.61
CA ASN B 148 74.77 1.31 -25.61
C ASN B 148 73.44 0.67 -25.19
N LEU B 149 73.29 0.46 -23.88
CA LEU B 149 72.13 -0.25 -23.34
C LEU B 149 71.42 0.59 -22.29
N ARG B 150 70.09 0.51 -22.28
CA ARG B 150 69.29 1.07 -21.20
C ARG B 150 68.20 0.09 -20.79
N ILE B 151 68.15 -0.22 -19.51
CA ILE B 151 67.29 -1.28 -18.99
C ILE B 151 66.37 -0.74 -17.89
N GLY B 152 65.22 -1.38 -17.72
CA GLY B 152 64.27 -1.01 -16.67
C GLY B 152 63.28 -2.14 -16.41
N PHE B 153 62.37 -1.94 -15.48
CA PHE B 153 61.37 -2.97 -15.17
C PHE B 153 60.12 -2.48 -14.46
N GLY B 154 59.11 -3.32 -14.45
CA GLY B 154 57.89 -3.11 -13.67
C GLY B 154 57.29 -4.45 -13.26
N ALA B 155 56.26 -4.41 -12.42
CA ALA B 155 55.67 -5.63 -11.88
C ALA B 155 54.16 -5.63 -12.10
N PHE B 156 53.56 -6.82 -12.11
CA PHE B 156 52.11 -6.95 -12.18
C PHE B 156 51.62 -8.12 -11.35
N VAL B 157 50.34 -8.08 -11.01
CA VAL B 157 49.67 -9.23 -10.39
C VAL B 157 48.35 -9.47 -11.13
N ASP B 158 47.35 -8.63 -10.89
CA ASP B 158 46.03 -8.77 -11.52
C ASP B 158 45.16 -7.57 -11.13
N LYS B 159 43.96 -7.50 -11.69
CA LYS B 159 43.05 -6.38 -11.40
C LYS B 159 42.63 -6.42 -9.92
N PRO B 160 43.01 -5.38 -9.16
CA PRO B 160 42.71 -5.37 -7.73
C PRO B 160 41.21 -5.12 -7.45
N VAL B 161 40.41 -6.14 -7.74
CA VAL B 161 38.98 -6.07 -7.57
C VAL B 161 38.42 -7.49 -7.43
N SER B 162 37.40 -7.63 -6.58
CA SER B 162 36.74 -8.93 -6.42
C SER B 162 36.24 -9.42 -7.77
N PRO B 163 36.33 -10.73 -8.02
CA PRO B 163 36.77 -11.81 -7.16
C PRO B 163 38.25 -12.16 -7.30
N TYR B 164 39.01 -11.37 -8.06
CA TYR B 164 40.46 -11.59 -8.16
C TYR B 164 41.12 -11.28 -6.81
N MET B 165 40.68 -10.20 -6.17
CA MET B 165 41.28 -9.71 -4.94
C MET B 165 40.52 -10.24 -3.74
N TYR B 166 41.26 -10.66 -2.70
CA TYR B 166 40.65 -10.96 -1.40
C TYR B 166 40.23 -9.65 -0.75
N ILE B 167 38.95 -9.51 -0.46
CA ILE B 167 38.41 -8.26 0.09
C ILE B 167 37.91 -8.41 1.53
N SER B 168 38.32 -9.49 2.19
CA SER B 168 37.97 -9.71 3.59
C SER B 168 38.95 -10.71 4.24
N PRO B 169 39.19 -10.55 5.55
CA PRO B 169 38.74 -9.44 6.40
C PRO B 169 39.49 -8.15 6.09
N PRO B 170 39.19 -7.06 6.82
CA PRO B 170 39.83 -5.77 6.54
C PRO B 170 41.37 -5.83 6.54
N GLU B 171 41.92 -6.78 7.29
CA GLU B 171 43.37 -6.98 7.33
C GLU B 171 43.91 -7.53 6.01
N ALA B 172 43.05 -8.20 5.25
CA ALA B 172 43.46 -8.85 3.99
C ALA B 172 43.78 -7.86 2.88
N LEU B 173 43.23 -6.65 2.95
CA LEU B 173 43.49 -5.63 1.93
C LEU B 173 44.94 -5.13 2.01
N GLU B 174 45.45 -4.98 3.23
CA GLU B 174 46.85 -4.57 3.43
C GLU B 174 47.79 -5.77 3.42
N ASN B 175 47.29 -6.92 3.83
CA ASN B 175 48.06 -8.17 3.79
C ASN B 175 47.23 -9.36 3.30
N PRO B 176 47.21 -9.58 1.97
CA PRO B 176 46.49 -10.69 1.36
C PRO B 176 46.82 -12.06 1.96
N CYS B 177 48.04 -12.21 2.50
CA CYS B 177 48.47 -13.46 3.12
C CYS B 177 48.08 -13.56 4.62
N TYR B 178 47.18 -12.69 5.07
CA TYR B 178 46.75 -12.66 6.47
C TYR B 178 46.26 -14.02 7.00
N ASP B 179 45.37 -14.66 6.25
CA ASP B 179 44.76 -15.92 6.71
C ASP B 179 45.70 -17.13 6.58
N MET B 180 46.89 -16.94 6.02
CA MET B 180 47.92 -17.98 6.03
C MET B 180 48.90 -17.76 7.19
N LYS B 181 48.69 -16.68 7.95
CA LYS B 181 49.55 -16.31 9.07
C LYS B 181 50.97 -15.99 8.61
N THR B 182 51.10 -15.51 7.37
CA THR B 182 52.35 -14.94 6.87
C THR B 182 52.06 -13.54 6.33
N THR B 183 53.04 -12.94 5.64
CA THR B 183 52.87 -11.59 5.09
C THR B 183 53.33 -11.52 3.63
N CYS B 184 52.51 -10.85 2.82
CA CYS B 184 52.92 -10.44 1.48
C CYS B 184 52.44 -9.01 1.24
N LEU B 185 52.85 -8.43 0.12
CA LEU B 185 52.51 -7.05 -0.19
C LEU B 185 51.04 -6.92 -0.61
N PRO B 186 50.49 -5.70 -0.57
CA PRO B 186 49.13 -5.48 -1.07
C PRO B 186 49.05 -5.65 -2.57
N MET B 187 47.88 -6.02 -3.07
CA MET B 187 47.69 -6.35 -4.47
C MET B 187 47.67 -5.10 -5.34
N PHE B 188 48.18 -5.23 -6.56
CA PHE B 188 48.16 -4.15 -7.54
C PHE B 188 48.07 -4.70 -8.96
N GLY B 189 47.48 -3.92 -9.86
CA GLY B 189 47.36 -4.31 -11.26
C GLY B 189 48.71 -4.33 -11.96
N TYR B 190 49.19 -3.16 -12.34
CA TYR B 190 50.52 -3.01 -12.91
C TYR B 190 51.22 -1.82 -12.29
N LYS B 191 52.49 -2.01 -11.97
CA LYS B 191 53.29 -0.99 -11.30
C LYS B 191 54.58 -0.79 -12.07
N HIS B 192 54.88 0.45 -12.43
CA HIS B 192 56.13 0.77 -13.09
C HIS B 192 57.16 1.18 -12.05
N VAL B 193 58.21 0.36 -11.90
CA VAL B 193 59.16 0.55 -10.82
C VAL B 193 60.34 1.42 -11.25
N LEU B 194 61.02 1.03 -12.33
CA LEU B 194 62.27 1.69 -12.74
C LEU B 194 62.23 2.06 -14.22
N THR B 195 62.31 3.36 -14.51
CA THR B 195 62.38 3.86 -15.89
C THR B 195 63.67 3.38 -16.57
N LEU B 196 63.61 3.20 -17.89
CA LEU B 196 64.77 2.76 -18.67
C LEU B 196 65.98 3.64 -18.40
N THR B 197 67.05 3.03 -17.88
CA THR B 197 68.25 3.76 -17.48
C THR B 197 69.51 2.93 -17.71
N ASP B 198 70.64 3.60 -17.86
CA ASP B 198 71.93 2.93 -18.06
C ASP B 198 72.51 2.39 -16.75
N GLN B 199 72.00 2.90 -15.63
CA GLN B 199 72.49 2.51 -14.31
C GLN B 199 72.13 1.06 -13.97
N VAL B 200 72.95 0.14 -14.48
CA VAL B 200 72.67 -1.30 -14.35
C VAL B 200 72.78 -1.81 -12.91
N THR B 201 73.74 -1.28 -12.16
CA THR B 201 73.94 -1.69 -10.76
C THR B 201 72.73 -1.32 -9.89
N ARG B 202 72.07 -0.22 -10.24
CA ARG B 202 70.83 0.19 -9.55
C ARG B 202 69.66 -0.71 -9.97
N PHE B 203 69.62 -1.08 -11.24
CA PHE B 203 68.62 -2.03 -11.74
C PHE B 203 68.72 -3.37 -11.00
N ASN B 204 69.93 -3.84 -10.79
CA ASN B 204 70.17 -5.11 -10.10
C ASN B 204 69.75 -5.07 -8.63
N GLU B 205 70.02 -3.94 -7.98
CA GLU B 205 69.61 -3.77 -6.57
C GLU B 205 68.08 -3.81 -6.45
N GLU B 206 67.41 -3.05 -7.29
CA GLU B 206 65.95 -2.90 -7.24
C GLU B 206 65.23 -4.22 -7.52
N VAL B 207 65.71 -4.96 -8.51
CA VAL B 207 65.09 -6.23 -8.88
C VAL B 207 65.16 -7.23 -7.72
N LYS B 208 66.28 -7.23 -7.01
CA LYS B 208 66.49 -8.13 -5.88
C LYS B 208 65.66 -7.76 -4.64
N LYS B 209 65.13 -6.54 -4.61
CA LYS B 209 64.28 -6.08 -3.49
C LYS B 209 62.83 -6.53 -3.63
N GLN B 210 62.44 -7.00 -4.82
CA GLN B 210 61.04 -7.28 -5.11
C GLN B 210 60.55 -8.53 -4.38
N SER B 211 59.30 -8.50 -3.95
CA SER B 211 58.65 -9.66 -3.33
C SER B 211 57.21 -9.82 -3.81
N VAL B 212 56.59 -10.95 -3.48
CA VAL B 212 55.31 -11.33 -4.08
C VAL B 212 54.12 -10.75 -3.33
N SER B 213 53.02 -10.60 -4.07
CA SER B 213 51.71 -10.32 -3.48
C SER B 213 50.86 -11.58 -3.60
N ARG B 214 49.53 -11.43 -3.55
CA ARG B 214 48.64 -12.58 -3.65
C ARG B 214 47.26 -12.19 -4.18
N ASN B 215 46.75 -12.97 -5.12
CA ASN B 215 45.35 -12.88 -5.53
C ASN B 215 44.71 -14.27 -5.59
N ARG B 216 43.46 -14.34 -6.01
CA ARG B 216 42.67 -15.56 -5.87
C ARG B 216 42.82 -16.51 -7.05
N ASP B 217 42.71 -15.99 -8.27
CA ASP B 217 42.57 -16.85 -9.45
C ASP B 217 43.88 -16.99 -10.20
N ALA B 218 44.15 -18.20 -10.69
CA ALA B 218 45.45 -18.53 -11.29
C ALA B 218 45.80 -17.63 -12.48
N PRO B 219 44.83 -17.38 -13.39
CA PRO B 219 45.11 -16.43 -14.47
C PRO B 219 45.39 -15.03 -13.91
N GLU B 220 46.34 -14.31 -14.51
CA GLU B 220 46.78 -13.01 -14.00
C GLU B 220 46.64 -11.91 -15.05
N GLY B 221 46.95 -10.68 -14.66
CA GLY B 221 46.70 -9.50 -15.49
C GLY B 221 47.93 -8.95 -16.19
N GLY B 222 48.80 -9.84 -16.66
CA GLY B 222 50.04 -9.44 -17.31
C GLY B 222 49.83 -8.72 -18.65
N PHE B 223 48.71 -9.00 -19.31
CA PHE B 223 48.42 -8.39 -20.61
C PHE B 223 48.05 -6.90 -20.44
N ASP B 224 47.49 -6.54 -19.29
CA ASP B 224 47.38 -5.12 -18.93
C ASP B 224 48.77 -4.50 -18.89
N ALA B 225 49.71 -5.20 -18.26
CA ALA B 225 51.08 -4.70 -18.11
C ALA B 225 51.78 -4.55 -19.46
N ILE B 226 51.60 -5.55 -20.33
CA ILE B 226 52.21 -5.52 -21.67
C ILE B 226 51.69 -4.33 -22.48
N MET B 227 50.39 -4.09 -22.39
CA MET B 227 49.76 -2.99 -23.12
C MET B 227 50.29 -1.64 -22.63
N GLN B 228 50.37 -1.46 -21.32
CA GLN B 228 50.81 -0.19 -20.74
C GLN B 228 52.31 0.02 -20.93
N ALA B 229 53.09 -1.06 -20.83
CA ALA B 229 54.52 -0.98 -21.09
C ALA B 229 54.79 -0.65 -22.56
N THR B 230 53.83 -0.95 -23.43
CA THR B 230 53.97 -0.66 -24.86
C THR B 230 53.62 0.80 -25.18
N VAL B 231 52.51 1.29 -24.64
CA VAL B 231 51.92 2.55 -25.09
C VAL B 231 52.29 3.78 -24.23
N CYS B 232 52.88 3.55 -23.06
CA CYS B 232 53.32 4.65 -22.19
C CYS B 232 54.77 5.02 -22.51
N ASP B 233 54.97 5.70 -23.63
CA ASP B 233 56.31 6.00 -24.14
C ASP B 233 57.19 6.74 -23.13
N GLU B 234 56.69 7.87 -22.64
CA GLU B 234 57.49 8.75 -21.79
C GLU B 234 57.79 8.13 -20.43
N LYS B 235 56.84 7.37 -19.89
CA LYS B 235 57.02 6.73 -18.58
C LYS B 235 58.09 5.64 -18.65
N ILE B 236 57.91 4.70 -19.56
CA ILE B 236 58.85 3.59 -19.72
C ILE B 236 60.21 4.11 -20.19
N GLY B 237 60.18 5.07 -21.11
CA GLY B 237 61.39 5.75 -21.56
C GLY B 237 62.07 5.08 -22.74
N TRP B 238 61.26 4.58 -23.68
CA TRP B 238 61.81 4.03 -24.92
C TRP B 238 62.49 5.13 -25.71
N ARG B 239 63.58 4.79 -26.39
CA ARG B 239 64.30 5.74 -27.23
C ARG B 239 63.90 5.57 -28.69
N ASN B 240 63.64 6.67 -29.38
CA ASN B 240 63.12 6.63 -30.75
C ASN B 240 63.96 5.75 -31.67
N ASP B 241 65.28 5.96 -31.63
CA ASP B 241 66.20 5.27 -32.52
C ASP B 241 66.48 3.82 -32.11
N ALA B 242 66.30 3.51 -30.83
CA ALA B 242 66.74 2.23 -30.26
C ALA B 242 65.87 1.05 -30.67
N SER B 243 66.40 -0.15 -30.49
CA SER B 243 65.66 -1.40 -30.69
C SER B 243 65.07 -1.87 -29.36
N HIS B 244 63.77 -2.12 -29.33
CA HIS B 244 63.04 -2.30 -28.07
C HIS B 244 62.65 -3.76 -27.83
N LEU B 245 63.13 -4.31 -26.71
CA LEU B 245 62.74 -5.66 -26.29
C LEU B 245 61.91 -5.61 -25.01
N LEU B 246 60.76 -6.28 -25.02
CA LEU B 246 59.89 -6.38 -23.85
C LEU B 246 59.82 -7.82 -23.37
N VAL B 247 60.51 -8.11 -22.26
CA VAL B 247 60.60 -9.47 -21.74
C VAL B 247 59.59 -9.69 -20.60
N PHE B 248 58.74 -10.70 -20.79
CA PHE B 248 57.54 -10.92 -19.97
C PHE B 248 57.66 -12.27 -19.25
N THR B 249 57.59 -12.24 -17.92
CA THR B 249 57.73 -13.46 -17.13
C THR B 249 56.43 -13.82 -16.40
N THR B 250 56.11 -15.11 -16.39
CA THR B 250 54.97 -15.63 -15.63
C THR B 250 55.07 -17.15 -15.51
N ASP B 251 54.38 -17.72 -14.53
CA ASP B 251 54.36 -19.16 -14.32
C ASP B 251 52.95 -19.74 -14.47
N ALA B 252 52.05 -18.94 -15.03
CA ALA B 252 50.62 -19.29 -15.07
C ALA B 252 49.98 -18.79 -16.35
N LYS B 253 48.76 -19.24 -16.61
CA LYS B 253 47.99 -18.75 -17.74
C LYS B 253 47.58 -17.29 -17.51
N THR B 254 46.91 -16.68 -18.48
CA THR B 254 46.69 -15.23 -18.47
C THR B 254 45.24 -14.85 -18.76
N HIS B 255 44.86 -13.66 -18.29
CA HIS B 255 43.55 -13.11 -18.60
C HIS B 255 43.57 -12.42 -19.95
N ILE B 256 42.50 -12.63 -20.70
CA ILE B 256 42.36 -12.09 -22.04
C ILE B 256 41.09 -11.24 -22.10
N ALA B 257 40.92 -10.48 -23.17
CA ALA B 257 39.75 -9.59 -23.31
C ALA B 257 38.44 -10.36 -23.11
N LEU B 258 37.51 -9.72 -22.40
CA LEU B 258 36.17 -10.29 -22.07
C LEU B 258 36.15 -11.13 -20.77
N ASP B 259 37.32 -11.40 -20.20
CA ASP B 259 37.40 -11.99 -18.85
C ASP B 259 36.91 -10.98 -17.81
N GLY B 260 37.17 -9.70 -18.06
CA GLY B 260 36.88 -8.62 -17.10
C GLY B 260 35.42 -8.51 -16.65
N ARG B 261 34.51 -9.13 -17.39
CA ARG B 261 33.10 -9.11 -17.03
C ARG B 261 32.81 -9.84 -15.71
N LEU B 262 33.71 -10.74 -15.31
CA LEU B 262 33.59 -11.39 -14.00
C LEU B 262 33.83 -10.41 -12.85
N ALA B 263 34.45 -9.27 -13.17
CA ALA B 263 34.67 -8.22 -12.17
C ALA B 263 33.72 -7.04 -12.39
N GLY B 264 32.73 -7.22 -13.26
CA GLY B 264 31.81 -6.15 -13.62
C GLY B 264 32.35 -5.14 -14.63
N ILE B 265 33.54 -5.44 -15.18
CA ILE B 265 34.20 -4.54 -16.12
C ILE B 265 33.84 -4.93 -17.54
N VAL B 266 33.22 -4.01 -18.29
CA VAL B 266 32.81 -4.28 -19.66
C VAL B 266 33.43 -3.32 -20.70
N GLN B 267 33.94 -2.18 -20.26
CA GLN B 267 34.55 -1.21 -21.18
C GLN B 267 35.76 -1.83 -21.88
N PRO B 268 35.73 -1.88 -23.23
CA PRO B 268 36.87 -2.41 -23.96
C PRO B 268 38.14 -1.61 -23.71
N ASN B 269 39.28 -2.27 -23.82
CA ASN B 269 40.58 -1.61 -23.66
C ASN B 269 40.79 -0.59 -24.76
N ASP B 270 41.02 0.66 -24.38
CA ASP B 270 41.11 1.77 -25.35
C ASP B 270 42.50 1.92 -25.98
N GLY B 271 43.45 1.12 -25.51
CA GLY B 271 44.80 1.11 -26.09
C GLY B 271 45.66 2.30 -25.74
N GLN B 272 45.15 3.15 -24.83
CA GLN B 272 45.86 4.38 -24.43
C GLN B 272 46.66 4.15 -23.15
N CYS B 273 47.53 5.12 -22.83
CA CYS B 273 48.32 5.06 -21.61
C CYS B 273 47.52 5.61 -20.43
N HIS B 274 47.57 4.91 -19.30
CA HIS B 274 46.86 5.33 -18.10
C HIS B 274 47.71 5.13 -16.83
N VAL B 275 49.03 5.23 -16.96
CA VAL B 275 49.92 5.11 -15.81
C VAL B 275 50.02 6.45 -15.08
N GLY B 276 50.80 7.39 -15.63
CA GLY B 276 50.86 8.75 -15.09
C GLY B 276 51.69 8.89 -13.81
N SER B 277 51.17 9.68 -12.87
CA SER B 277 51.97 10.25 -11.78
C SER B 277 52.48 9.19 -10.78
N ASP B 278 51.56 8.40 -10.24
CA ASP B 278 51.88 7.46 -9.15
C ASP B 278 52.50 6.13 -9.65
N ASN B 279 52.76 6.04 -10.95
CA ASN B 279 53.34 4.82 -11.55
C ASN B 279 52.45 3.57 -11.43
N HIS B 280 51.15 3.79 -11.27
CA HIS B 280 50.18 2.70 -11.23
C HIS B 280 49.23 2.80 -12.42
N TYR B 281 48.87 1.65 -12.99
CA TYR B 281 47.86 1.60 -14.04
C TYR B 281 46.50 1.92 -13.43
N SER B 282 46.04 3.14 -13.63
CA SER B 282 44.87 3.65 -12.92
C SER B 282 43.56 3.11 -13.48
N ALA B 283 43.58 2.62 -14.72
CA ALA B 283 42.39 2.06 -15.36
C ALA B 283 42.24 0.55 -15.11
N SER B 284 43.09 0.01 -14.24
CA SER B 284 43.09 -1.43 -13.93
C SER B 284 41.72 -1.95 -13.50
N THR B 285 40.98 -1.16 -12.72
CA THR B 285 39.71 -1.60 -12.15
C THR B 285 38.49 -1.18 -12.99
N THR B 286 38.71 -0.34 -14.00
CA THR B 286 37.60 0.23 -14.78
C THR B 286 37.58 -0.19 -16.26
N MET B 287 38.67 -0.81 -16.73
CA MET B 287 38.84 -1.11 -18.15
C MET B 287 39.22 -2.58 -18.33
N ASP B 288 38.67 -3.21 -19.38
CA ASP B 288 38.84 -4.65 -19.58
C ASP B 288 40.25 -4.98 -20.06
N TYR B 289 40.64 -6.24 -19.90
CA TYR B 289 41.91 -6.74 -20.43
C TYR B 289 41.94 -6.54 -21.95
N PRO B 290 43.13 -6.34 -22.52
CA PRO B 290 43.25 -6.15 -23.97
C PRO B 290 43.15 -7.47 -24.73
N SER B 291 42.63 -7.40 -25.95
CA SER B 291 42.58 -8.56 -26.85
C SER B 291 43.92 -8.75 -27.55
N LEU B 292 44.14 -9.96 -28.08
CA LEU B 292 45.40 -10.27 -28.76
C LEU B 292 45.67 -9.29 -29.91
N GLY B 293 44.63 -8.98 -30.67
CA GLY B 293 44.75 -8.07 -31.81
C GLY B 293 45.20 -6.67 -31.41
N LEU B 294 44.60 -6.13 -30.35
CA LEU B 294 44.94 -4.78 -29.90
C LEU B 294 46.40 -4.71 -29.44
N MET B 295 46.85 -5.75 -28.75
CA MET B 295 48.25 -5.85 -28.35
C MET B 295 49.17 -5.83 -29.58
N THR B 296 48.82 -6.62 -30.59
CA THR B 296 49.61 -6.69 -31.82
C THR B 296 49.73 -5.34 -32.51
N GLU B 297 48.61 -4.63 -32.62
CA GLU B 297 48.58 -3.29 -33.23
C GLU B 297 49.59 -2.37 -32.55
N LYS B 298 49.55 -2.32 -31.22
CA LYS B 298 50.36 -1.38 -30.45
C LYS B 298 51.85 -1.78 -30.41
N LEU B 299 52.11 -3.09 -30.29
CA LEU B 299 53.47 -3.60 -30.36
C LEU B 299 54.13 -3.24 -31.70
N SER B 300 53.34 -3.36 -32.77
CA SER B 300 53.81 -3.01 -34.11
C SER B 300 53.97 -1.49 -34.24
N GLN B 301 52.97 -0.75 -33.76
CA GLN B 301 52.98 0.71 -33.84
C GLN B 301 54.17 1.33 -33.11
N LYS B 302 54.50 0.78 -31.94
CA LYS B 302 55.60 1.29 -31.11
C LYS B 302 56.91 0.54 -31.35
N ASN B 303 56.90 -0.36 -32.34
CA ASN B 303 58.09 -1.11 -32.73
C ASN B 303 58.76 -1.78 -31.52
N ILE B 304 58.01 -2.66 -30.86
CA ILE B 304 58.50 -3.39 -29.70
C ILE B 304 58.41 -4.88 -29.95
N ASN B 305 59.45 -5.61 -29.54
CA ASN B 305 59.50 -7.06 -29.69
C ASN B 305 59.20 -7.75 -28.36
N LEU B 306 58.09 -8.47 -28.32
CA LEU B 306 57.64 -9.14 -27.10
C LEU B 306 58.29 -10.51 -26.97
N ILE B 307 58.89 -10.78 -25.80
CA ILE B 307 59.49 -12.09 -25.53
C ILE B 307 58.83 -12.71 -24.31
N PHE B 308 58.24 -13.89 -24.49
CA PHE B 308 57.63 -14.64 -23.40
C PHE B 308 58.67 -15.49 -22.69
N ALA B 309 58.92 -15.16 -21.43
CA ALA B 309 59.81 -15.95 -20.59
C ALA B 309 58.98 -16.66 -19.53
N VAL B 310 58.33 -17.74 -19.93
CA VAL B 310 57.37 -18.44 -19.06
C VAL B 310 57.94 -19.77 -18.58
N THR B 311 57.39 -20.29 -17.48
CA THR B 311 57.83 -21.57 -16.94
C THR B 311 57.29 -22.72 -17.80
N GLU B 312 57.83 -23.93 -17.61
CA GLU B 312 57.61 -25.03 -18.54
C GLU B 312 56.16 -25.53 -18.56
N ASN B 313 55.44 -25.34 -17.46
CA ASN B 313 54.05 -25.83 -17.35
C ASN B 313 53.08 -25.06 -18.25
N VAL B 314 53.47 -23.87 -18.69
CA VAL B 314 52.65 -23.07 -19.61
C VAL B 314 53.41 -22.69 -20.89
N VAL B 315 54.52 -23.38 -21.18
CA VAL B 315 55.32 -23.05 -22.37
C VAL B 315 54.55 -23.29 -23.68
N ASN B 316 53.77 -24.37 -23.75
CA ASN B 316 52.96 -24.65 -24.94
C ASN B 316 51.84 -23.64 -25.13
N LEU B 317 51.27 -23.18 -24.02
CA LEU B 317 50.21 -22.18 -24.05
C LEU B 317 50.70 -20.90 -24.72
N TYR B 318 51.87 -20.43 -24.31
CA TYR B 318 52.38 -19.14 -24.78
C TYR B 318 53.03 -19.24 -26.16
N GLN B 319 53.54 -20.42 -26.50
CA GLN B 319 53.94 -20.71 -27.88
C GLN B 319 52.73 -20.55 -28.81
N ASN B 320 51.59 -21.09 -28.40
CA ASN B 320 50.35 -20.95 -29.15
C ASN B 320 49.89 -19.49 -29.30
N TYR B 321 49.95 -18.72 -28.21
CA TYR B 321 49.68 -17.28 -28.28
C TYR B 321 50.68 -16.59 -29.20
N SER B 322 51.93 -17.06 -29.18
CA SER B 322 52.99 -16.44 -29.96
C SER B 322 52.72 -16.50 -31.47
N GLU B 323 52.03 -17.55 -31.91
CA GLU B 323 51.65 -17.69 -33.31
C GLU B 323 50.58 -16.66 -33.71
N LEU B 324 49.72 -16.32 -32.76
CA LEU B 324 48.66 -15.33 -33.00
C LEU B 324 49.17 -13.88 -32.88
N ILE B 325 50.39 -13.72 -32.36
CA ILE B 325 51.06 -12.42 -32.32
C ILE B 325 52.42 -12.51 -33.03
N PRO B 326 52.42 -12.40 -34.37
CA PRO B 326 53.64 -12.59 -35.16
C PRO B 326 54.82 -11.74 -34.67
N GLY B 327 56.02 -12.30 -34.74
CA GLY B 327 57.24 -11.60 -34.33
C GLY B 327 57.58 -11.85 -32.88
N THR B 328 56.71 -12.57 -32.17
CA THR B 328 56.90 -12.87 -30.75
C THR B 328 57.65 -14.19 -30.61
N THR B 329 58.61 -14.23 -29.69
CA THR B 329 59.34 -15.46 -29.39
C THR B 329 59.09 -15.90 -27.95
N VAL B 330 59.35 -17.17 -27.67
CA VAL B 330 59.06 -17.76 -26.37
C VAL B 330 60.26 -18.54 -25.84
N GLY B 331 60.58 -18.35 -24.57
CA GLY B 331 61.63 -19.10 -23.90
C GLY B 331 61.15 -19.70 -22.61
N VAL B 332 61.87 -20.71 -22.11
CA VAL B 332 61.53 -21.35 -20.85
C VAL B 332 62.25 -20.66 -19.68
N LEU B 333 61.47 -20.06 -18.78
CA LEU B 333 61.99 -19.49 -17.54
C LEU B 333 62.24 -20.60 -16.53
N SER B 334 63.44 -20.63 -15.97
CA SER B 334 63.78 -21.54 -14.89
C SER B 334 65.00 -21.00 -14.15
N MET B 335 65.64 -21.84 -13.32
CA MET B 335 66.86 -21.43 -12.65
C MET B 335 68.00 -21.28 -13.65
N ASP B 336 67.96 -22.09 -14.71
CA ASP B 336 68.90 -21.97 -15.83
C ASP B 336 68.41 -20.88 -16.79
N SER B 337 69.26 -19.90 -17.08
CA SER B 337 68.86 -18.73 -17.88
C SER B 337 69.33 -18.77 -19.34
N SER B 338 69.85 -19.92 -19.78
CA SER B 338 70.41 -20.04 -21.13
C SER B 338 69.36 -19.77 -22.18
N ASN B 339 68.20 -20.39 -22.02
CA ASN B 339 67.17 -20.43 -23.04
C ASN B 339 66.61 -19.06 -23.37
N VAL B 340 66.28 -18.27 -22.35
CA VAL B 340 65.68 -16.96 -22.55
C VAL B 340 66.71 -15.93 -23.02
N LEU B 341 67.97 -16.11 -22.63
CA LEU B 341 69.05 -15.23 -23.07
C LEU B 341 69.36 -15.41 -24.57
N GLN B 342 69.19 -16.62 -25.08
CA GLN B 342 69.36 -16.89 -26.52
C GLN B 342 68.40 -16.06 -27.36
N LEU B 343 67.20 -15.83 -26.84
CA LEU B 343 66.20 -15.01 -27.52
C LEU B 343 66.64 -13.54 -27.59
N ILE B 344 67.40 -13.11 -26.59
CA ILE B 344 67.99 -11.77 -26.60
C ILE B 344 69.14 -11.67 -27.60
N VAL B 345 69.95 -12.72 -27.69
CA VAL B 345 71.03 -12.79 -28.67
C VAL B 345 70.46 -12.80 -30.10
N ASP B 346 69.51 -13.68 -30.34
CA ASP B 346 68.83 -13.76 -31.64
C ASP B 346 68.27 -12.40 -32.05
N ALA B 347 67.59 -11.73 -31.11
CA ALA B 347 66.96 -10.44 -31.38
C ALA B 347 67.96 -9.40 -31.87
N TYR B 348 69.11 -9.33 -31.20
CA TYR B 348 70.18 -8.39 -31.58
C TYR B 348 70.72 -8.71 -32.98
N GLY B 349 70.86 -10.00 -33.27
CA GLY B 349 71.36 -10.46 -34.57
C GLY B 349 70.43 -10.19 -35.74
N LYS B 350 69.23 -9.69 -35.46
CA LYS B 350 68.28 -9.30 -36.50
C LYS B 350 68.24 -7.79 -36.74
N ILE B 351 68.94 -7.03 -35.89
CA ILE B 351 68.89 -5.56 -35.95
C ILE B 351 69.65 -5.03 -37.17
N ARG B 352 68.91 -4.41 -38.09
CA ARG B 352 69.51 -3.82 -39.29
C ARG B 352 69.43 -2.29 -39.23
N SER B 353 70.43 -1.64 -39.84
CA SER B 353 70.50 -0.18 -39.85
C SER B 353 70.65 0.35 -41.28
N LYS B 354 70.57 1.67 -41.43
CA LYS B 354 70.63 2.31 -42.74
C LYS B 354 71.64 3.44 -42.76
N VAL B 355 72.34 3.60 -43.88
CA VAL B 355 73.23 4.73 -44.08
C VAL B 355 72.57 5.73 -45.03
N GLU B 356 71.92 6.73 -44.44
CA GLU B 356 71.17 7.72 -45.22
C GLU B 356 71.86 9.09 -45.13
N LEU B 357 72.46 9.51 -46.24
CA LEU B 357 73.21 10.77 -46.28
C LEU B 357 72.27 11.97 -46.26
N GLU B 358 72.66 13.01 -45.52
CA GLU B 358 71.97 14.30 -45.57
C GLU B 358 72.98 15.44 -45.63
N VAL B 359 72.65 16.48 -46.41
CA VAL B 359 73.56 17.60 -46.64
C VAL B 359 73.17 18.78 -45.75
N ARG B 360 74.17 19.47 -45.21
CA ARG B 360 73.94 20.58 -44.30
C ARG B 360 74.82 21.77 -44.66
N ASP B 361 74.23 22.96 -44.68
CA ASP B 361 74.95 24.20 -44.97
C ASP B 361 75.51 24.23 -46.40
N LEU B 362 74.76 23.63 -47.34
CA LEU B 362 75.15 23.65 -48.74
C LEU B 362 74.89 25.03 -49.33
N PRO B 363 75.90 25.63 -50.00
CA PRO B 363 75.71 26.92 -50.66
C PRO B 363 74.60 26.90 -51.71
N GLU B 364 74.01 28.06 -51.96
CA GLU B 364 72.98 28.21 -53.00
C GLU B 364 73.53 27.87 -54.39
N GLU B 365 74.80 28.20 -54.62
CA GLU B 365 75.42 28.05 -55.94
C GLU B 365 75.85 26.61 -56.21
N LEU B 366 76.19 25.87 -55.16
CA LEU B 366 76.60 24.47 -55.28
C LEU B 366 75.39 23.55 -55.36
N SER B 367 75.52 22.47 -56.12
CA SER B 367 74.50 21.43 -56.20
C SER B 367 75.15 20.05 -56.36
N LEU B 368 74.62 19.07 -55.64
CA LEU B 368 75.26 17.75 -55.56
C LEU B 368 74.45 16.69 -56.30
N SER B 369 75.10 15.56 -56.61
CA SER B 369 74.42 14.37 -57.12
C SER B 369 75.18 13.13 -56.65
N PHE B 370 74.46 12.04 -56.42
CA PHE B 370 75.00 10.88 -55.70
C PHE B 370 74.79 9.56 -56.45
N ASN B 371 75.83 8.72 -56.44
CA ASN B 371 75.72 7.33 -56.91
C ASN B 371 76.07 6.37 -55.77
N ALA B 372 75.10 5.53 -55.40
CA ALA B 372 75.25 4.66 -54.22
C ALA B 372 75.66 3.24 -54.62
N THR B 373 76.49 2.61 -53.78
CA THR B 373 76.89 1.22 -53.96
C THR B 373 76.75 0.46 -52.64
N CYS B 374 75.65 -0.28 -52.49
CA CYS B 374 75.31 -0.94 -51.24
C CYS B 374 75.89 -2.36 -51.18
N LEU B 375 75.25 -3.24 -50.39
CA LEU B 375 75.78 -4.58 -50.12
C LEU B 375 75.79 -5.47 -51.38
N ASN B 376 74.84 -5.23 -52.28
CA ASN B 376 74.79 -5.96 -53.55
C ASN B 376 75.84 -5.48 -54.58
N ASN B 377 76.61 -4.45 -54.20
CA ASN B 377 77.71 -3.94 -55.02
C ASN B 377 77.27 -3.50 -56.43
N GLU B 378 76.07 -2.93 -56.52
CA GLU B 378 75.57 -2.39 -57.79
C GLU B 378 75.42 -0.88 -57.68
N VAL B 379 75.96 -0.17 -58.67
CA VAL B 379 75.91 1.29 -58.68
C VAL B 379 74.55 1.77 -59.15
N ILE B 380 73.80 2.41 -58.24
CA ILE B 380 72.48 2.96 -58.55
C ILE B 380 72.55 4.50 -58.52
N PRO B 381 72.42 5.14 -59.69
CA PRO B 381 72.47 6.61 -59.74
C PRO B 381 71.30 7.30 -59.04
N GLY B 382 71.57 8.47 -58.47
CA GLY B 382 70.53 9.32 -57.90
C GLY B 382 69.96 8.81 -56.58
N LEU B 383 70.75 7.98 -55.89
CA LEU B 383 70.35 7.43 -54.59
C LEU B 383 71.43 7.70 -53.56
N LYS B 384 71.03 8.14 -52.37
CA LYS B 384 71.97 8.47 -51.31
C LYS B 384 71.58 7.80 -49.98
N SER B 385 71.22 6.52 -50.06
CA SER B 385 70.87 5.74 -48.87
C SER B 385 70.90 4.23 -49.16
N CYS B 386 71.57 3.48 -48.28
CA CYS B 386 71.57 2.02 -48.34
C CYS B 386 70.90 1.44 -47.10
N MET B 387 70.37 0.21 -47.23
CA MET B 387 69.59 -0.42 -46.17
C MET B 387 70.00 -1.88 -45.96
N GLY B 388 69.76 -2.38 -44.75
CA GLY B 388 70.02 -3.78 -44.41
C GLY B 388 71.45 -4.04 -43.98
N LEU B 389 72.04 -3.08 -43.27
CA LEU B 389 73.44 -3.19 -42.84
C LEU B 389 73.55 -3.89 -41.49
N LYS B 390 74.47 -4.85 -41.40
CA LYS B 390 74.88 -5.42 -40.12
C LYS B 390 76.08 -4.65 -39.57
N ILE B 391 76.54 -5.04 -38.38
CA ILE B 391 77.74 -4.46 -37.81
C ILE B 391 78.95 -4.92 -38.62
N GLY B 392 79.71 -3.95 -39.14
CA GLY B 392 80.90 -4.25 -39.94
C GLY B 392 80.70 -4.06 -41.44
N ASP B 393 79.45 -4.07 -41.89
CA ASP B 393 79.13 -3.90 -43.31
C ASP B 393 79.52 -2.50 -43.79
N THR B 394 79.99 -2.43 -45.04
CA THR B 394 80.49 -1.18 -45.61
C THR B 394 79.76 -0.84 -46.91
N VAL B 395 79.41 0.43 -47.07
CA VAL B 395 78.78 0.93 -48.29
C VAL B 395 79.56 2.12 -48.83
N SER B 396 79.36 2.42 -50.11
CA SER B 396 80.17 3.41 -50.80
C SER B 396 79.29 4.37 -51.62
N PHE B 397 79.66 5.65 -51.62
CA PHE B 397 78.97 6.67 -52.41
C PHE B 397 79.95 7.46 -53.26
N SER B 398 79.50 7.86 -54.45
CA SER B 398 80.26 8.77 -55.30
C SER B 398 79.50 10.09 -55.45
N ILE B 399 80.11 11.18 -54.99
CA ILE B 399 79.47 12.49 -55.00
C ILE B 399 80.09 13.40 -56.06
N GLU B 400 79.24 14.12 -56.78
CA GLU B 400 79.70 15.12 -57.74
C GLU B 400 79.18 16.50 -57.33
N ALA B 401 80.11 17.43 -57.11
CA ALA B 401 79.77 18.80 -56.73
C ALA B 401 79.89 19.73 -57.93
N LYS B 402 78.77 20.29 -58.36
CA LYS B 402 78.76 21.24 -59.48
C LYS B 402 78.44 22.64 -59.00
N VAL B 403 79.16 23.63 -59.53
CA VAL B 403 78.93 25.03 -59.18
C VAL B 403 78.31 25.79 -60.35
N ARG B 404 77.42 26.73 -60.03
CA ARG B 404 76.81 27.59 -61.03
C ARG B 404 77.54 28.93 -61.05
N GLY B 405 78.36 29.14 -62.07
CA GLY B 405 79.13 30.38 -62.22
C GLY B 405 80.27 30.47 -61.23
N CYS B 406 80.51 31.69 -60.73
CA CYS B 406 81.59 31.94 -59.78
C CYS B 406 81.10 32.80 -58.61
N PRO B 407 80.97 32.21 -57.41
CA PRO B 407 80.62 32.98 -56.21
C PRO B 407 81.78 33.85 -55.72
N GLN B 408 81.46 35.05 -55.26
CA GLN B 408 82.47 35.99 -54.75
C GLN B 408 82.71 35.82 -53.25
N GLU B 409 81.95 34.91 -52.62
CA GLU B 409 82.17 34.56 -51.22
C GLU B 409 83.47 33.77 -51.04
N LYS B 410 83.86 33.02 -52.07
CA LYS B 410 85.16 32.32 -52.14
C LYS B 410 85.30 31.17 -51.11
N GLU B 411 85.50 31.51 -49.85
CA GLU B 411 85.74 30.50 -48.80
C GLU B 411 84.44 30.12 -48.07
N LYS B 412 83.93 28.92 -48.37
CA LYS B 412 82.80 28.36 -47.64
C LYS B 412 83.09 26.90 -47.28
N SER B 413 82.15 26.27 -46.57
CA SER B 413 82.27 24.85 -46.24
C SER B 413 80.91 24.25 -45.85
N PHE B 414 80.69 22.99 -46.22
CA PHE B 414 79.44 22.30 -45.93
C PHE B 414 79.70 20.88 -45.41
N THR B 415 78.63 20.20 -45.00
CA THR B 415 78.76 18.91 -44.31
C THR B 415 77.89 17.84 -44.96
N ILE B 416 78.42 16.61 -45.01
CA ILE B 416 77.67 15.44 -45.47
C ILE B 416 77.66 14.41 -44.36
N LYS B 417 76.51 14.24 -43.72
CA LYS B 417 76.41 13.47 -42.49
C LYS B 417 75.36 12.36 -42.64
N PRO B 418 75.74 11.10 -42.32
CA PRO B 418 74.72 10.05 -42.24
C PRO B 418 73.79 10.26 -41.03
N VAL B 419 72.50 9.94 -41.21
CA VAL B 419 71.54 10.07 -40.13
C VAL B 419 71.83 9.03 -39.06
N GLY B 420 71.87 9.47 -37.81
CA GLY B 420 72.13 8.56 -36.68
C GLY B 420 73.60 8.45 -36.31
N PHE B 421 74.48 8.74 -37.27
CA PHE B 421 75.93 8.71 -37.05
C PHE B 421 76.39 10.06 -36.48
N LYS B 422 77.45 10.04 -35.69
CA LYS B 422 78.07 11.26 -35.19
C LYS B 422 79.14 11.76 -36.16
N ASP B 423 79.72 10.85 -36.93
CA ASP B 423 80.76 11.19 -37.89
C ASP B 423 80.18 11.93 -39.09
N SER B 424 81.03 12.68 -39.80
CA SER B 424 80.62 13.42 -40.99
C SER B 424 81.81 13.80 -41.85
N LEU B 425 81.55 13.98 -43.15
CA LEU B 425 82.55 14.50 -44.07
C LEU B 425 82.39 16.01 -44.20
N ILE B 426 83.39 16.75 -43.73
CA ILE B 426 83.45 18.19 -43.95
C ILE B 426 84.10 18.45 -45.31
N VAL B 427 83.51 19.35 -46.09
CA VAL B 427 84.07 19.71 -47.40
C VAL B 427 84.27 21.22 -47.45
N GLN B 428 85.54 21.64 -47.48
CA GLN B 428 85.89 23.05 -47.65
C GLN B 428 85.90 23.40 -49.13
N VAL B 429 85.15 24.43 -49.51
CA VAL B 429 85.06 24.83 -50.92
C VAL B 429 85.84 26.13 -51.17
N THR B 430 86.72 26.10 -52.18
CA THR B 430 87.39 27.30 -52.67
C THR B 430 87.04 27.50 -54.15
N PHE B 431 86.87 28.76 -54.55
CA PHE B 431 86.50 29.10 -55.92
C PHE B 431 87.65 29.86 -56.61
N ASP B 432 88.37 29.16 -57.48
CA ASP B 432 89.49 29.74 -58.23
C ASP B 432 88.97 30.39 -59.50
N CYS B 433 88.72 31.70 -59.44
CA CYS B 433 88.17 32.46 -60.57
C CYS B 433 89.18 33.45 -61.14
N ASP B 434 90.42 33.39 -60.65
CA ASP B 434 91.47 34.33 -61.07
C ASP B 434 92.60 33.58 -61.76
N CYS B 435 93.56 34.33 -62.29
CA CYS B 435 94.73 33.77 -62.97
C CYS B 435 96.00 34.09 -62.20
N ALA B 436 97.08 33.37 -62.53
CA ALA B 436 98.36 33.54 -61.84
C ALA B 436 99.01 34.88 -62.17
N CYS B 437 98.70 35.41 -63.36
CA CYS B 437 99.30 36.66 -63.83
C CYS B 437 98.57 37.90 -63.31
N GLN B 438 97.42 37.71 -62.66
CA GLN B 438 96.66 38.83 -62.09
C GLN B 438 97.34 39.44 -60.86
N ALA B 439 98.20 38.65 -60.20
CA ALA B 439 99.00 39.14 -59.07
C ALA B 439 100.02 40.20 -59.53
N GLN B 440 100.60 39.98 -60.71
CA GLN B 440 101.60 40.89 -61.26
C GLN B 440 100.96 41.93 -62.19
N ALA B 441 99.97 42.65 -61.66
CA ALA B 441 99.28 43.70 -62.41
C ALA B 441 99.90 45.06 -62.10
N GLU B 442 100.25 45.80 -63.15
CA GLU B 442 100.83 47.14 -63.00
C GLU B 442 99.81 48.22 -63.43
N PRO B 443 99.14 48.85 -62.45
CA PRO B 443 98.18 49.92 -62.77
C PRO B 443 98.87 51.23 -63.16
N ASN B 444 98.16 52.08 -63.90
CA ASN B 444 98.68 53.37 -64.36
C ASN B 444 100.00 53.24 -65.13
N SER B 445 100.08 52.22 -65.99
CA SER B 445 101.27 52.00 -66.82
C SER B 445 101.23 52.87 -68.08
N HIS B 446 102.35 53.50 -68.41
CA HIS B 446 102.42 54.39 -69.58
C HIS B 446 102.37 53.64 -70.92
N ARG B 447 102.48 52.31 -70.86
CA ARG B 447 102.35 51.46 -72.04
C ARG B 447 100.88 51.41 -72.52
N CYS B 448 99.94 51.62 -71.61
CA CYS B 448 98.51 51.60 -71.93
C CYS B 448 97.87 52.98 -71.81
N ASN B 449 97.81 53.71 -72.92
CA ASN B 449 97.04 54.96 -73.02
C ASN B 449 97.43 56.04 -71.99
N ASN B 450 98.72 56.38 -71.95
CA ASN B 450 99.24 57.47 -71.11
C ASN B 450 98.91 57.31 -69.61
N GLY B 451 98.98 56.07 -69.12
CA GLY B 451 98.79 55.79 -67.69
C GLY B 451 97.33 55.81 -67.24
N ASN B 452 96.41 55.51 -68.16
CA ASN B 452 94.98 55.45 -67.86
C ASN B 452 94.46 54.02 -67.68
N GLY B 453 95.17 53.05 -68.26
CA GLY B 453 94.74 51.64 -68.22
C GLY B 453 95.75 50.74 -67.55
N THR B 454 95.24 49.71 -66.85
CA THR B 454 96.09 48.73 -66.18
C THR B 454 96.59 47.68 -67.16
N PHE B 455 97.77 47.10 -66.88
CA PHE B 455 98.35 46.05 -67.70
C PHE B 455 98.43 44.74 -66.91
N GLU B 456 97.82 43.69 -67.44
CA GLU B 456 97.88 42.35 -66.83
C GLU B 456 97.80 41.26 -67.90
N CYS B 457 98.70 40.27 -67.81
CA CYS B 457 98.68 39.09 -68.68
C CYS B 457 98.81 39.42 -70.17
N GLY B 458 99.49 40.53 -70.48
CA GLY B 458 99.74 40.92 -71.87
C GLY B 458 98.55 41.58 -72.55
N VAL B 459 97.78 42.38 -71.79
CA VAL B 459 96.62 43.09 -72.33
C VAL B 459 96.40 44.41 -71.58
N CYS B 460 96.01 45.45 -72.32
CA CYS B 460 95.70 46.76 -71.71
C CYS B 460 94.23 46.85 -71.32
N ARG B 461 93.92 47.83 -70.48
CA ARG B 461 92.55 48.08 -70.01
C ARG B 461 92.22 49.56 -70.09
N ASN C 2 -7.98 -25.42 41.08
CA ASN C 2 -8.32 -25.94 39.73
C ASN C 2 -7.42 -25.37 38.60
N LEU C 3 -6.56 -24.40 38.95
CA LEU C 3 -5.39 -24.07 38.14
C LEU C 3 -4.15 -24.50 38.93
N ASP C 4 -3.33 -25.38 38.34
CA ASP C 4 -2.19 -25.95 39.07
C ASP C 4 -1.07 -24.92 39.24
N PRO C 5 -0.79 -24.51 40.49
CA PRO C 5 0.25 -23.51 40.75
C PRO C 5 1.62 -24.12 41.01
N VAL C 6 1.73 -25.45 40.98
CA VAL C 6 3.01 -26.14 41.19
C VAL C 6 3.62 -26.58 39.86
N GLN C 7 2.78 -27.18 39.00
CA GLN C 7 3.21 -27.60 37.66
C GLN C 7 3.13 -26.42 36.68
N LEU C 8 4.19 -25.63 36.63
CA LEU C 8 4.26 -24.48 35.74
C LEU C 8 5.24 -24.76 34.60
N THR C 9 4.90 -24.29 33.40
CA THR C 9 5.83 -24.26 32.28
C THR C 9 6.35 -22.84 32.09
N PHE C 10 7.67 -22.70 31.99
CA PHE C 10 8.31 -21.40 31.77
C PHE C 10 8.89 -21.30 30.37
N TYR C 11 8.48 -20.27 29.64
CA TYR C 11 9.14 -19.89 28.39
C TYR C 11 9.98 -18.64 28.63
N ALA C 12 11.12 -18.54 27.93
CA ALA C 12 12.08 -17.46 28.18
C ALA C 12 12.59 -16.84 26.87
N GLY C 13 12.78 -15.52 26.90
CA GLY C 13 13.42 -14.81 25.80
C GLY C 13 14.71 -14.14 26.25
N PRO C 14 15.40 -13.43 25.34
CA PRO C 14 16.70 -12.81 25.64
C PRO C 14 16.63 -11.78 26.77
N ASN C 15 17.77 -11.53 27.41
CA ASN C 15 17.86 -10.50 28.45
C ASN C 15 17.54 -9.13 27.88
N GLY C 16 16.68 -8.39 28.58
CA GLY C 16 16.34 -7.02 28.21
C GLY C 16 15.46 -6.91 26.97
N SER C 17 14.81 -8.01 26.59
CA SER C 17 13.95 -8.02 25.41
C SER C 17 12.49 -7.69 25.75
N GLN C 18 12.18 -7.67 27.05
CA GLN C 18 10.79 -7.55 27.53
C GLN C 18 9.90 -8.66 26.95
N PHE C 19 10.48 -9.83 26.74
CA PHE C 19 9.74 -11.02 26.32
C PHE C 19 8.54 -11.22 27.26
N GLY C 20 7.34 -11.20 26.69
CA GLY C 20 6.11 -11.40 27.47
C GLY C 20 5.34 -10.11 27.75
N PHE C 21 5.78 -9.01 27.14
CA PHE C 21 5.06 -7.75 27.22
C PHE C 21 3.64 -7.91 26.68
N SER C 22 3.51 -8.72 25.64
CA SER C 22 2.19 -9.11 25.11
C SER C 22 2.20 -10.57 24.71
N LEU C 23 1.02 -11.18 24.65
CA LEU C 23 0.90 -12.57 24.24
C LEU C 23 -0.52 -12.94 23.80
N ASP C 24 -0.61 -14.02 23.02
CA ASP C 24 -1.90 -14.60 22.64
C ASP C 24 -1.75 -16.07 22.27
N PHE C 25 -2.86 -16.80 22.27
CA PHE C 25 -2.90 -18.16 21.75
C PHE C 25 -3.06 -18.14 20.23
N HIS C 26 -2.37 -19.05 19.55
CA HIS C 26 -2.42 -19.14 18.09
C HIS C 26 -2.69 -20.57 17.65
N LYS C 27 -3.72 -20.75 16.83
CA LYS C 27 -4.05 -22.05 16.24
C LYS C 27 -3.64 -22.09 14.77
N ASP C 28 -2.76 -23.02 14.41
CA ASP C 28 -2.45 -23.27 12.99
C ASP C 28 -3.62 -24.02 12.32
N SER C 29 -3.50 -24.23 11.01
CA SER C 29 -4.54 -24.94 10.24
C SER C 29 -4.78 -26.36 10.76
N HIS C 30 -3.73 -27.02 11.22
CA HIS C 30 -3.83 -28.38 11.78
C HIS C 30 -4.65 -28.41 13.09
N GLY C 31 -4.79 -27.25 13.75
CA GLY C 31 -5.61 -27.14 14.96
C GLY C 31 -4.78 -27.09 16.24
N ARG C 32 -3.47 -27.30 16.12
CA ARG C 32 -2.58 -27.32 17.28
C ARG C 32 -2.30 -25.90 17.78
N VAL C 33 -2.31 -25.74 19.10
CA VAL C 33 -2.20 -24.42 19.73
C VAL C 33 -0.75 -24.10 20.07
N ALA C 34 -0.38 -22.84 19.86
CA ALA C 34 0.94 -22.34 20.25
C ALA C 34 0.78 -20.99 20.97
N ILE C 35 1.88 -20.42 21.42
CA ILE C 35 1.85 -19.15 22.14
C ILE C 35 2.70 -18.12 21.41
N VAL C 36 2.05 -17.11 20.83
CA VAL C 36 2.77 -15.97 20.25
C VAL C 36 3.12 -14.99 21.36
N VAL C 37 4.39 -14.60 21.43
CA VAL C 37 4.89 -13.74 22.50
C VAL C 37 5.61 -12.53 21.89
N GLY C 38 5.21 -11.34 22.32
CA GLY C 38 5.86 -10.10 21.88
C GLY C 38 7.01 -9.73 22.79
N ALA C 39 8.12 -9.31 22.17
CA ALA C 39 9.32 -8.88 22.91
C ALA C 39 9.81 -7.54 22.37
N PRO C 40 9.18 -6.44 22.83
CA PRO C 40 9.32 -5.13 22.19
C PRO C 40 10.67 -4.44 22.27
N ARG C 41 11.64 -5.03 22.96
CA ARG C 41 12.97 -4.43 23.00
C ARG C 41 14.07 -5.41 22.61
N THR C 42 13.69 -6.46 21.87
CA THR C 42 14.66 -7.37 21.29
C THR C 42 15.60 -6.61 20.36
N LEU C 43 16.89 -6.98 20.38
CA LEU C 43 17.89 -6.31 19.56
C LEU C 43 17.92 -6.89 18.16
N GLY C 44 18.14 -6.03 17.17
CA GLY C 44 18.43 -6.47 15.81
C GLY C 44 19.94 -6.56 15.59
N PRO C 45 20.37 -7.17 14.48
CA PRO C 45 21.78 -7.11 14.10
C PRO C 45 22.21 -5.68 13.74
N SER C 46 23.12 -5.12 14.54
CA SER C 46 23.38 -3.66 14.61
C SER C 46 23.23 -3.19 16.06
N GLN C 47 22.55 -4.00 16.88
CA GLN C 47 22.44 -3.78 18.32
C GLN C 47 21.58 -2.56 18.68
N GLU C 48 20.62 -2.23 17.81
CA GLU C 48 19.58 -1.25 18.14
C GLU C 48 18.30 -2.01 18.51
N GLU C 49 17.53 -1.45 19.42
CA GLU C 49 16.28 -2.08 19.86
C GLU C 49 15.17 -1.86 18.84
N THR C 50 14.81 -2.92 18.12
CA THR C 50 13.73 -2.87 17.15
C THR C 50 12.50 -3.65 17.62
N GLY C 51 12.71 -4.64 18.47
CA GLY C 51 11.63 -5.50 18.94
C GLY C 51 11.58 -6.81 18.18
N GLY C 52 10.70 -7.70 18.60
CA GLY C 52 10.57 -8.99 17.95
C GLY C 52 9.39 -9.78 18.47
N VAL C 53 9.02 -10.81 17.72
CA VAL C 53 7.95 -11.72 18.11
C VAL C 53 8.49 -13.15 18.13
N PHE C 54 7.97 -13.95 19.06
CA PHE C 54 8.36 -15.35 19.17
C PHE C 54 7.14 -16.23 19.06
N LEU C 55 7.29 -17.41 18.45
CA LEU C 55 6.19 -18.35 18.32
C LEU C 55 6.54 -19.65 19.04
N CYS C 56 6.06 -19.76 20.27
CA CYS C 56 6.37 -20.90 21.13
C CYS C 56 5.36 -22.03 20.92
N PRO C 57 5.86 -23.24 20.56
CA PRO C 57 4.99 -24.41 20.53
C PRO C 57 4.81 -24.99 21.93
N TRP C 58 3.70 -25.69 22.15
CA TRP C 58 3.37 -26.21 23.47
C TRP C 58 4.31 -27.33 23.89
N ARG C 59 5.03 -27.10 24.98
CA ARG C 59 5.86 -28.13 25.62
C ARG C 59 5.73 -28.00 27.13
N ALA C 60 5.59 -29.12 27.82
CA ALA C 60 5.50 -29.11 29.27
C ALA C 60 6.75 -28.49 29.90
N GLU C 61 7.91 -28.79 29.33
CA GLU C 61 9.18 -28.28 29.86
C GLU C 61 9.42 -26.81 29.50
N GLY C 62 8.87 -26.37 28.37
CA GLY C 62 9.06 -24.99 27.90
C GLY C 62 10.50 -24.70 27.53
N GLY C 63 10.86 -23.42 27.49
CA GLY C 63 12.24 -23.01 27.22
C GLY C 63 12.32 -21.91 26.17
N GLN C 64 13.32 -22.03 25.29
CA GLN C 64 13.56 -21.04 24.22
C GLN C 64 12.59 -21.27 23.06
N CYS C 65 12.22 -20.19 22.38
CA CYS C 65 11.27 -20.28 21.27
C CYS C 65 11.91 -19.79 19.96
N PRO C 66 11.34 -20.23 18.81
CA PRO C 66 11.78 -19.71 17.52
C PRO C 66 11.36 -18.26 17.30
N SER C 67 12.20 -17.51 16.60
CA SER C 67 11.90 -16.14 16.25
C SER C 67 10.96 -16.12 15.04
N LEU C 68 9.89 -15.32 15.14
CA LEU C 68 8.99 -15.08 14.00
C LEU C 68 9.47 -13.85 13.24
N LEU C 69 10.09 -14.07 12.07
CA LEU C 69 10.92 -13.04 11.43
C LEU C 69 10.11 -11.92 10.78
N PHE C 70 10.55 -10.68 11.01
CA PHE C 70 10.00 -9.51 10.32
C PHE C 70 11.12 -8.61 9.82
N ASP C 71 10.77 -7.60 9.03
CA ASP C 71 11.76 -6.67 8.49
C ASP C 71 12.10 -5.59 9.52
N LEU C 72 13.38 -5.52 9.87
CA LEU C 72 13.85 -4.62 10.92
C LEU C 72 14.72 -3.49 10.37
N ARG C 73 14.76 -3.36 9.04
CA ARG C 73 15.58 -2.32 8.39
C ARG C 73 14.73 -1.12 8.00
N ASP C 74 15.32 0.06 8.07
CA ASP C 74 14.64 1.30 7.69
C ASP C 74 14.45 1.34 6.18
N GLU C 75 13.33 1.89 5.74
CA GLU C 75 12.98 1.94 4.32
C GLU C 75 13.01 3.40 3.85
N THR C 76 13.46 3.60 2.61
CA THR C 76 13.39 4.89 1.95
C THR C 76 13.01 4.71 0.49
N ARG C 77 11.95 5.40 0.05
CA ARG C 77 11.55 5.40 -1.35
C ARG C 77 11.27 6.81 -1.82
N ASN C 78 11.67 7.12 -3.05
CA ASN C 78 11.28 8.36 -3.69
C ASN C 78 10.06 8.14 -4.56
N VAL C 79 9.01 8.92 -4.31
CA VAL C 79 7.79 8.84 -5.10
C VAL C 79 7.37 10.25 -5.51
N GLY C 80 7.78 10.64 -6.72
CA GLY C 80 7.36 11.90 -7.32
C GLY C 80 7.67 13.13 -6.49
N SER C 81 8.96 13.46 -6.39
CA SER C 81 9.41 14.69 -5.69
C SER C 81 9.44 14.58 -4.16
N GLN C 82 8.80 13.55 -3.61
CA GLN C 82 8.83 13.30 -2.16
C GLN C 82 9.77 12.13 -1.82
N THR C 83 10.28 12.14 -0.59
CA THR C 83 11.06 11.02 -0.07
C THR C 83 10.35 10.44 1.15
N LEU C 84 9.84 9.21 1.01
CA LEU C 84 9.13 8.55 2.10
C LEU C 84 10.14 7.78 2.95
N GLN C 85 10.01 7.89 4.27
CA GLN C 85 10.99 7.31 5.19
C GLN C 85 10.31 6.63 6.38
N THR C 86 10.77 5.42 6.72
CA THR C 86 10.37 4.75 7.95
C THR C 86 11.58 4.54 8.83
N PHE C 87 11.39 4.67 10.15
CA PHE C 87 12.47 4.51 11.13
C PHE C 87 12.04 3.52 12.18
N LYS C 88 12.80 2.44 12.33
CA LYS C 88 12.40 1.32 13.18
C LYS C 88 13.19 1.27 14.50
N ALA C 89 14.01 2.29 14.75
CA ALA C 89 14.69 2.43 16.05
C ALA C 89 13.68 2.60 17.18
N ARG C 90 13.73 1.70 18.17
CA ARG C 90 12.88 1.76 19.36
C ARG C 90 11.39 1.63 19.02
N GLN C 91 11.08 1.00 17.90
CA GLN C 91 9.70 0.96 17.40
C GLN C 91 8.76 0.12 18.25
N GLY C 92 9.33 -0.83 18.99
CA GLY C 92 8.56 -1.68 19.89
C GLY C 92 7.75 -2.74 19.19
N LEU C 93 8.36 -3.40 18.20
CA LEU C 93 7.71 -4.52 17.53
C LEU C 93 7.37 -5.59 18.57
N GLY C 94 6.09 -5.95 18.63
CA GLY C 94 5.62 -6.90 19.64
C GLY C 94 5.11 -6.22 20.90
N ALA C 95 4.91 -4.91 20.84
CA ALA C 95 4.28 -4.19 21.94
C ALA C 95 2.83 -4.63 22.09
N SER C 96 2.26 -5.13 21.00
CA SER C 96 1.00 -5.86 21.06
C SER C 96 0.99 -6.98 20.01
N VAL C 97 0.30 -8.07 20.34
CA VAL C 97 0.14 -9.19 19.42
C VAL C 97 -1.27 -9.78 19.52
N VAL C 98 -1.74 -10.33 18.41
CA VAL C 98 -3.04 -10.98 18.39
C VAL C 98 -3.08 -11.98 17.24
N SER C 99 -3.66 -13.13 17.51
CA SER C 99 -3.82 -14.16 16.49
C SER C 99 -5.27 -14.24 16.10
N TRP C 100 -5.51 -14.35 14.80
CA TRP C 100 -6.83 -14.65 14.28
C TRP C 100 -6.70 -15.64 13.15
N SER C 101 -7.51 -16.70 13.18
CA SER C 101 -7.40 -17.78 12.20
C SER C 101 -5.94 -18.26 12.12
N ASP C 102 -5.38 -18.28 10.91
CA ASP C 102 -3.98 -18.68 10.72
C ASP C 102 -3.06 -17.47 10.52
N VAL C 103 -3.44 -16.33 11.11
CA VAL C 103 -2.70 -15.08 10.94
C VAL C 103 -2.27 -14.51 12.29
N ILE C 104 -1.01 -14.08 12.38
CA ILE C 104 -0.49 -13.41 13.57
C ILE C 104 -0.25 -11.94 13.24
N VAL C 105 -0.82 -11.05 14.05
CA VAL C 105 -0.64 -9.61 13.89
C VAL C 105 0.22 -9.07 15.03
N ALA C 106 1.38 -8.51 14.68
CA ALA C 106 2.29 -7.91 15.68
C ALA C 106 2.56 -6.46 15.30
N CYS C 107 2.49 -5.58 16.29
CA CYS C 107 2.53 -4.13 16.03
C CYS C 107 3.74 -3.42 16.66
N ALA C 108 4.18 -2.35 16.01
CA ALA C 108 5.26 -1.51 16.51
C ALA C 108 4.74 -0.07 16.66
N PRO C 109 4.15 0.25 17.82
CA PRO C 109 3.44 1.52 18.00
C PRO C 109 4.32 2.76 17.87
N TRP C 110 5.62 2.62 18.07
CA TRP C 110 6.52 3.78 18.13
C TRP C 110 7.43 3.86 16.90
N GLN C 111 7.11 3.08 15.87
CA GLN C 111 7.77 3.23 14.58
C GLN C 111 7.55 4.65 14.05
N HIS C 112 8.64 5.31 13.67
CA HIS C 112 8.57 6.69 13.20
C HIS C 112 8.52 6.77 11.68
N TRP C 113 8.02 7.90 11.19
CA TRP C 113 7.72 8.10 9.79
C TRP C 113 7.94 9.56 9.42
N ASN C 114 8.46 9.81 8.23
CA ASN C 114 8.67 11.17 7.74
C ASN C 114 8.57 11.22 6.23
N VAL C 115 8.22 12.40 5.71
CA VAL C 115 8.21 12.64 4.26
C VAL C 115 8.94 13.95 3.98
N LEU C 116 9.93 13.89 3.08
CA LEU C 116 10.70 15.08 2.70
C LEU C 116 10.30 15.58 1.32
N GLU C 117 10.20 16.89 1.16
CA GLU C 117 9.93 17.51 -0.13
C GLU C 117 10.66 18.85 -0.23
N LYS C 118 11.75 18.87 -0.99
CA LYS C 118 12.67 20.01 -1.04
C LYS C 118 13.17 20.37 0.36
N THR C 119 12.91 21.60 0.80
CA THR C 119 13.38 22.07 2.11
C THR C 119 12.39 21.74 3.23
N GLU C 120 11.19 21.28 2.85
CA GLU C 120 10.12 21.03 3.81
C GLU C 120 10.04 19.55 4.22
N GLU C 121 9.24 19.27 5.25
CA GLU C 121 9.00 17.90 5.68
C GLU C 121 7.61 17.75 6.32
N ALA C 122 7.21 16.52 6.60
CA ALA C 122 5.97 16.25 7.33
C ALA C 122 6.20 16.24 8.83
N GLU C 123 7.49 16.20 9.23
CA GLU C 123 7.90 15.99 10.62
C GLU C 123 8.01 14.49 10.94
N LYS C 124 9.12 14.12 11.55
CA LYS C 124 9.40 12.73 11.92
C LYS C 124 8.64 12.37 13.20
N THR C 125 7.58 11.58 13.05
CA THR C 125 6.61 11.36 14.11
C THR C 125 6.20 9.88 14.19
N PRO C 126 5.78 9.42 15.38
CA PRO C 126 5.50 7.99 15.59
C PRO C 126 4.11 7.55 15.14
N VAL C 127 3.96 7.31 13.84
CA VAL C 127 2.68 6.89 13.27
C VAL C 127 2.35 5.44 13.63
N GLY C 128 3.37 4.65 13.93
CA GLY C 128 3.19 3.25 14.27
C GLY C 128 2.95 2.40 13.04
N SER C 129 2.97 1.08 13.22
CA SER C 129 2.71 0.13 12.13
C SER C 129 2.44 -1.26 12.69
N CYS C 130 1.61 -2.04 11.99
CA CYS C 130 1.41 -3.45 12.34
C CYS C 130 1.89 -4.36 11.23
N PHE C 131 2.51 -5.47 11.62
CA PHE C 131 3.01 -6.46 10.68
C PHE C 131 2.14 -7.71 10.80
N LEU C 132 1.80 -8.30 9.66
CA LEU C 132 0.95 -9.48 9.63
C LEU C 132 1.71 -10.64 9.02
N ALA C 133 1.57 -11.82 9.62
CA ALA C 133 2.27 -13.01 9.14
C ALA C 133 1.32 -14.20 9.05
N GLN C 134 1.51 -15.00 8.01
CA GLN C 134 0.86 -16.28 7.88
C GLN C 134 1.98 -17.34 8.00
N PRO C 135 2.30 -17.75 9.24
CA PRO C 135 3.52 -18.51 9.54
C PRO C 135 3.76 -19.73 8.66
N GLU C 136 2.71 -20.47 8.37
CA GLU C 136 2.82 -21.68 7.57
C GLU C 136 3.24 -21.39 6.13
N SER C 137 2.52 -20.47 5.48
CA SER C 137 2.79 -20.15 4.07
C SER C 137 3.99 -19.22 3.89
N GLY C 138 4.35 -18.50 4.95
CA GLY C 138 5.43 -17.52 4.88
C GLY C 138 4.99 -16.13 4.47
N ARG C 139 3.75 -16.01 4.00
CA ARG C 139 3.20 -14.72 3.54
C ARG C 139 3.32 -13.63 4.61
N ARG C 140 3.57 -12.41 4.15
CA ARG C 140 3.71 -11.25 5.03
C ARG C 140 2.91 -10.07 4.47
N ALA C 141 2.44 -9.21 5.37
CA ALA C 141 1.81 -7.95 4.98
C ALA C 141 2.00 -6.89 6.06
N GLU C 142 1.68 -5.65 5.73
CA GLU C 142 1.76 -4.54 6.68
C GLU C 142 0.49 -3.72 6.66
N TYR C 143 0.32 -2.92 7.70
CA TYR C 143 -0.80 -1.99 7.78
C TYR C 143 -0.38 -0.79 8.64
N SER C 144 -0.27 0.37 8.02
CA SER C 144 0.08 1.59 8.70
C SER C 144 -0.85 2.71 8.26
N PRO C 145 -2.09 2.70 8.77
CA PRO C 145 -3.15 3.59 8.28
C PRO C 145 -2.92 5.07 8.55
N CYS C 146 -2.02 5.40 9.46
CA CYS C 146 -1.80 6.79 9.87
C CYS C 146 -0.68 7.49 9.13
N ARG C 147 -0.02 6.78 8.21
CA ARG C 147 1.01 7.39 7.37
C ARG C 147 0.38 8.41 6.44
N GLY C 148 1.07 9.54 6.26
CA GLY C 148 0.58 10.61 5.40
C GLY C 148 1.69 11.27 4.62
N ASN C 149 1.32 12.14 3.69
CA ASN C 149 2.30 12.92 2.97
C ASN C 149 1.92 14.39 2.87
N THR C 150 1.23 14.88 3.90
CA THR C 150 0.95 16.30 4.04
C THR C 150 2.13 16.96 4.74
N LEU C 151 2.56 18.10 4.22
CA LEU C 151 3.73 18.79 4.75
C LEU C 151 3.36 19.59 6.00
N SER C 152 4.36 19.81 6.85
CA SER C 152 4.19 20.48 8.13
C SER C 152 3.38 21.78 8.05
N ARG C 153 3.73 22.62 7.08
CA ARG C 153 3.09 23.92 6.90
C ARG C 153 1.56 23.83 6.83
N ILE C 154 1.05 22.79 6.18
CA ILE C 154 -0.39 22.65 5.93
C ILE C 154 -1.16 22.43 7.23
N TYR C 155 -0.62 21.60 8.11
CA TYR C 155 -1.25 21.36 9.41
C TYR C 155 -1.36 22.64 10.24
N VAL C 156 -0.37 23.52 10.11
CA VAL C 156 -0.37 24.77 10.88
C VAL C 156 -1.50 25.70 10.41
N GLU C 157 -1.73 25.76 9.10
CA GLU C 157 -2.83 26.56 8.55
C GLU C 157 -4.19 25.89 8.80
N ASN C 158 -4.20 24.56 8.90
CA ASN C 158 -5.42 23.79 9.23
C ASN C 158 -5.87 23.94 10.68
N ASP C 159 -5.01 24.49 11.54
CA ASP C 159 -5.14 24.33 12.99
C ASP C 159 -5.14 22.84 13.34
N PHE C 160 -4.19 22.12 12.76
CA PHE C 160 -3.95 20.72 13.09
C PHE C 160 -5.19 19.85 12.97
N SER C 161 -5.83 19.93 11.80
CA SER C 161 -6.95 19.07 11.46
C SER C 161 -6.46 17.78 10.83
N TRP C 162 -7.15 16.67 11.12
CA TRP C 162 -6.83 15.36 10.54
C TRP C 162 -5.35 15.02 10.71
N ASP C 163 -4.82 15.35 11.89
CA ASP C 163 -3.41 15.17 12.16
C ASP C 163 -3.20 13.80 12.77
N LYS C 164 -2.80 12.85 11.92
CA LYS C 164 -2.63 11.47 12.34
C LYS C 164 -1.14 11.13 12.49
N ARG C 165 -0.31 12.16 12.66
CA ARG C 165 1.13 11.98 12.67
C ARG C 165 1.68 11.29 13.93
N TYR C 166 0.90 11.29 15.01
CA TYR C 166 1.34 10.74 16.29
C TYR C 166 0.45 9.58 16.75
N CYS C 167 -0.27 8.97 15.81
CA CYS C 167 -1.22 7.89 16.10
C CYS C 167 -0.69 6.88 17.11
N GLU C 168 0.48 6.32 16.80
CA GLU C 168 0.96 5.10 17.44
C GLU C 168 -0.03 3.96 17.22
N ALA C 169 -0.31 3.68 15.95
CA ALA C 169 -1.25 2.62 15.55
C ALA C 169 -0.73 1.26 16.02
N GLY C 170 -1.61 0.48 16.62
CA GLY C 170 -1.22 -0.82 17.16
C GLY C 170 -0.83 -0.78 18.61
N PHE C 171 -0.98 0.39 19.25
CA PHE C 171 -0.82 0.51 20.69
C PHE C 171 -1.65 -0.59 21.37
N SER C 172 -2.89 -0.73 20.92
CA SER C 172 -3.74 -1.86 21.26
C SER C 172 -4.29 -2.45 19.97
N SER C 173 -4.73 -3.70 20.04
CA SER C 173 -5.20 -4.39 18.86
C SER C 173 -6.18 -5.50 19.23
N VAL C 174 -7.22 -5.64 18.42
CA VAL C 174 -8.19 -6.71 18.56
C VAL C 174 -8.74 -7.07 17.18
N VAL C 175 -8.96 -8.37 16.95
CA VAL C 175 -9.53 -8.84 15.70
C VAL C 175 -10.93 -9.37 15.96
N THR C 176 -11.90 -8.94 15.16
CA THR C 176 -13.27 -9.41 15.27
C THR C 176 -13.36 -10.84 14.75
N GLN C 177 -14.47 -11.51 15.06
CA GLN C 177 -14.65 -12.89 14.64
C GLN C 177 -14.68 -13.03 13.11
N ALA C 178 -15.21 -12.00 12.44
CA ALA C 178 -15.30 -12.00 10.97
C ALA C 178 -13.95 -11.71 10.29
N GLY C 179 -12.95 -11.29 11.07
CA GLY C 179 -11.61 -11.04 10.54
C GLY C 179 -11.31 -9.58 10.24
N GLU C 180 -12.01 -8.67 10.91
CA GLU C 180 -11.66 -7.25 10.85
C GLU C 180 -10.62 -6.91 11.92
N LEU C 181 -9.46 -6.42 11.47
CA LEU C 181 -8.44 -5.92 12.39
C LEU C 181 -8.85 -4.55 12.89
N VAL C 182 -8.81 -4.35 14.21
CA VAL C 182 -9.14 -3.06 14.81
C VAL C 182 -7.95 -2.56 15.64
N LEU C 183 -7.37 -1.44 15.23
CA LEU C 183 -6.20 -0.88 15.91
C LEU C 183 -6.56 0.33 16.76
N GLY C 184 -5.99 0.41 17.95
CA GLY C 184 -6.07 1.60 18.77
C GLY C 184 -4.88 2.50 18.56
N ALA C 185 -5.13 3.77 18.26
CA ALA C 185 -4.09 4.77 18.07
C ALA C 185 -4.30 5.94 19.03
N PRO C 186 -3.77 5.84 20.27
CA PRO C 186 -4.04 6.82 21.33
C PRO C 186 -3.58 8.24 20.99
N GLY C 187 -2.59 8.37 20.12
CA GLY C 187 -2.04 9.68 19.77
C GLY C 187 -2.71 10.31 18.58
N GLY C 188 -3.76 9.67 18.06
CA GLY C 188 -4.45 10.17 16.87
C GLY C 188 -5.08 11.53 17.09
N TYR C 189 -5.17 12.31 16.01
CA TYR C 189 -5.75 13.65 16.03
C TYR C 189 -5.17 14.49 17.16
N TYR C 190 -3.85 14.59 17.18
CA TYR C 190 -3.15 15.37 18.19
C TYR C 190 -3.51 14.91 19.61
N PHE C 191 -3.44 13.60 19.83
CA PHE C 191 -3.53 12.99 21.17
C PHE C 191 -4.95 12.88 21.75
N LEU C 192 -5.96 13.07 20.91
CA LEU C 192 -7.33 12.69 21.27
C LEU C 192 -7.42 11.18 21.27
N GLY C 193 -6.92 10.56 20.19
CA GLY C 193 -7.02 9.11 20.01
C GLY C 193 -7.98 8.75 18.89
N LEU C 194 -7.64 7.69 18.14
CA LEU C 194 -8.52 7.18 17.10
C LEU C 194 -8.43 5.66 16.97
N LEU C 195 -9.40 5.09 16.27
CA LEU C 195 -9.39 3.68 15.91
C LEU C 195 -9.32 3.56 14.40
N ALA C 196 -8.57 2.57 13.91
CA ALA C 196 -8.57 2.24 12.50
C ALA C 196 -9.01 0.79 12.34
N GLN C 197 -9.92 0.54 11.40
CA GLN C 197 -10.41 -0.80 11.14
C GLN C 197 -10.23 -1.16 9.67
N ALA C 198 -9.75 -2.37 9.42
CA ALA C 198 -9.67 -2.90 8.06
C ALA C 198 -9.75 -4.42 8.10
N PRO C 199 -10.38 -5.04 7.09
CA PRO C 199 -10.39 -6.50 7.03
C PRO C 199 -9.01 -7.08 6.76
N VAL C 200 -8.66 -8.13 7.49
CA VAL C 200 -7.36 -8.77 7.38
C VAL C 200 -7.10 -9.23 5.94
N ALA C 201 -8.11 -9.83 5.32
CA ALA C 201 -8.04 -10.22 3.91
C ALA C 201 -7.60 -9.06 3.03
N ASP C 202 -8.22 -7.89 3.24
CA ASP C 202 -8.01 -6.73 2.38
C ASP C 202 -6.64 -6.08 2.63
N ILE C 203 -6.20 -6.12 3.88
CA ILE C 203 -4.84 -5.67 4.22
C ILE C 203 -3.79 -6.49 3.46
N PHE C 204 -4.00 -7.81 3.41
CA PHE C 204 -3.07 -8.71 2.69
C PHE C 204 -3.08 -8.48 1.18
N SER C 205 -4.27 -8.34 0.60
CA SER C 205 -4.40 -8.24 -0.86
C SER C 205 -3.90 -6.90 -1.39
N SER C 206 -3.95 -5.86 -0.55
CA SER C 206 -3.57 -4.51 -0.99
C SER C 206 -2.09 -4.18 -0.71
N TYR C 207 -1.42 -4.99 0.11
CA TYR C 207 0.00 -4.76 0.41
C TYR C 207 0.88 -5.15 -0.76
N ARG C 208 1.83 -4.28 -1.09
CA ARG C 208 2.84 -4.56 -2.11
C ARG C 208 4.21 -4.16 -1.58
N PRO C 209 5.17 -5.10 -1.60
CA PRO C 209 6.52 -4.80 -1.16
C PRO C 209 7.12 -3.60 -1.87
N GLY C 210 7.58 -2.62 -1.09
CA GLY C 210 8.33 -1.49 -1.62
C GLY C 210 7.54 -0.22 -1.89
N ILE C 211 6.29 -0.16 -1.41
CA ILE C 211 5.41 1.01 -1.68
C ILE C 211 5.45 2.06 -0.56
N LEU C 212 5.30 1.61 0.69
CA LEU C 212 5.39 2.48 1.89
C LEU C 212 4.15 3.32 2.19
N LEU C 213 3.58 3.97 1.18
CA LEU C 213 2.34 4.74 1.37
C LEU C 213 1.24 4.22 0.45
N TRP C 214 0.20 3.66 1.05
CA TRP C 214 -0.93 3.13 0.30
C TRP C 214 -2.19 3.15 1.17
N HIS C 215 -3.34 2.98 0.54
CA HIS C 215 -4.62 3.10 1.23
C HIS C 215 -5.49 1.89 0.96
N VAL C 216 -5.86 1.18 2.03
CA VAL C 216 -6.77 0.06 1.93
C VAL C 216 -8.18 0.58 1.73
N SER C 217 -8.76 0.30 0.55
CA SER C 217 -10.05 0.88 0.14
C SER C 217 -11.15 0.66 1.16
N SER C 218 -11.10 -0.47 1.87
CA SER C 218 -12.17 -0.88 2.77
C SER C 218 -11.99 -0.36 4.19
N GLN C 219 -10.89 0.34 4.45
CA GLN C 219 -10.56 0.75 5.82
C GLN C 219 -11.49 1.85 6.32
N SER C 220 -11.67 1.88 7.63
CA SER C 220 -12.59 2.81 8.27
C SER C 220 -11.95 3.37 9.54
N LEU C 221 -11.70 4.68 9.57
CA LEU C 221 -11.09 5.35 10.72
C LEU C 221 -12.09 6.21 11.47
N SER C 222 -11.94 6.28 12.80
CA SER C 222 -12.78 7.13 13.64
C SER C 222 -12.40 8.60 13.49
N PHE C 223 -13.11 9.49 14.17
CA PHE C 223 -13.16 10.91 13.80
C PHE C 223 -12.55 11.86 14.83
N ASP C 224 -12.21 13.06 14.37
CA ASP C 224 -11.72 14.13 15.22
C ASP C 224 -12.88 14.75 16.01
N SER C 225 -12.54 15.54 17.02
CA SER C 225 -13.54 16.21 17.84
C SER C 225 -12.96 17.53 18.36
N SER C 226 -13.83 18.53 18.48
CA SER C 226 -13.42 19.82 19.04
C SER C 226 -13.91 19.96 20.50
N ASN C 227 -14.43 18.87 21.06
CA ASN C 227 -14.86 18.84 22.46
C ASN C 227 -13.67 18.63 23.42
N PRO C 228 -13.35 19.65 24.24
CA PRO C 228 -12.18 19.57 25.13
C PRO C 228 -12.17 18.36 26.07
N GLU C 229 -13.34 17.78 26.34
CA GLU C 229 -13.42 16.54 27.12
C GLU C 229 -12.53 15.43 26.53
N TYR C 230 -12.40 15.41 25.21
CA TYR C 230 -11.61 14.36 24.53
C TYR C 230 -10.11 14.68 24.43
N PHE C 231 -9.73 15.94 24.64
CA PHE C 231 -8.33 16.35 24.43
C PHE C 231 -7.39 15.57 25.36
N ASP C 232 -6.32 15.02 24.78
CA ASP C 232 -5.31 14.27 25.53
C ASP C 232 -5.92 13.08 26.27
N GLY C 233 -7.02 12.56 25.74
CA GLY C 233 -7.76 11.47 26.39
C GLY C 233 -7.20 10.08 26.10
N TYR C 234 -6.32 9.98 25.11
CA TYR C 234 -5.72 8.69 24.71
C TYR C 234 -6.79 7.62 24.46
N TRP C 235 -7.82 8.03 23.73
CA TRP C 235 -8.88 7.16 23.26
C TRP C 235 -8.30 6.07 22.36
N GLY C 236 -8.32 4.82 22.85
CA GLY C 236 -7.68 3.70 22.14
C GLY C 236 -6.49 3.08 22.87
N TYR C 237 -6.22 3.57 24.09
CA TYR C 237 -5.20 2.98 24.96
C TYR C 237 -5.44 1.49 25.12
N SER C 238 -6.71 1.11 25.19
CA SER C 238 -7.11 -0.30 25.18
C SER C 238 -8.33 -0.47 24.29
N VAL C 239 -8.54 -1.70 23.81
CA VAL C 239 -9.62 -1.96 22.88
C VAL C 239 -10.12 -3.41 22.98
N ALA C 240 -11.41 -3.60 22.76
CA ALA C 240 -12.02 -4.93 22.76
C ALA C 240 -13.34 -4.91 22.01
N VAL C 241 -13.83 -6.08 21.62
CA VAL C 241 -15.07 -6.19 20.87
C VAL C 241 -16.07 -7.08 21.59
N GLY C 242 -17.35 -6.88 21.29
CA GLY C 242 -18.41 -7.68 21.90
C GLY C 242 -19.76 -7.43 21.26
N GLU C 243 -20.80 -7.97 21.89
CA GLU C 243 -22.17 -7.82 21.41
C GLU C 243 -22.99 -7.08 22.45
N PHE C 244 -23.33 -5.82 22.16
CA PHE C 244 -23.93 -4.92 23.16
C PHE C 244 -25.16 -4.16 22.65
N ASP C 245 -25.80 -4.62 21.58
CA ASP C 245 -27.08 -4.05 21.15
C ASP C 245 -28.10 -5.10 20.71
N GLY C 246 -27.94 -6.33 21.20
CA GLY C 246 -28.89 -7.40 20.96
C GLY C 246 -29.17 -7.68 19.49
N ASP C 247 -28.16 -7.47 18.64
CA ASP C 247 -28.26 -7.75 17.21
C ASP C 247 -26.97 -8.42 16.76
N LEU C 248 -27.02 -9.73 16.54
CA LEU C 248 -25.82 -10.52 16.29
C LEU C 248 -25.20 -10.22 14.91
N ASN C 249 -25.96 -9.56 14.05
CA ASN C 249 -25.48 -9.19 12.71
C ASN C 249 -24.48 -8.01 12.74
N THR C 250 -24.50 -7.25 13.83
CA THR C 250 -23.58 -6.12 14.01
C THR C 250 -22.58 -6.39 15.14
N THR C 251 -21.40 -5.79 15.02
CA THR C 251 -20.37 -5.89 16.07
C THR C 251 -20.16 -4.54 16.75
N GLU C 252 -19.84 -4.58 18.04
CA GLU C 252 -19.64 -3.35 18.81
C GLU C 252 -18.21 -3.28 19.33
N TYR C 253 -17.67 -2.06 19.40
CA TYR C 253 -16.32 -1.83 19.89
C TYR C 253 -16.36 -1.26 21.29
N VAL C 254 -15.44 -1.73 22.14
CA VAL C 254 -15.25 -1.16 23.46
C VAL C 254 -13.87 -0.52 23.51
N VAL C 255 -13.83 0.78 23.80
CA VAL C 255 -12.58 1.56 23.73
C VAL C 255 -12.28 2.22 25.06
N GLY C 256 -11.04 2.07 25.52
CA GLY C 256 -10.57 2.73 26.75
C GLY C 256 -9.93 4.07 26.45
N ALA C 257 -10.40 5.11 27.12
CA ALA C 257 -9.79 6.45 27.06
C ALA C 257 -9.43 6.87 28.49
N PRO C 258 -8.29 6.40 29.00
CA PRO C 258 -7.99 6.48 30.43
C PRO C 258 -7.63 7.87 30.98
N THR C 259 -7.44 8.86 30.10
CA THR C 259 -7.19 10.22 30.56
C THR C 259 -8.28 11.18 30.08
N TRP C 260 -9.40 10.61 29.65
CA TRP C 260 -10.53 11.38 29.12
C TRP C 260 -11.04 12.39 30.14
N SER C 261 -11.51 13.53 29.65
CA SER C 261 -12.04 14.61 30.49
C SER C 261 -11.12 14.93 31.66
N TRP C 262 -9.96 15.50 31.36
CA TRP C 262 -9.02 15.95 32.38
C TRP C 262 -8.72 14.84 33.38
N THR C 263 -8.34 13.68 32.85
CA THR C 263 -7.84 12.55 33.64
C THR C 263 -8.90 11.86 34.51
N LEU C 264 -10.17 12.10 34.22
CA LEU C 264 -11.25 11.35 34.87
C LEU C 264 -11.24 9.90 34.39
N GLY C 265 -11.00 9.73 33.09
CA GLY C 265 -11.02 8.41 32.46
C GLY C 265 -12.40 8.06 31.96
N ALA C 266 -12.47 7.25 30.92
CA ALA C 266 -13.75 6.80 30.37
C ALA C 266 -13.56 5.55 29.50
N VAL C 267 -14.62 4.77 29.40
CA VAL C 267 -14.69 3.68 28.43
C VAL C 267 -15.97 3.86 27.63
N GLU C 268 -15.87 3.79 26.31
CA GLU C 268 -17.01 3.99 25.44
C GLU C 268 -17.34 2.70 24.70
N ILE C 269 -18.64 2.49 24.45
CA ILE C 269 -19.09 1.37 23.63
C ILE C 269 -19.70 1.93 22.35
N LEU C 270 -19.16 1.48 21.21
CA LEU C 270 -19.50 2.05 19.90
C LEU C 270 -20.00 0.97 18.94
N ASP C 271 -20.75 1.40 17.93
CA ASP C 271 -21.03 0.55 16.77
C ASP C 271 -19.86 0.64 15.78
N SER C 272 -19.94 -0.11 14.69
CA SER C 272 -18.83 -0.22 13.74
C SER C 272 -18.63 1.03 12.89
N TYR C 273 -19.52 2.01 13.02
CA TYR C 273 -19.32 3.33 12.38
C TYR C 273 -18.92 4.38 13.40
N TYR C 274 -18.43 3.92 14.57
CA TYR C 274 -17.90 4.80 15.62
C TYR C 274 -18.93 5.80 16.20
N GLN C 275 -20.21 5.45 16.11
CA GLN C 275 -21.25 6.19 16.82
C GLN C 275 -21.36 5.62 18.22
N ARG C 276 -21.24 6.48 19.23
CA ARG C 276 -21.17 6.01 20.62
C ARG C 276 -22.55 5.59 21.14
N LEU C 277 -22.61 4.41 21.75
CA LEU C 277 -23.84 3.86 22.28
C LEU C 277 -23.98 4.17 23.76
N HIS C 278 -22.91 3.95 24.51
N HIS C 278 -22.92 3.90 24.52
CA HIS C 278 -22.88 4.32 25.92
CA HIS C 278 -22.86 4.22 25.95
C HIS C 278 -21.48 4.73 26.34
C HIS C 278 -21.47 4.77 26.31
N ARG C 279 -21.41 5.55 27.38
CA ARG C 279 -20.14 6.00 27.94
C ARG C 279 -20.10 5.72 29.43
N LEU C 280 -19.04 5.06 29.88
CA LEU C 280 -18.83 4.78 31.29
C LEU C 280 -17.75 5.70 31.82
N ARG C 281 -18.12 6.55 32.78
CA ARG C 281 -17.22 7.55 33.30
C ARG C 281 -16.37 6.99 34.44
N GLY C 282 -15.17 7.55 34.60
CA GLY C 282 -14.29 7.16 35.69
C GLY C 282 -14.83 7.63 37.03
N GLU C 283 -14.36 6.98 38.08
CA GLU C 283 -14.81 7.27 39.44
C GLU C 283 -13.92 8.34 40.08
N GLN C 284 -12.62 8.28 39.77
CA GLN C 284 -11.63 9.09 40.44
C GLN C 284 -10.52 9.49 39.46
N MET C 285 -10.08 10.75 39.54
CA MET C 285 -9.10 11.28 38.62
C MET C 285 -7.74 10.58 38.76
N ALA C 286 -7.06 10.40 37.63
CA ALA C 286 -5.71 9.81 37.60
C ALA C 286 -5.67 8.32 37.91
N SER C 287 -6.83 7.69 38.06
CA SER C 287 -6.89 6.26 38.38
C SER C 287 -6.63 5.39 37.15
N TYR C 288 -6.71 6.02 35.96
CA TYR C 288 -6.54 5.33 34.68
C TYR C 288 -7.67 4.32 34.39
N PHE C 289 -8.89 4.72 34.73
CA PHE C 289 -10.08 4.00 34.32
C PHE C 289 -10.11 3.86 32.81
N GLY C 290 -10.00 2.62 32.32
CA GLY C 290 -9.93 2.35 30.87
C GLY C 290 -8.56 1.89 30.40
N HIS C 291 -7.65 1.67 31.34
CA HIS C 291 -6.35 1.06 31.04
C HIS C 291 -6.54 -0.32 30.43
N SER C 292 -7.51 -1.07 30.96
CA SER C 292 -7.79 -2.42 30.50
C SER C 292 -9.29 -2.61 30.32
N VAL C 293 -9.68 -3.30 29.26
CA VAL C 293 -11.08 -3.65 29.04
C VAL C 293 -11.18 -5.12 28.61
N ALA C 294 -12.12 -5.83 29.20
CA ALA C 294 -12.38 -7.22 28.83
C ALA C 294 -13.88 -7.42 28.61
N VAL C 295 -14.22 -8.30 27.67
CA VAL C 295 -15.62 -8.61 27.39
C VAL C 295 -15.86 -10.11 27.55
N THR C 296 -16.80 -10.46 28.42
CA THR C 296 -17.20 -11.86 28.61
C THR C 296 -18.54 -11.96 29.33
N ASP C 297 -19.28 -13.03 29.06
CA ASP C 297 -20.54 -13.31 29.75
C ASP C 297 -20.26 -14.06 31.05
N VAL C 298 -20.36 -13.35 32.18
CA VAL C 298 -19.97 -13.89 33.48
C VAL C 298 -21.14 -14.52 34.25
N ASN C 299 -22.37 -14.06 33.96
CA ASN C 299 -23.55 -14.48 34.74
C ASN C 299 -24.42 -15.52 34.01
N GLY C 300 -23.93 -16.06 32.90
CA GLY C 300 -24.56 -17.20 32.25
C GLY C 300 -25.87 -16.93 31.55
N ASP C 301 -26.20 -15.64 31.34
CA ASP C 301 -27.45 -15.27 30.67
C ASP C 301 -27.27 -15.11 29.14
N GLY C 302 -26.06 -15.37 28.65
CA GLY C 302 -25.79 -15.34 27.21
C GLY C 302 -25.52 -13.95 26.65
N ARG C 303 -25.50 -12.94 27.52
CA ARG C 303 -25.23 -11.57 27.09
C ARG C 303 -23.87 -11.11 27.61
N HIS C 304 -23.06 -10.55 26.72
CA HIS C 304 -21.70 -10.14 27.07
C HIS C 304 -21.71 -9.11 28.18
N ASP C 305 -20.75 -9.23 29.10
CA ASP C 305 -20.59 -8.27 30.19
C ASP C 305 -19.24 -7.59 30.08
N LEU C 306 -19.08 -6.48 30.78
CA LEU C 306 -17.93 -5.60 30.60
C LEU C 306 -17.12 -5.47 31.88
N LEU C 307 -15.81 -5.69 31.77
CA LEU C 307 -14.87 -5.45 32.86
C LEU C 307 -13.95 -4.30 32.49
N VAL C 308 -13.79 -3.34 33.40
CA VAL C 308 -12.91 -2.19 33.19
C VAL C 308 -11.91 -2.11 34.32
N GLY C 309 -10.65 -1.86 33.98
CA GLY C 309 -9.56 -1.78 34.97
C GLY C 309 -9.13 -0.35 35.23
N ALA C 310 -8.88 -0.03 36.50
CA ALA C 310 -8.39 1.29 36.91
C ALA C 310 -7.20 1.11 37.87
N PRO C 311 -6.03 0.79 37.33
CA PRO C 311 -4.90 0.28 38.12
C PRO C 311 -4.41 1.22 39.21
N LEU C 312 -4.62 2.52 39.05
CA LEU C 312 -4.06 3.51 39.96
C LEU C 312 -5.13 4.12 40.88
N TYR C 313 -6.26 3.43 41.04
CA TYR C 313 -7.32 3.90 41.93
C TYR C 313 -6.86 3.90 43.39
N MET C 314 -7.12 5.01 44.07
CA MET C 314 -6.74 5.14 45.48
C MET C 314 -7.95 4.90 46.38
N GLU C 315 -7.78 4.01 47.35
CA GLU C 315 -8.86 3.55 48.22
C GLU C 315 -8.92 4.39 49.50
N SER C 316 -10.12 4.59 50.03
CA SER C 316 -10.30 5.32 51.29
C SER C 316 -9.98 4.45 52.49
N ARG C 317 -9.29 5.02 53.48
CA ARG C 317 -8.88 4.28 54.68
C ARG C 317 -8.99 5.16 55.94
N ALA C 318 -8.56 4.62 57.08
CA ALA C 318 -8.63 5.35 58.36
C ALA C 318 -7.86 6.67 58.33
N ASP C 319 -8.36 7.66 59.06
CA ASP C 319 -7.75 8.99 59.16
C ASP C 319 -7.72 9.75 57.82
N ARG C 320 -8.75 9.54 57.00
CA ARG C 320 -8.93 10.28 55.73
C ARG C 320 -7.76 10.10 54.75
N LYS C 321 -7.12 8.92 54.80
CA LYS C 321 -5.94 8.66 53.98
C LYS C 321 -6.29 7.76 52.81
N LEU C 322 -5.74 8.09 51.64
CA LEU C 322 -5.96 7.32 50.43
C LEU C 322 -4.79 6.37 50.20
N ALA C 323 -5.06 5.23 49.57
CA ALA C 323 -4.00 4.25 49.26
C ALA C 323 -4.15 3.69 47.85
N GLU C 324 -3.15 3.91 47.01
CA GLU C 324 -3.17 3.41 45.63
C GLU C 324 -3.08 1.88 45.64
N VAL C 325 -4.17 1.23 45.23
CA VAL C 325 -4.22 -0.23 45.19
C VAL C 325 -4.73 -0.78 43.85
N GLY C 326 -5.58 -0.02 43.18
CA GLY C 326 -6.18 -0.46 41.91
C GLY C 326 -7.60 -0.98 42.11
N ARG C 327 -8.38 -1.01 41.03
CA ARG C 327 -9.78 -1.42 41.11
C ARG C 327 -10.30 -1.91 39.76
N VAL C 328 -11.18 -2.91 39.80
CA VAL C 328 -11.87 -3.38 38.61
C VAL C 328 -13.39 -3.19 38.75
N TYR C 329 -14.03 -2.77 37.67
CA TYR C 329 -15.47 -2.53 37.65
C TYR C 329 -16.14 -3.56 36.76
N LEU C 330 -17.22 -4.17 37.25
CA LEU C 330 -18.01 -5.10 36.44
C LEU C 330 -19.33 -4.45 36.06
N PHE C 331 -19.60 -4.39 34.75
CA PHE C 331 -20.88 -3.90 34.24
C PHE C 331 -21.64 -5.03 33.56
N LEU C 332 -22.75 -5.45 34.16
CA LEU C 332 -23.59 -6.52 33.60
C LEU C 332 -24.54 -5.95 32.56
N GLN C 333 -24.74 -6.67 31.47
CA GLN C 333 -25.67 -6.25 30.43
C GLN C 333 -27.05 -6.83 30.71
N PRO C 334 -28.08 -5.96 30.79
CA PRO C 334 -29.46 -6.41 30.98
C PRO C 334 -30.09 -6.91 29.68
N ARG C 335 -31.36 -7.27 29.75
CA ARG C 335 -32.09 -7.76 28.59
C ARG C 335 -32.94 -6.67 27.95
N GLY C 336 -33.30 -6.87 26.68
CA GLY C 336 -34.02 -5.86 25.90
C GLY C 336 -33.06 -4.86 25.29
N PRO C 337 -33.59 -3.70 24.85
CA PRO C 337 -32.76 -2.63 24.28
C PRO C 337 -32.23 -1.65 25.33
N HIS C 338 -32.11 -2.10 26.57
CA HIS C 338 -31.73 -1.23 27.69
C HIS C 338 -30.21 -1.00 27.71
N ALA C 339 -29.80 0.18 28.19
CA ALA C 339 -28.39 0.55 28.27
C ALA C 339 -27.77 0.01 29.56
N LEU C 340 -26.44 0.10 29.64
CA LEU C 340 -25.73 -0.29 30.86
C LEU C 340 -25.88 0.78 31.94
N GLY C 341 -25.90 0.35 33.19
CA GLY C 341 -26.09 1.26 34.32
C GLY C 341 -24.82 1.47 35.12
N ALA C 342 -24.96 1.52 36.44
CA ALA C 342 -23.81 1.62 37.35
C ALA C 342 -23.15 0.26 37.52
N PRO C 343 -21.93 0.24 38.09
CA PRO C 343 -21.24 -1.04 38.30
C PRO C 343 -22.08 -2.00 39.11
N SER C 344 -22.06 -3.27 38.71
CA SER C 344 -22.75 -4.33 39.47
C SER C 344 -21.83 -4.87 40.57
N LEU C 345 -20.54 -4.57 40.48
CA LEU C 345 -19.56 -5.05 41.46
C LEU C 345 -18.27 -4.23 41.37
N LEU C 346 -17.59 -4.07 42.51
CA LEU C 346 -16.32 -3.35 42.56
C LEU C 346 -15.25 -4.17 43.26
N LEU C 347 -14.41 -4.85 42.48
CA LEU C 347 -13.26 -5.57 43.03
C LEU C 347 -12.10 -4.58 43.23
N THR C 348 -11.53 -4.58 44.44
CA THR C 348 -10.46 -3.63 44.79
C THR C 348 -9.21 -4.36 45.25
N GLY C 349 -8.05 -3.83 44.85
CA GLY C 349 -6.76 -4.40 45.24
C GLY C 349 -6.52 -4.23 46.71
N THR C 350 -5.55 -4.97 47.24
CA THR C 350 -5.24 -4.95 48.66
C THR C 350 -3.85 -4.38 48.94
N GLN C 351 -2.87 -4.76 48.12
CA GLN C 351 -1.50 -4.29 48.31
C GLN C 351 -1.33 -2.87 47.77
N LEU C 352 -0.52 -2.09 48.47
CA LEU C 352 -0.20 -0.72 48.05
C LEU C 352 0.68 -0.74 46.80
N TYR C 353 0.36 0.11 45.84
CA TYR C 353 1.08 0.21 44.57
C TYR C 353 1.01 -1.07 43.72
N GLY C 354 0.02 -1.91 43.98
CA GLY C 354 -0.08 -3.21 43.33
C GLY C 354 -0.54 -3.17 41.88
N ARG C 355 -1.32 -2.14 41.54
CA ARG C 355 -1.90 -1.99 40.21
C ARG C 355 -2.85 -3.13 39.86
N PHE C 356 -3.74 -3.45 40.81
CA PHE C 356 -4.86 -4.35 40.57
C PHE C 356 -5.75 -3.76 39.47
N GLY C 357 -5.95 -4.52 38.40
CA GLY C 357 -6.75 -4.05 37.26
C GLY C 357 -5.90 -3.64 36.08
N SER C 358 -4.61 -3.95 36.14
CA SER C 358 -3.68 -3.64 35.07
C SER C 358 -3.90 -4.53 33.84
N ALA C 359 -4.53 -5.69 34.05
CA ALA C 359 -4.86 -6.61 32.95
C ALA C 359 -5.98 -7.56 33.37
N ILE C 360 -6.95 -7.77 32.48
CA ILE C 360 -8.10 -8.62 32.78
C ILE C 360 -8.30 -9.63 31.65
N ALA C 361 -8.21 -10.92 31.98
CA ALA C 361 -8.30 -11.98 30.98
C ALA C 361 -9.51 -12.87 31.23
N PRO C 362 -10.42 -12.98 30.24
CA PRO C 362 -11.43 -14.03 30.26
C PRO C 362 -10.79 -15.42 30.24
N LEU C 363 -11.21 -16.29 31.17
CA LEU C 363 -10.63 -17.62 31.30
C LEU C 363 -11.49 -18.69 30.65
N GLY C 364 -12.66 -18.30 30.14
CA GLY C 364 -13.69 -19.27 29.75
C GLY C 364 -14.36 -19.80 31.01
N ASP C 365 -14.90 -21.02 30.93
CA ASP C 365 -15.48 -21.69 32.10
C ASP C 365 -14.44 -22.63 32.72
N LEU C 366 -13.81 -22.18 33.79
CA LEU C 366 -12.65 -22.85 34.35
C LEU C 366 -13.02 -24.14 35.08
N ASP C 367 -14.12 -24.10 35.84
CA ASP C 367 -14.59 -25.26 36.62
C ASP C 367 -15.87 -25.89 36.02
N ARG C 368 -16.22 -25.46 34.82
CA ARG C 368 -17.30 -26.10 34.03
C ARG C 368 -18.63 -26.18 34.77
N ASP C 369 -18.95 -25.17 35.57
CA ASP C 369 -20.23 -25.12 36.29
C ASP C 369 -21.29 -24.30 35.53
N GLY C 370 -20.93 -23.78 34.35
CA GLY C 370 -21.88 -23.07 33.50
C GLY C 370 -21.69 -21.56 33.45
N TYR C 371 -20.84 -21.05 34.34
CA TYR C 371 -20.55 -19.61 34.40
C TYR C 371 -19.10 -19.35 34.05
N ASN C 372 -18.87 -18.41 33.12
CA ASN C 372 -17.50 -18.08 32.70
C ASN C 372 -16.77 -17.28 33.77
N ASP C 373 -15.45 -17.45 33.83
CA ASP C 373 -14.63 -16.87 34.89
C ASP C 373 -13.55 -15.96 34.32
N ILE C 374 -12.95 -15.13 35.18
CA ILE C 374 -11.92 -14.19 34.76
C ILE C 374 -10.70 -14.23 35.66
N ALA C 375 -9.58 -13.72 35.14
CA ALA C 375 -8.38 -13.51 35.92
C ALA C 375 -8.02 -12.03 35.89
N VAL C 376 -7.63 -11.47 37.04
CA VAL C 376 -7.20 -10.08 37.14
C VAL C 376 -5.76 -10.01 37.67
N ALA C 377 -4.98 -9.10 37.11
CA ALA C 377 -3.55 -9.02 37.41
C ALA C 377 -3.22 -7.83 38.31
N ALA C 378 -2.34 -8.06 39.29
CA ALA C 378 -1.75 -6.98 40.09
C ALA C 378 -0.22 -7.13 40.04
N PRO C 379 0.40 -6.63 38.95
CA PRO C 379 1.81 -6.88 38.63
C PRO C 379 2.81 -6.57 39.75
N TYR C 380 2.47 -5.67 40.64
CA TYR C 380 3.34 -5.34 41.77
C TYR C 380 2.63 -5.58 43.10
N GLY C 381 1.65 -6.49 43.06
CA GLY C 381 0.83 -6.80 44.23
C GLY C 381 1.33 -8.01 44.98
N GLY C 382 0.55 -8.45 45.96
CA GLY C 382 0.98 -9.49 46.90
C GLY C 382 1.84 -8.90 48.00
N PRO C 383 1.91 -9.61 49.16
CA PRO C 383 2.66 -9.10 50.31
C PRO C 383 4.10 -8.72 50.00
N SER C 384 4.75 -9.50 49.15
CA SER C 384 6.13 -9.23 48.72
C SER C 384 6.19 -8.11 47.67
N GLY C 385 5.09 -7.93 46.94
CA GLY C 385 5.05 -6.96 45.84
C GLY C 385 5.68 -7.49 44.56
N ARG C 386 5.87 -8.80 44.49
CA ARG C 386 6.50 -9.43 43.32
CA ARG C 386 6.50 -9.44 43.33
C ARG C 386 5.52 -9.60 42.18
N GLY C 387 4.22 -9.59 42.49
CA GLY C 387 3.19 -9.75 41.48
C GLY C 387 2.20 -10.84 41.85
N GLN C 388 0.99 -10.73 41.32
CA GLN C 388 -0.11 -11.61 41.72
C GLN C 388 -1.21 -11.62 40.67
N VAL C 389 -1.76 -12.80 40.40
CA VAL C 389 -2.94 -12.92 39.55
C VAL C 389 -4.07 -13.57 40.33
N LEU C 390 -5.26 -12.98 40.26
CA LEU C 390 -6.40 -13.42 41.06
C LEU C 390 -7.52 -13.96 40.16
N VAL C 391 -7.97 -15.18 40.44
CA VAL C 391 -9.07 -15.78 39.69
C VAL C 391 -10.40 -15.54 40.39
N PHE C 392 -11.36 -15.00 39.65
CA PHE C 392 -12.71 -14.78 40.16
C PHE C 392 -13.70 -15.60 39.34
N LEU C 393 -14.48 -16.43 40.02
CA LEU C 393 -15.45 -17.31 39.36
C LEU C 393 -16.77 -16.57 39.11
N GLY C 394 -17.46 -16.96 38.04
CA GLY C 394 -18.73 -16.36 37.69
C GLY C 394 -19.88 -16.99 38.45
N GLN C 395 -21.01 -16.30 38.46
CA GLN C 395 -22.23 -16.79 39.11
C GLN C 395 -23.43 -15.96 38.66
N SER C 396 -24.62 -16.41 39.01
CA SER C 396 -25.86 -15.79 38.52
C SER C 396 -25.92 -14.29 38.83
N GLU C 397 -25.41 -13.92 40.01
CA GLU C 397 -25.45 -12.53 40.47
C GLU C 397 -24.38 -11.66 39.80
N GLY C 398 -23.36 -12.29 39.22
CA GLY C 398 -22.30 -11.58 38.50
C GLY C 398 -20.95 -12.27 38.65
N LEU C 399 -20.11 -11.73 39.53
CA LEU C 399 -18.85 -12.36 39.90
C LEU C 399 -18.78 -12.48 41.42
N ARG C 400 -18.01 -13.45 41.89
CA ARG C 400 -17.78 -13.60 43.32
C ARG C 400 -16.93 -12.44 43.84
N SER C 401 -17.31 -11.92 45.01
CA SER C 401 -16.63 -10.77 45.60
C SER C 401 -15.21 -11.10 46.04
N ARG C 402 -14.95 -12.37 46.34
CA ARG C 402 -13.62 -12.81 46.76
C ARG C 402 -13.06 -13.84 45.77
N PRO C 403 -11.74 -13.82 45.57
CA PRO C 403 -11.11 -14.70 44.59
C PRO C 403 -11.10 -16.15 45.04
N SER C 404 -11.41 -17.06 44.12
CA SER C 404 -11.37 -18.49 44.40
C SER C 404 -9.92 -18.99 44.47
N GLN C 405 -9.00 -18.27 43.83
CA GLN C 405 -7.60 -18.68 43.75
C GLN C 405 -6.67 -17.49 43.53
N VAL C 406 -5.43 -17.63 44.01
CA VAL C 406 -4.44 -16.57 43.89
C VAL C 406 -3.09 -17.15 43.45
N LEU C 407 -2.60 -16.68 42.31
CA LEU C 407 -1.30 -17.11 41.80
C LEU C 407 -0.23 -16.06 42.11
N ASP C 408 0.75 -16.43 42.93
CA ASP C 408 1.87 -15.54 43.25
C ASP C 408 2.98 -15.70 42.22
N SER C 409 3.74 -14.63 42.02
CA SER C 409 4.81 -14.63 41.04
C SER C 409 5.94 -15.56 41.46
N PRO C 410 6.35 -16.46 40.55
CA PRO C 410 7.54 -17.27 40.75
C PRO C 410 8.83 -16.53 40.36
N PHE C 411 8.70 -15.30 39.88
CA PHE C 411 9.84 -14.52 39.40
C PHE C 411 10.26 -13.48 40.45
N PRO C 412 11.49 -12.96 40.33
CA PRO C 412 11.99 -11.99 41.32
C PRO C 412 11.33 -10.60 41.18
N THR C 413 11.70 -9.69 42.07
CA THR C 413 11.12 -8.35 42.07
C THR C 413 11.32 -7.66 40.72
N GLY C 414 10.35 -6.85 40.32
CA GLY C 414 10.43 -6.09 39.09
C GLY C 414 10.26 -6.94 37.84
N SER C 415 9.47 -8.01 37.94
CA SER C 415 9.20 -8.88 36.80
C SER C 415 7.96 -8.43 36.05
N ALA C 416 7.09 -7.66 36.71
CA ALA C 416 5.83 -7.21 36.12
C ALA C 416 4.87 -8.39 35.86
N PHE C 417 5.05 -9.47 36.63
CA PHE C 417 4.21 -10.67 36.52
C PHE C 417 2.73 -10.31 36.49
N GLY C 418 2.08 -10.58 35.35
CA GLY C 418 0.65 -10.31 35.21
C GLY C 418 0.33 -9.12 34.31
N PHE C 419 1.37 -8.38 33.90
CA PHE C 419 1.18 -7.25 32.99
C PHE C 419 0.40 -7.68 31.74
N SER C 420 0.66 -8.88 31.26
CA SER C 420 -0.11 -9.47 30.17
C SER C 420 -0.72 -10.81 30.59
N LEU C 421 -1.98 -11.02 30.19
CA LEU C 421 -2.72 -12.22 30.55
C LEU C 421 -3.53 -12.69 29.36
N ARG C 422 -3.67 -14.00 29.20
CA ARG C 422 -4.57 -14.57 28.21
C ARG C 422 -5.01 -15.97 28.61
N GLY C 423 -6.30 -16.25 28.43
CA GLY C 423 -6.85 -17.57 28.74
C GLY C 423 -7.95 -17.98 27.78
N ALA C 424 -8.80 -18.91 28.23
CA ALA C 424 -9.97 -19.34 27.45
C ALA C 424 -9.61 -20.25 26.27
N VAL C 425 -8.41 -20.84 26.31
CA VAL C 425 -7.96 -21.73 25.25
C VAL C 425 -7.25 -22.95 25.84
N ASP C 426 -7.58 -24.13 25.30
CA ASP C 426 -7.08 -25.39 25.83
C ASP C 426 -5.76 -25.74 25.15
N ILE C 427 -4.65 -25.47 25.82
CA ILE C 427 -3.32 -25.60 25.20
C ILE C 427 -2.81 -27.04 25.16
N ASP C 428 -3.14 -27.83 26.18
CA ASP C 428 -2.66 -29.22 26.29
C ASP C 428 -3.73 -30.24 25.91
N ASP C 429 -4.89 -29.76 25.46
CA ASP C 429 -5.94 -30.61 24.90
C ASP C 429 -6.50 -31.62 25.92
N ASN C 430 -6.76 -31.15 27.13
CA ASN C 430 -7.41 -31.99 28.16
C ASN C 430 -8.86 -31.58 28.43
N GLY C 431 -9.41 -30.73 27.56
CA GLY C 431 -10.80 -30.30 27.68
C GLY C 431 -11.03 -29.27 28.77
N TYR C 432 -9.96 -28.59 29.20
CA TYR C 432 -10.04 -27.55 30.22
C TYR C 432 -9.26 -26.32 29.78
N PRO C 433 -9.89 -25.12 29.85
CA PRO C 433 -9.20 -23.87 29.49
C PRO C 433 -7.97 -23.59 30.37
N ASP C 434 -6.95 -22.98 29.78
CA ASP C 434 -5.69 -22.70 30.48
C ASP C 434 -5.43 -21.19 30.56
N LEU C 435 -4.30 -20.84 31.16
CA LEU C 435 -3.92 -19.43 31.35
C LEU C 435 -2.42 -19.22 31.13
N ILE C 436 -2.07 -18.23 30.30
CA ILE C 436 -0.68 -17.81 30.14
C ILE C 436 -0.46 -16.44 30.74
N VAL C 437 0.68 -16.25 31.39
CA VAL C 437 0.95 -15.03 32.14
C VAL C 437 2.35 -14.50 31.79
N GLY C 438 2.40 -13.29 31.25
CA GLY C 438 3.66 -12.68 30.86
C GLY C 438 4.32 -11.97 32.02
N ALA C 439 5.65 -11.98 32.05
CA ALA C 439 6.43 -11.23 33.03
C ALA C 439 7.60 -10.54 32.33
N TYR C 440 7.32 -9.41 31.69
CA TYR C 440 8.29 -8.78 30.79
C TYR C 440 9.55 -8.33 31.52
N GLY C 441 9.42 -8.03 32.81
CA GLY C 441 10.57 -7.67 33.63
C GLY C 441 11.57 -8.81 33.79
N ALA C 442 11.07 -10.05 33.76
CA ALA C 442 11.92 -11.23 33.89
C ALA C 442 12.15 -11.93 32.53
N ASN C 443 11.67 -11.30 31.45
CA ASN C 443 11.82 -11.85 30.09
C ASN C 443 11.30 -13.29 29.98
N GLN C 444 10.18 -13.56 30.64
CA GLN C 444 9.62 -14.91 30.68
C GLN C 444 8.09 -14.91 30.63
N VAL C 445 7.53 -16.05 30.27
CA VAL C 445 6.09 -16.28 30.31
C VAL C 445 5.82 -17.58 31.06
N ALA C 446 4.74 -17.60 31.84
CA ALA C 446 4.39 -18.74 32.66
C ALA C 446 3.03 -19.32 32.26
N VAL C 447 2.99 -20.61 31.98
CA VAL C 447 1.74 -21.30 31.61
C VAL C 447 1.14 -22.02 32.82
N TYR C 448 -0.11 -21.71 33.13
CA TYR C 448 -0.83 -22.34 34.23
C TYR C 448 -1.92 -23.26 33.68
N ARG C 449 -1.74 -24.56 33.86
CA ARG C 449 -2.69 -25.54 33.33
C ARG C 449 -3.81 -25.84 34.33
N ALA C 450 -5.02 -25.99 33.80
CA ALA C 450 -6.17 -26.37 34.61
C ALA C 450 -6.24 -27.88 34.77
N GLN C 451 -6.67 -28.33 35.95
CA GLN C 451 -6.75 -29.76 36.26
C GLN C 451 -8.12 -30.12 36.82
N PRO C 452 -8.48 -31.43 36.80
CA PRO C 452 -9.69 -31.93 37.44
C PRO C 452 -9.47 -32.33 38.90
N GLY D 1 8.42 14.69 120.63
CA GLY D 1 9.65 14.85 121.45
C GLY D 1 10.85 14.19 120.79
N PRO D 2 10.89 12.84 120.79
CA PRO D 2 11.99 12.10 120.17
C PRO D 2 11.93 12.15 118.65
N ASN D 3 13.02 12.57 118.03
CA ASN D 3 13.09 12.77 116.58
C ASN D 3 14.28 12.03 115.99
N ILE D 4 14.35 12.01 114.66
CA ILE D 4 15.37 11.23 113.96
C ILE D 4 16.81 11.72 114.26
N CYS D 5 16.95 12.98 114.66
CA CYS D 5 18.26 13.53 114.98
C CYS D 5 18.80 12.99 116.30
N THR D 6 17.94 12.92 117.32
CA THR D 6 18.35 12.51 118.66
C THR D 6 18.52 10.99 118.83
N THR D 7 17.90 10.20 117.95
CA THR D 7 17.85 8.74 118.12
C THR D 7 18.91 7.96 117.32
N ARG D 8 19.89 8.68 116.76
CA ARG D 8 20.97 8.01 116.02
C ARG D 8 22.19 7.75 116.89
N GLY D 9 22.26 8.43 118.03
CA GLY D 9 23.43 8.36 118.90
C GLY D 9 24.70 8.78 118.18
N VAL D 10 24.57 9.83 117.35
CA VAL D 10 25.69 10.27 116.51
C VAL D 10 26.80 10.89 117.34
N SER D 11 28.03 10.75 116.85
CA SER D 11 29.21 11.13 117.62
C SER D 11 29.70 12.53 117.29
N SER D 12 29.58 12.93 116.02
CA SER D 12 30.20 14.17 115.54
C SER D 12 29.19 15.09 114.86
N CYS D 13 29.61 16.32 114.59
CA CYS D 13 28.80 17.28 113.85
C CYS D 13 28.52 16.80 112.42
N GLN D 14 29.48 16.11 111.81
CA GLN D 14 29.35 15.65 110.43
C GLN D 14 28.28 14.57 110.29
N GLN D 15 28.29 13.61 111.22
CA GLN D 15 27.31 12.53 111.21
C GLN D 15 25.90 13.04 111.49
N CYS D 16 25.80 14.10 112.29
CA CYS D 16 24.53 14.74 112.61
C CYS D 16 23.85 15.29 111.35
N LEU D 17 24.64 15.95 110.51
CA LEU D 17 24.14 16.53 109.26
C LEU D 17 23.80 15.46 108.22
N ALA D 18 24.47 14.32 108.29
CA ALA D 18 24.23 13.21 107.37
C ALA D 18 22.92 12.47 107.70
N VAL D 19 22.43 12.63 108.93
CA VAL D 19 21.23 11.93 109.39
C VAL D 19 19.99 12.38 108.61
N SER D 20 19.74 13.69 108.63
CA SER D 20 18.58 14.27 107.96
C SER D 20 18.77 15.76 107.75
N PRO D 21 18.20 16.31 106.66
CA PRO D 21 18.28 17.75 106.37
C PRO D 21 17.75 18.65 107.49
N MET D 22 16.98 18.08 108.42
CA MET D 22 16.32 18.88 109.45
C MET D 22 17.13 18.93 110.75
N CYS D 23 18.26 18.22 110.79
CA CYS D 23 19.10 18.18 111.99
C CYS D 23 20.08 19.34 112.08
N ALA D 24 20.33 19.82 113.29
CA ALA D 24 21.32 20.86 113.54
C ALA D 24 22.24 20.43 114.68
N TRP D 25 23.40 21.07 114.81
CA TRP D 25 24.39 20.72 115.84
C TRP D 25 24.73 21.93 116.72
N CYS D 26 24.95 21.68 118.01
CA CYS D 26 25.24 22.74 118.98
C CYS D 26 26.67 22.62 119.51
N SER D 27 27.52 23.58 119.14
CA SER D 27 28.94 23.56 119.50
C SER D 27 29.22 24.28 120.83
N ASP D 28 28.20 24.87 121.44
CA ASP D 28 28.37 25.67 122.65
C ASP D 28 28.90 24.82 123.80
N GLU D 29 29.98 25.28 124.43
CA GLU D 29 30.62 24.54 125.51
C GLU D 29 29.86 24.66 126.83
N ALA D 30 28.98 25.66 126.93
CA ALA D 30 28.18 25.89 128.14
C ALA D 30 26.93 25.01 128.20
N LEU D 31 26.72 24.19 127.16
CA LEU D 31 25.62 23.22 127.15
C LEU D 31 25.95 22.07 128.12
N PRO D 32 24.95 21.66 128.94
CA PRO D 32 25.19 20.57 129.89
C PRO D 32 25.28 19.20 129.22
N LEU D 33 25.70 18.19 129.98
CA LEU D 33 25.85 16.83 129.45
C LEU D 33 24.50 16.15 129.20
N GLY D 34 23.50 16.52 130.00
CA GLY D 34 22.16 15.97 129.86
C GLY D 34 21.49 16.31 128.54
N SER D 35 21.77 17.50 128.03
CA SER D 35 21.18 17.97 126.77
C SER D 35 21.84 17.28 125.57
N PRO D 36 21.03 16.92 124.56
CA PRO D 36 21.56 16.36 123.31
C PRO D 36 22.12 17.46 122.40
N ARG D 37 23.17 17.13 121.66
CA ARG D 37 23.85 18.12 120.80
C ARG D 37 23.32 18.12 119.37
N CYS D 38 22.92 16.94 118.88
CA CYS D 38 22.30 16.83 117.56
C CYS D 38 20.78 16.78 117.68
N ASP D 39 20.13 17.87 117.28
CA ASP D 39 18.68 18.00 117.41
C ASP D 39 18.16 19.01 116.39
N LEU D 40 16.85 19.24 116.40
CA LEU D 40 16.26 20.30 115.59
C LEU D 40 16.73 21.65 116.11
N LYS D 41 16.74 22.67 115.26
CA LYS D 41 17.18 24.01 115.65
C LYS D 41 16.34 24.56 116.79
N GLU D 42 15.03 24.34 116.73
CA GLU D 42 14.11 24.79 117.77
C GLU D 42 14.50 24.22 119.12
N ASN D 43 14.69 22.90 119.16
CA ASN D 43 15.01 22.19 120.39
C ASN D 43 16.33 22.63 120.99
N LEU D 44 17.31 22.97 120.15
CA LEU D 44 18.62 23.43 120.62
C LEU D 44 18.50 24.82 121.24
N LEU D 45 17.82 25.74 120.55
CA LEU D 45 17.58 27.09 121.09
C LEU D 45 16.76 27.02 122.38
N LYS D 46 15.81 26.09 122.44
CA LYS D 46 14.97 25.88 123.62
C LYS D 46 15.81 25.47 124.85
N ASP D 47 16.91 24.76 124.61
CA ASP D 47 17.82 24.34 125.68
C ASP D 47 19.01 25.32 125.84
N ASN D 48 18.76 26.60 125.57
CA ASN D 48 19.74 27.67 125.80
C ASN D 48 21.10 27.44 125.13
N CYS D 49 21.09 26.86 123.94
CA CYS D 49 22.30 26.78 123.12
C CYS D 49 22.52 28.14 122.45
N ALA D 50 23.77 28.61 122.46
CA ALA D 50 24.09 29.92 121.92
C ALA D 50 23.89 29.94 120.41
N PRO D 51 23.10 30.92 119.91
CA PRO D 51 22.88 31.08 118.47
C PRO D 51 24.16 31.05 117.63
N GLU D 52 25.24 31.61 118.19
CA GLU D 52 26.55 31.59 117.54
C GLU D 52 27.03 30.17 117.24
N SER D 53 26.77 29.26 118.18
CA SER D 53 27.36 27.92 118.14
C SER D 53 26.49 26.88 117.40
N ILE D 54 25.31 27.30 116.95
CA ILE D 54 24.43 26.40 116.19
C ILE D 54 24.95 26.24 114.77
N GLU D 55 25.30 25.01 114.41
CA GLU D 55 25.68 24.68 113.04
C GLU D 55 24.48 24.08 112.32
N PHE D 56 23.88 24.86 111.42
CA PHE D 56 22.70 24.43 110.67
C PHE D 56 22.74 24.98 109.24
N PRO D 57 23.42 24.25 108.34
CA PRO D 57 23.47 24.60 106.93
C PRO D 57 22.10 24.53 106.27
N VAL D 58 21.81 25.48 105.38
CA VAL D 58 20.53 25.52 104.66
C VAL D 58 20.80 25.53 103.17
N SER D 59 20.18 24.60 102.45
CA SER D 59 20.32 24.52 101.00
C SER D 59 19.70 25.75 100.34
N GLU D 60 20.25 26.15 99.21
CA GLU D 60 19.78 27.35 98.51
C GLU D 60 20.06 27.27 97.01
N ALA D 61 19.39 28.13 96.25
CA ALA D 61 19.62 28.27 94.82
C ALA D 61 19.69 29.75 94.45
N ARG D 62 20.91 30.30 94.45
CA ARG D 62 21.11 31.71 94.08
C ARG D 62 21.20 31.84 92.56
N VAL D 63 20.43 32.77 92.00
CA VAL D 63 20.56 33.13 90.59
C VAL D 63 21.80 34.00 90.39
N LEU D 64 22.67 33.60 89.46
CA LEU D 64 23.89 34.35 89.15
C LEU D 64 23.68 35.23 87.92
N GLU D 65 23.03 34.68 86.90
CA GLU D 65 22.75 35.41 85.66
C GLU D 65 21.26 35.30 85.32
N ASP D 66 20.55 36.42 85.40
CA ASP D 66 19.10 36.46 85.24
C ASP D 66 18.69 37.58 84.29
N ARG D 67 19.16 37.48 83.06
CA ARG D 67 18.75 38.41 82.00
C ARG D 67 17.32 38.10 81.55
N PRO D 68 16.51 39.16 81.30
CA PRO D 68 15.12 38.95 80.93
C PRO D 68 14.97 38.39 79.51
N LEU D 69 13.79 37.83 79.21
CA LEU D 69 13.52 37.27 77.89
C LEU D 69 13.34 38.40 76.87
N SER D 70 13.83 38.19 75.65
CA SER D 70 13.85 39.22 74.62
C SER D 70 12.46 39.49 74.06
N ASP D 71 12.25 40.70 73.53
CA ASP D 71 10.99 41.09 72.92
C ASP D 71 11.18 41.18 71.40
N LYS D 72 10.51 42.15 70.75
CA LYS D 72 10.76 42.47 69.35
C LYS D 72 10.60 43.97 69.11
N GLN D 79 23.02 39.37 70.60
CA GLN D 79 22.63 38.53 71.73
C GLN D 79 21.10 38.47 71.83
N VAL D 80 20.58 37.26 72.06
CA VAL D 80 19.14 37.06 72.21
C VAL D 80 18.86 36.04 73.32
N THR D 81 18.04 36.45 74.29
CA THR D 81 17.73 35.61 75.46
C THR D 81 16.40 34.88 75.27
N GLN D 82 16.48 33.55 75.22
CA GLN D 82 15.28 32.71 75.12
C GLN D 82 15.06 31.85 76.38
N VAL D 83 16.14 31.56 77.11
CA VAL D 83 16.06 30.85 78.39
C VAL D 83 16.46 31.80 79.53
N SER D 84 15.73 31.75 80.64
CA SER D 84 16.00 32.61 81.80
C SER D 84 15.53 31.94 83.09
N PRO D 85 16.41 31.86 84.12
CA PRO D 85 17.78 32.41 84.15
C PRO D 85 18.79 31.59 83.35
N GLN D 86 20.03 32.07 83.28
CA GLN D 86 21.07 31.43 82.47
C GLN D 86 22.06 30.63 83.33
N ARG D 87 22.37 31.14 84.51
CA ARG D 87 23.30 30.47 85.42
C ARG D 87 22.73 30.43 86.85
N ILE D 88 22.93 29.31 87.54
CA ILE D 88 22.42 29.13 88.91
C ILE D 88 23.44 28.37 89.77
N ALA D 89 23.56 28.79 91.03
CA ALA D 89 24.43 28.12 91.99
C ALA D 89 23.60 27.34 93.00
N LEU D 90 23.78 26.01 93.02
CA LEU D 90 23.06 25.14 93.96
C LEU D 90 23.96 24.70 95.11
N ARG D 91 23.57 25.04 96.32
CA ARG D 91 24.19 24.48 97.52
C ARG D 91 23.23 23.45 98.14
N LEU D 92 23.70 22.20 98.24
CA LEU D 92 22.89 21.11 98.80
C LEU D 92 23.60 20.46 99.98
N ARG D 93 22.84 20.13 101.02
CA ARG D 93 23.37 19.35 102.15
C ARG D 93 22.85 17.92 102.07
N PRO D 94 23.46 16.98 102.81
CA PRO D 94 23.18 15.56 102.64
C PRO D 94 21.69 15.20 102.53
N ASP D 95 21.33 14.50 101.45
CA ASP D 95 19.96 13.99 101.23
C ASP D 95 18.90 15.07 100.98
N ASP D 96 19.30 16.34 100.98
CA ASP D 96 18.34 17.44 100.85
C ASP D 96 17.98 17.65 99.39
N SER D 97 17.03 18.54 99.15
CA SER D 97 16.70 18.97 97.79
C SER D 97 16.27 20.42 97.77
N LYS D 98 16.61 21.12 96.69
CA LYS D 98 16.13 22.48 96.47
C LYS D 98 15.55 22.57 95.07
N ASN D 99 14.57 23.46 94.90
CA ASN D 99 13.92 23.64 93.61
C ASN D 99 14.16 25.03 93.05
N PHE D 100 14.08 25.14 91.74
CA PHE D 100 14.31 26.41 91.04
C PHE D 100 13.49 26.47 89.77
N SER D 101 13.25 27.69 89.29
CA SER D 101 12.35 27.91 88.16
C SER D 101 13.15 28.19 86.88
N ILE D 102 12.49 28.02 85.74
CA ILE D 102 13.08 28.34 84.44
C ILE D 102 11.98 28.68 83.43
N GLN D 103 12.21 29.73 82.65
CA GLN D 103 11.26 30.17 81.62
C GLN D 103 11.90 30.08 80.23
N VAL D 104 11.16 29.49 79.29
CA VAL D 104 11.61 29.41 77.89
C VAL D 104 10.61 30.14 76.98
N ARG D 105 11.14 30.88 76.02
CA ARG D 105 10.31 31.64 75.07
C ARG D 105 10.87 31.54 73.65
N GLN D 106 9.99 31.24 72.68
CA GLN D 106 10.37 31.22 71.27
C GLN D 106 10.39 32.65 70.73
N VAL D 107 11.57 33.25 70.73
CA VAL D 107 11.74 34.65 70.30
C VAL D 107 12.21 34.73 68.84
N GLU D 108 13.14 33.85 68.48
CA GLU D 108 13.76 33.86 67.16
C GLU D 108 12.74 33.43 66.09
N ASP D 109 12.95 33.89 64.85
CA ASP D 109 12.05 33.56 63.73
C ASP D 109 12.27 32.13 63.26
N TYR D 110 11.21 31.52 62.74
CA TYR D 110 11.27 30.14 62.24
C TYR D 110 12.08 30.04 60.95
N PRO D 111 12.88 28.97 60.80
CA PRO D 111 13.55 28.70 59.54
C PRO D 111 12.57 28.15 58.48
N VAL D 112 12.57 28.76 57.30
CA VAL D 112 11.67 28.36 56.21
C VAL D 112 12.44 28.23 54.89
N ASP D 113 12.15 27.16 54.15
CA ASP D 113 12.73 26.93 52.82
C ASP D 113 11.62 26.99 51.77
N ILE D 114 11.84 27.77 50.72
CA ILE D 114 10.92 27.79 49.57
C ILE D 114 11.67 27.41 48.30
N TYR D 115 11.22 26.33 47.66
CA TYR D 115 11.72 25.95 46.34
C TYR D 115 10.64 26.21 45.29
N TYR D 116 11.06 26.81 44.18
CA TYR D 116 10.15 27.31 43.16
C TYR D 116 10.33 26.48 41.89
N LEU D 117 9.26 25.80 41.47
CA LEU D 117 9.30 25.03 40.21
C LEU D 117 8.59 25.79 39.09
N MET D 118 9.37 26.23 38.10
CA MET D 118 8.85 27.03 36.99
C MET D 118 8.58 26.16 35.76
N ASP D 119 7.34 26.17 35.30
CA ASP D 119 7.00 25.66 33.98
C ASP D 119 7.59 26.62 32.94
N LEU D 120 8.52 26.14 32.13
CA LEU D 120 9.14 26.95 31.08
C LEU D 120 8.88 26.39 29.69
N SER D 121 7.71 25.78 29.52
CA SER D 121 7.27 25.35 28.19
C SER D 121 6.76 26.56 27.40
N TYR D 122 6.57 26.39 26.10
CA TYR D 122 6.28 27.52 25.21
C TYR D 122 4.94 28.21 25.51
N SER D 123 4.00 27.48 26.10
CA SER D 123 2.70 28.07 26.46
C SER D 123 2.83 29.07 27.61
N MET D 124 3.96 29.06 28.31
CA MET D 124 4.22 29.99 29.41
C MET D 124 4.88 31.29 28.92
N LYS D 125 5.08 31.41 27.61
CA LYS D 125 5.69 32.61 27.02
C LYS D 125 4.99 33.88 27.54
N ASP D 126 3.67 33.91 27.39
CA ASP D 126 2.86 35.05 27.85
C ASP D 126 2.70 35.07 29.38
N ASP D 127 2.96 33.94 30.03
CA ASP D 127 2.89 33.84 31.49
C ASP D 127 4.22 34.14 32.18
N LEU D 128 5.27 34.32 31.39
CA LEU D 128 6.63 34.36 31.92
C LEU D 128 6.86 35.52 32.88
N TRP D 129 6.23 36.66 32.60
CA TRP D 129 6.33 37.83 33.48
C TRP D 129 5.69 37.52 34.84
N SER D 130 4.55 36.83 34.82
CA SER D 130 3.81 36.52 36.04
C SER D 130 4.64 35.68 37.00
N ILE D 131 5.25 34.62 36.48
CA ILE D 131 6.00 33.69 37.32
C ILE D 131 7.31 34.31 37.82
N GLN D 132 7.90 35.18 37.01
CA GLN D 132 9.07 35.95 37.45
C GLN D 132 8.69 36.94 38.56
N ASN D 133 7.56 37.62 38.37
CA ASN D 133 7.02 38.52 39.39
C ASN D 133 6.66 37.78 40.68
N LEU D 134 5.91 36.68 40.55
CA LEU D 134 5.56 35.84 41.69
C LEU D 134 6.80 35.35 42.42
N GLY D 135 7.85 35.03 41.65
CA GLY D 135 9.09 34.52 42.21
C GLY D 135 9.78 35.51 43.13
N THR D 136 9.90 36.75 42.67
CA THR D 136 10.58 37.78 43.46
C THR D 136 9.71 38.28 44.62
N LYS D 137 8.38 38.21 44.43
CA LYS D 137 7.43 38.56 45.49
C LYS D 137 7.42 37.52 46.62
N LEU D 138 7.63 36.26 46.25
CA LEU D 138 7.76 35.18 47.25
C LEU D 138 8.87 35.49 48.25
N ALA D 139 9.99 36.00 47.76
CA ALA D 139 11.13 36.36 48.62
C ALA D 139 10.78 37.55 49.51
N THR D 140 10.16 38.57 48.93
CA THR D 140 9.77 39.76 49.67
C THR D 140 8.74 39.42 50.76
N GLN D 141 7.68 38.71 50.38
CA GLN D 141 6.61 38.36 51.31
C GLN D 141 7.14 37.55 52.50
N MET D 142 8.01 36.57 52.21
CA MET D 142 8.51 35.68 53.24
C MET D 142 9.60 36.33 54.08
N ARG D 143 10.34 37.27 53.49
CA ARG D 143 11.42 37.96 54.19
C ARG D 143 10.88 38.77 55.38
N LYS D 144 9.76 39.45 55.16
CA LYS D 144 9.14 40.26 56.22
C LYS D 144 8.32 39.40 57.19
N LEU D 145 8.21 38.11 56.90
CA LEU D 145 7.58 37.16 57.82
C LEU D 145 8.63 36.39 58.63
N THR D 146 9.85 36.29 58.10
CA THR D 146 10.95 35.62 58.80
C THR D 146 12.31 36.01 58.20
N SER D 147 13.28 36.23 59.07
CA SER D 147 14.64 36.61 58.64
C SER D 147 15.49 35.38 58.31
N ASN D 148 14.98 34.19 58.66
CA ASN D 148 15.71 32.96 58.42
C ASN D 148 15.14 32.22 57.21
N LEU D 149 15.33 32.81 56.03
CA LEU D 149 14.77 32.28 54.79
C LEU D 149 15.88 31.77 53.88
N ARG D 150 15.62 30.65 53.22
CA ARG D 150 16.47 30.18 52.13
C ARG D 150 15.61 29.83 50.94
N ILE D 151 15.97 30.37 49.77
CA ILE D 151 15.15 30.24 48.59
C ILE D 151 15.98 29.77 47.40
N GLY D 152 15.35 28.99 46.52
CA GLY D 152 15.98 28.51 45.30
C GLY D 152 14.93 28.10 44.29
N PHE D 153 15.34 27.65 43.12
CA PHE D 153 14.39 27.24 42.10
C PHE D 153 14.95 26.29 41.06
N GLY D 154 14.03 25.59 40.40
CA GLY D 154 14.34 24.81 39.20
C GLY D 154 13.24 24.97 38.18
N ALA D 155 13.44 24.37 37.01
CA ALA D 155 12.49 24.50 35.92
C ALA D 155 12.23 23.15 35.27
N PHE D 156 11.06 23.03 34.63
CA PHE D 156 10.71 21.81 33.90
C PHE D 156 9.98 22.14 32.60
N VAL D 157 10.01 21.20 31.66
CA VAL D 157 9.14 21.25 30.49
C VAL D 157 8.39 19.92 30.35
N ASP D 158 9.08 18.90 29.88
CA ASP D 158 8.48 17.57 29.68
C ASP D 158 9.56 16.56 29.30
N LYS D 159 9.21 15.28 29.26
CA LYS D 159 10.17 14.24 28.92
C LYS D 159 10.74 14.47 27.53
N PRO D 160 12.06 14.70 27.44
CA PRO D 160 12.69 15.02 26.15
C PRO D 160 12.80 13.80 25.23
N VAL D 161 11.66 13.38 24.69
CA VAL D 161 11.58 12.19 23.86
C VAL D 161 10.32 12.30 22.99
N SER D 162 10.36 11.74 21.79
CA SER D 162 9.20 11.70 20.91
C SER D 162 8.09 10.87 21.55
N PRO D 163 6.82 11.29 21.40
CA PRO D 163 6.32 12.40 20.60
C PRO D 163 6.21 13.73 21.35
N TYR D 164 6.61 13.76 22.62
CA TYR D 164 6.58 15.01 23.38
C TYR D 164 7.53 16.02 22.75
N MET D 165 8.70 15.53 22.33
CA MET D 165 9.77 16.39 21.81
C MET D 165 9.74 16.38 20.29
N TYR D 166 9.91 17.57 19.69
CA TYR D 166 10.19 17.66 18.26
C TYR D 166 11.57 17.10 17.99
N ILE D 167 11.65 16.09 17.13
CA ILE D 167 12.92 15.41 16.84
C ILE D 167 13.33 15.54 15.37
N SER D 168 12.69 16.47 14.66
CA SER D 168 13.09 16.82 13.30
C SER D 168 12.63 18.25 12.97
N PRO D 169 13.37 18.96 12.10
CA PRO D 169 14.65 18.53 11.51
C PRO D 169 15.75 18.60 12.55
N PRO D 170 16.99 18.28 12.15
CA PRO D 170 18.11 18.34 13.10
C PRO D 170 18.26 19.71 13.79
N GLU D 171 17.90 20.79 13.09
CA GLU D 171 17.90 22.14 13.67
C GLU D 171 16.98 22.25 14.89
N ALA D 172 15.93 21.43 14.93
CA ALA D 172 14.87 21.56 15.94
C ALA D 172 15.30 21.06 17.32
N LEU D 173 16.33 20.23 17.38
CA LEU D 173 16.84 19.74 18.66
C LEU D 173 17.52 20.86 19.49
N GLU D 174 18.17 21.79 18.80
CA GLU D 174 18.83 22.94 19.45
C GLU D 174 17.95 24.17 19.48
N ASN D 175 17.02 24.28 18.53
CA ASN D 175 16.02 25.34 18.53
C ASN D 175 14.64 24.78 18.17
N PRO D 176 13.91 24.25 19.16
CA PRO D 176 12.56 23.73 18.96
C PRO D 176 11.61 24.71 18.27
N CYS D 177 11.95 26.00 18.30
CA CYS D 177 11.12 27.04 17.68
C CYS D 177 11.55 27.37 16.23
N TYR D 178 12.40 26.51 15.64
CA TYR D 178 12.99 26.75 14.31
C TYR D 178 11.94 27.00 13.22
N ASP D 179 10.97 26.10 13.09
CA ASP D 179 9.97 26.19 12.02
C ASP D 179 8.96 27.33 12.22
N MET D 180 9.00 27.98 13.39
CA MET D 180 8.20 29.19 13.63
C MET D 180 8.97 30.45 13.28
N LYS D 181 10.21 30.28 12.82
CA LYS D 181 11.09 31.41 12.49
C LYS D 181 11.31 32.30 13.71
N THR D 182 11.47 31.67 14.86
CA THR D 182 11.84 32.34 16.09
C THR D 182 12.86 31.46 16.83
N THR D 183 13.21 31.83 18.06
CA THR D 183 14.14 31.03 18.86
C THR D 183 13.59 30.73 20.26
N CYS D 184 13.99 29.58 20.78
CA CYS D 184 13.76 29.24 22.18
C CYS D 184 14.80 28.20 22.61
N LEU D 185 14.80 27.85 23.90
CA LEU D 185 15.82 26.96 24.44
C LEU D 185 15.53 25.51 24.06
N PRO D 186 16.57 24.66 24.09
CA PRO D 186 16.38 23.22 23.95
C PRO D 186 15.47 22.66 25.04
N MET D 187 14.87 21.51 24.77
CA MET D 187 13.93 20.90 25.69
C MET D 187 14.66 20.10 26.76
N PHE D 188 14.12 20.14 27.98
CA PHE D 188 14.67 19.38 29.11
C PHE D 188 13.52 18.90 30.01
N GLY D 189 13.77 17.86 30.78
CA GLY D 189 12.75 17.27 31.63
C GLY D 189 12.55 18.09 32.88
N TYR D 190 13.50 17.98 33.80
CA TYR D 190 13.58 18.85 34.96
C TYR D 190 15.02 19.32 35.13
N LYS D 191 15.18 20.61 35.40
CA LYS D 191 16.48 21.21 35.56
C LYS D 191 16.52 21.93 36.90
N HIS D 192 17.46 21.57 37.76
CA HIS D 192 17.71 22.28 39.00
C HIS D 192 18.65 23.46 38.73
N VAL D 193 18.20 24.66 39.03
CA VAL D 193 18.96 25.88 38.67
C VAL D 193 19.72 26.43 39.87
N LEU D 194 18.98 26.81 40.93
CA LEU D 194 19.59 27.46 42.09
C LEU D 194 19.24 26.71 43.38
N THR D 195 20.28 26.26 44.08
CA THR D 195 20.12 25.62 45.39
C THR D 195 19.63 26.63 46.44
N LEU D 196 18.87 26.13 47.43
CA LEU D 196 18.32 26.97 48.47
C LEU D 196 19.41 27.84 49.12
N THR D 197 19.30 29.15 48.94
CA THR D 197 20.32 30.09 49.37
C THR D 197 19.69 31.34 49.98
N ASP D 198 20.41 32.00 50.88
CA ASP D 198 19.93 33.24 51.51
C ASP D 198 20.16 34.47 50.63
N GLN D 199 20.88 34.29 49.52
CA GLN D 199 21.20 35.38 48.60
C GLN D 199 20.02 35.70 47.69
N VAL D 200 19.04 36.42 48.24
CA VAL D 200 17.81 36.73 47.51
C VAL D 200 18.05 37.55 46.25
N THR D 201 19.04 38.44 46.27
CA THR D 201 19.35 39.28 45.11
C THR D 201 19.81 38.42 43.94
N ARG D 202 20.59 37.38 44.24
CA ARG D 202 21.06 36.43 43.24
C ARG D 202 19.90 35.61 42.69
N PHE D 203 19.03 35.15 43.59
CA PHE D 203 17.81 34.45 43.21
C PHE D 203 16.96 35.27 42.22
N ASN D 204 16.75 36.54 42.54
CA ASN D 204 15.95 37.42 41.68
C ASN D 204 16.57 37.61 40.29
N GLU D 205 17.89 37.73 40.24
CA GLU D 205 18.61 37.90 38.97
C GLU D 205 18.45 36.67 38.09
N GLU D 206 18.62 35.49 38.69
CA GLU D 206 18.55 34.22 37.96
C GLU D 206 17.15 33.97 37.41
N VAL D 207 16.13 34.22 38.22
CA VAL D 207 14.74 34.01 37.81
C VAL D 207 14.38 34.83 36.58
N LYS D 208 14.86 36.08 36.53
CA LYS D 208 14.56 36.98 35.40
C LYS D 208 15.34 36.63 34.13
N LYS D 209 16.38 35.80 34.26
CA LYS D 209 17.15 35.35 33.09
C LYS D 209 16.50 34.17 32.36
N GLN D 210 15.46 33.58 32.95
CA GLN D 210 14.86 32.37 32.40
C GLN D 210 14.01 32.67 31.17
N SER D 211 14.01 31.74 30.23
CA SER D 211 13.19 31.84 29.02
C SER D 211 12.63 30.47 28.59
N VAL D 212 11.57 30.50 27.79
CA VAL D 212 10.80 29.28 27.50
C VAL D 212 11.50 28.37 26.50
N SER D 213 11.17 27.08 26.58
CA SER D 213 11.51 26.11 25.55
C SER D 213 10.22 25.79 24.77
N ARG D 214 10.12 24.57 24.24
CA ARG D 214 8.94 24.17 23.51
C ARG D 214 8.87 22.65 23.33
N ASN D 215 7.68 22.10 23.57
CA ASN D 215 7.39 20.71 23.24
C ASN D 215 6.05 20.62 22.50
N ARG D 216 5.56 19.41 22.26
CA ARG D 216 4.44 19.22 21.31
C ARG D 216 3.07 19.18 21.98
N ASP D 217 2.96 18.54 23.14
CA ASP D 217 1.64 18.29 23.74
C ASP D 217 1.35 19.13 24.98
N ALA D 218 0.09 19.56 25.10
CA ALA D 218 -0.35 20.50 26.13
C ALA D 218 0.08 20.07 27.54
N PRO D 219 -0.24 18.82 27.94
CA PRO D 219 0.18 18.36 29.26
C PRO D 219 1.70 18.31 29.37
N GLU D 220 2.22 18.66 30.56
CA GLU D 220 3.67 18.76 30.76
C GLU D 220 4.14 17.83 31.89
N GLY D 221 5.45 17.80 32.11
CA GLY D 221 6.06 16.79 32.99
C GLY D 221 6.47 17.34 34.34
N GLY D 222 5.64 18.20 34.90
CA GLY D 222 5.96 18.86 36.17
C GLY D 222 5.96 17.92 37.36
N PHE D 223 5.16 16.86 37.27
CA PHE D 223 5.08 15.86 38.35
C PHE D 223 6.40 15.09 38.47
N ASP D 224 7.16 15.02 37.39
CA ASP D 224 8.54 14.53 37.44
C ASP D 224 9.39 15.46 38.30
N ALA D 225 9.20 16.77 38.11
CA ALA D 225 9.96 17.78 38.84
C ALA D 225 9.61 17.82 40.31
N ILE D 226 8.31 17.66 40.61
CA ILE D 226 7.84 17.66 42.00
C ILE D 226 8.48 16.51 42.77
N MET D 227 8.54 15.34 42.14
CA MET D 227 9.12 14.16 42.77
C MET D 227 10.61 14.37 43.06
N GLN D 228 11.34 14.89 42.08
CA GLN D 228 12.79 15.05 42.19
C GLN D 228 13.16 16.17 43.16
N ALA D 229 12.38 17.25 43.16
CA ALA D 229 12.60 18.35 44.10
C ALA D 229 12.30 17.92 45.54
N THR D 230 11.45 16.91 45.70
CA THR D 230 11.11 16.40 47.02
C THR D 230 12.19 15.47 47.57
N VAL D 231 12.69 14.56 46.73
CA VAL D 231 13.51 13.44 47.20
C VAL D 231 15.02 13.64 47.03
N CYS D 232 15.42 14.66 46.28
CA CYS D 232 16.84 15.00 46.12
C CYS D 232 17.29 15.95 47.22
N ASP D 233 17.49 15.39 48.42
CA ASP D 233 17.72 16.19 49.64
C ASP D 233 18.92 17.12 49.50
N GLU D 234 20.07 16.54 49.14
CA GLU D 234 21.33 17.28 49.09
C GLU D 234 21.39 18.31 47.95
N LYS D 235 20.87 17.96 46.77
CA LYS D 235 20.90 18.87 45.63
C LYS D 235 20.09 20.13 45.90
N ILE D 236 18.83 19.95 46.29
CA ILE D 236 17.93 21.06 46.53
C ILE D 236 18.36 21.85 47.76
N GLY D 237 18.76 21.13 48.82
CA GLY D 237 19.35 21.75 50.00
C GLY D 237 18.34 22.06 51.08
N TRP D 238 17.34 21.20 51.24
CA TRP D 238 16.39 21.33 52.34
C TRP D 238 17.16 21.20 53.64
N ARG D 239 16.79 22.03 54.62
CA ARG D 239 17.40 21.96 55.95
C ARG D 239 16.53 21.11 56.87
N ASN D 240 17.18 20.35 57.75
CA ASN D 240 16.46 19.38 58.59
C ASN D 240 15.41 20.04 59.48
N ASP D 241 15.80 21.10 60.16
CA ASP D 241 14.91 21.77 61.11
C ASP D 241 13.91 22.72 60.43
N ALA D 242 14.16 23.07 59.17
CA ALA D 242 13.38 24.09 58.47
C ALA D 242 11.98 23.60 58.11
N SER D 243 11.09 24.56 57.84
CA SER D 243 9.76 24.27 57.32
C SER D 243 9.78 24.44 55.79
N HIS D 244 9.38 23.38 55.08
CA HIS D 244 9.65 23.28 53.63
C HIS D 244 8.41 23.54 52.77
N LEU D 245 8.46 24.59 51.96
CA LEU D 245 7.41 24.88 50.99
C LEU D 245 7.90 24.62 49.56
N LEU D 246 7.07 23.96 48.77
CA LEU D 246 7.38 23.69 47.37
C LEU D 246 6.29 24.32 46.49
N VAL D 247 6.64 25.42 45.82
CA VAL D 247 5.68 26.17 44.99
C VAL D 247 5.82 25.80 43.50
N PHE D 248 4.69 25.43 42.90
CA PHE D 248 4.67 24.81 41.56
C PHE D 248 3.78 25.62 40.62
N THR D 249 4.37 26.18 39.57
CA THR D 249 3.62 26.98 38.60
C THR D 249 3.45 26.25 37.27
N THR D 250 2.26 26.40 36.68
CA THR D 250 1.99 25.91 35.31
C THR D 250 0.73 26.57 34.76
N ASP D 251 0.56 26.52 33.44
CA ASP D 251 -0.63 27.08 32.81
C ASP D 251 -1.44 26.03 32.06
N ALA D 252 -1.13 24.76 32.33
CA ALA D 252 -1.70 23.66 31.55
C ALA D 252 -1.93 22.44 32.43
N LYS D 253 -2.61 21.44 31.87
CA LYS D 253 -2.80 20.16 32.54
C LYS D 253 -1.45 19.42 32.66
N THR D 254 -1.48 18.22 33.25
CA THR D 254 -0.25 17.54 33.64
C THR D 254 -0.27 16.07 33.26
N HIS D 255 0.92 15.52 33.01
CA HIS D 255 1.07 14.08 32.82
C HIS D 255 1.04 13.38 34.15
N ILE D 256 0.58 12.13 34.12
CA ILE D 256 0.41 11.31 35.31
C ILE D 256 0.93 9.90 35.01
N ALA D 257 1.10 9.09 36.05
CA ALA D 257 1.60 7.72 35.88
C ALA D 257 0.81 6.98 34.81
N LEU D 258 1.53 6.23 33.97
CA LEU D 258 0.97 5.43 32.86
C LEU D 258 0.80 6.21 31.53
N ASP D 259 1.04 7.53 31.56
CA ASP D 259 1.10 8.32 30.33
C ASP D 259 2.39 8.02 29.54
N GLY D 260 3.44 7.59 30.25
CA GLY D 260 4.75 7.43 29.66
C GLY D 260 4.83 6.34 28.60
N ARG D 261 3.85 5.45 28.60
CA ARG D 261 3.79 4.38 27.62
C ARG D 261 3.74 4.92 26.19
N LEU D 262 3.25 6.16 26.04
CA LEU D 262 3.23 6.80 24.71
C LEU D 262 4.63 7.12 24.19
N ALA D 263 5.61 7.15 25.08
CA ALA D 263 7.01 7.31 24.68
C ALA D 263 7.79 5.98 24.81
N GLY D 264 7.06 4.88 24.90
CA GLY D 264 7.66 3.56 25.12
C GLY D 264 8.28 3.37 26.50
N ILE D 265 7.85 4.19 27.47
CA ILE D 265 8.37 4.13 28.83
C ILE D 265 7.37 3.41 29.74
N VAL D 266 7.76 2.23 30.25
CA VAL D 266 6.85 1.43 31.07
C VAL D 266 7.37 1.13 32.48
N GLN D 267 8.59 1.56 32.79
CA GLN D 267 9.16 1.37 34.13
C GLN D 267 8.51 2.34 35.13
N PRO D 268 7.84 1.80 36.17
CA PRO D 268 7.25 2.67 37.19
C PRO D 268 8.27 3.58 37.86
N ASN D 269 7.83 4.76 38.28
CA ASN D 269 8.71 5.68 39.01
C ASN D 269 9.15 5.06 40.32
N ASP D 270 10.46 5.01 40.55
CA ASP D 270 11.02 4.32 41.71
C ASP D 270 11.04 5.20 42.98
N GLY D 271 10.82 6.49 42.80
CA GLY D 271 10.75 7.42 43.94
C GLY D 271 12.11 7.89 44.43
N GLN D 272 13.18 7.43 43.79
CA GLN D 272 14.54 7.81 44.18
C GLN D 272 15.00 9.06 43.43
N CYS D 273 16.08 9.67 43.91
CA CYS D 273 16.65 10.85 43.27
C CYS D 273 17.55 10.45 42.11
N HIS D 274 17.43 11.18 40.99
CA HIS D 274 18.22 10.89 39.79
C HIS D 274 18.74 12.17 39.12
N VAL D 275 18.98 13.22 39.90
CA VAL D 275 19.48 14.47 39.35
C VAL D 275 21.00 14.42 39.18
N GLY D 276 21.73 14.54 40.29
CA GLY D 276 23.19 14.37 40.26
C GLY D 276 23.95 15.50 39.58
N SER D 277 25.10 15.16 39.01
CA SER D 277 26.14 16.12 38.65
C SER D 277 25.65 17.29 37.77
N ASP D 278 25.05 16.97 36.64
CA ASP D 278 24.70 17.99 35.64
C ASP D 278 23.39 18.75 35.96
N ASN D 279 22.84 18.53 37.14
CA ASN D 279 21.61 19.19 37.58
C ASN D 279 20.38 18.89 36.72
N HIS D 280 20.45 17.82 35.93
CA HIS D 280 19.33 17.39 35.10
C HIS D 280 18.76 16.08 35.62
N TYR D 281 17.45 15.91 35.49
CA TYR D 281 16.79 14.64 35.81
C TYR D 281 17.13 13.61 34.73
N SER D 282 17.95 12.62 35.08
CA SER D 282 18.51 11.70 34.09
C SER D 282 17.60 10.51 33.78
N ALA D 283 16.66 10.21 34.67
CA ALA D 283 15.68 9.13 34.45
C ALA D 283 14.48 9.59 33.61
N SER D 284 14.47 10.87 33.22
CA SER D 284 13.34 11.47 32.51
C SER D 284 12.89 10.67 31.27
N THR D 285 13.84 10.07 30.55
CA THR D 285 13.52 9.34 29.31
C THR D 285 13.41 7.83 29.51
N THR D 286 13.67 7.35 30.73
CA THR D 286 13.69 5.91 31.01
C THR D 286 12.70 5.47 32.09
N MET D 287 11.99 6.42 32.67
CA MET D 287 11.16 6.16 33.86
C MET D 287 9.86 6.94 33.77
N ASP D 288 8.77 6.30 34.18
CA ASP D 288 7.43 6.86 34.00
C ASP D 288 7.20 8.02 34.96
N TYR D 289 6.18 8.82 34.66
CA TYR D 289 5.72 9.86 35.56
C TYR D 289 5.21 9.21 36.83
N PRO D 290 5.33 9.91 37.98
CA PRO D 290 4.90 9.32 39.24
C PRO D 290 3.37 9.33 39.40
N SER D 291 2.86 8.43 40.24
CA SER D 291 1.44 8.40 40.58
C SER D 291 1.18 9.33 41.75
N LEU D 292 -0.04 9.85 41.84
CA LEU D 292 -0.41 10.76 42.93
C LEU D 292 -0.05 10.16 44.30
N GLY D 293 -0.32 8.87 44.46
CA GLY D 293 -0.01 8.16 45.70
C GLY D 293 1.46 8.26 46.06
N LEU D 294 2.34 7.97 45.11
CA LEU D 294 3.78 8.02 45.34
C LEU D 294 4.24 9.44 45.67
N MET D 295 3.66 10.43 45.00
CA MET D 295 3.93 11.83 45.33
C MET D 295 3.54 12.13 46.78
N THR D 296 2.34 11.68 47.18
CA THR D 296 1.86 11.88 48.53
C THR D 296 2.82 11.28 49.56
N GLU D 297 3.19 10.01 49.36
CA GLU D 297 4.12 9.30 50.24
C GLU D 297 5.39 10.10 50.49
N LYS D 298 6.01 10.57 49.41
CA LYS D 298 7.31 11.24 49.50
C LYS D 298 7.19 12.65 50.07
N LEU D 299 6.16 13.40 49.65
CA LEU D 299 5.90 14.72 50.22
C LEU D 299 5.78 14.62 51.74
N SER D 300 5.06 13.61 52.20
CA SER D 300 4.88 13.37 53.63
C SER D 300 6.20 12.92 54.27
N GLN D 301 6.87 11.96 53.63
CA GLN D 301 8.11 11.39 54.16
C GLN D 301 9.22 12.45 54.33
N LYS D 302 9.27 13.40 53.41
CA LYS D 302 10.28 14.46 53.44
C LYS D 302 9.73 15.75 54.08
N ASN D 303 8.47 15.69 54.51
CA ASN D 303 7.82 16.80 55.20
C ASN D 303 7.85 18.08 54.38
N ILE D 304 7.28 18.01 53.18
CA ILE D 304 7.24 19.12 52.25
C ILE D 304 5.80 19.47 51.92
N ASN D 305 5.48 20.76 51.95
CA ASN D 305 4.13 21.23 51.63
C ASN D 305 4.09 21.77 50.22
N LEU D 306 3.29 21.12 49.38
CA LEU D 306 3.17 21.50 47.98
C LEU D 306 2.09 22.57 47.81
N ILE D 307 2.44 23.63 47.09
CA ILE D 307 1.48 24.67 46.75
C ILE D 307 1.39 24.79 45.23
N PHE D 308 0.17 24.62 44.71
CA PHE D 308 -0.06 24.76 43.27
C PHE D 308 -0.38 26.21 42.93
N ALA D 309 0.47 26.84 42.12
CA ALA D 309 0.24 28.20 41.64
C ALA D 309 -0.06 28.18 40.14
N VAL D 310 -1.31 27.86 39.79
CA VAL D 310 -1.69 27.58 38.41
C VAL D 310 -2.60 28.68 37.87
N THR D 311 -2.70 28.77 36.54
CA THR D 311 -3.52 29.82 35.91
C THR D 311 -5.00 29.45 35.97
N GLU D 312 -5.86 30.44 35.74
CA GLU D 312 -7.30 30.33 35.97
C GLU D 312 -7.94 29.17 35.19
N ASN D 313 -7.45 28.93 33.98
CA ASN D 313 -8.04 27.91 33.09
C ASN D 313 -7.88 26.47 33.60
N VAL D 314 -6.96 26.26 34.55
CA VAL D 314 -6.73 24.92 35.11
C VAL D 314 -6.82 24.89 36.65
N VAL D 315 -7.39 25.92 37.25
CA VAL D 315 -7.46 26.01 38.72
C VAL D 315 -8.36 24.92 39.32
N ASN D 316 -9.45 24.59 38.62
CA ASN D 316 -10.35 23.53 39.08
C ASN D 316 -9.71 22.15 38.94
N LEU D 317 -8.89 21.99 37.91
CA LEU D 317 -8.15 20.74 37.71
C LEU D 317 -7.23 20.47 38.90
N TYR D 318 -6.46 21.48 39.29
CA TYR D 318 -5.47 21.30 40.35
C TYR D 318 -6.09 21.36 41.74
N GLN D 319 -7.20 22.08 41.89
CA GLN D 319 -8.03 21.96 43.08
C GLN D 319 -8.43 20.51 43.29
N ASN D 320 -8.85 19.85 42.21
CA ASN D 320 -9.30 18.46 42.27
C ASN D 320 -8.16 17.48 42.58
N TYR D 321 -6.98 17.72 42.01
CA TYR D 321 -5.80 16.95 42.36
C TYR D 321 -5.39 17.18 43.80
N SER D 322 -5.63 18.39 44.29
CA SER D 322 -5.29 18.76 45.66
C SER D 322 -6.06 17.90 46.68
N GLU D 323 -7.33 17.62 46.38
CA GLU D 323 -8.14 16.77 47.25
C GLU D 323 -7.58 15.35 47.34
N LEU D 324 -6.84 14.93 46.32
CA LEU D 324 -6.25 13.60 46.27
C LEU D 324 -4.83 13.57 46.86
N ILE D 325 -4.29 14.75 47.18
CA ILE D 325 -3.02 14.86 47.91
C ILE D 325 -3.21 15.75 49.13
N PRO D 326 -3.70 15.18 50.24
CA PRO D 326 -4.05 15.97 51.43
C PRO D 326 -2.91 16.87 51.91
N GLY D 327 -3.25 18.08 52.33
CA GLY D 327 -2.26 19.04 52.80
C GLY D 327 -1.84 20.03 51.73
N THR D 328 -2.15 19.70 50.47
CA THR D 328 -1.79 20.55 49.34
C THR D 328 -2.79 21.68 49.20
N THR D 329 -2.31 22.85 48.78
CA THR D 329 -3.19 24.00 48.54
C THR D 329 -3.00 24.54 47.12
N VAL D 330 -3.98 25.30 46.66
CA VAL D 330 -4.04 25.75 45.27
C VAL D 330 -4.42 27.23 45.18
N GLY D 331 -3.70 27.98 44.36
CA GLY D 331 -3.96 29.41 44.17
C GLY D 331 -3.85 29.81 42.71
N VAL D 332 -4.55 30.87 42.33
CA VAL D 332 -4.53 31.36 40.96
C VAL D 332 -3.31 32.22 40.71
N LEU D 333 -2.50 31.82 39.72
CA LEU D 333 -1.36 32.60 39.27
C LEU D 333 -1.83 33.66 38.28
N SER D 334 -1.46 34.92 38.55
CA SER D 334 -1.66 36.00 37.59
C SER D 334 -0.67 37.12 37.89
N MET D 335 -0.83 38.25 37.21
CA MET D 335 -0.02 39.43 37.49
C MET D 335 -0.35 39.95 38.90
N ASP D 336 -1.55 39.65 39.38
CA ASP D 336 -1.92 39.82 40.79
C ASP D 336 -1.49 38.58 41.57
N SER D 337 -0.45 38.71 42.38
CA SER D 337 0.11 37.57 43.12
C SER D 337 -0.45 37.45 44.56
N SER D 338 -1.53 38.18 44.85
CA SER D 338 -2.13 38.18 46.19
C SER D 338 -2.51 36.77 46.61
N ASN D 339 -3.24 36.08 45.75
CA ASN D 339 -3.82 34.78 46.08
C ASN D 339 -2.77 33.76 46.50
N VAL D 340 -1.69 33.68 45.74
CA VAL D 340 -0.63 32.69 46.00
C VAL D 340 0.22 33.11 47.20
N LEU D 341 0.49 34.40 47.34
CA LEU D 341 1.23 34.92 48.50
C LEU D 341 0.50 34.62 49.80
N GLN D 342 -0.82 34.72 49.80
CA GLN D 342 -1.62 34.38 50.99
C GLN D 342 -1.40 32.94 51.42
N LEU D 343 -1.25 32.04 50.46
CA LEU D 343 -1.02 30.63 50.77
C LEU D 343 0.32 30.44 51.49
N ILE D 344 1.30 31.28 51.15
CA ILE D 344 2.59 31.30 51.85
C ILE D 344 2.45 31.86 53.27
N VAL D 345 1.63 32.90 53.43
CA VAL D 345 1.34 33.46 54.75
C VAL D 345 0.58 32.45 55.62
N ASP D 346 -0.45 31.84 55.05
CA ASP D 346 -1.24 30.81 55.75
C ASP D 346 -0.34 29.67 56.25
N ALA D 347 0.59 29.24 55.38
CA ALA D 347 1.49 28.14 55.71
C ALA D 347 2.40 28.47 56.89
N TYR D 348 2.93 29.69 56.91
CA TYR D 348 3.76 30.16 58.02
C TYR D 348 2.94 30.24 59.32
N GLY D 349 1.66 30.57 59.21
CA GLY D 349 0.77 30.65 60.36
C GLY D 349 0.43 29.31 60.98
N LYS D 350 0.84 28.22 60.34
CA LYS D 350 0.60 26.86 60.86
C LYS D 350 1.83 26.29 61.57
N ILE D 351 2.99 26.93 61.39
CA ILE D 351 4.25 26.40 61.92
C ILE D 351 4.28 26.49 63.44
N ARG D 352 4.44 25.34 64.10
CA ARG D 352 4.50 25.28 65.56
C ARG D 352 5.86 24.75 66.02
N SER D 353 6.29 25.18 67.20
CA SER D 353 7.53 24.69 67.80
C SER D 353 7.25 24.02 69.15
N LYS D 354 8.24 23.33 69.68
CA LYS D 354 8.14 22.68 70.98
C LYS D 354 9.31 23.07 71.87
N VAL D 355 9.07 23.07 73.18
CA VAL D 355 10.12 23.32 74.15
C VAL D 355 10.34 22.07 74.99
N GLU D 356 11.23 21.20 74.51
CA GLU D 356 11.51 19.93 75.15
C GLU D 356 12.87 19.97 75.82
N LEU D 357 12.87 19.95 77.15
CA LEU D 357 14.10 20.04 77.93
C LEU D 357 14.87 18.73 77.86
N GLU D 358 16.20 18.83 77.85
CA GLU D 358 17.07 17.67 78.03
C GLU D 358 18.23 18.00 78.95
N VAL D 359 18.63 17.02 79.75
CA VAL D 359 19.66 17.22 80.77
C VAL D 359 20.97 16.61 80.33
N ARG D 360 22.07 17.35 80.52
CA ARG D 360 23.39 16.91 80.09
C ARG D 360 24.40 16.97 81.23
N ASP D 361 25.20 15.92 81.35
CA ASP D 361 26.27 15.84 82.36
C ASP D 361 25.72 15.87 83.78
N LEU D 362 24.59 15.20 83.99
CA LEU D 362 23.99 15.11 85.32
C LEU D 362 24.76 14.11 86.17
N PRO D 363 25.24 14.55 87.37
CA PRO D 363 25.93 13.63 88.27
C PRO D 363 25.07 12.42 88.67
N GLU D 364 25.73 11.29 88.91
CA GLU D 364 25.04 10.05 89.27
C GLU D 364 24.22 10.23 90.55
N GLU D 365 24.73 11.05 91.47
CA GLU D 365 24.13 11.22 92.79
C GLU D 365 22.92 12.18 92.78
N LEU D 366 22.82 12.99 91.73
CA LEU D 366 21.69 13.93 91.60
C LEU D 366 20.59 13.37 90.71
N SER D 367 19.34 13.59 91.11
CA SER D 367 18.18 13.29 90.27
C SER D 367 17.26 14.51 90.22
N LEU D 368 16.56 14.68 89.08
CA LEU D 368 15.71 15.85 88.87
C LEU D 368 14.27 15.43 88.63
N SER D 369 13.35 16.33 88.95
CA SER D 369 11.93 16.16 88.58
C SER D 369 11.36 17.49 88.09
N PHE D 370 10.38 17.41 87.18
CA PHE D 370 9.90 18.59 86.44
C PHE D 370 8.39 18.77 86.52
N ASN D 371 7.95 20.00 86.80
CA ASN D 371 6.55 20.38 86.63
C ASN D 371 6.44 21.46 85.56
N ALA D 372 5.74 21.15 84.46
CA ALA D 372 5.69 22.02 83.29
C ALA D 372 4.40 22.84 83.23
N THR D 373 4.52 24.10 82.82
CA THR D 373 3.37 24.98 82.63
C THR D 373 3.38 25.57 81.22
N CYS D 374 2.53 25.04 80.35
CA CYS D 374 2.49 25.44 78.95
C CYS D 374 1.50 26.59 78.71
N LEU D 375 0.97 26.69 77.49
CA LEU D 375 0.12 27.82 77.10
C LEU D 375 -1.21 27.83 77.87
N ASN D 376 -1.74 26.64 78.16
CA ASN D 376 -3.00 26.52 78.91
C ASN D 376 -2.87 26.89 80.39
N ASN D 377 -1.66 27.22 80.84
CA ASN D 377 -1.40 27.67 82.21
C ASN D 377 -1.87 26.66 83.27
N GLU D 378 -1.66 25.38 82.98
CA GLU D 378 -1.96 24.31 83.93
C GLU D 378 -0.66 23.57 84.28
N VAL D 379 -0.42 23.40 85.58
CA VAL D 379 0.77 22.71 86.05
C VAL D 379 0.58 21.19 85.94
N ILE D 380 1.33 20.57 85.03
CA ILE D 380 1.31 19.12 84.87
C ILE D 380 2.61 18.52 85.41
N PRO D 381 2.53 17.76 86.53
CA PRO D 381 3.74 17.16 87.09
C PRO D 381 4.35 16.07 86.21
N GLY D 382 5.66 15.87 86.35
CA GLY D 382 6.37 14.79 85.66
C GLY D 382 6.47 14.98 84.14
N LEU D 383 6.37 16.23 83.70
CA LEU D 383 6.41 16.55 82.27
C LEU D 383 7.42 17.65 82.02
N LYS D 384 8.27 17.46 81.02
CA LYS D 384 9.33 18.42 80.71
C LYS D 384 9.33 18.80 79.22
N SER D 385 8.14 18.98 78.67
CA SER D 385 7.98 19.36 77.27
C SER D 385 6.62 20.00 77.01
N CYS D 386 6.63 21.15 76.34
CA CYS D 386 5.40 21.81 75.90
C CYS D 386 5.36 21.87 74.37
N MET D 387 4.16 21.91 73.82
CA MET D 387 3.96 21.90 72.36
C MET D 387 2.95 22.95 71.93
N GLY D 388 2.95 23.26 70.64
CA GLY D 388 1.99 24.20 70.05
C GLY D 388 2.34 25.65 70.31
N LEU D 389 3.63 25.98 70.19
CA LEU D 389 4.10 27.34 70.46
C LEU D 389 4.23 28.15 69.16
N LYS D 390 3.80 29.40 69.21
CA LYS D 390 4.07 30.37 68.15
C LYS D 390 5.27 31.24 68.55
N ILE D 391 5.57 32.24 67.73
CA ILE D 391 6.60 33.22 68.08
C ILE D 391 6.03 34.14 69.15
N GLY D 392 6.76 34.27 70.26
CA GLY D 392 6.33 35.13 71.37
C GLY D 392 5.73 34.37 72.55
N ASP D 393 5.32 33.12 72.31
CA ASP D 393 4.74 32.29 73.37
C ASP D 393 5.81 31.91 74.40
N THR D 394 5.42 31.90 75.68
CA THR D 394 6.34 31.59 76.78
C THR D 394 5.84 30.40 77.59
N VAL D 395 6.73 29.49 77.94
CA VAL D 395 6.41 28.36 78.81
C VAL D 395 7.34 28.31 80.01
N SER D 396 6.87 27.70 81.09
CA SER D 396 7.57 27.73 82.37
C SER D 396 7.77 26.31 82.90
N PHE D 397 8.91 26.08 83.55
CA PHE D 397 9.16 24.81 84.23
C PHE D 397 9.64 25.05 85.68
N SER D 398 9.15 24.23 86.60
CA SER D 398 9.73 24.14 87.93
C SER D 398 10.57 22.87 88.01
N ILE D 399 11.82 23.01 88.43
CA ILE D 399 12.73 21.86 88.57
C ILE D 399 13.11 21.67 90.04
N GLU D 400 13.19 20.41 90.46
CA GLU D 400 13.67 20.05 91.81
C GLU D 400 14.87 19.14 91.69
N ALA D 401 15.96 19.48 92.39
CA ALA D 401 17.19 18.69 92.35
C ALA D 401 17.41 18.00 93.71
N LYS D 402 17.35 16.68 93.71
CA LYS D 402 17.53 15.89 94.93
C LYS D 402 18.86 15.14 94.89
N VAL D 403 19.62 15.23 95.98
CA VAL D 403 20.91 14.54 96.09
C VAL D 403 20.78 13.28 96.95
N ARG D 404 21.50 12.24 96.55
CA ARG D 404 21.56 10.99 97.31
C ARG D 404 22.82 10.98 98.17
N GLY D 405 22.65 11.20 99.47
CA GLY D 405 23.78 11.27 100.39
C GLY D 405 24.60 12.53 100.15
N CYS D 406 25.91 12.41 100.33
CA CYS D 406 26.84 13.52 100.12
C CYS D 406 28.04 13.08 99.29
N PRO D 407 28.14 13.57 98.04
CA PRO D 407 29.33 13.32 97.21
C PRO D 407 30.56 14.09 97.67
N GLN D 408 31.73 13.46 97.57
CA GLN D 408 32.98 14.09 97.99
C GLN D 408 33.68 14.82 96.82
N GLU D 409 33.08 14.76 95.64
CA GLU D 409 33.57 15.53 94.48
C GLU D 409 33.39 17.04 94.69
N LYS D 410 32.32 17.41 95.40
CA LYS D 410 32.07 18.80 95.82
C LYS D 410 31.68 19.75 94.68
N GLU D 411 32.64 20.08 93.82
CA GLU D 411 32.40 21.06 92.73
C GLU D 411 32.10 20.37 91.40
N LYS D 412 30.83 20.43 91.00
CA LYS D 412 30.41 19.95 89.66
C LYS D 412 29.47 20.97 89.02
N SER D 413 29.05 20.70 87.79
CA SER D 413 28.05 21.53 87.11
C SER D 413 27.41 20.79 85.93
N PHE D 414 26.10 20.98 85.75
CA PHE D 414 25.37 20.36 84.65
C PHE D 414 24.54 21.39 83.87
N THR D 415 23.96 20.95 82.75
CA THR D 415 23.26 21.84 81.82
C THR D 415 21.83 21.39 81.57
N ILE D 416 20.90 22.35 81.54
CA ILE D 416 19.53 22.11 81.11
C ILE D 416 19.27 22.91 79.85
N LYS D 417 18.96 22.22 78.75
CA LYS D 417 18.95 22.82 77.42
C LYS D 417 17.74 22.36 76.62
N PRO D 418 16.96 23.31 76.07
CA PRO D 418 15.86 22.93 75.18
C PRO D 418 16.36 22.41 73.83
N VAL D 419 15.64 21.45 73.26
CA VAL D 419 16.01 20.87 71.97
C VAL D 419 15.85 21.91 70.86
N GLY D 420 16.93 22.14 70.11
CA GLY D 420 16.91 23.12 69.03
C GLY D 420 17.44 24.49 69.45
N PHE D 421 17.27 24.83 70.72
CA PHE D 421 17.70 26.13 71.25
C PHE D 421 19.18 26.09 71.59
N LYS D 422 19.89 27.16 71.23
CA LYS D 422 21.31 27.29 71.57
C LYS D 422 21.48 27.75 73.02
N ASP D 423 20.48 28.44 73.56
CA ASP D 423 20.49 28.88 74.95
C ASP D 423 20.38 27.69 75.90
N SER D 424 20.83 27.87 77.13
CA SER D 424 20.77 26.81 78.15
C SER D 424 20.92 27.37 79.55
N LEU D 425 20.47 26.60 80.54
CA LEU D 425 20.68 26.93 81.95
C LEU D 425 21.83 26.10 82.50
N ILE D 426 22.90 26.77 82.93
CA ILE D 426 24.00 26.10 83.60
C ILE D 426 23.78 26.10 85.11
N VAL D 427 23.84 24.92 85.72
CA VAL D 427 23.65 24.77 87.16
C VAL D 427 24.95 24.31 87.82
N GLN D 428 25.55 25.18 88.64
CA GLN D 428 26.74 24.85 89.40
C GLN D 428 26.35 24.26 90.76
N VAL D 429 26.83 23.05 91.05
CA VAL D 429 26.45 22.33 92.26
C VAL D 429 27.58 22.31 93.28
N THR D 430 27.25 22.72 94.51
CA THR D 430 28.17 22.61 95.65
C THR D 430 27.51 21.78 96.74
N PHE D 431 28.32 21.06 97.52
CA PHE D 431 27.79 20.16 98.54
C PHE D 431 28.26 20.54 99.95
N ASP D 432 27.38 21.20 100.70
CA ASP D 432 27.68 21.66 102.06
C ASP D 432 27.49 20.51 103.07
N CYS D 433 28.57 19.79 103.35
CA CYS D 433 28.50 18.57 104.17
C CYS D 433 29.26 18.67 105.50
N ASP D 434 30.21 19.59 105.59
CA ASP D 434 31.03 19.75 106.78
C ASP D 434 30.48 20.85 107.68
N CYS D 435 31.09 21.00 108.86
CA CYS D 435 30.71 22.04 109.81
C CYS D 435 31.83 23.08 109.94
N ALA D 436 31.46 24.29 110.32
CA ALA D 436 32.42 25.38 110.47
C ALA D 436 33.41 25.12 111.60
N CYS D 437 32.96 24.38 112.62
CA CYS D 437 33.77 24.14 113.82
C CYS D 437 34.83 23.04 113.64
N GLN D 438 34.71 22.26 112.56
CA GLN D 438 35.68 21.18 112.29
C GLN D 438 37.07 21.72 111.94
N ALA D 439 37.11 22.90 111.31
CA ALA D 439 38.36 23.54 110.95
C ALA D 439 39.15 23.99 112.19
N GLN D 440 38.43 24.37 113.26
CA GLN D 440 39.06 24.81 114.50
C GLN D 440 39.19 23.66 115.52
N ALA D 441 39.61 22.49 115.03
CA ALA D 441 39.83 21.33 115.90
C ALA D 441 41.22 21.41 116.54
N GLU D 442 41.29 21.19 117.84
CA GLU D 442 42.55 21.26 118.58
C GLU D 442 42.98 19.86 119.07
N PRO D 443 43.85 19.17 118.30
CA PRO D 443 44.29 17.83 118.67
C PRO D 443 45.26 17.83 119.86
N ASN D 444 45.25 16.74 120.62
CA ASN D 444 46.10 16.60 121.81
C ASN D 444 45.88 17.73 122.83
N SER D 445 44.63 18.13 123.00
CA SER D 445 44.28 19.16 123.98
C SER D 445 44.24 18.55 125.38
N HIS D 446 44.87 19.24 126.34
CA HIS D 446 44.98 18.71 127.71
C HIS D 446 43.63 18.70 128.45
N ARG D 447 42.64 19.40 127.89
CA ARG D 447 41.27 19.37 128.41
C ARG D 447 40.64 17.97 128.24
N CYS D 448 41.02 17.27 127.17
CA CYS D 448 40.49 15.94 126.88
C CYS D 448 41.53 14.85 127.20
N ASN D 449 41.44 14.30 128.43
CA ASN D 449 42.22 13.12 128.82
C ASN D 449 43.74 13.30 128.64
N ASN D 450 44.30 14.32 129.29
CA ASN D 450 45.75 14.52 129.35
C ASN D 450 46.42 14.60 127.96
N GLY D 451 45.72 15.19 126.99
CA GLY D 451 46.29 15.41 125.66
C GLY D 451 46.31 14.17 124.77
N ASN D 452 45.40 13.23 125.03
CA ASN D 452 45.26 12.04 124.18
C ASN D 452 44.09 12.16 123.20
N GLY D 453 43.11 12.99 123.53
CA GLY D 453 41.89 13.13 122.71
C GLY D 453 41.79 14.48 122.03
N THR D 454 41.18 14.48 120.84
CA THR D 454 40.95 15.71 120.07
C THR D 454 39.71 16.45 120.59
N PHE D 455 39.70 17.76 120.41
CA PHE D 455 38.56 18.60 120.79
C PHE D 455 38.01 19.34 119.58
N GLU D 456 36.77 19.04 119.21
CA GLU D 456 36.09 19.73 118.11
C GLU D 456 34.60 19.93 118.39
N CYS D 457 34.13 21.16 118.20
CA CYS D 457 32.71 21.50 118.33
C CYS D 457 32.16 21.21 119.74
N GLY D 458 32.98 21.43 120.75
CA GLY D 458 32.56 21.25 122.15
C GLY D 458 32.43 19.80 122.58
N VAL D 459 33.22 18.91 121.96
CA VAL D 459 33.17 17.48 122.29
C VAL D 459 34.56 16.87 122.25
N CYS D 460 34.91 16.12 123.30
CA CYS D 460 36.20 15.45 123.36
C CYS D 460 36.21 14.16 122.55
N ARG D 461 37.40 13.78 122.08
CA ARG D 461 37.59 12.57 121.27
C ARG D 461 38.76 11.77 121.82
N LEU E 1 -20.50 -19.02 -31.37
CA LEU E 1 -20.49 -18.42 -30.01
C LEU E 1 -19.10 -17.86 -29.68
N ASN E 2 -18.99 -16.53 -29.67
CA ASN E 2 -17.71 -15.86 -29.38
C ASN E 2 -17.68 -15.16 -28.01
N LEU E 3 -18.77 -15.29 -27.25
CA LEU E 3 -18.73 -15.07 -25.79
C LEU E 3 -19.05 -16.40 -25.11
N ASP E 4 -18.15 -16.88 -24.25
CA ASP E 4 -18.30 -18.17 -23.62
C ASP E 4 -19.43 -18.14 -22.57
N PRO E 5 -20.53 -18.88 -22.83
CA PRO E 5 -21.65 -18.93 -21.89
C PRO E 5 -21.55 -20.06 -20.87
N VAL E 6 -20.50 -20.87 -20.95
CA VAL E 6 -20.35 -22.04 -20.10
C VAL E 6 -19.55 -21.70 -18.84
N GLN E 7 -18.31 -21.24 -19.04
CA GLN E 7 -17.45 -20.88 -17.91
C GLN E 7 -17.53 -19.38 -17.63
N LEU E 8 -18.44 -19.02 -16.72
CA LEU E 8 -18.66 -17.64 -16.31
C LEU E 8 -17.97 -17.40 -14.97
N THR E 9 -17.68 -16.13 -14.68
CA THR E 9 -17.23 -15.72 -13.36
C THR E 9 -18.36 -15.00 -12.63
N PHE E 10 -18.56 -15.33 -11.36
CA PHE E 10 -19.65 -14.74 -10.57
C PHE E 10 -19.10 -13.98 -9.37
N TYR E 11 -19.48 -12.71 -9.26
CA TYR E 11 -19.22 -11.92 -8.06
C TYR E 11 -20.54 -11.73 -7.32
N ALA E 12 -20.46 -11.54 -6.00
CA ALA E 12 -21.66 -11.45 -5.17
C ALA E 12 -21.49 -10.45 -4.03
N GLY E 13 -22.56 -9.70 -3.76
CA GLY E 13 -22.60 -8.80 -2.61
C GLY E 13 -23.60 -9.28 -1.58
N PRO E 14 -23.81 -8.48 -0.53
CA PRO E 14 -24.73 -8.85 0.55
C PRO E 14 -26.19 -8.96 0.12
N ASN E 15 -26.96 -9.80 0.81
CA ASN E 15 -28.40 -9.92 0.60
C ASN E 15 -29.11 -8.58 0.69
N GLY E 16 -29.97 -8.31 -0.29
CA GLY E 16 -30.80 -7.11 -0.28
C GLY E 16 -30.06 -5.83 -0.60
N SER E 17 -28.79 -5.95 -0.99
CA SER E 17 -27.94 -4.80 -1.21
C SER E 17 -28.14 -4.23 -2.61
N GLN E 18 -28.77 -5.03 -3.47
CA GLN E 18 -28.89 -4.71 -4.90
C GLN E 18 -27.50 -4.52 -5.55
N PHE E 19 -26.54 -5.30 -5.06
CA PHE E 19 -25.21 -5.40 -5.67
C PHE E 19 -25.37 -5.74 -7.15
N GLY E 20 -24.87 -4.85 -8.02
CA GLY E 20 -24.95 -5.06 -9.46
C GLY E 20 -26.00 -4.20 -10.14
N PHE E 21 -26.60 -3.27 -9.39
CA PHE E 21 -27.53 -2.29 -9.95
C PHE E 21 -26.82 -1.41 -10.98
N SER E 22 -25.57 -1.06 -10.69
CA SER E 22 -24.71 -0.40 -11.66
C SER E 22 -23.33 -1.01 -11.63
N LEU E 23 -22.55 -0.79 -12.69
CA LEU E 23 -21.19 -1.30 -12.76
C LEU E 23 -20.37 -0.62 -13.85
N ASP E 24 -19.05 -0.70 -13.71
CA ASP E 24 -18.13 -0.19 -14.71
C ASP E 24 -16.75 -0.82 -14.53
N PHE E 25 -15.98 -0.87 -15.61
CA PHE E 25 -14.60 -1.32 -15.55
C PHE E 25 -13.73 -0.20 -15.01
N HIS E 26 -12.69 -0.57 -14.25
CA HIS E 26 -11.74 0.42 -13.70
C HIS E 26 -10.31 -0.09 -13.84
N LYS E 27 -9.46 0.73 -14.45
CA LYS E 27 -8.03 0.41 -14.56
C LYS E 27 -7.25 1.02 -13.40
N ASP E 28 -6.71 0.17 -12.53
CA ASP E 28 -5.90 0.63 -11.41
C ASP E 28 -4.48 0.98 -11.85
N SER E 29 -3.66 1.44 -10.90
CA SER E 29 -2.31 1.94 -11.20
C SER E 29 -1.37 0.83 -11.67
N HIS E 30 -1.60 -0.39 -11.19
CA HIS E 30 -0.70 -1.50 -11.44
C HIS E 30 -1.11 -2.30 -12.68
N GLY E 31 -1.89 -1.68 -13.57
CA GLY E 31 -2.24 -2.29 -14.86
C GLY E 31 -3.57 -3.04 -14.85
N ARG E 32 -3.89 -3.68 -13.72
CA ARG E 32 -5.03 -4.59 -13.64
C ARG E 32 -6.36 -3.86 -13.82
N VAL E 33 -7.28 -4.49 -14.54
CA VAL E 33 -8.65 -4.02 -14.63
C VAL E 33 -9.48 -4.63 -13.50
N ALA E 34 -10.30 -3.81 -12.87
CA ALA E 34 -11.21 -4.26 -11.83
C ALA E 34 -12.65 -3.89 -12.19
N ILE E 35 -13.61 -4.44 -11.46
CA ILE E 35 -15.01 -4.12 -11.67
C ILE E 35 -15.55 -3.33 -10.47
N VAL E 36 -15.85 -2.05 -10.69
CA VAL E 36 -16.58 -1.27 -9.70
C VAL E 36 -18.07 -1.63 -9.80
N VAL E 37 -18.67 -1.96 -8.66
CA VAL E 37 -20.08 -2.37 -8.61
C VAL E 37 -20.84 -1.55 -7.57
N GLY E 38 -21.99 -1.00 -7.97
CA GLY E 38 -22.86 -0.25 -7.06
C GLY E 38 -23.89 -1.14 -6.39
N ALA E 39 -24.07 -0.96 -5.08
CA ALA E 39 -25.06 -1.73 -4.31
C ALA E 39 -25.91 -0.76 -3.48
N PRO E 40 -26.90 -0.13 -4.12
CA PRO E 40 -27.58 1.06 -3.59
C PRO E 40 -28.51 0.85 -2.39
N ARG E 41 -28.64 -0.38 -1.91
CA ARG E 41 -29.41 -0.62 -0.69
C ARG E 41 -28.60 -1.34 0.39
N THR E 42 -27.28 -1.25 0.27
CA THR E 42 -26.39 -1.78 1.31
C THR E 42 -26.65 -1.06 2.62
N LEU E 43 -26.70 -1.82 3.71
CA LEU E 43 -26.92 -1.25 5.03
C LEU E 43 -25.74 -0.39 5.43
N GLY E 44 -26.03 0.73 6.09
CA GLY E 44 -25.02 1.63 6.62
C GLY E 44 -25.19 1.79 8.12
N PRO E 45 -24.99 3.01 8.63
CA PRO E 45 -25.18 3.29 10.05
C PRO E 45 -26.60 3.01 10.51
N SER E 46 -26.74 2.44 11.72
CA SER E 46 -28.05 2.14 12.31
C SER E 46 -28.85 1.11 11.51
N GLN E 47 -28.12 0.21 10.83
CA GLN E 47 -28.74 -0.83 9.98
C GLN E 47 -29.79 -0.27 9.04
N GLU E 48 -29.54 0.93 8.52
CA GLU E 48 -30.44 1.58 7.59
C GLU E 48 -29.83 1.60 6.20
N GLU E 49 -30.67 1.43 5.19
CA GLU E 49 -30.19 1.39 3.79
C GLU E 49 -29.60 2.74 3.41
N THR E 50 -28.30 2.76 3.10
CA THR E 50 -27.63 3.96 2.59
C THR E 50 -26.96 3.72 1.24
N GLY E 51 -26.60 2.47 0.96
CA GLY E 51 -25.94 2.12 -0.29
C GLY E 51 -24.45 1.98 -0.11
N GLY E 52 -23.79 1.46 -1.14
CA GLY E 52 -22.36 1.21 -1.07
C GLY E 52 -21.75 0.89 -2.42
N VAL E 53 -20.43 0.88 -2.47
CA VAL E 53 -19.68 0.57 -3.67
C VAL E 53 -18.68 -0.54 -3.37
N PHE E 54 -18.50 -1.43 -4.33
CA PHE E 54 -17.52 -2.51 -4.19
C PHE E 54 -16.54 -2.47 -5.36
N LEU E 55 -15.32 -2.90 -5.10
CA LEU E 55 -14.25 -2.83 -6.09
C LEU E 55 -13.65 -4.22 -6.28
N CYS E 56 -14.22 -4.97 -7.24
CA CYS E 56 -13.85 -6.36 -7.48
C CYS E 56 -12.63 -6.46 -8.38
N PRO E 57 -11.58 -7.15 -7.91
CA PRO E 57 -10.46 -7.44 -8.79
C PRO E 57 -10.78 -8.62 -9.69
N TRP E 58 -10.12 -8.71 -10.84
CA TRP E 58 -10.38 -9.79 -11.76
C TRP E 58 -9.85 -11.12 -11.24
N ARG E 59 -10.76 -12.04 -10.95
CA ARG E 59 -10.42 -13.41 -10.60
C ARG E 59 -11.31 -14.35 -11.41
N ALA E 60 -10.71 -15.39 -11.99
CA ALA E 60 -11.47 -16.39 -12.73
C ALA E 60 -12.58 -17.00 -11.87
N GLU E 61 -12.27 -17.25 -10.60
CA GLU E 61 -13.21 -17.90 -9.68
C GLU E 61 -14.27 -16.93 -9.14
N GLY E 62 -14.00 -15.63 -9.19
CA GLY E 62 -14.94 -14.63 -8.68
C GLY E 62 -15.03 -14.64 -7.17
N GLY E 63 -16.21 -14.29 -6.64
CA GLY E 63 -16.46 -14.35 -5.19
C GLY E 63 -16.84 -13.01 -4.59
N GLN E 64 -16.38 -12.77 -3.36
CA GLN E 64 -16.70 -11.53 -2.63
C GLN E 64 -15.68 -10.43 -2.97
N CYS E 65 -16.13 -9.18 -2.94
CA CYS E 65 -15.26 -8.05 -3.26
C CYS E 65 -15.04 -7.16 -2.05
N PRO E 66 -13.87 -6.50 -1.98
CA PRO E 66 -13.63 -5.51 -0.94
C PRO E 66 -14.50 -4.27 -1.13
N SER E 67 -14.83 -3.61 -0.02
CA SER E 67 -15.64 -2.40 -0.07
C SER E 67 -14.77 -1.20 -0.46
N LEU E 68 -15.40 -0.18 -1.04
CA LEU E 68 -14.77 1.12 -1.23
C LEU E 68 -15.55 2.13 -0.40
N LEU E 69 -15.04 2.45 0.78
CA LEU E 69 -15.83 3.17 1.79
C LEU E 69 -15.96 4.64 1.49
N PHE E 70 -17.13 5.18 1.79
CA PHE E 70 -17.36 6.62 1.79
C PHE E 70 -18.02 7.01 3.11
N ASP E 71 -17.94 8.29 3.46
CA ASP E 71 -18.54 8.78 4.69
C ASP E 71 -20.07 8.70 4.62
N LEU E 72 -20.68 7.95 5.54
CA LEU E 72 -22.14 7.75 5.55
C LEU E 72 -22.84 8.51 6.68
N ARG E 73 -22.14 9.40 7.38
CA ARG E 73 -22.74 10.19 8.46
C ARG E 73 -23.54 11.35 7.90
N ASP E 74 -24.63 11.68 8.57
CA ASP E 74 -25.40 12.85 8.22
C ASP E 74 -24.66 14.08 8.73
N GLU E 75 -24.66 15.14 7.95
CA GLU E 75 -23.87 16.33 8.24
C GLU E 75 -24.77 17.48 8.66
N THR E 76 -24.27 18.31 9.59
CA THR E 76 -24.92 19.56 9.95
C THR E 76 -23.87 20.65 10.07
N ARG E 77 -24.17 21.82 9.50
N ARG E 77 -24.15 21.81 9.49
CA ARG E 77 -23.27 22.97 9.58
CA ARG E 77 -23.27 22.97 9.62
C ARG E 77 -24.08 24.25 9.75
C ARG E 77 -24.08 24.24 9.76
N ASN E 78 -23.64 25.12 10.65
CA ASN E 78 -24.27 26.41 10.84
C ASN E 78 -23.45 27.49 10.13
N VAL E 79 -24.02 28.08 9.10
CA VAL E 79 -23.35 29.08 8.29
C VAL E 79 -24.18 30.36 8.27
N GLY E 80 -23.85 31.28 9.17
CA GLY E 80 -24.46 32.61 9.20
C GLY E 80 -25.98 32.59 9.28
N SER E 81 -26.50 32.15 10.42
CA SER E 81 -27.95 32.16 10.70
C SER E 81 -28.74 31.08 9.93
N GLN E 82 -28.05 30.24 9.17
CA GLN E 82 -28.68 29.10 8.51
C GLN E 82 -28.11 27.79 9.05
N THR E 83 -28.92 26.74 8.99
CA THR E 83 -28.44 25.39 9.30
C THR E 83 -28.52 24.52 8.05
N LEU E 84 -27.37 24.04 7.60
CA LEU E 84 -27.29 23.18 6.43
C LEU E 84 -27.31 21.72 6.87
N GLN E 85 -28.18 20.92 6.25
CA GLN E 85 -28.38 19.52 6.65
C GLN E 85 -28.30 18.58 5.44
N THR E 86 -27.61 17.45 5.62
CA THR E 86 -27.64 16.35 4.64
C THR E 86 -28.17 15.09 5.32
N PHE E 87 -29.00 14.33 4.61
CA PHE E 87 -29.56 13.09 5.13
C PHE E 87 -29.29 11.97 4.14
N LYS E 88 -28.58 10.94 4.59
CA LYS E 88 -28.09 9.90 3.70
C LYS E 88 -28.91 8.60 3.79
N ALA E 89 -29.95 8.61 4.62
CA ALA E 89 -30.83 7.45 4.73
C ALA E 89 -31.56 7.21 3.40
N ARG E 90 -31.47 5.97 2.90
CA ARG E 90 -32.14 5.58 1.66
C ARG E 90 -31.60 6.32 0.43
N GLN E 91 -30.37 6.84 0.52
CA GLN E 91 -29.83 7.72 -0.53
C GLN E 91 -29.45 6.99 -1.83
N GLY E 92 -29.24 5.67 -1.73
CA GLY E 92 -28.95 4.85 -2.91
C GLY E 92 -27.55 5.06 -3.46
N LEU E 93 -26.55 5.16 -2.58
CA LEU E 93 -25.16 5.28 -3.01
C LEU E 93 -24.80 4.08 -3.86
N GLY E 94 -24.36 4.32 -5.09
CA GLY E 94 -24.07 3.24 -6.03
C GLY E 94 -25.22 2.94 -6.96
N ALA E 95 -26.23 3.81 -6.97
CA ALA E 95 -27.31 3.75 -7.95
C ALA E 95 -26.77 3.99 -9.36
N SER E 96 -25.64 4.70 -9.43
CA SER E 96 -24.84 4.76 -10.66
C SER E 96 -23.36 4.89 -10.31
N VAL E 97 -22.51 4.23 -11.10
CA VAL E 97 -21.05 4.32 -10.91
C VAL E 97 -20.35 4.46 -12.25
N VAL E 98 -19.24 5.18 -12.26
CA VAL E 98 -18.45 5.37 -13.47
C VAL E 98 -16.97 5.57 -13.12
N SER E 99 -16.09 4.91 -13.88
CA SER E 99 -14.65 5.06 -13.72
C SER E 99 -14.09 5.93 -14.84
N TRP E 100 -13.21 6.85 -14.48
CA TRP E 100 -12.45 7.61 -15.46
C TRP E 100 -11.03 7.79 -14.97
N SER E 101 -10.06 7.43 -15.81
CA SER E 101 -8.67 7.49 -15.44
C SER E 101 -8.49 6.73 -14.12
N ASP E 102 -7.94 7.39 -13.11
CA ASP E 102 -7.70 6.73 -11.81
C ASP E 102 -8.74 7.15 -10.76
N VAL E 103 -9.93 7.54 -11.22
CA VAL E 103 -10.98 8.07 -10.36
C VAL E 103 -12.27 7.28 -10.52
N ILE E 104 -12.95 7.03 -9.39
CA ILE E 104 -14.25 6.35 -9.39
C ILE E 104 -15.31 7.31 -8.87
N VAL E 105 -16.37 7.50 -9.65
CA VAL E 105 -17.49 8.33 -9.23
C VAL E 105 -18.69 7.45 -8.94
N ALA E 106 -19.21 7.56 -7.72
CA ALA E 106 -20.39 6.80 -7.30
C ALA E 106 -21.43 7.76 -6.75
N CYS E 107 -22.65 7.68 -7.25
CA CYS E 107 -23.67 8.68 -6.94
C CYS E 107 -24.78 8.15 -6.05
N ALA E 108 -25.34 9.04 -5.23
CA ALA E 108 -26.49 8.75 -4.38
C ALA E 108 -27.63 9.69 -4.76
N PRO E 109 -28.47 9.29 -5.72
CA PRO E 109 -29.46 10.20 -6.30
C PRO E 109 -30.53 10.66 -5.33
N TRP E 110 -30.80 9.87 -4.29
CA TRP E 110 -31.90 10.17 -3.37
C TRP E 110 -31.41 10.66 -2.00
N GLN E 111 -30.19 11.16 -1.97
CA GLN E 111 -29.69 11.84 -0.78
C GLN E 111 -30.51 13.10 -0.56
N HIS E 112 -31.02 13.28 0.66
CA HIS E 112 -31.85 14.43 0.96
C HIS E 112 -31.07 15.57 1.59
N TRP E 113 -31.64 16.76 1.49
CA TRP E 113 -30.96 17.99 1.87
C TRP E 113 -32.00 18.99 2.34
N ASN E 114 -31.64 19.79 3.33
CA ASN E 114 -32.51 20.86 3.81
C ASN E 114 -31.69 22.01 4.37
N VAL E 115 -32.29 23.19 4.41
CA VAL E 115 -31.67 24.35 5.01
C VAL E 115 -32.68 25.01 5.93
N LEU E 116 -32.32 25.19 7.20
CA LEU E 116 -33.20 25.81 8.19
C LEU E 116 -32.74 27.24 8.50
N GLU E 117 -33.69 28.16 8.55
CA GLU E 117 -33.42 29.54 8.95
C GLU E 117 -34.59 30.06 9.77
N LYS E 118 -34.37 30.18 11.08
CA LYS E 118 -35.45 30.51 12.02
C LYS E 118 -36.61 29.52 11.87
N THR E 119 -37.83 30.03 11.64
CA THR E 119 -39.01 29.17 11.51
C THR E 119 -39.18 28.60 10.09
N GLU E 120 -38.42 29.14 9.13
CA GLU E 120 -38.56 28.74 7.73
C GLU E 120 -37.57 27.64 7.35
N GLU E 121 -37.76 27.07 6.16
CA GLU E 121 -36.84 26.07 5.62
C GLU E 121 -36.84 26.06 4.09
N ALA E 122 -35.87 25.36 3.51
CA ALA E 122 -35.80 25.18 2.05
C ALA E 122 -36.75 24.08 1.62
N GLU E 123 -37.13 23.21 2.57
CA GLU E 123 -37.85 21.95 2.31
C GLU E 123 -36.85 20.80 2.14
N LYS E 124 -37.07 19.72 2.89
CA LYS E 124 -36.22 18.54 2.82
C LYS E 124 -36.51 17.77 1.54
N THR E 125 -35.56 17.77 0.61
CA THR E 125 -35.78 17.23 -0.74
C THR E 125 -34.56 16.46 -1.23
N PRO E 126 -34.76 15.58 -2.25
CA PRO E 126 -33.67 14.75 -2.79
C PRO E 126 -32.86 15.47 -3.89
N VAL E 127 -31.88 16.26 -3.47
CA VAL E 127 -31.02 16.98 -4.41
C VAL E 127 -29.99 16.05 -5.05
N GLY E 128 -29.72 14.92 -4.41
CA GLY E 128 -28.76 13.96 -4.91
C GLY E 128 -27.34 14.40 -4.64
N SER E 129 -26.40 13.47 -4.77
CA SER E 129 -24.98 13.78 -4.60
C SER E 129 -24.13 12.67 -5.21
N CYS E 130 -22.94 13.03 -5.72
CA CYS E 130 -21.96 12.03 -6.15
C CYS E 130 -20.74 12.09 -5.27
N PHE E 131 -20.17 10.93 -4.97
CA PHE E 131 -18.93 10.81 -4.21
C PHE E 131 -17.81 10.41 -5.15
N LEU E 132 -16.68 11.11 -5.08
CA LEU E 132 -15.52 10.79 -5.90
C LEU E 132 -14.40 10.23 -5.03
N ALA E 133 -13.76 9.17 -5.52
CA ALA E 133 -12.63 8.55 -4.81
C ALA E 133 -11.50 8.25 -5.79
N GLN E 134 -10.27 8.48 -5.33
CA GLN E 134 -9.07 8.11 -6.04
C GLN E 134 -8.40 6.99 -5.22
N PRO E 135 -8.80 5.72 -5.48
CA PRO E 135 -8.52 4.58 -4.60
C PRO E 135 -7.06 4.42 -4.16
N GLU E 136 -6.12 4.74 -5.04
CA GLU E 136 -4.71 4.51 -4.76
C GLU E 136 -4.17 5.53 -3.76
N SER E 137 -4.48 6.81 -3.99
CA SER E 137 -4.03 7.90 -3.13
C SER E 137 -4.91 8.06 -1.88
N GLY E 138 -6.09 7.45 -1.89
CA GLY E 138 -7.01 7.52 -0.76
C GLY E 138 -7.85 8.79 -0.73
N ARG E 139 -7.65 9.68 -1.69
CA ARG E 139 -8.36 10.96 -1.73
C ARG E 139 -9.85 10.77 -1.94
N ARG E 140 -10.64 11.64 -1.31
CA ARG E 140 -12.09 11.63 -1.46
C ARG E 140 -12.61 13.03 -1.72
N ALA E 141 -13.60 13.14 -2.61
CA ALA E 141 -14.29 14.41 -2.84
C ALA E 141 -15.78 14.17 -3.02
N GLU E 142 -16.54 15.26 -3.07
CA GLU E 142 -17.98 15.19 -3.32
C GLU E 142 -18.40 16.27 -4.31
N TYR E 143 -19.54 16.03 -4.96
CA TYR E 143 -20.10 16.99 -5.90
C TYR E 143 -21.63 16.93 -5.83
N SER E 144 -22.24 18.03 -5.37
CA SER E 144 -23.67 18.09 -5.20
C SER E 144 -24.15 19.46 -5.70
N PRO E 145 -24.31 19.60 -7.03
CA PRO E 145 -24.54 20.89 -7.68
C PRO E 145 -25.94 21.45 -7.52
N CYS E 146 -26.86 20.65 -6.99
CA CYS E 146 -28.25 21.09 -6.85
C CYS E 146 -28.61 21.55 -5.43
N ARG E 147 -27.65 21.51 -4.51
CA ARG E 147 -27.86 22.04 -3.17
C ARG E 147 -28.03 23.54 -3.22
N GLY E 148 -29.00 24.05 -2.45
CA GLY E 148 -29.27 25.49 -2.40
C GLY E 148 -29.53 25.98 -0.99
N ASN E 149 -29.64 27.28 -0.84
CA ASN E 149 -30.01 27.87 0.45
C ASN E 149 -31.14 28.90 0.33
N THR E 150 -31.94 28.77 -0.73
CA THR E 150 -33.13 29.58 -0.90
C THR E 150 -34.28 28.99 -0.09
N LEU E 151 -34.99 29.85 0.63
CA LEU E 151 -36.10 29.41 1.46
C LEU E 151 -37.36 29.14 0.65
N SER E 152 -38.20 28.25 1.18
CA SER E 152 -39.43 27.81 0.50
C SER E 152 -40.28 28.96 -0.06
N ARG E 153 -40.55 29.95 0.79
CA ARG E 153 -41.37 31.11 0.43
C ARG E 153 -40.95 31.76 -0.91
N ILE E 154 -39.65 31.85 -1.15
CA ILE E 154 -39.14 32.52 -2.34
C ILE E 154 -39.55 31.80 -3.62
N TYR E 155 -39.51 30.46 -3.58
CA TYR E 155 -39.90 29.64 -4.72
C TYR E 155 -41.39 29.79 -5.05
N VAL E 156 -42.21 30.01 -4.02
CA VAL E 156 -43.65 30.20 -4.21
C VAL E 156 -43.94 31.50 -4.94
N GLU E 157 -43.23 32.57 -4.57
CA GLU E 157 -43.35 33.87 -5.22
C GLU E 157 -42.72 33.86 -6.62
N ASN E 158 -41.71 32.99 -6.81
CA ASN E 158 -41.05 32.80 -8.12
C ASN E 158 -41.92 32.11 -9.17
N ASP E 159 -42.97 31.43 -8.70
CA ASP E 159 -43.59 30.33 -9.46
C ASP E 159 -42.55 29.25 -9.77
N PHE E 160 -41.77 28.88 -8.75
CA PHE E 160 -40.88 27.72 -8.79
C PHE E 160 -39.88 27.78 -9.94
N SER E 161 -39.19 28.90 -10.06
CA SER E 161 -38.16 29.06 -11.09
C SER E 161 -36.78 28.75 -10.52
N TRP E 162 -35.94 28.11 -11.34
CA TRP E 162 -34.61 27.64 -10.91
C TRP E 162 -34.68 26.74 -9.69
N ASP E 163 -35.66 25.84 -9.69
CA ASP E 163 -35.93 24.99 -8.56
C ASP E 163 -35.19 23.66 -8.71
N LYS E 164 -34.04 23.56 -8.07
CA LYS E 164 -33.19 22.39 -8.19
C LYS E 164 -33.31 21.46 -6.97
N ARG E 165 -34.39 21.63 -6.21
CA ARG E 165 -34.56 20.92 -4.94
C ARG E 165 -34.76 19.41 -5.11
N TYR E 166 -35.27 18.98 -6.27
CA TYR E 166 -35.63 17.57 -6.51
C TYR E 166 -34.77 16.95 -7.63
N CYS E 167 -33.63 17.57 -7.92
CA CYS E 167 -32.72 17.14 -8.99
C CYS E 167 -32.56 15.64 -9.09
N GLU E 168 -32.18 15.03 -7.97
CA GLU E 168 -31.65 13.67 -7.96
C GLU E 168 -30.41 13.58 -8.86
N ALA E 169 -29.45 14.48 -8.63
CA ALA E 169 -28.23 14.53 -9.42
C ALA E 169 -27.45 13.24 -9.23
N GLY E 170 -27.00 12.66 -10.33
CA GLY E 170 -26.31 11.37 -10.30
C GLY E 170 -27.22 10.20 -10.65
N PHE E 171 -28.50 10.48 -10.84
CA PHE E 171 -29.44 9.48 -11.35
C PHE E 171 -28.78 8.71 -12.50
N SER E 172 -28.28 9.46 -13.48
CA SER E 172 -27.39 8.91 -14.49
C SER E 172 -26.08 9.71 -14.50
N SER E 173 -25.02 9.08 -14.98
CA SER E 173 -23.70 9.69 -14.98
C SER E 173 -22.85 9.21 -16.15
N VAL E 174 -21.96 10.08 -16.61
CA VAL E 174 -20.98 9.73 -17.62
C VAL E 174 -19.82 10.72 -17.55
N VAL E 175 -18.62 10.25 -17.83
CA VAL E 175 -17.45 11.12 -17.89
C VAL E 175 -16.91 11.18 -19.31
N THR E 176 -16.58 12.39 -19.77
CA THR E 176 -16.00 12.58 -21.10
C THR E 176 -14.54 12.15 -21.10
N GLN E 177 -13.96 12.06 -22.29
CA GLN E 177 -12.57 11.64 -22.45
C GLN E 177 -11.60 12.63 -21.80
N ALA E 178 -11.98 13.90 -21.76
CA ALA E 178 -11.13 14.95 -21.16
C ALA E 178 -11.29 15.04 -19.63
N GLY E 179 -12.16 14.21 -19.05
CA GLY E 179 -12.36 14.17 -17.62
C GLY E 179 -13.39 15.16 -17.11
N GLU E 180 -14.46 15.33 -17.88
CA GLU E 180 -15.58 16.15 -17.46
C GLU E 180 -16.73 15.23 -17.01
N LEU E 181 -17.16 15.40 -15.76
CA LEU E 181 -18.25 14.62 -15.20
C LEU E 181 -19.58 15.22 -15.62
N VAL E 182 -20.46 14.40 -16.19
CA VAL E 182 -21.79 14.86 -16.59
C VAL E 182 -22.87 14.06 -15.85
N LEU E 183 -23.71 14.76 -15.11
CA LEU E 183 -24.73 14.12 -14.28
C LEU E 183 -26.13 14.41 -14.80
N GLY E 184 -26.92 13.36 -14.99
CA GLY E 184 -28.34 13.51 -15.27
C GLY E 184 -29.09 13.79 -13.98
N ALA E 185 -29.92 14.82 -13.99
CA ALA E 185 -30.77 15.18 -12.85
C ALA E 185 -32.23 15.27 -13.31
N PRO E 186 -32.91 14.11 -13.42
CA PRO E 186 -34.24 14.05 -14.02
C PRO E 186 -35.30 14.86 -13.29
N GLY E 187 -35.09 15.12 -11.99
CA GLY E 187 -36.04 15.89 -11.20
C GLY E 187 -35.77 17.39 -11.19
N GLY E 188 -34.82 17.84 -12.01
CA GLY E 188 -34.43 19.25 -12.02
C GLY E 188 -35.52 20.17 -12.51
N TYR E 189 -35.52 21.39 -12.00
CA TYR E 189 -36.50 22.42 -12.39
C TYR E 189 -37.93 21.90 -12.29
N TYR E 190 -38.28 21.36 -11.14
CA TYR E 190 -39.60 20.81 -10.88
C TYR E 190 -39.95 19.71 -11.90
N PHE E 191 -39.03 18.74 -12.02
CA PHE E 191 -39.27 17.50 -12.75
C PHE E 191 -39.20 17.63 -14.28
N LEU E 192 -38.74 18.78 -14.78
CA LEU E 192 -38.37 18.90 -16.21
C LEU E 192 -37.11 18.08 -16.50
N GLY E 193 -36.10 18.25 -15.64
CA GLY E 193 -34.83 17.55 -15.78
C GLY E 193 -33.71 18.47 -16.19
N LEU E 194 -32.51 18.23 -15.67
CA LEU E 194 -31.33 19.01 -16.05
C LEU E 194 -30.07 18.17 -16.11
N LEU E 195 -29.03 18.74 -16.73
CA LEU E 195 -27.68 18.18 -16.73
C LEU E 195 -26.75 19.11 -15.96
N ALA E 196 -25.90 18.53 -15.12
CA ALA E 196 -24.82 19.29 -14.47
C ALA E 196 -23.49 18.72 -14.93
N GLN E 197 -22.61 19.59 -15.43
CA GLN E 197 -21.28 19.18 -15.90
C GLN E 197 -20.20 19.92 -15.11
N ALA E 198 -19.12 19.23 -14.78
CA ALA E 198 -17.97 19.85 -14.14
C ALA E 198 -16.73 18.96 -14.26
N PRO E 199 -15.55 19.57 -14.48
CA PRO E 199 -14.30 18.81 -14.57
C PRO E 199 -13.95 18.09 -13.27
N VAL E 200 -13.64 16.80 -13.36
CA VAL E 200 -13.28 15.98 -12.19
C VAL E 200 -12.13 16.62 -11.40
N ALA E 201 -11.16 17.19 -12.10
CA ALA E 201 -10.04 17.87 -11.44
C ALA E 201 -10.52 19.04 -10.58
N ASP E 202 -11.44 19.84 -11.13
CA ASP E 202 -11.92 21.04 -10.45
C ASP E 202 -12.85 20.68 -9.29
N ILE E 203 -13.58 19.57 -9.42
CA ILE E 203 -14.37 19.03 -8.31
C ILE E 203 -13.45 18.71 -7.13
N PHE E 204 -12.38 17.98 -7.40
CA PHE E 204 -11.42 17.61 -6.34
C PHE E 204 -10.73 18.81 -5.70
N SER E 205 -10.34 19.79 -6.50
CA SER E 205 -9.57 20.93 -5.99
C SER E 205 -10.43 21.92 -5.18
N SER E 206 -11.71 22.00 -5.51
CA SER E 206 -12.60 22.97 -4.87
C SER E 206 -13.31 22.39 -3.63
N TYR E 207 -13.31 21.06 -3.50
CA TYR E 207 -13.97 20.40 -2.37
C TYR E 207 -13.22 20.64 -1.06
N ARG E 208 -13.95 21.13 -0.06
CA ARG E 208 -13.42 21.26 1.30
C ARG E 208 -14.31 20.45 2.23
N PRO E 209 -13.74 19.48 2.96
CA PRO E 209 -14.54 18.69 3.89
C PRO E 209 -15.31 19.57 4.88
N GLY E 210 -16.58 19.26 5.07
CA GLY E 210 -17.39 19.92 6.09
C GLY E 210 -17.93 21.30 5.70
N ILE E 211 -18.03 21.58 4.40
CA ILE E 211 -18.57 22.86 3.93
C ILE E 211 -20.01 22.73 3.45
N LEU E 212 -20.30 21.67 2.70
CA LEU E 212 -21.68 21.31 2.29
C LEU E 212 -22.22 22.14 1.13
N LEU E 213 -22.16 23.47 1.24
CA LEU E 213 -22.65 24.32 0.16
C LEU E 213 -21.50 25.11 -0.45
N TRP E 214 -21.16 24.80 -1.70
CA TRP E 214 -20.11 25.50 -2.41
C TRP E 214 -20.31 25.41 -3.91
N HIS E 215 -19.71 26.36 -4.62
CA HIS E 215 -19.87 26.48 -6.07
C HIS E 215 -18.56 26.12 -6.78
N VAL E 216 -18.60 25.09 -7.61
CA VAL E 216 -17.48 24.77 -8.49
C VAL E 216 -17.47 25.74 -9.65
N SER E 217 -16.46 26.59 -9.70
CA SER E 217 -16.43 27.74 -10.61
C SER E 217 -16.67 27.34 -12.07
N SER E 218 -16.11 26.20 -12.47
CA SER E 218 -16.14 25.80 -13.88
C SER E 218 -17.27 24.84 -14.21
N GLN E 219 -18.29 24.76 -13.35
CA GLN E 219 -19.43 23.89 -13.62
C GLN E 219 -20.38 24.51 -14.62
N SER E 220 -21.33 23.71 -15.09
CA SER E 220 -22.19 24.10 -16.19
C SER E 220 -23.52 23.36 -16.10
N LEU E 221 -24.60 24.11 -15.91
CA LEU E 221 -25.94 23.54 -15.79
C LEU E 221 -26.76 23.86 -17.02
N SER E 222 -27.65 22.92 -17.39
CA SER E 222 -28.62 23.14 -18.46
C SER E 222 -29.77 24.05 -17.97
N PHE E 223 -30.77 24.26 -18.82
CA PHE E 223 -31.71 25.37 -18.61
C PHE E 223 -33.13 24.94 -18.24
N ASP E 224 -33.85 25.85 -17.59
CA ASP E 224 -35.28 25.69 -17.36
C ASP E 224 -36.03 26.01 -18.65
N SER E 225 -37.31 25.66 -18.69
CA SER E 225 -38.16 25.94 -19.86
C SER E 225 -39.60 26.09 -19.43
N SER E 226 -40.33 26.97 -20.10
CA SER E 226 -41.76 27.12 -19.83
C SER E 226 -42.60 26.39 -20.88
N ASN E 227 -41.93 25.64 -21.76
CA ASN E 227 -42.59 24.81 -22.77
C ASN E 227 -43.20 23.54 -22.15
N PRO E 228 -44.54 23.43 -22.19
CA PRO E 228 -45.23 22.29 -21.56
C PRO E 228 -44.76 20.92 -22.03
N GLU E 229 -44.25 20.84 -23.26
CA GLU E 229 -43.69 19.59 -23.77
C GLU E 229 -42.68 18.96 -22.80
N TYR E 230 -41.89 19.81 -22.13
CA TYR E 230 -40.83 19.35 -21.22
C TYR E 230 -41.32 18.99 -19.81
N PHE E 231 -42.55 19.37 -19.47
CA PHE E 231 -43.06 19.21 -18.10
C PHE E 231 -43.12 17.73 -17.75
N ASP E 232 -42.53 17.37 -16.61
CA ASP E 232 -42.52 15.98 -16.13
C ASP E 232 -41.86 15.04 -17.13
N GLY E 233 -40.88 15.56 -17.87
CA GLY E 233 -40.23 14.80 -18.94
C GLY E 233 -39.04 13.98 -18.49
N TYR E 234 -38.54 14.24 -17.28
CA TYR E 234 -37.40 13.50 -16.71
C TYR E 234 -36.18 13.52 -17.64
N TRP E 235 -35.96 14.66 -18.26
CA TRP E 235 -34.78 14.92 -19.06
C TRP E 235 -33.52 14.66 -18.22
N GLY E 236 -32.75 13.64 -18.60
CA GLY E 236 -31.55 13.24 -17.84
C GLY E 236 -31.70 11.91 -17.14
N TYR E 237 -32.83 11.23 -17.37
CA TYR E 237 -33.04 9.87 -16.89
C TYR E 237 -31.88 8.97 -17.34
N SER E 238 -31.38 9.23 -18.54
CA SER E 238 -30.17 8.58 -19.04
C SER E 238 -29.32 9.59 -19.78
N VAL E 239 -28.02 9.34 -19.83
CA VAL E 239 -27.08 10.29 -20.42
C VAL E 239 -25.92 9.57 -21.09
N ALA E 240 -25.42 10.17 -22.17
CA ALA E 240 -24.24 9.66 -22.88
C ALA E 240 -23.52 10.81 -23.60
N VAL E 241 -22.28 10.56 -24.01
CA VAL E 241 -21.53 11.55 -24.78
C VAL E 241 -21.08 10.97 -26.11
N GLY E 242 -20.69 11.83 -27.03
CA GLY E 242 -20.24 11.40 -28.35
C GLY E 242 -19.84 12.56 -29.22
N GLU E 243 -19.46 12.24 -30.45
CA GLU E 243 -19.07 13.24 -31.43
C GLU E 243 -20.09 13.27 -32.55
N PHE E 244 -20.83 14.37 -32.65
CA PHE E 244 -22.01 14.45 -33.52
C PHE E 244 -22.10 15.73 -34.37
N ASP E 245 -21.06 16.57 -34.35
CA ASP E 245 -21.07 17.80 -35.15
C ASP E 245 -19.82 17.97 -36.02
N GLY E 246 -19.11 16.86 -36.27
CA GLY E 246 -17.93 16.87 -37.13
C GLY E 246 -16.83 17.82 -36.67
N ASP E 247 -16.76 18.07 -35.37
CA ASP E 247 -15.75 18.94 -34.78
C ASP E 247 -15.17 18.26 -33.55
N LEU E 248 -13.97 17.71 -33.69
CA LEU E 248 -13.39 16.83 -32.68
C LEU E 248 -12.93 17.60 -31.43
N ASN E 249 -12.82 18.93 -31.56
CA ASN E 249 -12.45 19.78 -30.43
C ASN E 249 -13.60 20.02 -29.43
N THR E 250 -14.84 19.78 -29.88
CA THR E 250 -16.02 20.00 -29.04
C THR E 250 -16.75 18.68 -28.79
N THR E 251 -17.37 18.57 -27.62
CA THR E 251 -18.08 17.35 -27.23
C THR E 251 -19.59 17.58 -27.28
N GLU E 252 -20.34 16.53 -27.61
CA GLU E 252 -21.80 16.61 -27.68
C GLU E 252 -22.43 15.70 -26.64
N TYR E 253 -23.56 16.13 -26.11
CA TYR E 253 -24.25 15.41 -25.05
C TYR E 253 -25.48 14.71 -25.62
N VAL E 254 -25.70 13.47 -25.18
CA VAL E 254 -26.88 12.69 -25.56
C VAL E 254 -27.72 12.44 -24.32
N VAL E 255 -28.95 12.97 -24.31
CA VAL E 255 -29.79 12.98 -23.11
C VAL E 255 -31.12 12.27 -23.37
N GLY E 256 -31.52 11.43 -22.41
CA GLY E 256 -32.80 10.72 -22.49
C GLY E 256 -33.88 11.40 -21.66
N ALA E 257 -35.05 11.59 -22.27
CA ALA E 257 -36.20 12.21 -21.59
C ALA E 257 -37.43 11.32 -21.79
N PRO E 258 -37.47 10.18 -21.09
CA PRO E 258 -38.41 9.09 -21.38
C PRO E 258 -39.90 9.43 -21.28
N THR E 259 -40.24 10.49 -20.57
CA THR E 259 -41.64 10.89 -20.43
C THR E 259 -41.93 12.24 -21.10
N TRP E 260 -41.03 12.67 -21.98
CA TRP E 260 -41.14 13.96 -22.65
C TRP E 260 -42.45 14.08 -23.45
N SER E 261 -42.97 15.29 -23.55
CA SER E 261 -44.24 15.56 -24.25
C SER E 261 -45.33 14.56 -23.91
N TRP E 262 -45.86 14.66 -22.70
CA TRP E 262 -46.95 13.82 -22.25
C TRP E 262 -46.66 12.35 -22.56
N THR E 263 -45.51 11.88 -22.09
CA THR E 263 -45.14 10.47 -22.09
C THR E 263 -44.81 9.89 -23.47
N LEU E 264 -44.64 10.77 -24.47
CA LEU E 264 -44.20 10.32 -25.80
C LEU E 264 -42.76 9.83 -25.74
N GLY E 265 -41.92 10.56 -25.01
CA GLY E 265 -40.50 10.23 -24.90
C GLY E 265 -39.69 10.95 -25.96
N ALA E 266 -38.45 11.27 -25.63
CA ALA E 266 -37.54 11.92 -26.57
C ALA E 266 -36.09 11.70 -26.16
N VAL E 267 -35.19 11.73 -27.15
CA VAL E 267 -33.77 11.82 -26.90
C VAL E 267 -33.23 13.02 -27.67
N GLU E 268 -32.41 13.83 -27.02
CA GLU E 268 -31.87 15.04 -27.63
C GLU E 268 -30.36 14.97 -27.69
N ILE E 269 -29.80 15.54 -28.75
CA ILE E 269 -28.36 15.69 -28.86
C ILE E 269 -28.03 17.18 -28.77
N LEU E 270 -27.15 17.55 -27.84
CA LEU E 270 -26.84 18.95 -27.56
C LEU E 270 -25.35 19.19 -27.66
N ASP E 271 -24.97 20.45 -27.84
CA ASP E 271 -23.56 20.87 -27.80
C ASP E 271 -23.17 21.28 -26.38
N SER E 272 -21.91 21.70 -26.20
CA SER E 272 -21.39 22.05 -24.88
C SER E 272 -22.16 23.20 -24.23
N TYR E 273 -22.78 24.05 -25.06
CA TYR E 273 -23.58 25.17 -24.58
C TYR E 273 -25.05 24.79 -24.39
N TYR E 274 -25.34 23.49 -24.40
CA TYR E 274 -26.67 22.94 -24.14
C TYR E 274 -27.72 23.35 -25.17
N GLN E 275 -27.27 23.84 -26.32
CA GLN E 275 -28.17 24.11 -27.44
C GLN E 275 -28.38 22.82 -28.21
N ARG E 276 -29.63 22.51 -28.51
CA ARG E 276 -29.96 21.21 -29.07
C ARG E 276 -29.70 21.16 -30.58
N LEU E 277 -29.02 20.09 -31.01
CA LEU E 277 -28.67 19.90 -32.41
C LEU E 277 -29.71 19.05 -33.13
N HIS E 278 -30.17 17.99 -32.47
CA HIS E 278 -31.22 17.11 -32.98
CA HIS E 278 -31.27 17.20 -32.98
C HIS E 278 -32.15 16.67 -31.85
N ARG E 279 -33.39 16.35 -32.19
CA ARG E 279 -34.32 15.74 -31.25
C ARG E 279 -35.02 14.56 -31.90
N LEU E 280 -34.89 13.41 -31.29
CA LEU E 280 -35.50 12.18 -31.79
C LEU E 280 -36.72 11.88 -30.94
N ARG E 281 -37.87 11.80 -31.58
CA ARG E 281 -39.13 11.64 -30.87
C ARG E 281 -39.47 10.17 -30.69
N GLY E 282 -40.19 9.87 -29.62
CA GLY E 282 -40.64 8.52 -29.36
C GLY E 282 -41.74 8.10 -30.31
N GLU E 283 -41.93 6.80 -30.44
CA GLU E 283 -42.87 6.25 -31.41
C GLU E 283 -44.25 6.06 -30.78
N GLN E 284 -44.28 5.59 -29.54
CA GLN E 284 -45.51 5.22 -28.85
C GLN E 284 -45.47 5.70 -27.40
N MET E 285 -46.61 6.21 -26.93
CA MET E 285 -46.70 6.75 -25.57
C MET E 285 -46.50 5.66 -24.52
N ALA E 286 -45.88 6.04 -23.41
CA ALA E 286 -45.64 5.12 -22.28
C ALA E 286 -44.57 4.06 -22.57
N SER E 287 -43.95 4.12 -23.75
CA SER E 287 -42.96 3.11 -24.14
C SER E 287 -41.60 3.37 -23.50
N TYR E 288 -41.46 4.53 -22.86
CA TYR E 288 -40.21 4.94 -22.20
C TYR E 288 -39.02 5.02 -23.18
N PHE E 289 -39.29 5.57 -24.35
CA PHE E 289 -38.25 5.90 -25.32
C PHE E 289 -37.26 6.90 -24.71
N GLY E 290 -36.01 6.46 -24.55
CA GLY E 290 -34.97 7.28 -23.91
C GLY E 290 -34.57 6.77 -22.54
N HIS E 291 -35.12 5.62 -22.14
CA HIS E 291 -34.74 4.96 -20.90
C HIS E 291 -33.25 4.62 -20.90
N SER E 292 -32.77 4.17 -22.06
CA SER E 292 -31.35 3.89 -22.27
C SER E 292 -30.88 4.59 -23.52
N VAL E 293 -29.64 5.05 -23.51
CA VAL E 293 -29.00 5.59 -24.70
C VAL E 293 -27.56 5.13 -24.78
N ALA E 294 -27.13 4.73 -25.97
CA ALA E 294 -25.75 4.26 -26.18
C ALA E 294 -25.16 4.92 -27.42
N VAL E 295 -23.85 5.12 -27.40
CA VAL E 295 -23.13 5.76 -28.49
C VAL E 295 -21.95 4.90 -28.93
N THR E 296 -21.97 4.45 -30.18
CA THR E 296 -20.88 3.64 -30.73
C THR E 296 -20.93 3.62 -32.25
N ASP E 297 -19.76 3.56 -32.89
CA ASP E 297 -19.66 3.48 -34.35
C ASP E 297 -19.83 2.04 -34.80
N VAL E 298 -21.02 1.70 -35.30
CA VAL E 298 -21.36 0.31 -35.62
C VAL E 298 -21.13 -0.07 -37.08
N ASN E 299 -20.99 0.92 -37.96
CA ASN E 299 -20.90 0.67 -39.40
C ASN E 299 -19.53 1.02 -40.00
N GLY E 300 -18.55 1.27 -39.15
CA GLY E 300 -17.15 1.34 -39.57
C GLY E 300 -16.72 2.61 -40.29
N ASP E 301 -17.60 3.62 -40.34
CA ASP E 301 -17.30 4.87 -41.06
C ASP E 301 -16.63 5.94 -40.16
N GLY E 302 -16.32 5.57 -38.92
CA GLY E 302 -15.65 6.50 -38.00
C GLY E 302 -16.54 7.64 -37.52
N ARG E 303 -17.85 7.41 -37.52
CA ARG E 303 -18.81 8.40 -37.04
C ARG E 303 -19.76 7.75 -36.05
N HIS E 304 -19.85 8.32 -34.85
CA HIS E 304 -20.65 7.74 -33.77
C HIS E 304 -22.11 7.58 -34.19
N ASP E 305 -22.67 6.42 -33.89
CA ASP E 305 -24.08 6.16 -34.16
C ASP E 305 -24.82 6.03 -32.83
N LEU E 306 -26.12 6.27 -32.86
CA LEU E 306 -26.91 6.36 -31.64
C LEU E 306 -27.86 5.18 -31.50
N LEU E 307 -27.96 4.65 -30.28
CA LEU E 307 -28.92 3.61 -29.97
C LEU E 307 -29.81 4.07 -28.82
N VAL E 308 -31.12 3.87 -28.96
CA VAL E 308 -32.10 4.30 -27.98
C VAL E 308 -32.99 3.13 -27.55
N GLY E 309 -33.31 3.07 -26.26
CA GLY E 309 -34.13 1.97 -25.72
C GLY E 309 -35.53 2.41 -25.30
N ALA E 310 -36.54 1.66 -25.74
CA ALA E 310 -37.93 1.88 -25.32
C ALA E 310 -38.50 0.59 -24.74
N PRO E 311 -38.11 0.27 -23.49
CA PRO E 311 -38.37 -1.04 -22.86
C PRO E 311 -39.84 -1.45 -22.80
N LEU E 312 -40.75 -0.48 -22.78
CA LEU E 312 -42.17 -0.76 -22.61
C LEU E 312 -42.96 -0.64 -23.91
N TYR E 313 -42.25 -0.66 -25.05
CA TYR E 313 -42.91 -0.57 -26.35
C TYR E 313 -43.82 -1.76 -26.56
N MET E 314 -45.05 -1.47 -27.01
CA MET E 314 -46.02 -2.51 -27.30
C MET E 314 -46.12 -2.77 -28.80
N GLU E 315 -45.82 -4.01 -29.19
CA GLU E 315 -45.80 -4.43 -30.59
C GLU E 315 -47.20 -4.84 -31.03
N SER E 316 -47.54 -4.58 -32.29
CA SER E 316 -48.83 -5.02 -32.85
C SER E 316 -48.77 -6.50 -33.25
N ARG E 317 -49.86 -7.21 -32.99
CA ARG E 317 -49.97 -8.63 -33.32
C ARG E 317 -51.35 -8.94 -33.94
N ALA E 318 -51.69 -10.22 -34.05
CA ALA E 318 -52.97 -10.63 -34.65
C ALA E 318 -54.17 -10.13 -33.84
N ASP E 319 -55.26 -9.81 -34.55
CA ASP E 319 -56.53 -9.36 -33.94
C ASP E 319 -56.39 -8.02 -33.20
N ARG E 320 -55.60 -7.11 -33.77
CA ARG E 320 -55.44 -5.74 -33.23
C ARG E 320 -54.94 -5.71 -31.79
N LYS E 321 -54.18 -6.73 -31.38
CA LYS E 321 -53.74 -6.87 -29.99
C LYS E 321 -52.30 -6.38 -29.83
N LEU E 322 -52.08 -5.58 -28.80
CA LEU E 322 -50.76 -5.02 -28.51
C LEU E 322 -50.05 -5.87 -27.47
N ALA E 323 -48.73 -6.00 -27.61
CA ALA E 323 -47.93 -6.82 -26.71
C ALA E 323 -46.68 -6.08 -26.23
N GLU E 324 -46.61 -5.79 -24.94
CA GLU E 324 -45.44 -5.13 -24.34
C GLU E 324 -44.22 -6.05 -24.42
N VAL E 325 -43.24 -5.66 -25.23
CA VAL E 325 -42.03 -6.45 -25.43
C VAL E 325 -40.76 -5.63 -25.37
N GLY E 326 -40.86 -4.33 -25.68
CA GLY E 326 -39.70 -3.45 -25.74
C GLY E 326 -39.15 -3.33 -27.15
N ARG E 327 -38.42 -2.24 -27.39
CA ARG E 327 -37.86 -1.97 -28.72
C ARG E 327 -36.58 -1.15 -28.62
N VAL E 328 -35.66 -1.37 -29.55
CA VAL E 328 -34.45 -0.57 -29.67
C VAL E 328 -34.36 0.07 -31.05
N TYR E 329 -33.89 1.31 -31.09
CA TYR E 329 -33.79 2.06 -32.34
C TYR E 329 -32.33 2.37 -32.65
N LEU E 330 -31.93 2.20 -33.90
CA LEU E 330 -30.59 2.58 -34.34
C LEU E 330 -30.66 3.82 -35.22
N PHE E 331 -29.86 4.83 -34.90
CA PHE E 331 -29.72 6.01 -35.74
C PHE E 331 -28.28 6.15 -36.20
N LEU E 332 -28.04 5.96 -37.50
CA LEU E 332 -26.70 6.08 -38.06
C LEU E 332 -26.41 7.54 -38.39
N GLN E 333 -25.22 8.00 -38.03
CA GLN E 333 -24.80 9.36 -38.35
C GLN E 333 -24.24 9.40 -39.77
N PRO E 334 -24.81 10.26 -40.63
CA PRO E 334 -24.32 10.42 -41.98
C PRO E 334 -23.04 11.27 -42.05
N ARG E 335 -22.54 11.51 -43.25
CA ARG E 335 -21.35 12.35 -43.44
C ARG E 335 -21.75 13.78 -43.76
N GLY E 336 -20.78 14.69 -43.63
CA GLY E 336 -21.05 16.11 -43.78
C GLY E 336 -21.76 16.68 -42.55
N PRO E 337 -22.39 17.85 -42.71
CA PRO E 337 -23.12 18.49 -41.60
C PRO E 337 -24.60 18.05 -41.52
N HIS E 338 -24.92 16.90 -42.11
CA HIS E 338 -26.31 16.46 -42.24
C HIS E 338 -26.86 15.95 -40.91
N ALA E 339 -28.17 16.12 -40.73
CA ALA E 339 -28.83 15.75 -39.49
C ALA E 339 -29.17 14.26 -39.47
N LEU E 340 -29.32 13.71 -38.26
CA LEU E 340 -29.85 12.35 -38.09
C LEU E 340 -31.30 12.33 -38.53
N GLY E 341 -31.68 11.25 -39.22
CA GLY E 341 -33.03 11.14 -39.78
C GLY E 341 -33.88 10.15 -39.02
N ALA E 342 -34.58 9.28 -39.76
CA ALA E 342 -35.40 8.24 -39.17
C ALA E 342 -34.52 7.07 -38.73
N PRO E 343 -35.09 6.11 -37.99
CA PRO E 343 -34.33 4.94 -37.57
C PRO E 343 -33.84 4.13 -38.77
N SER E 344 -32.58 3.71 -38.73
CA SER E 344 -32.03 2.83 -39.76
C SER E 344 -32.40 1.38 -39.49
N LEU E 345 -32.76 1.07 -38.24
CA LEU E 345 -33.13 -0.29 -37.86
C LEU E 345 -33.97 -0.28 -36.59
N LEU E 346 -34.93 -1.20 -36.50
CA LEU E 346 -35.78 -1.35 -35.32
C LEU E 346 -35.70 -2.78 -34.81
N LEU E 347 -34.97 -2.98 -33.72
CA LEU E 347 -34.92 -4.27 -33.05
C LEU E 347 -36.01 -4.33 -32.01
N THR E 348 -36.81 -5.39 -32.03
CA THR E 348 -37.98 -5.51 -31.17
C THR E 348 -37.91 -6.78 -30.33
N GLY E 349 -38.36 -6.69 -29.08
CA GLY E 349 -38.35 -7.83 -28.17
C GLY E 349 -39.38 -8.88 -28.57
N THR E 350 -39.17 -10.10 -28.10
CA THR E 350 -40.04 -11.21 -28.46
C THR E 350 -40.85 -11.75 -27.26
N GLN E 351 -40.29 -11.62 -26.06
CA GLN E 351 -40.96 -12.09 -24.85
C GLN E 351 -41.81 -10.99 -24.21
N LEU E 352 -43.04 -11.35 -23.82
CA LEU E 352 -43.96 -10.41 -23.18
C LEU E 352 -43.38 -9.95 -21.84
N TYR E 353 -43.49 -8.65 -21.59
CA TYR E 353 -42.96 -8.02 -20.36
C TYR E 353 -41.44 -8.15 -20.21
N GLY E 354 -40.75 -8.39 -21.32
CA GLY E 354 -39.31 -8.67 -21.28
C GLY E 354 -38.45 -7.44 -21.08
N ARG E 355 -38.99 -6.29 -21.45
CA ARG E 355 -38.26 -5.02 -21.36
C ARG E 355 -36.97 -5.03 -22.17
N PHE E 356 -37.05 -5.59 -23.38
CA PHE E 356 -35.97 -5.48 -24.35
C PHE E 356 -35.65 -4.00 -24.57
N GLY E 357 -34.38 -3.64 -24.46
CA GLY E 357 -33.95 -2.25 -24.63
C GLY E 357 -33.81 -1.51 -23.31
N SER E 358 -33.91 -2.25 -22.22
CA SER E 358 -33.74 -1.69 -20.88
C SER E 358 -32.29 -1.31 -20.59
N ALA E 359 -31.35 -1.88 -21.34
CA ALA E 359 -29.93 -1.54 -21.23
C ALA E 359 -29.22 -1.86 -22.54
N ILE E 360 -28.31 -0.97 -22.95
CA ILE E 360 -27.59 -1.13 -24.24
C ILE E 360 -26.10 -0.85 -24.05
N ALA E 361 -25.27 -1.88 -24.22
CA ALA E 361 -23.83 -1.77 -23.96
C ALA E 361 -23.02 -1.92 -25.23
N PRO E 362 -22.19 -0.92 -25.57
CA PRO E 362 -21.18 -1.10 -26.62
C PRO E 362 -20.15 -2.14 -26.22
N LEU E 363 -19.93 -3.12 -27.08
CA LEU E 363 -19.01 -4.23 -26.78
C LEU E 363 -17.64 -4.03 -27.41
N GLY E 364 -17.48 -3.00 -28.22
CA GLY E 364 -16.30 -2.85 -29.06
C GLY E 364 -16.38 -3.82 -30.23
N ASP E 365 -15.22 -4.17 -30.80
CA ASP E 365 -15.19 -5.13 -31.90
C ASP E 365 -14.94 -6.53 -31.34
N LEU E 366 -16.03 -7.28 -31.15
CA LEU E 366 -15.99 -8.56 -30.44
C LEU E 366 -15.31 -9.65 -31.26
N ASP E 367 -15.64 -9.71 -32.55
CA ASP E 367 -15.09 -10.72 -33.46
C ASP E 367 -13.95 -10.18 -34.34
N ARG E 368 -13.55 -8.93 -34.09
CA ARG E 368 -12.39 -8.30 -34.76
C ARG E 368 -12.52 -8.23 -36.27
N ASP E 369 -13.76 -8.06 -36.76
CA ASP E 369 -14.00 -7.99 -38.20
C ASP E 369 -13.95 -6.56 -38.75
N GLY E 370 -13.83 -5.58 -37.84
CA GLY E 370 -13.69 -4.17 -38.24
C GLY E 370 -14.92 -3.32 -37.95
N TYR E 371 -16.01 -3.97 -37.53
CA TYR E 371 -17.24 -3.25 -37.15
C TYR E 371 -17.53 -3.49 -35.67
N ASN E 372 -17.82 -2.41 -34.94
CA ASN E 372 -18.13 -2.53 -33.51
C ASN E 372 -19.50 -3.15 -33.29
N ASP E 373 -19.66 -3.84 -32.15
CA ASP E 373 -20.87 -4.60 -31.86
C ASP E 373 -21.49 -4.13 -30.55
N ILE E 374 -22.74 -4.51 -30.33
CA ILE E 374 -23.48 -4.09 -29.12
C ILE E 374 -24.17 -5.25 -28.42
N ALA E 375 -24.62 -5.01 -27.19
CA ALA E 375 -25.41 -5.97 -26.44
C ALA E 375 -26.65 -5.28 -25.87
N VAL E 376 -27.81 -5.93 -26.01
CA VAL E 376 -29.09 -5.36 -25.56
C VAL E 376 -29.68 -6.22 -24.45
N ALA E 377 -30.17 -5.58 -23.40
CA ALA E 377 -30.68 -6.28 -22.21
C ALA E 377 -32.20 -6.45 -22.26
N ALA E 378 -32.66 -7.66 -21.91
CA ALA E 378 -34.09 -7.94 -21.71
C ALA E 378 -34.27 -8.60 -20.34
N PRO E 379 -34.26 -7.79 -19.26
CA PRO E 379 -34.13 -8.28 -17.88
C PRO E 379 -35.22 -9.23 -17.40
N TYR E 380 -36.35 -9.28 -18.09
CA TYR E 380 -37.40 -10.22 -17.78
C TYR E 380 -37.82 -11.00 -19.02
N GLY E 381 -36.88 -11.13 -19.96
CA GLY E 381 -37.11 -11.84 -21.21
C GLY E 381 -36.70 -13.30 -21.15
N GLY E 382 -36.64 -13.94 -22.33
CA GLY E 382 -36.43 -15.38 -22.42
C GLY E 382 -37.72 -16.14 -22.16
N PRO E 383 -37.81 -17.39 -22.65
CA PRO E 383 -39.01 -18.22 -22.46
C PRO E 383 -39.43 -18.35 -20.99
N SER E 384 -38.45 -18.45 -20.10
CA SER E 384 -38.69 -18.60 -18.66
C SER E 384 -39.05 -17.26 -18.00
N GLY E 385 -38.58 -16.16 -18.58
CA GLY E 385 -38.80 -14.82 -18.03
C GLY E 385 -37.81 -14.46 -16.94
N ARG E 386 -36.67 -15.14 -16.93
CA ARG E 386 -35.64 -14.92 -15.92
C ARG E 386 -34.59 -13.88 -16.34
N GLY E 387 -34.65 -13.47 -17.60
CA GLY E 387 -33.72 -12.47 -18.13
C GLY E 387 -32.92 -12.99 -19.29
N GLN E 388 -32.46 -12.07 -20.15
CA GLN E 388 -31.79 -12.43 -21.38
C GLN E 388 -30.98 -11.25 -21.90
N VAL E 389 -29.75 -11.52 -22.37
CA VAL E 389 -28.95 -10.51 -23.07
C VAL E 389 -28.64 -10.98 -24.49
N LEU E 390 -28.82 -10.09 -25.46
CA LEU E 390 -28.69 -10.44 -26.87
C LEU E 390 -27.54 -9.64 -27.52
N VAL E 391 -26.59 -10.35 -28.12
CA VAL E 391 -25.51 -9.71 -28.86
C VAL E 391 -25.92 -9.48 -30.31
N PHE E 392 -25.73 -8.25 -30.79
CA PHE E 392 -25.94 -7.91 -32.20
C PHE E 392 -24.65 -7.39 -32.80
N LEU E 393 -24.24 -7.98 -33.92
CA LEU E 393 -22.97 -7.62 -34.56
C LEU E 393 -23.17 -6.49 -35.56
N GLY E 394 -22.14 -5.65 -35.68
CA GLY E 394 -22.17 -4.53 -36.62
C GLY E 394 -21.79 -4.95 -38.02
N GLN E 395 -22.09 -4.09 -38.98
CA GLN E 395 -21.83 -4.36 -40.39
C GLN E 395 -21.89 -3.04 -41.16
N SER E 396 -21.53 -3.08 -42.44
CA SER E 396 -21.51 -1.86 -43.25
C SER E 396 -22.87 -1.18 -43.30
N GLU E 397 -23.93 -1.99 -43.33
CA GLU E 397 -25.31 -1.49 -43.45
C GLU E 397 -25.83 -0.90 -42.14
N GLY E 398 -25.21 -1.27 -41.02
CA GLY E 398 -25.63 -0.82 -39.70
C GLY E 398 -25.45 -1.90 -38.65
N LEU E 399 -26.56 -2.52 -38.24
CA LEU E 399 -26.53 -3.68 -37.35
C LEU E 399 -27.30 -4.83 -37.97
N ARG E 400 -27.00 -6.04 -37.52
CA ARG E 400 -27.72 -7.23 -37.99
C ARG E 400 -29.10 -7.31 -37.35
N SER E 401 -30.09 -7.66 -38.16
CA SER E 401 -31.48 -7.74 -37.71
C SER E 401 -31.67 -8.79 -36.59
N ARG E 402 -30.89 -9.86 -36.65
CA ARG E 402 -31.02 -10.96 -35.69
C ARG E 402 -29.73 -11.13 -34.90
N PRO E 403 -29.85 -11.57 -33.64
CA PRO E 403 -28.69 -11.65 -32.74
C PRO E 403 -27.75 -12.79 -33.11
N SER E 404 -26.45 -12.53 -33.06
CA SER E 404 -25.45 -13.58 -33.27
C SER E 404 -25.40 -14.52 -32.07
N GLN E 405 -25.81 -14.05 -30.90
CA GLN E 405 -25.78 -14.85 -29.69
C GLN E 405 -26.83 -14.38 -28.70
N VAL E 406 -27.29 -15.30 -27.84
CA VAL E 406 -28.27 -15.00 -26.80
C VAL E 406 -27.83 -15.63 -25.48
N LEU E 407 -27.55 -14.78 -24.49
CA LEU E 407 -27.12 -15.25 -23.17
C LEU E 407 -28.31 -15.32 -22.21
N ASP E 408 -28.64 -16.53 -21.76
CA ASP E 408 -29.73 -16.72 -20.81
C ASP E 408 -29.23 -16.54 -19.37
N SER E 409 -30.10 -16.01 -18.51
CA SER E 409 -29.76 -15.72 -17.12
C SER E 409 -29.45 -16.99 -16.36
N PRO E 410 -28.30 -17.03 -15.68
CA PRO E 410 -27.97 -18.14 -14.79
C PRO E 410 -28.51 -17.95 -13.35
N PHE E 411 -29.30 -16.90 -13.13
CA PHE E 411 -29.83 -16.58 -11.81
C PHE E 411 -31.33 -16.91 -11.72
N PRO E 412 -31.91 -16.88 -10.50
CA PRO E 412 -33.32 -17.20 -10.35
C PRO E 412 -34.25 -16.12 -10.90
N THR E 413 -35.55 -16.30 -10.72
CA THR E 413 -36.54 -15.33 -11.18
C THR E 413 -36.45 -14.06 -10.36
N GLY E 414 -36.67 -12.92 -11.01
CA GLY E 414 -36.63 -11.62 -10.34
C GLY E 414 -35.24 -11.10 -10.07
N SER E 415 -34.23 -11.67 -10.73
CA SER E 415 -32.85 -11.22 -10.56
C SER E 415 -32.56 -9.95 -11.35
N ALA E 416 -33.40 -9.66 -12.34
CA ALA E 416 -33.22 -8.50 -13.22
C ALA E 416 -31.91 -8.58 -14.04
N PHE E 417 -31.47 -9.81 -14.29
CA PHE E 417 -30.30 -10.08 -15.15
C PHE E 417 -30.30 -9.20 -16.40
N GLY E 418 -29.33 -8.29 -16.50
CA GLY E 418 -29.20 -7.43 -17.67
C GLY E 418 -29.52 -5.96 -17.40
N PHE E 419 -30.17 -5.68 -16.28
CA PHE E 419 -30.54 -4.32 -15.92
C PHE E 419 -29.35 -3.36 -16.06
N SER E 420 -28.15 -3.85 -15.77
CA SER E 420 -26.92 -3.12 -16.04
C SER E 420 -25.99 -3.95 -16.91
N LEU E 421 -25.35 -3.29 -17.87
CA LEU E 421 -24.42 -3.93 -18.79
C LEU E 421 -23.23 -3.04 -18.99
N ARG E 422 -22.06 -3.63 -19.15
CA ARG E 422 -20.88 -2.89 -19.59
C ARG E 422 -19.96 -3.82 -20.37
N GLY E 423 -19.30 -3.27 -21.38
CA GLY E 423 -18.35 -4.04 -22.18
C GLY E 423 -17.25 -3.16 -22.77
N ALA E 424 -16.71 -3.58 -23.90
CA ALA E 424 -15.69 -2.82 -24.62
C ALA E 424 -14.35 -2.76 -23.89
N VAL E 425 -14.13 -3.66 -22.93
CA VAL E 425 -12.88 -3.68 -22.15
C VAL E 425 -12.39 -5.11 -21.95
N ASP E 426 -11.07 -5.29 -22.07
CA ASP E 426 -10.44 -6.61 -22.05
C ASP E 426 -9.97 -6.96 -20.63
N ILE E 427 -10.84 -7.61 -19.86
CA ILE E 427 -10.63 -7.78 -18.41
C ILE E 427 -9.58 -8.83 -18.07
N ASP E 428 -9.52 -9.91 -18.86
CA ASP E 428 -8.54 -10.99 -18.64
C ASP E 428 -7.30 -10.80 -19.50
N ASP E 429 -7.31 -9.77 -20.35
CA ASP E 429 -6.14 -9.39 -21.15
C ASP E 429 -5.73 -10.50 -22.12
N ASN E 430 -6.66 -10.89 -23.01
CA ASN E 430 -6.36 -11.85 -24.07
C ASN E 430 -6.52 -11.24 -25.48
N GLY E 431 -6.68 -9.92 -25.55
CA GLY E 431 -6.83 -9.21 -26.82
C GLY E 431 -8.26 -9.17 -27.36
N TYR E 432 -9.23 -9.59 -26.53
CA TYR E 432 -10.64 -9.60 -26.93
C TYR E 432 -11.49 -8.90 -25.86
N PRO E 433 -12.42 -8.03 -26.29
CA PRO E 433 -13.32 -7.35 -25.33
C PRO E 433 -14.25 -8.30 -24.57
N ASP E 434 -14.56 -7.97 -23.32
CA ASP E 434 -15.43 -8.79 -22.48
C ASP E 434 -16.70 -8.05 -22.10
N LEU E 435 -17.67 -8.79 -21.55
CA LEU E 435 -18.95 -8.23 -21.12
C LEU E 435 -19.22 -8.61 -19.69
N ILE E 436 -19.59 -7.62 -18.88
CA ILE E 436 -20.09 -7.88 -17.52
C ILE E 436 -21.57 -7.54 -17.42
N VAL E 437 -22.31 -8.36 -16.67
CA VAL E 437 -23.78 -8.28 -16.63
C VAL E 437 -24.24 -8.33 -15.18
N GLY E 438 -24.96 -7.29 -14.76
CA GLY E 438 -25.41 -7.17 -13.38
C GLY E 438 -26.82 -7.72 -13.19
N ALA E 439 -27.05 -8.36 -12.05
CA ALA E 439 -28.37 -8.86 -11.69
C ALA E 439 -28.67 -8.46 -10.25
N TYR E 440 -29.16 -7.22 -10.08
CA TYR E 440 -29.28 -6.61 -8.75
C TYR E 440 -30.29 -7.35 -7.87
N GLY E 441 -31.25 -8.02 -8.51
CA GLY E 441 -32.22 -8.83 -7.78
C GLY E 441 -31.60 -10.01 -7.06
N ALA E 442 -30.54 -10.57 -7.64
CA ALA E 442 -29.81 -11.70 -7.04
C ALA E 442 -28.55 -11.24 -6.30
N ASN E 443 -28.31 -9.93 -6.29
CA ASN E 443 -27.13 -9.36 -5.64
C ASN E 443 -25.83 -9.91 -6.21
N GLN E 444 -25.79 -10.09 -7.53
CA GLN E 444 -24.65 -10.72 -8.19
C GLN E 444 -24.33 -10.08 -9.54
N VAL E 445 -23.09 -10.25 -9.98
CA VAL E 445 -22.64 -9.82 -11.29
C VAL E 445 -22.03 -11.02 -12.02
N ALA E 446 -22.26 -11.11 -13.33
CA ALA E 446 -21.77 -12.22 -14.14
C ALA E 446 -20.85 -11.72 -15.24
N VAL E 447 -19.61 -12.23 -15.25
CA VAL E 447 -18.63 -11.85 -16.27
C VAL E 447 -18.60 -12.87 -17.40
N TYR E 448 -18.60 -12.38 -18.64
CA TYR E 448 -18.55 -13.21 -19.83
C TYR E 448 -17.30 -12.87 -20.63
N ARG E 449 -16.47 -13.88 -20.90
CA ARG E 449 -15.20 -13.67 -21.61
C ARG E 449 -15.30 -14.03 -23.07
N ALA E 450 -14.74 -13.17 -23.93
CA ALA E 450 -14.65 -13.45 -25.36
C ALA E 450 -13.49 -14.41 -25.63
N GLN E 451 -13.76 -15.45 -26.41
CA GLN E 451 -12.78 -16.50 -26.67
C GLN E 451 -12.52 -16.68 -28.17
N PRO E 452 -11.48 -17.47 -28.53
CA PRO E 452 -11.23 -17.83 -29.93
C PRO E 452 -12.45 -18.44 -30.62
N GLY F 1 -98.87 -55.66 -46.88
CA GLY F 1 -99.57 -56.52 -45.90
C GLY F 1 -98.78 -56.76 -44.64
N PRO F 2 -97.75 -57.64 -44.70
CA PRO F 2 -97.01 -58.07 -43.52
C PRO F 2 -96.17 -56.96 -42.91
N ASN F 3 -96.40 -56.70 -41.61
CA ASN F 3 -95.69 -55.64 -40.90
C ASN F 3 -94.95 -56.19 -39.69
N ILE F 4 -94.14 -55.34 -39.06
CA ILE F 4 -93.31 -55.75 -37.93
C ILE F 4 -94.13 -56.29 -36.75
N CYS F 5 -95.36 -55.81 -36.60
CA CYS F 5 -96.23 -56.25 -35.51
C CYS F 5 -96.58 -57.74 -35.60
N THR F 6 -96.91 -58.20 -36.81
CA THR F 6 -97.40 -59.56 -36.99
C THR F 6 -96.29 -60.59 -37.23
N THR F 7 -95.13 -60.14 -37.69
CA THR F 7 -94.02 -61.04 -38.06
C THR F 7 -93.21 -61.54 -36.86
N ARG F 8 -93.20 -60.75 -35.78
CA ARG F 8 -92.40 -61.07 -34.60
C ARG F 8 -92.98 -62.26 -33.80
N GLY F 9 -94.30 -62.45 -33.91
CA GLY F 9 -94.97 -63.58 -33.26
C GLY F 9 -95.08 -63.42 -31.75
N VAL F 10 -95.59 -62.25 -31.33
CA VAL F 10 -95.75 -61.95 -29.90
C VAL F 10 -96.88 -62.78 -29.28
N SER F 11 -96.81 -62.94 -27.96
CA SER F 11 -97.78 -63.76 -27.23
C SER F 11 -98.82 -62.90 -26.50
N SER F 12 -98.34 -61.86 -25.80
CA SER F 12 -99.18 -61.06 -24.91
C SER F 12 -99.42 -59.66 -25.44
N CYS F 13 -100.28 -58.91 -24.75
CA CYS F 13 -100.51 -57.49 -25.06
C CYS F 13 -99.26 -56.66 -24.77
N GLN F 14 -98.50 -57.07 -23.76
CA GLN F 14 -97.32 -56.31 -23.32
C GLN F 14 -96.17 -56.41 -24.32
N GLN F 15 -95.94 -57.61 -24.85
CA GLN F 15 -94.89 -57.83 -25.84
C GLN F 15 -95.25 -57.19 -27.18
N CYS F 16 -96.55 -57.09 -27.46
CA CYS F 16 -97.05 -56.46 -28.68
C CYS F 16 -96.69 -54.98 -28.71
N LEU F 17 -96.85 -54.31 -27.57
CA LEU F 17 -96.50 -52.90 -27.44
C LEU F 17 -94.99 -52.70 -27.42
N ALA F 18 -94.27 -53.70 -26.90
CA ALA F 18 -92.81 -53.64 -26.80
C ALA F 18 -92.12 -53.73 -28.16
N VAL F 19 -92.81 -54.28 -29.15
CA VAL F 19 -92.24 -54.46 -30.49
C VAL F 19 -92.03 -53.12 -31.21
N SER F 20 -93.08 -52.31 -31.27
CA SER F 20 -93.03 -51.04 -31.99
C SER F 20 -94.17 -50.10 -31.58
N PRO F 21 -93.91 -48.78 -31.55
CA PRO F 21 -94.91 -47.77 -31.20
C PRO F 21 -96.19 -47.80 -32.04
N MET F 22 -96.11 -48.36 -33.24
CA MET F 22 -97.24 -48.37 -34.16
C MET F 22 -98.16 -49.59 -33.96
N CYS F 23 -97.72 -50.55 -33.14
CA CYS F 23 -98.49 -51.78 -32.91
C CYS F 23 -99.65 -51.58 -31.95
N ALA F 24 -100.76 -52.28 -32.21
CA ALA F 24 -101.93 -52.26 -31.33
C ALA F 24 -102.37 -53.70 -31.03
N TRP F 25 -103.26 -53.85 -30.06
CA TRP F 25 -103.74 -55.17 -29.62
C TRP F 25 -105.26 -55.22 -29.55
N CYS F 26 -105.83 -56.36 -29.96
CA CYS F 26 -107.28 -56.58 -29.95
C CYS F 26 -107.66 -57.59 -28.87
N SER F 27 -108.37 -57.13 -27.85
CA SER F 27 -108.78 -57.98 -26.73
C SER F 27 -110.15 -58.62 -26.95
N ASP F 28 -110.78 -58.32 -28.09
CA ASP F 28 -112.14 -58.78 -28.38
C ASP F 28 -112.20 -60.30 -28.49
N GLU F 29 -113.10 -60.91 -27.73
CA GLU F 29 -113.27 -62.37 -27.72
C GLU F 29 -114.01 -62.86 -28.97
N ALA F 30 -114.73 -61.96 -29.63
CA ALA F 30 -115.49 -62.29 -30.83
C ALA F 30 -114.60 -62.41 -32.08
N LEU F 31 -113.33 -62.01 -31.97
CA LEU F 31 -112.37 -62.14 -33.06
C LEU F 31 -112.04 -63.62 -33.30
N PRO F 32 -112.01 -64.06 -34.58
CA PRO F 32 -111.72 -65.46 -34.90
C PRO F 32 -110.25 -65.81 -34.67
N LEU F 33 -109.96 -67.11 -34.64
CA LEU F 33 -108.60 -67.60 -34.37
C LEU F 33 -107.66 -67.36 -35.54
N GLY F 34 -108.21 -67.25 -36.75
CA GLY F 34 -107.42 -67.00 -37.95
C GLY F 34 -106.78 -65.62 -37.99
N SER F 35 -107.48 -64.64 -37.42
CA SER F 35 -106.99 -63.25 -37.40
C SER F 35 -105.90 -63.07 -36.35
N PRO F 36 -104.88 -62.25 -36.66
CA PRO F 36 -103.86 -61.90 -35.68
C PRO F 36 -104.35 -60.84 -34.70
N ARG F 37 -103.85 -60.88 -33.48
CA ARG F 37 -104.25 -59.92 -32.44
C ARG F 37 -103.32 -58.71 -32.38
N CYS F 38 -102.03 -58.92 -32.67
CA CYS F 38 -101.04 -57.85 -32.66
C CYS F 38 -100.82 -57.30 -34.08
N ASP F 39 -101.34 -56.11 -34.34
CA ASP F 39 -101.33 -55.51 -35.67
C ASP F 39 -101.51 -53.98 -35.59
N LEU F 40 -101.55 -53.31 -36.73
CA LEU F 40 -101.88 -51.89 -36.78
C LEU F 40 -103.36 -51.69 -36.43
N LYS F 41 -103.71 -50.50 -35.98
CA LYS F 41 -105.09 -50.19 -35.60
C LYS F 41 -106.04 -50.27 -36.80
N GLU F 42 -105.55 -49.88 -37.99
CA GLU F 42 -106.36 -49.95 -39.21
C GLU F 42 -106.73 -51.39 -39.52
N ASN F 43 -105.74 -52.28 -39.43
CA ASN F 43 -105.93 -53.69 -39.76
C ASN F 43 -106.81 -54.43 -38.75
N LEU F 44 -106.83 -53.95 -37.51
CA LEU F 44 -107.69 -54.53 -36.48
C LEU F 44 -109.16 -54.10 -36.67
N LEU F 45 -109.37 -52.83 -37.00
CA LEU F 45 -110.70 -52.32 -37.33
C LEU F 45 -111.21 -52.92 -38.65
N LYS F 46 -110.28 -53.24 -39.55
CA LYS F 46 -110.62 -53.86 -40.83
C LYS F 46 -111.09 -55.31 -40.64
N ASP F 47 -110.61 -55.96 -39.57
CA ASP F 47 -111.00 -57.35 -39.25
C ASP F 47 -112.10 -57.40 -38.17
N ASN F 48 -112.91 -56.34 -38.10
CA ASN F 48 -114.10 -56.31 -37.23
C ASN F 48 -113.80 -56.56 -35.74
N CYS F 49 -112.70 -55.99 -35.26
CA CYS F 49 -112.43 -55.94 -33.81
C CYS F 49 -113.14 -54.74 -33.22
N ALA F 50 -113.75 -54.93 -32.05
CA ALA F 50 -114.55 -53.88 -31.42
C ALA F 50 -113.67 -52.72 -30.93
N PRO F 51 -114.05 -51.47 -31.29
CA PRO F 51 -113.32 -50.27 -30.83
C PRO F 51 -113.08 -50.23 -29.32
N GLU F 52 -114.00 -50.83 -28.55
CA GLU F 52 -113.86 -50.91 -27.10
C GLU F 52 -112.65 -51.76 -26.69
N SER F 53 -112.39 -52.83 -27.44
CA SER F 53 -111.37 -53.81 -27.07
C SER F 53 -109.96 -53.45 -27.56
N ILE F 54 -109.86 -52.43 -28.41
CA ILE F 54 -108.56 -52.02 -28.97
C ILE F 54 -107.69 -51.32 -27.92
N GLU F 55 -106.55 -51.93 -27.62
CA GLU F 55 -105.58 -51.36 -26.69
C GLU F 55 -104.42 -50.71 -27.45
N PHE F 56 -104.56 -49.42 -27.76
CA PHE F 56 -103.57 -48.69 -28.54
C PHE F 56 -103.15 -47.40 -27.81
N PRO F 57 -102.15 -47.50 -26.92
CA PRO F 57 -101.63 -46.33 -26.20
C PRO F 57 -101.01 -45.30 -27.14
N VAL F 58 -101.21 -44.02 -26.84
CA VAL F 58 -100.63 -42.94 -27.62
C VAL F 58 -99.86 -41.99 -26.70
N SER F 59 -98.62 -41.68 -27.10
CA SER F 59 -97.77 -40.78 -26.32
C SER F 59 -98.27 -39.34 -26.42
N GLU F 60 -98.10 -38.57 -25.34
CA GLU F 60 -98.60 -37.21 -25.28
C GLU F 60 -97.75 -36.34 -24.35
N ALA F 61 -97.93 -35.02 -24.46
CA ALA F 61 -97.22 -34.07 -23.61
C ALA F 61 -98.18 -32.97 -23.14
N ARG F 62 -98.86 -33.22 -22.02
CA ARG F 62 -99.82 -32.27 -21.47
C ARG F 62 -99.12 -31.17 -20.68
N VAL F 63 -99.40 -29.93 -21.01
CA VAL F 63 -98.89 -28.79 -20.26
C VAL F 63 -99.69 -28.62 -18.96
N LEU F 64 -99.00 -28.65 -17.83
CA LEU F 64 -99.64 -28.51 -16.52
C LEU F 64 -99.62 -27.05 -16.06
N GLU F 65 -98.46 -26.41 -16.18
CA GLU F 65 -98.31 -24.99 -15.84
C GLU F 65 -97.80 -24.21 -17.05
N ASP F 66 -98.67 -23.36 -17.61
CA ASP F 66 -98.35 -22.57 -18.80
C ASP F 66 -98.69 -21.09 -18.59
N ARG F 67 -98.02 -20.48 -17.63
CA ARG F 67 -98.14 -19.04 -17.42
C ARG F 67 -97.39 -18.29 -18.52
N PRO F 68 -97.96 -17.18 -19.00
CA PRO F 68 -97.33 -16.41 -20.09
C PRO F 68 -96.10 -15.66 -19.63
N LEU F 69 -95.26 -15.24 -20.58
CA LEU F 69 -94.02 -14.54 -20.25
C LEU F 69 -94.32 -13.12 -19.79
N SER F 70 -93.51 -12.62 -18.85
CA SER F 70 -93.76 -11.33 -18.22
C SER F 70 -93.50 -10.17 -19.17
N ASP F 71 -94.01 -9.00 -18.80
CA ASP F 71 -93.82 -7.78 -19.60
C ASP F 71 -93.07 -6.73 -18.75
N LYS F 72 -93.43 -5.46 -18.89
CA LYS F 72 -92.90 -4.40 -18.03
C LYS F 72 -93.95 -3.33 -17.78
N GLN F 79 -93.21 -12.34 -8.28
CA GLN F 79 -93.03 -13.44 -9.23
C GLN F 79 -92.76 -12.89 -10.64
N VAL F 80 -91.88 -13.58 -11.37
CA VAL F 80 -91.57 -13.21 -12.76
C VAL F 80 -91.36 -14.48 -13.59
N THR F 81 -92.02 -14.55 -14.74
CA THR F 81 -91.95 -15.73 -15.61
C THR F 81 -91.04 -15.46 -16.82
N GLN F 82 -89.90 -16.16 -16.86
CA GLN F 82 -88.93 -16.03 -17.96
C GLN F 82 -88.94 -17.26 -18.88
N VAL F 83 -89.39 -18.40 -18.36
CA VAL F 83 -89.55 -19.62 -19.16
C VAL F 83 -91.02 -20.05 -19.19
N SER F 84 -91.45 -20.59 -20.33
CA SER F 84 -92.84 -21.05 -20.48
C SER F 84 -92.94 -22.14 -21.55
N PRO F 85 -93.57 -23.29 -21.22
CA PRO F 85 -94.25 -23.59 -19.95
C PRO F 85 -93.29 -23.93 -18.81
N GLN F 86 -93.83 -24.09 -17.60
CA GLN F 86 -93.04 -24.33 -16.40
C GLN F 86 -93.04 -25.80 -16.00
N ARG F 87 -94.17 -26.47 -16.22
CA ARG F 87 -94.30 -27.90 -15.88
C ARG F 87 -94.96 -28.67 -17.02
N ILE F 88 -94.51 -29.91 -17.24
CA ILE F 88 -95.03 -30.75 -18.32
C ILE F 88 -95.12 -32.22 -17.89
N ALA F 89 -96.19 -32.88 -18.32
CA ALA F 89 -96.37 -34.32 -18.06
C ALA F 89 -96.17 -35.10 -19.36
N LEU F 90 -95.08 -35.86 -19.42
CA LEU F 90 -94.78 -36.69 -20.60
C LEU F 90 -95.20 -38.14 -20.37
N ARG F 91 -96.01 -38.67 -21.28
CA ARG F 91 -96.34 -40.09 -21.29
C ARG F 91 -95.73 -40.75 -22.53
N LEU F 92 -94.80 -41.67 -22.31
CA LEU F 92 -94.12 -42.37 -23.41
C LEU F 92 -94.42 -43.87 -23.36
N ARG F 93 -94.38 -44.51 -24.53
CA ARG F 93 -94.51 -45.96 -24.63
C ARG F 93 -93.25 -46.53 -25.30
N PRO F 94 -92.99 -47.84 -25.11
CA PRO F 94 -91.71 -48.45 -25.51
C PRO F 94 -91.14 -47.90 -26.84
N ASP F 95 -89.92 -47.37 -26.77
CA ASP F 95 -89.16 -46.92 -27.95
C ASP F 95 -89.76 -45.71 -28.69
N ASP F 96 -90.87 -45.17 -28.18
CA ASP F 96 -91.54 -44.04 -28.83
C ASP F 96 -90.90 -42.72 -28.39
N SER F 97 -91.25 -41.64 -29.07
CA SER F 97 -90.81 -40.30 -28.70
C SER F 97 -91.92 -39.28 -28.91
N LYS F 98 -91.87 -38.19 -28.15
CA LYS F 98 -92.82 -37.10 -28.31
C LYS F 98 -92.09 -35.76 -28.18
N ASN F 99 -92.51 -34.79 -28.99
CA ASN F 99 -91.87 -33.48 -29.00
C ASN F 99 -92.69 -32.41 -28.28
N PHE F 100 -92.01 -31.41 -27.74
CA PHE F 100 -92.69 -30.29 -27.07
C PHE F 100 -91.88 -29.00 -27.23
N SER F 101 -92.53 -27.87 -26.94
CA SER F 101 -91.95 -26.55 -27.17
C SER F 101 -91.62 -25.85 -25.85
N ILE F 102 -90.70 -24.88 -25.93
CA ILE F 102 -90.33 -24.06 -24.79
C ILE F 102 -89.87 -22.67 -25.27
N GLN F 103 -90.26 -21.63 -24.54
CA GLN F 103 -89.92 -20.25 -24.91
C GLN F 103 -89.25 -19.52 -23.74
N VAL F 104 -88.07 -18.95 -23.99
CA VAL F 104 -87.34 -18.20 -22.98
C VAL F 104 -87.27 -16.72 -23.36
N ARG F 105 -87.31 -15.85 -22.36
CA ARG F 105 -87.24 -14.40 -22.57
C ARG F 105 -86.49 -13.72 -21.44
N GLN F 106 -85.55 -12.85 -21.81
CA GLN F 106 -84.83 -12.03 -20.83
C GLN F 106 -85.70 -10.84 -20.43
N VAL F 107 -86.45 -11.00 -19.34
CA VAL F 107 -87.33 -9.94 -18.84
C VAL F 107 -86.64 -9.13 -17.75
N GLU F 108 -85.92 -9.81 -16.87
CA GLU F 108 -85.28 -9.17 -15.71
C GLU F 108 -84.10 -8.31 -16.16
N ASP F 109 -83.84 -7.24 -15.40
CA ASP F 109 -82.78 -6.29 -15.73
C ASP F 109 -81.40 -6.90 -15.50
N TYR F 110 -80.40 -6.40 -16.21
CA TYR F 110 -79.02 -6.90 -16.09
C TYR F 110 -78.36 -6.38 -14.81
N PRO F 111 -77.55 -7.22 -14.15
CA PRO F 111 -76.78 -6.79 -13.00
C PRO F 111 -75.56 -5.95 -13.41
N VAL F 112 -75.41 -4.76 -12.81
CA VAL F 112 -74.33 -3.85 -13.16
C VAL F 112 -73.54 -3.43 -11.91
N ASP F 113 -72.21 -3.43 -12.02
CA ASP F 113 -71.32 -2.99 -10.95
C ASP F 113 -70.56 -1.74 -11.36
N ILE F 114 -70.67 -0.68 -10.56
CA ILE F 114 -69.95 0.56 -10.81
C ILE F 114 -69.04 0.89 -9.63
N TYR F 115 -67.73 0.94 -9.90
CA TYR F 115 -66.77 1.39 -8.88
C TYR F 115 -66.15 2.72 -9.30
N TYR F 116 -66.17 3.67 -8.38
CA TYR F 116 -65.77 5.03 -8.66
C TYR F 116 -64.40 5.31 -8.03
N LEU F 117 -63.45 5.78 -8.83
CA LEU F 117 -62.11 6.12 -8.35
C LEU F 117 -61.92 7.63 -8.34
N MET F 118 -61.89 8.23 -7.15
CA MET F 118 -61.79 9.67 -7.00
C MET F 118 -60.34 10.12 -6.81
N ASP F 119 -59.87 11.00 -7.70
CA ASP F 119 -58.66 11.77 -7.47
C ASP F 119 -58.93 12.77 -6.35
N LEU F 120 -58.23 12.62 -5.23
CA LEU F 120 -58.39 13.54 -4.10
C LEU F 120 -57.10 14.31 -3.82
N SER F 121 -56.31 14.54 -4.86
CA SER F 121 -55.13 15.39 -4.75
C SER F 121 -55.55 16.86 -4.72
N TYR F 122 -54.63 17.74 -4.37
CA TYR F 122 -54.97 19.16 -4.11
C TYR F 122 -55.44 19.91 -5.36
N SER F 123 -55.03 19.47 -6.54
CA SER F 123 -55.47 20.08 -7.79
C SER F 123 -56.96 19.87 -8.02
N MET F 124 -57.52 18.87 -7.35
CA MET F 124 -58.95 18.57 -7.48
C MET F 124 -59.81 19.40 -6.53
N LYS F 125 -59.18 20.26 -5.74
CA LYS F 125 -59.90 21.13 -4.78
C LYS F 125 -61.07 21.85 -5.46
N ASP F 126 -60.78 22.51 -6.58
CA ASP F 126 -61.81 23.23 -7.36
C ASP F 126 -62.62 22.30 -8.29
N ASP F 127 -62.32 21.00 -8.24
CA ASP F 127 -63.07 19.99 -8.99
C ASP F 127 -63.86 19.07 -8.08
N LEU F 128 -63.75 19.27 -6.77
CA LEU F 128 -64.31 18.33 -5.79
C LEU F 128 -65.82 18.25 -5.87
N TRP F 129 -66.47 19.38 -6.15
CA TRP F 129 -67.91 19.40 -6.32
C TRP F 129 -68.32 18.58 -7.55
N SER F 130 -67.57 18.72 -8.63
CA SER F 130 -67.92 18.08 -9.91
C SER F 130 -67.92 16.55 -9.81
N ILE F 131 -66.89 16.01 -9.17
CA ILE F 131 -66.78 14.55 -9.03
C ILE F 131 -67.74 14.02 -7.97
N GLN F 132 -68.06 14.84 -6.97
CA GLN F 132 -69.10 14.52 -6.00
C GLN F 132 -70.47 14.49 -6.67
N ASN F 133 -70.73 15.48 -7.51
CA ASN F 133 -71.97 15.53 -8.30
C ASN F 133 -72.06 14.37 -9.28
N LEU F 134 -70.96 14.13 -10.01
CA LEU F 134 -70.90 13.01 -10.95
C LEU F 134 -71.12 11.67 -10.25
N GLY F 135 -70.65 11.57 -9.00
CA GLY F 135 -70.80 10.36 -8.21
C GLY F 135 -72.25 9.99 -7.96
N THR F 136 -73.03 10.97 -7.49
CA THR F 136 -74.44 10.74 -7.18
C THR F 136 -75.29 10.64 -8.45
N LYS F 137 -74.85 11.30 -9.52
CA LYS F 137 -75.55 11.25 -10.81
C LYS F 137 -75.35 9.89 -11.50
N LEU F 138 -74.20 9.26 -11.27
CA LEU F 138 -73.96 7.89 -11.76
C LEU F 138 -74.97 6.91 -11.15
N ALA F 139 -75.27 7.10 -9.87
CA ALA F 139 -76.26 6.27 -9.18
C ALA F 139 -77.66 6.49 -9.74
N THR F 140 -78.02 7.76 -9.95
CA THR F 140 -79.33 8.12 -10.49
C THR F 140 -79.53 7.59 -11.92
N GLN F 141 -78.53 7.79 -12.76
CA GLN F 141 -78.59 7.40 -14.17
C GLN F 141 -78.70 5.88 -14.35
N MET F 142 -77.92 5.13 -13.58
CA MET F 142 -77.89 3.68 -13.70
C MET F 142 -79.07 3.01 -12.97
N ARG F 143 -79.65 3.70 -11.99
CA ARG F 143 -80.80 3.18 -11.25
C ARG F 143 -82.01 3.04 -12.17
N LYS F 144 -82.31 4.10 -12.92
CA LYS F 144 -83.48 4.10 -13.81
C LYS F 144 -83.28 3.18 -15.02
N LEU F 145 -82.02 2.87 -15.33
CA LEU F 145 -81.69 1.95 -16.42
C LEU F 145 -81.85 0.50 -15.97
N THR F 146 -81.44 0.22 -14.73
CA THR F 146 -81.57 -1.14 -14.15
C THR F 146 -81.72 -1.07 -12.64
N SER F 147 -82.65 -1.85 -12.10
CA SER F 147 -82.89 -1.90 -10.66
C SER F 147 -81.83 -2.74 -9.94
N ASN F 148 -81.22 -3.68 -10.67
CA ASN F 148 -80.19 -4.55 -10.11
C ASN F 148 -78.80 -3.90 -10.21
N LEU F 149 -78.45 -3.12 -9.19
CA LEU F 149 -77.22 -2.32 -9.20
C LEU F 149 -76.51 -2.37 -7.86
N ARG F 150 -75.18 -2.36 -7.90
CA ARG F 150 -74.37 -2.19 -6.70
C ARG F 150 -73.23 -1.22 -6.99
N ILE F 151 -73.04 -0.26 -6.10
CA ILE F 151 -72.09 0.83 -6.35
C ILE F 151 -71.18 1.04 -5.13
N GLY F 152 -69.92 1.37 -5.40
CA GLY F 152 -68.94 1.67 -4.34
C GLY F 152 -67.86 2.59 -4.87
N PHE F 153 -66.93 2.99 -4.01
CA PHE F 153 -65.85 3.89 -4.42
C PHE F 153 -64.62 3.83 -3.54
N GLY F 154 -63.49 4.23 -4.13
CA GLY F 154 -62.26 4.50 -3.40
C GLY F 154 -61.64 5.79 -3.92
N ALA F 155 -60.51 6.16 -3.36
CA ALA F 155 -59.81 7.37 -3.78
C ALA F 155 -58.31 7.13 -3.87
N PHE F 156 -57.62 8.04 -4.53
CA PHE F 156 -56.16 7.99 -4.64
C PHE F 156 -55.54 9.38 -4.65
N VAL F 157 -54.24 9.44 -4.41
CA VAL F 157 -53.47 10.66 -4.63
C VAL F 157 -52.18 10.30 -5.38
N ASP F 158 -51.22 9.72 -4.67
CA ASP F 158 -49.95 9.31 -5.27
C ASP F 158 -49.14 8.55 -4.23
N LYS F 159 -48.02 7.97 -4.65
CA LYS F 159 -47.20 7.17 -3.74
C LYS F 159 -46.67 8.05 -2.60
N PRO F 160 -47.04 7.71 -1.35
CA PRO F 160 -46.66 8.54 -0.20
C PRO F 160 -45.18 8.39 0.14
N VAL F 161 -44.35 9.00 -0.68
CA VAL F 161 -42.90 8.92 -0.55
C VAL F 161 -42.25 10.09 -1.28
N SER F 162 -41.17 10.62 -0.71
CA SER F 162 -40.40 11.67 -1.37
C SER F 162 -39.88 11.18 -2.71
N PRO F 163 -39.89 12.05 -3.74
CA PRO F 163 -40.21 13.47 -3.73
C PRO F 163 -41.70 13.78 -3.97
N TYR F 164 -42.53 12.76 -4.18
CA TYR F 164 -43.95 12.99 -4.41
C TYR F 164 -44.60 13.60 -3.17
N MET F 165 -44.19 13.11 -1.99
CA MET F 165 -44.76 13.53 -0.72
C MET F 165 -43.90 14.59 -0.04
N TYR F 166 -44.54 15.59 0.55
CA TYR F 166 -43.84 16.55 1.40
C TYR F 166 -43.49 15.89 2.73
N ILE F 167 -42.20 15.79 3.02
CA ILE F 167 -41.74 15.12 4.24
C ILE F 167 -41.13 16.09 5.26
N SER F 168 -41.40 17.38 5.09
CA SER F 168 -40.97 18.39 6.07
C SER F 168 -41.85 19.65 6.01
N PRO F 169 -42.04 20.32 7.16
CA PRO F 169 -41.60 19.91 8.50
C PRO F 169 -42.44 18.74 9.03
N PRO F 170 -42.17 18.29 10.26
CA PRO F 170 -42.93 17.16 10.85
C PRO F 170 -44.45 17.36 10.78
N GLU F 171 -44.89 18.62 10.86
CA GLU F 171 -46.31 18.95 10.76
C GLU F 171 -46.88 18.61 9.38
N ALA F 172 -46.04 18.66 8.35
CA ALA F 172 -46.48 18.46 6.96
C ALA F 172 -46.94 17.03 6.67
N LEU F 173 -46.43 16.06 7.44
CA LEU F 173 -46.81 14.65 7.27
C LEU F 173 -48.28 14.42 7.67
N GLU F 174 -48.72 15.11 8.72
CA GLU F 174 -50.09 14.98 9.22
C GLU F 174 -51.02 16.02 8.56
N ASN F 175 -50.44 17.13 8.11
CA ASN F 175 -51.18 18.12 7.34
C ASN F 175 -50.31 18.68 6.19
N PRO F 176 -50.36 18.04 5.01
CA PRO F 176 -49.60 18.47 3.83
C PRO F 176 -49.78 19.94 3.43
N CYS F 177 -50.89 20.55 3.84
CA CYS F 177 -51.16 21.95 3.51
C CYS F 177 -50.70 22.90 4.62
N TYR F 178 -49.79 22.42 5.48
CA TYR F 178 -49.31 23.19 6.64
C TYR F 178 -48.72 24.54 6.23
N ASP F 179 -47.80 24.53 5.26
CA ASP F 179 -47.09 25.75 4.85
C ASP F 179 -47.98 26.76 4.09
N MET F 180 -49.16 26.33 3.69
CA MET F 180 -50.15 27.24 3.08
C MET F 180 -51.11 27.81 4.14
N LYS F 181 -50.82 27.52 5.42
CA LYS F 181 -51.62 28.00 6.54
C LYS F 181 -53.08 27.56 6.43
N THR F 182 -53.30 26.39 5.83
CA THR F 182 -54.62 25.78 5.72
C THR F 182 -54.51 24.30 6.08
N THR F 183 -55.61 23.55 5.92
CA THR F 183 -55.61 22.13 6.29
C THR F 183 -56.14 21.25 5.16
N CYS F 184 -55.46 20.12 4.95
CA CYS F 184 -55.96 19.05 4.10
C CYS F 184 -55.59 17.70 4.74
N LEU F 185 -56.13 16.61 4.17
CA LEU F 185 -55.90 15.28 4.73
C LEU F 185 -54.47 14.82 4.46
N PRO F 186 -53.97 13.87 5.28
CA PRO F 186 -52.68 13.25 5.01
C PRO F 186 -52.66 12.53 3.66
N MET F 187 -51.47 12.38 3.09
CA MET F 187 -51.33 11.79 1.77
C MET F 187 -51.44 10.27 1.84
N PHE F 188 -51.99 9.67 0.77
CA PHE F 188 -52.11 8.23 0.66
C PHE F 188 -52.07 7.80 -0.81
N GLY F 189 -51.66 6.55 -1.05
CA GLY F 189 -51.57 6.02 -2.40
C GLY F 189 -52.94 5.68 -2.98
N TYR F 190 -53.52 4.60 -2.49
CA TYR F 190 -54.89 4.23 -2.85
C TYR F 190 -55.66 3.80 -1.61
N LYS F 191 -56.86 4.32 -1.46
CA LYS F 191 -57.70 4.01 -0.31
C LYS F 191 -59.06 3.49 -0.80
N HIS F 192 -59.42 2.29 -0.38
CA HIS F 192 -60.74 1.73 -0.63
C HIS F 192 -61.69 2.16 0.48
N VAL F 193 -62.74 2.91 0.11
CA VAL F 193 -63.64 3.51 1.10
C VAL F 193 -64.89 2.66 1.30
N LEU F 194 -65.56 2.32 0.20
CA LEU F 194 -66.87 1.67 0.26
C LEU F 194 -66.96 0.47 -0.70
N THR F 195 -67.17 -0.71 -0.12
CA THR F 195 -67.41 -1.93 -0.90
C THR F 195 -68.71 -1.82 -1.70
N LEU F 196 -68.75 -2.43 -2.88
CA LEU F 196 -69.93 -2.38 -3.75
C LEU F 196 -71.18 -2.80 -2.99
N THR F 197 -72.16 -1.88 -2.92
CA THR F 197 -73.37 -2.09 -2.14
C THR F 197 -74.58 -1.49 -2.85
N ASP F 198 -75.76 -2.02 -2.54
CA ASP F 198 -77.02 -1.52 -3.10
C ASP F 198 -77.50 -0.24 -2.40
N GLN F 199 -76.92 0.06 -1.25
CA GLN F 199 -77.32 1.21 -0.45
C GLN F 199 -76.81 2.52 -1.06
N VAL F 200 -77.56 3.05 -2.02
CA VAL F 200 -77.16 4.24 -2.76
C VAL F 200 -77.16 5.51 -1.88
N THR F 201 -78.09 5.57 -0.93
CA THR F 201 -78.17 6.70 -0.01
C THR F 201 -76.91 6.79 0.87
N ARG F 202 -76.38 5.64 1.26
CA ARG F 202 -75.13 5.57 2.02
C ARG F 202 -73.93 5.97 1.15
N PHE F 203 -73.96 5.52 -0.10
CA PHE F 203 -72.91 5.86 -1.08
C PHE F 203 -72.82 7.37 -1.26
N ASN F 204 -73.96 8.04 -1.42
CA ASN F 204 -74.00 9.48 -1.63
C ASN F 204 -73.45 10.26 -0.44
N GLU F 205 -73.83 9.86 0.77
CA GLU F 205 -73.36 10.51 2.00
C GLU F 205 -71.84 10.44 2.11
N GLU F 206 -71.27 9.27 1.81
CA GLU F 206 -69.83 9.05 1.90
C GLU F 206 -69.05 9.88 0.87
N VAL F 207 -69.57 9.91 -0.36
CA VAL F 207 -68.93 10.67 -1.43
C VAL F 207 -68.85 12.17 -1.11
N LYS F 208 -69.91 12.72 -0.52
CA LYS F 208 -69.96 14.14 -0.18
C LYS F 208 -69.05 14.51 1.01
N LYS F 209 -68.63 13.50 1.78
CA LYS F 209 -67.74 13.74 2.92
C LYS F 209 -66.28 13.89 2.51
N GLN F 210 -65.96 13.45 1.28
CA GLN F 210 -64.57 13.39 0.83
C GLN F 210 -63.96 14.78 0.65
N SER F 211 -62.71 14.92 1.09
CA SER F 211 -61.95 16.16 0.89
C SER F 211 -60.54 15.84 0.37
N VAL F 212 -59.86 16.86 -0.14
CA VAL F 212 -58.60 16.66 -0.87
C VAL F 212 -57.40 16.53 0.07
N SER F 213 -56.34 15.92 -0.44
CA SER F 213 -55.04 15.89 0.23
C SER F 213 -54.07 16.76 -0.59
N ARG F 214 -52.77 16.46 -0.53
CA ARG F 214 -51.78 17.23 -1.31
C ARG F 214 -50.47 16.45 -1.52
N ASN F 215 -49.96 16.51 -2.74
CA ASN F 215 -48.61 16.03 -3.06
C ASN F 215 -47.88 17.03 -3.97
N ARG F 216 -46.69 16.68 -4.42
CA ARG F 216 -45.79 17.67 -5.02
C ARG F 216 -45.90 17.78 -6.54
N ASP F 217 -46.00 16.64 -7.23
CA ASP F 217 -45.89 16.63 -8.71
C ASP F 217 -47.24 16.40 -9.41
N ALA F 218 -47.43 17.11 -10.53
CA ALA F 218 -48.70 17.11 -11.25
C ALA F 218 -49.19 15.69 -11.58
N PRO F 219 -48.32 14.84 -12.13
CA PRO F 219 -48.73 13.46 -12.37
C PRO F 219 -49.09 12.75 -11.08
N GLU F 220 -50.14 11.94 -11.11
CA GLU F 220 -50.61 11.24 -9.91
C GLU F 220 -50.55 9.72 -10.10
N GLY F 221 -50.87 9.00 -9.03
CA GLY F 221 -50.73 7.54 -9.02
C GLY F 221 -52.05 6.81 -9.17
N GLY F 222 -52.87 7.24 -10.13
CA GLY F 222 -54.18 6.63 -10.35
C GLY F 222 -54.11 5.22 -10.91
N PHE F 223 -53.05 4.93 -11.66
CA PHE F 223 -52.90 3.62 -12.28
C PHE F 223 -52.59 2.53 -11.26
N ASP F 224 -52.01 2.92 -10.12
CA ASP F 224 -51.95 2.01 -8.96
C ASP F 224 -53.36 1.68 -8.50
N ALA F 225 -54.23 2.69 -8.47
CA ALA F 225 -55.62 2.53 -8.03
C ALA F 225 -56.42 1.67 -9.01
N ILE F 226 -56.24 1.91 -10.30
CA ILE F 226 -56.94 1.12 -11.33
C ILE F 226 -56.56 -0.36 -11.22
N MET F 227 -55.28 -0.64 -11.01
CA MET F 227 -54.80 -2.01 -10.93
C MET F 227 -55.39 -2.74 -9.72
N GLN F 228 -55.32 -2.11 -8.55
CA GLN F 228 -55.81 -2.74 -7.33
C GLN F 228 -57.34 -2.90 -7.34
N ALA F 229 -58.03 -1.91 -7.89
CA ALA F 229 -59.49 -2.00 -8.04
C ALA F 229 -59.86 -3.18 -8.94
N THR F 230 -59.04 -3.43 -9.95
CA THR F 230 -59.27 -4.53 -10.88
C THR F 230 -59.02 -5.90 -10.23
N VAL F 231 -57.88 -6.05 -9.56
CA VAL F 231 -57.40 -7.37 -9.16
C VAL F 231 -57.79 -7.78 -7.73
N CYS F 232 -58.26 -6.83 -6.91
CA CYS F 232 -58.74 -7.14 -5.56
C CYS F 232 -60.23 -7.49 -5.58
N ASP F 233 -60.53 -8.73 -5.94
CA ASP F 233 -61.91 -9.16 -6.19
C ASP F 233 -62.79 -9.06 -4.95
N GLU F 234 -62.33 -9.67 -3.86
CA GLU F 234 -63.15 -9.81 -2.66
C GLU F 234 -63.31 -8.48 -1.90
N LYS F 235 -62.27 -7.64 -1.96
CA LYS F 235 -62.32 -6.32 -1.32
C LYS F 235 -63.37 -5.43 -1.99
N ILE F 236 -63.20 -5.20 -3.29
CA ILE F 236 -64.09 -4.30 -4.03
C ILE F 236 -65.50 -4.87 -4.12
N GLY F 237 -65.58 -6.18 -4.37
CA GLY F 237 -66.86 -6.90 -4.33
C GLY F 237 -67.53 -7.01 -5.69
N TRP F 238 -66.74 -7.30 -6.72
CA TRP F 238 -67.29 -7.55 -8.06
C TRP F 238 -68.06 -8.86 -8.03
N ARG F 239 -69.26 -8.85 -8.62
CA ARG F 239 -70.08 -10.06 -8.71
C ARG F 239 -69.77 -10.79 -10.02
N ASN F 240 -69.74 -12.12 -9.96
CA ASN F 240 -69.38 -12.95 -11.11
C ASN F 240 -70.31 -12.72 -12.30
N ASP F 241 -71.61 -12.58 -12.02
CA ASP F 241 -72.62 -12.42 -13.07
C ASP F 241 -72.65 -11.01 -13.63
N ALA F 242 -72.28 -10.03 -12.81
CA ALA F 242 -72.52 -8.62 -13.12
C ALA F 242 -71.63 -8.08 -14.24
N SER F 243 -72.11 -7.03 -14.90
CA SER F 243 -71.32 -6.29 -15.88
C SER F 243 -70.56 -5.17 -15.16
N HIS F 244 -69.23 -5.21 -15.25
CA HIS F 244 -68.37 -4.39 -14.40
C HIS F 244 -67.92 -3.09 -15.07
N LEU F 245 -68.18 -1.96 -14.40
CA LEU F 245 -67.72 -0.65 -14.88
C LEU F 245 -66.83 0.01 -13.83
N LEU F 246 -65.69 0.54 -14.28
CA LEU F 246 -64.75 1.24 -13.42
C LEU F 246 -64.57 2.67 -13.91
N VAL F 247 -65.20 3.62 -13.21
CA VAL F 247 -65.14 5.03 -13.60
C VAL F 247 -63.98 5.73 -12.89
N PHE F 248 -63.09 6.34 -13.68
CA PHE F 248 -61.84 6.90 -13.18
C PHE F 248 -61.83 8.41 -13.44
N THR F 249 -61.70 9.20 -12.38
CA THR F 249 -61.71 10.66 -12.49
C THR F 249 -60.35 11.26 -12.11
N THR F 250 -59.93 12.27 -12.87
CA THR F 250 -58.73 13.04 -12.57
C THR F 250 -58.71 14.31 -13.41
N ASP F 251 -57.89 15.28 -12.99
CA ASP F 251 -57.75 16.54 -13.72
C ASP F 251 -56.33 16.75 -14.26
N ALA F 252 -55.51 15.70 -14.20
CA ALA F 252 -54.09 15.82 -14.54
C ALA F 252 -53.53 14.53 -15.13
N LYS F 253 -52.35 14.65 -15.74
CA LYS F 253 -51.65 13.50 -16.31
C LYS F 253 -51.28 12.46 -15.24
N THR F 254 -50.89 11.28 -15.68
CA THR F 254 -50.73 10.13 -14.78
C THR F 254 -49.31 9.58 -14.82
N HIS F 255 -48.89 8.98 -13.70
CA HIS F 255 -47.64 8.23 -13.68
C HIS F 255 -47.83 6.90 -14.42
N ILE F 256 -46.73 6.38 -14.95
CA ILE F 256 -46.72 5.12 -15.68
C ILE F 256 -45.53 4.28 -15.21
N ALA F 257 -45.45 3.04 -15.66
CA ALA F 257 -44.36 2.14 -15.27
C ALA F 257 -43.00 2.79 -15.51
N LEU F 258 -42.07 2.56 -14.58
CA LEU F 258 -40.69 3.11 -14.62
C LEU F 258 -40.56 4.56 -14.12
N ASP F 259 -41.67 5.21 -13.81
CA ASP F 259 -41.61 6.51 -13.13
C ASP F 259 -41.12 6.34 -11.69
N GLY F 260 -41.41 5.19 -11.10
CA GLY F 260 -41.14 4.95 -9.68
C GLY F 260 -39.68 5.04 -9.27
N ARG F 261 -38.77 5.01 -10.25
CA ARG F 261 -37.34 5.05 -9.97
C ARG F 261 -36.92 6.38 -9.35
N LEU F 262 -37.72 7.43 -9.56
CA LEU F 262 -37.47 8.72 -8.91
C LEU F 262 -37.73 8.66 -7.41
N ALA F 263 -38.53 7.69 -6.98
CA ALA F 263 -38.78 7.46 -5.55
C ALA F 263 -37.93 6.29 -5.02
N GLY F 264 -36.97 5.85 -5.83
CA GLY F 264 -36.13 4.71 -5.47
C GLY F 264 -36.85 3.37 -5.58
N ILE F 265 -37.95 3.35 -6.33
CA ILE F 265 -38.74 2.13 -6.51
C ILE F 265 -38.44 1.52 -7.88
N VAL F 266 -37.91 0.31 -7.89
CA VAL F 266 -37.55 -0.37 -9.14
C VAL F 266 -38.26 -1.72 -9.36
N GLN F 267 -38.96 -2.22 -8.35
CA GLN F 267 -39.68 -3.50 -8.47
C GLN F 267 -40.87 -3.36 -9.42
N PRO F 268 -40.88 -4.15 -10.52
CA PRO F 268 -42.00 -4.09 -11.45
C PRO F 268 -43.31 -4.49 -10.80
N ASN F 269 -44.41 -3.86 -11.22
CA ASN F 269 -45.73 -4.18 -10.68
C ASN F 269 -46.06 -5.65 -10.94
N ASP F 270 -46.40 -6.38 -9.88
CA ASP F 270 -46.61 -7.83 -9.96
C ASP F 270 -48.04 -8.20 -10.36
N GLY F 271 -48.93 -7.22 -10.39
CA GLY F 271 -50.32 -7.44 -10.84
C GLY F 271 -51.23 -8.06 -9.79
N GLN F 272 -50.68 -8.41 -8.64
CA GLN F 272 -51.45 -9.05 -7.56
C GLN F 272 -52.09 -8.01 -6.64
N CYS F 273 -53.05 -8.45 -5.85
CA CYS F 273 -53.74 -7.58 -4.90
C CYS F 273 -52.92 -7.41 -3.63
N HIS F 274 -52.82 -6.17 -3.15
CA HIS F 274 -52.08 -5.86 -1.93
C HIS F 274 -52.83 -4.87 -1.03
N VAL F 275 -54.15 -4.82 -1.14
CA VAL F 275 -54.95 -3.90 -0.32
C VAL F 275 -55.12 -4.45 1.11
N GLY F 276 -55.87 -5.55 1.24
CA GLY F 276 -55.95 -6.27 2.51
C GLY F 276 -56.80 -5.61 3.58
N SER F 277 -56.31 -5.62 4.82
CA SER F 277 -57.15 -5.40 6.00
C SER F 277 -57.54 -3.93 6.21
N ASP F 278 -56.54 -3.04 6.21
CA ASP F 278 -56.76 -1.63 6.54
C ASP F 278 -57.31 -0.81 5.36
N ASN F 279 -57.62 -1.47 4.24
CA ASN F 279 -58.15 -0.82 3.04
C ASN F 279 -57.17 0.17 2.40
N HIS F 280 -55.88 -0.06 2.58
CA HIS F 280 -54.85 0.76 1.97
C HIS F 280 -53.98 -0.10 1.07
N TYR F 281 -53.58 0.45 -0.07
CA TYR F 281 -52.60 -0.21 -0.96
C TYR F 281 -51.23 -0.21 -0.29
N SER F 282 -50.85 -1.36 0.27
CA SER F 282 -49.63 -1.46 1.10
C SER F 282 -48.34 -1.56 0.29
N ALA F 283 -48.47 -1.85 -1.01
CA ALA F 283 -47.31 -1.94 -1.89
C ALA F 283 -46.93 -0.57 -2.47
N SER F 284 -47.70 0.46 -2.13
CA SER F 284 -47.57 1.77 -2.76
C SER F 284 -46.13 2.30 -2.74
N THR F 285 -45.40 2.03 -1.67
CA THR F 285 -44.06 2.59 -1.49
C THR F 285 -42.94 1.61 -1.83
N THR F 286 -43.29 0.39 -2.25
CA THR F 286 -42.29 -0.64 -2.54
C THR F 286 -42.33 -1.20 -3.98
N MET F 287 -43.42 -0.90 -4.69
CA MET F 287 -43.66 -1.48 -6.01
C MET F 287 -43.95 -0.38 -7.02
N ASP F 288 -43.47 -0.56 -8.25
CA ASP F 288 -43.57 0.48 -9.28
C ASP F 288 -45.01 0.64 -9.73
N TYR F 289 -45.29 1.74 -10.44
CA TYR F 289 -46.55 1.91 -11.14
C TYR F 289 -46.66 0.80 -12.21
N PRO F 290 -47.90 0.44 -12.58
CA PRO F 290 -48.08 -0.58 -13.60
C PRO F 290 -47.89 -0.03 -15.01
N SER F 291 -47.60 -0.92 -15.96
CA SER F 291 -47.52 -0.57 -17.37
C SER F 291 -48.89 -0.71 -18.00
N LEU F 292 -49.08 -0.08 -19.15
CA LEU F 292 -50.36 -0.14 -19.86
C LEU F 292 -50.73 -1.58 -20.24
N GLY F 293 -49.74 -2.35 -20.68
CA GLY F 293 -49.94 -3.76 -21.02
C GLY F 293 -50.45 -4.60 -19.85
N LEU F 294 -49.87 -4.39 -18.67
CA LEU F 294 -50.28 -5.12 -17.47
C LEU F 294 -51.68 -4.74 -17.03
N MET F 295 -52.03 -3.46 -17.18
CA MET F 295 -53.39 -3.00 -16.91
C MET F 295 -54.38 -3.67 -17.85
N THR F 296 -54.04 -3.70 -19.14
CA THR F 296 -54.91 -4.27 -20.15
C THR F 296 -55.16 -5.76 -19.89
N GLU F 297 -54.10 -6.49 -19.52
CA GLU F 297 -54.21 -7.93 -19.24
C GLU F 297 -55.22 -8.18 -18.11
N LYS F 298 -55.12 -7.41 -17.04
CA LYS F 298 -55.95 -7.66 -15.85
C LYS F 298 -57.38 -7.14 -16.04
N LEU F 299 -57.53 -6.00 -16.70
CA LEU F 299 -58.86 -5.49 -17.06
C LEU F 299 -59.59 -6.50 -17.95
N SER F 300 -58.86 -7.08 -18.90
CA SER F 300 -59.40 -8.10 -19.79
C SER F 300 -59.69 -9.41 -19.04
N GLN F 301 -58.78 -9.80 -18.14
CA GLN F 301 -58.92 -11.04 -17.37
C GLN F 301 -60.12 -10.99 -16.42
N LYS F 302 -60.30 -9.84 -15.76
CA LYS F 302 -61.39 -9.68 -14.78
C LYS F 302 -62.67 -9.12 -15.42
N ASN F 303 -62.64 -8.94 -16.74
CA ASN F 303 -63.81 -8.49 -17.50
C ASN F 303 -64.35 -7.16 -16.98
N ILE F 304 -63.48 -6.17 -16.92
CA ILE F 304 -63.83 -4.83 -16.41
C ILE F 304 -63.64 -3.79 -17.50
N ASN F 305 -64.62 -2.88 -17.61
CA ASN F 305 -64.56 -1.79 -18.59
C ASN F 305 -64.11 -0.50 -17.92
N LEU F 306 -63.00 0.05 -18.40
CA LEU F 306 -62.44 1.28 -17.84
C LEU F 306 -63.06 2.48 -18.55
N ILE F 307 -63.52 3.45 -17.77
CA ILE F 307 -64.05 4.70 -18.30
C ILE F 307 -63.28 5.88 -17.72
N PHE F 308 -62.64 6.66 -18.59
CA PHE F 308 -61.89 7.84 -18.17
C PHE F 308 -62.82 9.06 -18.11
N ALA F 309 -63.07 9.56 -16.91
CA ALA F 309 -63.84 10.79 -16.72
C ALA F 309 -62.90 11.93 -16.33
N VAL F 310 -62.19 12.47 -17.32
CA VAL F 310 -61.14 13.46 -17.08
C VAL F 310 -61.57 14.84 -17.54
N THR F 311 -60.94 15.88 -16.98
CA THR F 311 -61.27 17.27 -17.35
C THR F 311 -60.71 17.61 -18.73
N GLU F 312 -61.18 18.71 -19.30
CA GLU F 312 -60.93 19.02 -20.72
C GLU F 312 -59.44 19.27 -21.02
N ASN F 313 -58.68 19.76 -20.04
CA ASN F 313 -57.25 20.03 -20.24
C ASN F 313 -56.42 18.78 -20.51
N VAL F 314 -56.96 17.61 -20.16
CA VAL F 314 -56.27 16.34 -20.37
C VAL F 314 -57.12 15.30 -21.13
N VAL F 315 -58.14 15.76 -21.86
CA VAL F 315 -59.00 14.85 -22.62
C VAL F 315 -58.23 14.14 -23.74
N ASN F 316 -57.46 14.90 -24.52
CA ASN F 316 -56.65 14.31 -25.60
C ASN F 316 -55.62 13.32 -25.07
N LEU F 317 -55.04 13.63 -23.91
CA LEU F 317 -54.07 12.74 -23.28
C LEU F 317 -54.67 11.37 -23.02
N TYR F 318 -55.82 11.34 -22.36
CA TYR F 318 -56.45 10.07 -21.97
C TYR F 318 -57.20 9.40 -23.12
N GLN F 319 -57.54 10.17 -24.15
CA GLN F 319 -58.04 9.57 -25.40
C GLN F 319 -56.92 8.75 -26.05
N ASN F 320 -55.72 9.30 -26.05
CA ASN F 320 -54.56 8.62 -26.60
C ASN F 320 -54.19 7.35 -25.82
N TYR F 321 -54.32 7.39 -24.50
CA TYR F 321 -54.15 6.21 -23.66
C TYR F 321 -55.24 5.19 -23.92
N SER F 322 -56.43 5.68 -24.24
CA SER F 322 -57.58 4.82 -24.50
C SER F 322 -57.36 3.91 -25.70
N GLU F 323 -56.70 4.45 -26.72
CA GLU F 323 -56.37 3.68 -27.93
C GLU F 323 -55.42 2.51 -27.62
N LEU F 324 -54.50 2.73 -26.67
CA LEU F 324 -53.54 1.71 -26.30
C LEU F 324 -54.13 0.68 -25.32
N ILE F 325 -55.32 0.97 -24.79
CA ILE F 325 -56.06 0.02 -23.96
C ILE F 325 -57.45 -0.23 -24.56
N PRO F 326 -57.53 -1.12 -25.58
CA PRO F 326 -58.76 -1.35 -26.34
C PRO F 326 -59.97 -1.68 -25.45
N GLY F 327 -61.10 -1.02 -25.73
CA GLY F 327 -62.32 -1.20 -24.95
C GLY F 327 -62.60 -0.02 -24.03
N THR F 328 -61.57 0.80 -23.79
CA THR F 328 -61.68 1.93 -22.89
C THR F 328 -62.33 3.12 -23.59
N THR F 329 -63.08 3.92 -22.83
CA THR F 329 -63.74 5.13 -23.36
C THR F 329 -63.44 6.34 -22.47
N VAL F 330 -63.52 7.53 -23.07
CA VAL F 330 -63.15 8.77 -22.38
C VAL F 330 -64.27 9.79 -22.47
N GLY F 331 -64.55 10.46 -21.36
CA GLY F 331 -65.57 11.52 -21.31
C GLY F 331 -65.10 12.73 -20.52
N VAL F 332 -65.56 13.91 -20.92
CA VAL F 332 -65.15 15.16 -20.28
C VAL F 332 -65.85 15.36 -18.93
N LEU F 333 -65.06 15.40 -17.85
CA LEU F 333 -65.58 15.69 -16.52
C LEU F 333 -65.75 17.20 -16.35
N SER F 334 -66.92 17.59 -15.84
CA SER F 334 -67.19 18.99 -15.52
C SER F 334 -68.36 19.06 -14.54
N MET F 335 -68.91 20.25 -14.34
CA MET F 335 -70.14 20.40 -13.57
C MET F 335 -71.32 19.78 -14.32
N ASP F 336 -71.24 19.79 -15.65
CA ASP F 336 -72.24 19.14 -16.51
C ASP F 336 -71.86 17.68 -16.73
N SER F 337 -72.69 16.77 -16.21
CA SER F 337 -72.37 15.34 -16.19
C SER F 337 -72.97 14.56 -17.38
N SER F 338 -73.44 15.29 -18.39
CA SER F 338 -74.12 14.66 -19.54
C SER F 338 -73.17 13.80 -20.39
N ASN F 339 -71.94 14.28 -20.57
CA ASN F 339 -70.98 13.59 -21.45
C ASN F 339 -70.57 12.22 -20.90
N VAL F 340 -70.29 12.17 -19.60
CA VAL F 340 -69.86 10.93 -18.96
C VAL F 340 -71.01 9.96 -18.75
N LEU F 341 -72.20 10.49 -18.43
CA LEU F 341 -73.40 9.66 -18.24
C LEU F 341 -73.79 8.90 -19.52
N GLN F 342 -73.57 9.53 -20.68
CA GLN F 342 -73.82 8.88 -21.97
C GLN F 342 -72.96 7.63 -22.17
N LEU F 343 -71.71 7.70 -21.71
CA LEU F 343 -70.79 6.56 -21.80
C LEU F 343 -71.29 5.40 -20.91
N ILE F 344 -71.99 5.74 -19.83
CA ILE F 344 -72.59 4.74 -18.95
C ILE F 344 -73.87 4.17 -19.56
N VAL F 345 -74.59 5.00 -20.32
CA VAL F 345 -75.76 4.55 -21.06
C VAL F 345 -75.35 3.66 -22.24
N ASP F 346 -74.31 4.07 -22.96
CA ASP F 346 -73.75 3.28 -24.05
C ASP F 346 -73.27 1.91 -23.56
N ALA F 347 -72.61 1.90 -22.40
CA ALA F 347 -72.09 0.67 -21.81
C ALA F 347 -73.19 -0.35 -21.52
N TYR F 348 -74.31 0.13 -20.98
CA TYR F 348 -75.46 -0.73 -20.71
C TYR F 348 -76.11 -1.22 -22.01
N GLY F 349 -76.04 -0.41 -23.05
CA GLY F 349 -76.61 -0.76 -24.36
C GLY F 349 -75.81 -1.80 -25.12
N LYS F 350 -74.62 -2.13 -24.62
CA LYS F 350 -73.78 -3.19 -25.23
C LYS F 350 -73.97 -4.54 -24.53
N ILE F 351 -74.54 -4.53 -23.32
CA ILE F 351 -74.63 -5.74 -22.50
C ILE F 351 -75.54 -6.77 -23.15
N ARG F 352 -74.95 -7.88 -23.61
CA ARG F 352 -75.72 -8.97 -24.21
C ARG F 352 -75.78 -10.16 -23.27
N SER F 353 -76.85 -10.95 -23.43
CA SER F 353 -77.01 -12.18 -22.65
C SER F 353 -77.26 -13.35 -23.57
N LYS F 354 -77.19 -14.57 -23.01
CA LYS F 354 -77.39 -15.78 -23.79
C LYS F 354 -78.38 -16.71 -23.10
N VAL F 355 -79.12 -17.47 -23.89
CA VAL F 355 -80.00 -18.51 -23.38
C VAL F 355 -79.39 -19.86 -23.72
N GLU F 356 -78.66 -20.44 -22.77
CA GLU F 356 -77.98 -21.71 -22.98
C GLU F 356 -78.62 -22.79 -22.10
N LEU F 357 -79.37 -23.69 -22.72
CA LEU F 357 -80.11 -24.73 -22.01
C LEU F 357 -79.17 -25.83 -21.51
N GLU F 358 -79.43 -26.31 -20.29
CA GLU F 358 -78.72 -27.47 -19.75
C GLU F 358 -79.71 -28.43 -19.08
N VAL F 359 -79.48 -29.73 -19.27
CA VAL F 359 -80.39 -30.75 -18.75
C VAL F 359 -79.83 -31.36 -17.47
N ARG F 360 -80.69 -31.51 -16.47
CA ARG F 360 -80.28 -32.04 -15.17
C ARG F 360 -81.13 -33.25 -14.77
N ASP F 361 -80.48 -34.27 -14.22
CA ASP F 361 -81.15 -35.48 -13.73
C ASP F 361 -81.90 -36.22 -14.85
N LEU F 362 -81.29 -36.29 -16.02
CA LEU F 362 -81.87 -37.01 -17.16
C LEU F 362 -81.69 -38.52 -16.97
N PRO F 363 -82.79 -39.30 -17.08
CA PRO F 363 -82.69 -40.75 -17.01
C PRO F 363 -81.76 -41.35 -18.06
N GLU F 364 -81.10 -42.46 -17.71
CA GLU F 364 -80.17 -43.15 -18.62
C GLU F 364 -80.88 -43.63 -19.88
N GLU F 365 -82.15 -43.98 -19.76
CA GLU F 365 -82.93 -44.56 -20.86
C GLU F 365 -83.45 -43.48 -21.81
N LEU F 366 -83.58 -42.24 -21.31
CA LEU F 366 -84.05 -41.13 -22.13
C LEU F 366 -82.90 -40.41 -22.82
N SER F 367 -83.18 -39.86 -24.00
CA SER F 367 -82.24 -39.00 -24.71
C SER F 367 -83.00 -37.87 -25.42
N LEU F 368 -82.36 -36.70 -25.53
CA LEU F 368 -83.03 -35.51 -26.07
C LEU F 368 -82.33 -34.99 -27.32
N SER F 369 -83.10 -34.30 -28.16
CA SER F 369 -82.55 -33.53 -29.28
C SER F 369 -83.20 -32.15 -29.28
N PHE F 370 -82.49 -31.16 -29.83
CA PHE F 370 -82.92 -29.77 -29.73
C PHE F 370 -82.89 -29.04 -31.07
N ASN F 371 -84.00 -28.40 -31.41
CA ASN F 371 -84.03 -27.37 -32.45
C ASN F 371 -84.14 -26.00 -31.79
N ALA F 372 -83.40 -25.01 -32.30
CA ALA F 372 -83.38 -23.67 -31.71
C ALA F 372 -83.85 -22.63 -32.71
N THR F 373 -84.59 -21.64 -32.21
CA THR F 373 -85.04 -20.50 -33.02
C THR F 373 -84.73 -19.19 -32.31
N CYS F 374 -83.64 -18.54 -32.73
CA CYS F 374 -83.16 -17.33 -32.07
C CYS F 374 -83.77 -16.07 -32.72
N LEU F 375 -83.07 -14.94 -32.62
CA LEU F 375 -83.62 -13.65 -33.05
C LEU F 375 -83.84 -13.56 -34.57
N ASN F 376 -83.00 -14.26 -35.33
CA ASN F 376 -83.13 -14.30 -36.79
C ASN F 376 -84.29 -15.20 -37.27
N ASN F 377 -84.94 -15.89 -36.34
CA ASN F 377 -86.10 -16.74 -36.63
C ASN F 377 -85.80 -17.82 -37.68
N GLU F 378 -84.63 -18.45 -37.55
CA GLU F 378 -84.26 -19.60 -38.38
C GLU F 378 -84.07 -20.84 -37.51
N VAL F 379 -84.71 -21.93 -37.90
CA VAL F 379 -84.62 -23.19 -37.17
C VAL F 379 -83.26 -23.84 -37.42
N ILE F 380 -82.46 -23.96 -36.37
CA ILE F 380 -81.15 -24.60 -36.46
C ILE F 380 -81.16 -25.91 -35.65
N PRO F 381 -81.15 -27.07 -36.34
CA PRO F 381 -81.16 -28.36 -35.65
C PRO F 381 -79.91 -28.64 -34.82
N GLY F 382 -80.07 -29.35 -33.71
CA GLY F 382 -78.94 -29.80 -32.90
C GLY F 382 -78.28 -28.69 -32.09
N LEU F 383 -78.99 -27.58 -31.89
CA LEU F 383 -78.46 -26.43 -31.18
C LEU F 383 -79.35 -26.08 -29.99
N LYS F 384 -78.74 -25.85 -28.83
CA LYS F 384 -79.48 -25.50 -27.61
C LYS F 384 -78.86 -24.26 -26.93
N SER F 385 -78.59 -23.23 -27.71
CA SER F 385 -78.06 -21.98 -27.19
C SER F 385 -78.21 -20.83 -28.19
N CYS F 386 -78.90 -19.77 -27.79
CA CYS F 386 -79.00 -18.55 -28.58
C CYS F 386 -78.21 -17.43 -27.92
N MET F 387 -77.70 -16.50 -28.74
CA MET F 387 -76.86 -15.41 -28.24
C MET F 387 -77.28 -14.07 -28.85
N GLY F 388 -76.79 -12.99 -28.26
CA GLY F 388 -77.06 -11.64 -28.75
C GLY F 388 -78.45 -11.14 -28.37
N LEU F 389 -78.87 -11.42 -27.14
CA LEU F 389 -80.20 -11.05 -26.66
C LEU F 389 -80.16 -9.73 -25.89
N LYS F 390 -81.20 -8.92 -26.08
CA LYS F 390 -81.41 -7.71 -25.28
C LYS F 390 -82.53 -7.94 -24.26
N ILE F 391 -82.87 -6.91 -23.50
CA ILE F 391 -84.01 -6.95 -22.60
C ILE F 391 -85.31 -6.91 -23.42
N GLY F 392 -86.13 -7.95 -23.28
CA GLY F 392 -87.40 -8.03 -24.00
C GLY F 392 -87.40 -9.06 -25.13
N ASP F 393 -86.20 -9.44 -25.60
CA ASP F 393 -86.06 -10.38 -26.71
C ASP F 393 -86.43 -11.80 -26.29
N THR F 394 -87.11 -12.52 -27.19
CA THR F 394 -87.59 -13.87 -26.93
C THR F 394 -86.94 -14.88 -27.88
N VAL F 395 -86.63 -16.07 -27.37
CA VAL F 395 -86.13 -17.18 -28.18
C VAL F 395 -86.91 -18.46 -27.88
N SER F 396 -86.91 -19.37 -28.84
CA SER F 396 -87.76 -20.57 -28.76
C SER F 396 -86.95 -21.83 -29.08
N PHE F 397 -87.30 -22.92 -28.39
CA PHE F 397 -86.70 -24.24 -28.64
C PHE F 397 -87.79 -25.29 -28.86
N SER F 398 -87.49 -26.27 -29.70
CA SER F 398 -88.27 -27.50 -29.78
C SER F 398 -87.44 -28.67 -29.26
N ILE F 399 -88.03 -29.48 -28.39
CA ILE F 399 -87.31 -30.61 -27.81
C ILE F 399 -88.08 -31.91 -28.05
N GLU F 400 -87.32 -32.98 -28.34
CA GLU F 400 -87.90 -34.31 -28.55
C GLU F 400 -87.24 -35.31 -27.60
N ALA F 401 -88.06 -35.96 -26.78
CA ALA F 401 -87.57 -36.95 -25.81
C ALA F 401 -87.83 -38.37 -26.32
N LYS F 402 -86.76 -39.12 -26.55
CA LYS F 402 -86.86 -40.50 -27.02
C LYS F 402 -86.44 -41.45 -25.91
N VAL F 403 -87.29 -42.44 -25.63
CA VAL F 403 -86.98 -43.46 -24.62
C VAL F 403 -86.44 -44.73 -25.30
N ARG F 404 -85.44 -45.34 -24.67
CA ARG F 404 -84.87 -46.59 -25.16
C ARG F 404 -85.55 -47.76 -24.43
N GLY F 405 -86.49 -48.40 -25.11
CA GLY F 405 -87.25 -49.50 -24.52
C GLY F 405 -88.23 -48.99 -23.47
N CYS F 406 -88.48 -49.82 -22.46
CA CYS F 406 -89.41 -49.48 -21.38
C CYS F 406 -88.74 -49.65 -20.02
N PRO F 407 -88.48 -48.53 -19.31
CA PRO F 407 -88.00 -48.61 -17.94
C PRO F 407 -89.08 -49.07 -16.95
N GLN F 408 -88.66 -49.75 -15.89
CA GLN F 408 -89.59 -50.25 -14.87
C GLN F 408 -89.71 -49.29 -13.68
N GLU F 409 -88.92 -48.22 -13.69
CA GLU F 409 -89.02 -47.17 -12.67
C GLU F 409 -90.33 -46.40 -12.78
N LYS F 410 -90.83 -46.26 -14.01
CA LYS F 410 -92.15 -45.67 -14.28
C LYS F 410 -92.24 -44.16 -14.00
N GLU F 411 -92.20 -43.78 -12.73
CA GLU F 411 -92.35 -42.37 -12.34
C GLU F 411 -91.00 -41.69 -12.07
N LYS F 412 -90.53 -40.89 -13.03
CA LYS F 412 -89.34 -40.06 -12.86
C LYS F 412 -89.61 -38.63 -13.30
N SER F 413 -88.60 -37.78 -13.18
CA SER F 413 -88.69 -36.40 -13.65
C SER F 413 -87.30 -35.78 -13.84
N PHE F 414 -87.21 -34.80 -14.73
CA PHE F 414 -85.94 -34.08 -14.97
C PHE F 414 -86.20 -32.59 -15.21
N THR F 415 -85.10 -31.82 -15.27
CA THR F 415 -85.19 -30.36 -15.36
C THR F 415 -84.40 -29.81 -16.54
N ILE F 416 -85.04 -28.97 -17.34
CA ILE F 416 -84.36 -28.22 -18.40
C ILE F 416 -84.26 -26.75 -17.98
N LYS F 417 -83.03 -26.27 -17.79
CA LYS F 417 -82.78 -24.97 -17.17
C LYS F 417 -81.82 -24.15 -18.03
N PRO F 418 -82.17 -22.86 -18.29
CA PRO F 418 -81.21 -21.96 -18.92
C PRO F 418 -80.13 -21.52 -17.92
N VAL F 419 -78.88 -21.43 -18.39
CA VAL F 419 -77.78 -21.00 -17.54
C VAL F 419 -77.98 -19.55 -17.12
N GLY F 420 -77.88 -19.29 -15.83
CA GLY F 420 -78.04 -17.94 -15.29
C GLY F 420 -79.46 -17.63 -14.82
N PHE F 421 -80.44 -18.24 -15.48
CA PHE F 421 -81.86 -18.02 -15.16
C PHE F 421 -82.27 -18.87 -13.97
N LYS F 422 -83.13 -18.32 -13.11
CA LYS F 422 -83.64 -19.05 -11.95
C LYS F 422 -84.87 -19.89 -12.31
N ASP F 423 -85.56 -19.51 -13.39
CA ASP F 423 -86.70 -20.28 -13.89
C ASP F 423 -86.22 -21.58 -14.54
N SER F 424 -87.13 -22.54 -14.67
CA SER F 424 -86.81 -23.83 -15.28
C SER F 424 -88.06 -24.55 -15.74
N LEU F 425 -87.87 -25.57 -16.57
CA LEU F 425 -88.97 -26.41 -17.05
C LEU F 425 -88.85 -27.82 -16.45
N ILE F 426 -89.70 -28.11 -15.48
CA ILE F 426 -89.79 -29.45 -14.90
C ILE F 426 -90.59 -30.35 -15.84
N VAL F 427 -90.09 -31.55 -16.10
CA VAL F 427 -90.77 -32.50 -16.99
C VAL F 427 -90.96 -33.83 -16.27
N GLN F 428 -92.21 -34.15 -15.94
CA GLN F 428 -92.54 -35.41 -15.26
C GLN F 428 -92.80 -36.49 -16.31
N VAL F 429 -92.00 -37.56 -16.25
CA VAL F 429 -92.07 -38.64 -17.24
C VAL F 429 -92.85 -39.83 -16.68
N THR F 430 -93.82 -40.31 -17.46
CA THR F 430 -94.54 -41.54 -17.14
C THR F 430 -94.36 -42.53 -18.29
N PHE F 431 -94.20 -43.81 -17.95
CA PHE F 431 -93.97 -44.83 -18.98
C PHE F 431 -95.17 -45.77 -19.10
N ASP F 432 -95.96 -45.56 -20.15
CA ASP F 432 -97.16 -46.36 -20.42
C ASP F 432 -96.79 -47.61 -21.20
N CYS F 433 -96.52 -48.70 -20.49
CA CYS F 433 -96.10 -49.96 -21.11
C CYS F 433 -97.13 -51.08 -20.95
N ASP F 434 -98.13 -50.87 -20.08
CA ASP F 434 -99.12 -51.90 -19.77
C ASP F 434 -100.40 -51.69 -20.58
N CYS F 435 -101.31 -52.66 -20.49
CA CYS F 435 -102.62 -52.58 -21.15
C CYS F 435 -103.73 -52.54 -20.10
N ALA F 436 -104.96 -52.25 -20.55
CA ALA F 436 -106.10 -52.09 -19.65
C ALA F 436 -106.60 -53.41 -19.07
N CYS F 437 -106.45 -54.49 -19.84
CA CYS F 437 -107.01 -55.80 -19.46
C CYS F 437 -106.02 -56.69 -18.71
N GLN F 438 -104.82 -56.17 -18.43
CA GLN F 438 -103.78 -56.95 -17.72
C GLN F 438 -104.08 -57.07 -16.23
N ALA F 439 -104.92 -56.19 -15.70
CA ALA F 439 -105.32 -56.24 -14.29
C ALA F 439 -106.12 -57.51 -13.99
N GLN F 440 -107.02 -57.88 -14.91
CA GLN F 440 -107.87 -59.06 -14.74
C GLN F 440 -107.19 -60.32 -15.30
N ALA F 441 -106.08 -60.71 -14.67
CA ALA F 441 -105.33 -61.89 -15.09
C ALA F 441 -105.71 -63.10 -14.22
N GLU F 442 -105.95 -64.24 -14.87
CA GLU F 442 -106.31 -65.48 -14.17
C GLU F 442 -105.19 -66.51 -14.32
N PRO F 443 -104.23 -66.54 -13.36
CA PRO F 443 -103.16 -67.53 -13.42
C PRO F 443 -103.62 -68.93 -13.02
N ASN F 444 -102.96 -69.95 -13.56
CA ASN F 444 -103.32 -71.36 -13.31
C ASN F 444 -104.77 -71.68 -13.72
N SER F 445 -105.19 -71.12 -14.84
CA SER F 445 -106.54 -71.37 -15.37
C SER F 445 -106.56 -72.70 -16.12
N HIS F 446 -107.57 -73.53 -15.82
CA HIS F 446 -107.67 -74.86 -16.42
C HIS F 446 -108.09 -74.82 -17.90
N ARG F 447 -108.46 -73.64 -18.38
CA ARG F 447 -108.85 -73.46 -19.78
C ARG F 447 -107.63 -73.48 -20.70
N CYS F 448 -106.49 -73.01 -20.18
CA CYS F 448 -105.24 -73.00 -20.94
C CYS F 448 -104.40 -74.24 -20.62
N ASN F 449 -104.28 -75.13 -21.60
CA ASN F 449 -103.48 -76.37 -21.46
C ASN F 449 -104.01 -77.26 -20.32
N ASN F 450 -103.38 -77.20 -19.14
CA ASN F 450 -103.84 -77.95 -17.96
C ASN F 450 -103.49 -77.20 -16.67
N GLY F 451 -103.79 -75.91 -16.63
CA GLY F 451 -103.38 -75.05 -15.53
C GLY F 451 -101.90 -74.72 -15.56
N ASN F 452 -101.33 -74.67 -16.77
CA ASN F 452 -99.90 -74.36 -16.95
C ASN F 452 -99.67 -72.97 -17.56
N GLY F 453 -100.74 -72.31 -17.99
CA GLY F 453 -100.64 -70.99 -18.63
C GLY F 453 -101.64 -69.99 -18.09
N THR F 454 -101.21 -68.74 -17.96
CA THR F 454 -102.08 -67.65 -17.49
C THR F 454 -102.99 -67.14 -18.61
N PHE F 455 -104.17 -66.65 -18.24
CA PHE F 455 -105.13 -66.12 -19.21
C PHE F 455 -105.29 -64.60 -19.02
N GLU F 456 -105.03 -63.84 -20.08
CA GLU F 456 -105.21 -62.38 -20.06
C GLU F 456 -105.54 -61.84 -21.44
N CYS F 457 -106.58 -60.99 -21.51
CA CYS F 457 -107.00 -60.32 -22.74
C CYS F 457 -107.33 -61.31 -23.87
N GLY F 458 -107.92 -62.45 -23.51
CA GLY F 458 -108.39 -63.43 -24.49
C GLY F 458 -107.27 -64.23 -25.15
N VAL F 459 -106.21 -64.51 -24.41
CA VAL F 459 -105.07 -65.27 -24.93
C VAL F 459 -104.42 -66.13 -23.84
N CYS F 460 -104.04 -67.35 -24.19
CA CYS F 460 -103.37 -68.26 -23.25
C CYS F 460 -101.86 -68.04 -23.25
N ARG F 461 -101.21 -68.55 -22.21
CA ARG F 461 -99.76 -68.46 -22.09
C ARG F 461 -99.18 -69.82 -21.71
#